data_2JT4
#
_entry.id   2JT4
#
loop_
_entity.id
_entity.type
_entity.pdbx_description
1 polymer 'Cytoskeleton assembly control protein SLA1'
2 polymer Ubiquitin
#
loop_
_entity_poly.entity_id
_entity_poly.type
_entity_poly.pdbx_seq_one_letter_code
_entity_poly.pdbx_strand_id
1 'polypeptide(L)' MASKSKKRGIVQYDFMAESQDELTIKSGDKVYILDDKKSKDWWMCQLVDSGKSGLVPAQFIEPVRDKKHTE A
2 'polypeptide(L)' MQIFVKTLTGKTITLEVESSDTIDNVKSKIQDKEGIPPDQQRLIFAGKQLEDGRTLSDYNIQKESTLHLVLRLRGG B
#
# COMPACT_ATOMS: atom_id res chain seq x y z
N MET A 1 -7.93 20.19 -21.63
CA MET A 1 -7.14 19.48 -20.60
C MET A 1 -5.65 19.68 -20.85
N ALA A 2 -4.93 20.12 -19.83
CA ALA A 2 -3.50 20.35 -19.96
C ALA A 2 -2.72 19.08 -19.59
N SER A 3 -3.24 18.34 -18.64
CA SER A 3 -2.66 17.06 -18.26
C SER A 3 -3.08 15.98 -19.23
N LYS A 4 -2.65 16.13 -20.48
CA LYS A 4 -3.04 15.23 -21.55
C LYS A 4 -2.04 14.08 -21.69
N SER A 5 -0.88 14.24 -21.05
CA SER A 5 0.13 13.20 -21.05
C SER A 5 -0.15 12.23 -19.91
N LYS A 6 -0.96 11.22 -20.19
CA LYS A 6 -1.31 10.23 -19.19
C LYS A 6 -0.37 9.03 -19.27
N LYS A 7 0.61 9.01 -18.38
CA LYS A 7 1.58 7.92 -18.33
C LYS A 7 0.90 6.65 -17.87
N ARG A 8 1.02 5.60 -18.65
CA ARG A 8 0.24 4.39 -18.45
C ARG A 8 0.92 3.42 -17.49
N GLY A 9 0.15 2.94 -16.53
CA GLY A 9 0.63 1.93 -15.61
C GLY A 9 -0.37 0.81 -15.45
N ILE A 10 0.07 -0.30 -14.91
CA ILE A 10 -0.82 -1.44 -14.69
C ILE A 10 -0.89 -1.76 -13.21
N VAL A 11 -2.10 -1.90 -12.70
CA VAL A 11 -2.32 -2.20 -11.30
C VAL A 11 -2.16 -3.70 -11.04
N GLN A 12 -1.24 -4.05 -10.15
CA GLN A 12 -0.95 -5.45 -9.85
C GLN A 12 -1.75 -5.91 -8.65
N TYR A 13 -1.84 -5.06 -7.63
CA TYR A 13 -2.52 -5.43 -6.40
C TYR A 13 -3.97 -4.96 -6.38
N ASP A 14 -4.85 -5.86 -5.99
CA ASP A 14 -6.28 -5.59 -5.95
C ASP A 14 -6.62 -4.82 -4.67
N PHE A 15 -6.72 -3.51 -4.77
CA PHE A 15 -6.90 -2.65 -3.60
C PHE A 15 -8.27 -1.99 -3.61
N MET A 16 -9.06 -2.30 -2.59
CA MET A 16 -10.37 -1.69 -2.44
C MET A 16 -10.26 -0.43 -1.60
N ALA A 17 -10.66 0.70 -2.17
CA ALA A 17 -10.59 1.97 -1.46
C ALA A 17 -11.90 2.27 -0.77
N GLU A 18 -11.82 2.67 0.49
CA GLU A 18 -13.00 2.96 1.27
C GLU A 18 -13.33 4.45 1.21
N SER A 19 -12.30 5.27 1.02
CA SER A 19 -12.48 6.70 0.90
C SER A 19 -12.52 7.11 -0.57
N GLN A 20 -13.23 8.19 -0.87
CA GLN A 20 -13.37 8.65 -2.26
C GLN A 20 -12.06 9.24 -2.78
N ASP A 21 -11.24 9.75 -1.87
CA ASP A 21 -9.94 10.30 -2.24
C ASP A 21 -8.97 9.19 -2.61
N GLU A 22 -9.32 7.98 -2.19
CA GLU A 22 -8.52 6.80 -2.50
C GLU A 22 -9.11 6.13 -3.74
N LEU A 23 -8.29 5.44 -4.50
CA LEU A 23 -8.77 4.81 -5.73
C LEU A 23 -8.89 3.30 -5.57
N THR A 24 -10.09 2.79 -5.82
CA THR A 24 -10.31 1.36 -5.85
C THR A 24 -9.73 0.78 -7.13
N ILE A 25 -8.64 0.05 -6.99
CA ILE A 25 -7.91 -0.46 -8.14
C ILE A 25 -8.06 -1.98 -8.23
N LYS A 26 -8.71 -2.43 -9.30
CA LYS A 26 -8.93 -3.85 -9.51
C LYS A 26 -7.71 -4.47 -10.19
N SER A 27 -7.21 -5.56 -9.63
CA SER A 27 -6.02 -6.21 -10.14
C SER A 27 -6.20 -6.62 -11.61
N GLY A 28 -5.34 -6.11 -12.47
CA GLY A 28 -5.38 -6.49 -13.87
C GLY A 28 -5.92 -5.40 -14.78
N ASP A 29 -6.40 -4.32 -14.20
CA ASP A 29 -6.96 -3.23 -15.00
C ASP A 29 -5.84 -2.27 -15.46
N LYS A 30 -6.24 -1.14 -16.00
CA LYS A 30 -5.29 -0.13 -16.46
C LYS A 30 -5.46 1.16 -15.68
N VAL A 31 -4.35 1.80 -15.33
CA VAL A 31 -4.40 3.07 -14.62
C VAL A 31 -3.49 4.09 -15.27
N TYR A 32 -3.89 5.35 -15.20
CA TYR A 32 -3.06 6.45 -15.67
C TYR A 32 -2.38 7.11 -14.49
N ILE A 33 -1.07 7.30 -14.61
CA ILE A 33 -0.31 7.97 -13.58
C ILE A 33 -0.43 9.48 -13.74
N LEU A 34 -1.21 10.10 -12.87
CA LEU A 34 -1.40 11.54 -12.90
C LEU A 34 -0.19 12.24 -12.32
N ASP A 35 0.05 12.02 -11.03
CA ASP A 35 1.23 12.55 -10.38
C ASP A 35 1.92 11.44 -9.60
N ASP A 36 3.25 11.39 -9.71
CA ASP A 36 4.03 10.32 -9.11
C ASP A 36 5.25 10.89 -8.40
N LYS A 37 5.28 12.21 -8.28
CA LYS A 37 6.43 12.88 -7.69
C LYS A 37 6.01 13.84 -6.59
N LYS A 38 4.71 14.13 -6.51
CA LYS A 38 4.17 14.97 -5.45
C LYS A 38 4.40 14.29 -4.10
N SER A 39 4.17 12.98 -4.09
CA SER A 39 4.36 12.19 -2.90
C SER A 39 5.03 10.87 -3.26
N LYS A 40 5.66 10.23 -2.28
CA LYS A 40 6.41 9.00 -2.51
C LYS A 40 5.58 7.76 -2.22
N ASP A 41 4.83 7.78 -1.13
CA ASP A 41 4.07 6.61 -0.70
C ASP A 41 2.81 6.43 -1.52
N TRP A 42 2.04 7.50 -1.64
CA TRP A 42 0.77 7.45 -2.35
C TRP A 42 0.86 8.25 -3.65
N TRP A 43 0.39 7.66 -4.74
CA TRP A 43 0.42 8.32 -6.04
C TRP A 43 -0.99 8.62 -6.53
N MET A 44 -1.07 9.48 -7.54
CA MET A 44 -2.34 9.82 -8.15
C MET A 44 -2.56 8.96 -9.39
N CYS A 45 -3.51 8.06 -9.32
CA CYS A 45 -3.81 7.23 -10.47
C CYS A 45 -5.27 7.40 -10.88
N GLN A 46 -5.52 7.18 -12.15
CA GLN A 46 -6.86 7.27 -12.70
C GLN A 46 -7.19 6.00 -13.46
N LEU A 47 -8.29 5.35 -13.11
CA LEU A 47 -8.74 4.16 -13.81
C LEU A 47 -9.10 4.50 -15.25
N VAL A 48 -8.49 3.79 -16.19
CA VAL A 48 -8.67 4.05 -17.61
C VAL A 48 -10.14 3.95 -18.02
N ASP A 49 -10.82 2.93 -17.54
CA ASP A 49 -12.21 2.68 -17.93
C ASP A 49 -13.18 3.43 -17.03
N SER A 50 -13.00 3.30 -15.72
CA SER A 50 -13.92 3.90 -14.76
C SER A 50 -13.78 5.42 -14.73
N GLY A 51 -12.58 5.92 -15.02
CA GLY A 51 -12.36 7.35 -15.04
C GLY A 51 -12.18 7.93 -13.65
N LYS A 52 -12.16 7.06 -12.64
CA LYS A 52 -12.01 7.51 -11.27
C LYS A 52 -10.55 7.75 -10.95
N SER A 53 -10.26 8.88 -10.33
CA SER A 53 -8.91 9.22 -9.95
C SER A 53 -8.80 9.23 -8.43
N GLY A 54 -7.64 8.89 -7.90
CA GLY A 54 -7.45 8.89 -6.46
C GLY A 54 -6.06 8.46 -6.04
N LEU A 55 -5.84 8.41 -4.74
CA LEU A 55 -4.54 8.03 -4.18
C LEU A 55 -4.43 6.51 -4.05
N VAL A 56 -3.29 5.97 -4.47
CA VAL A 56 -2.99 4.55 -4.33
C VAL A 56 -1.54 4.36 -3.93
N PRO A 57 -1.20 3.22 -3.29
CA PRO A 57 0.18 2.90 -2.92
C PRO A 57 1.10 2.78 -4.12
N ALA A 58 2.26 3.41 -4.04
CA ALA A 58 3.23 3.47 -5.14
C ALA A 58 3.57 2.09 -5.69
N GLN A 59 3.88 1.14 -4.82
CA GLN A 59 4.32 -0.18 -5.27
C GLN A 59 3.15 -1.11 -5.57
N PHE A 60 1.98 -0.53 -5.81
CA PHE A 60 0.82 -1.29 -6.26
C PHE A 60 0.61 -1.05 -7.74
N ILE A 61 1.28 -0.03 -8.26
CA ILE A 61 1.17 0.37 -9.65
C ILE A 61 2.50 0.16 -10.37
N GLU A 62 2.48 -0.61 -11.45
CA GLU A 62 3.69 -0.87 -12.23
C GLU A 62 3.53 -0.30 -13.63
N PRO A 63 4.35 0.72 -13.97
CA PRO A 63 4.28 1.39 -15.28
C PRO A 63 4.51 0.44 -16.44
N VAL A 64 3.69 0.57 -17.47
CA VAL A 64 3.78 -0.30 -18.64
C VAL A 64 4.97 0.14 -19.50
N ARG A 65 5.52 -0.79 -20.28
CA ARG A 65 6.67 -0.55 -21.14
C ARG A 65 7.95 -0.33 -20.35
N ASP A 66 7.86 0.44 -19.26
CA ASP A 66 9.00 0.80 -18.41
C ASP A 66 9.83 -0.41 -18.02
N LYS A 67 9.30 -1.25 -17.14
CA LYS A 67 10.02 -2.46 -16.72
C LYS A 67 9.14 -3.69 -16.85
N LYS A 68 8.02 -3.56 -17.54
CA LYS A 68 7.09 -4.67 -17.69
C LYS A 68 7.39 -5.51 -18.92
N HIS A 69 8.16 -4.95 -19.85
CA HIS A 69 8.50 -5.68 -21.06
C HIS A 69 9.84 -5.22 -21.61
N THR A 70 10.87 -5.99 -21.30
CA THR A 70 12.19 -5.78 -21.85
C THR A 70 12.55 -6.99 -22.70
N GLU A 71 11.56 -7.85 -22.86
CA GLU A 71 11.71 -9.10 -23.57
C GLU A 71 11.45 -8.89 -25.05
N MET B 1 4.28 -15.81 15.41
CA MET B 1 4.67 -16.10 14.03
C MET B 1 5.44 -14.96 13.43
N GLN B 2 5.89 -15.18 12.22
CA GLN B 2 6.69 -14.19 11.53
C GLN B 2 6.01 -13.75 10.25
N ILE B 3 5.76 -12.46 10.15
CA ILE B 3 5.18 -11.89 8.95
C ILE B 3 6.16 -10.91 8.34
N PHE B 4 6.24 -10.91 7.02
CA PHE B 4 7.15 -10.04 6.32
C PHE B 4 6.47 -8.72 6.02
N VAL B 5 6.65 -7.75 6.90
CA VAL B 5 6.07 -6.44 6.70
C VAL B 5 7.02 -5.58 5.87
N LYS B 6 6.65 -5.39 4.63
CA LYS B 6 7.47 -4.69 3.67
C LYS B 6 7.02 -3.23 3.55
N THR B 7 7.82 -2.32 4.08
CA THR B 7 7.51 -0.92 3.98
C THR B 7 7.62 -0.46 2.52
N LEU B 8 6.91 0.61 2.19
CA LEU B 8 6.91 1.12 0.82
C LEU B 8 8.29 1.64 0.42
N THR B 9 9.11 1.99 1.41
CA THR B 9 10.45 2.47 1.15
C THR B 9 11.40 1.32 0.76
N GLY B 10 10.93 0.09 0.94
CA GLY B 10 11.72 -1.06 0.54
C GLY B 10 12.35 -1.77 1.71
N LYS B 11 12.03 -1.34 2.92
CA LYS B 11 12.56 -1.96 4.12
C LYS B 11 11.67 -3.13 4.51
N THR B 12 12.05 -4.32 4.04
CA THR B 12 11.31 -5.53 4.32
C THR B 12 11.79 -6.17 5.61
N ILE B 13 11.00 -6.08 6.66
CA ILE B 13 11.39 -6.61 7.95
C ILE B 13 10.50 -7.79 8.36
N THR B 14 11.11 -8.78 8.99
CA THR B 14 10.38 -9.94 9.47
C THR B 14 9.91 -9.70 10.90
N LEU B 15 8.60 -9.59 11.09
CA LEU B 15 8.04 -9.24 12.38
C LEU B 15 7.50 -10.48 13.09
N GLU B 16 7.96 -10.70 14.31
CA GLU B 16 7.47 -11.78 15.15
C GLU B 16 6.28 -11.30 15.97
N VAL B 17 5.10 -11.81 15.63
CA VAL B 17 3.86 -11.40 16.28
C VAL B 17 2.91 -12.59 16.42
N GLU B 18 2.02 -12.50 17.39
CA GLU B 18 1.07 -13.58 17.64
C GLU B 18 -0.09 -13.52 16.66
N SER B 19 -0.60 -14.67 16.28
CA SER B 19 -1.71 -14.77 15.34
C SER B 19 -2.96 -14.04 15.86
N SER B 20 -3.04 -13.87 17.18
CA SER B 20 -4.18 -13.22 17.81
C SER B 20 -3.84 -11.80 18.24
N ASP B 21 -2.69 -11.29 17.80
CA ASP B 21 -2.28 -9.92 18.10
C ASP B 21 -3.08 -8.94 17.27
N THR B 22 -3.36 -7.78 17.84
CA THR B 22 -4.02 -6.71 17.12
C THR B 22 -3.02 -6.00 16.21
N ILE B 23 -3.53 -5.39 15.14
CA ILE B 23 -2.70 -4.60 14.26
C ILE B 23 -2.10 -3.43 15.03
N ASP B 24 -2.84 -2.97 16.03
CA ASP B 24 -2.35 -1.97 16.97
C ASP B 24 -1.06 -2.44 17.64
N ASN B 25 -1.09 -3.64 18.19
CA ASN B 25 0.08 -4.20 18.86
C ASN B 25 1.18 -4.49 17.84
N VAL B 26 0.79 -4.88 16.63
CA VAL B 26 1.75 -5.08 15.56
C VAL B 26 2.51 -3.80 15.28
N LYS B 27 1.80 -2.67 15.23
CA LYS B 27 2.43 -1.38 15.01
C LYS B 27 3.37 -1.04 16.16
N SER B 28 2.99 -1.43 17.38
CA SER B 28 3.84 -1.24 18.54
C SER B 28 5.14 -2.02 18.38
N LYS B 29 5.03 -3.23 17.86
CA LYS B 29 6.19 -4.08 17.61
C LYS B 29 7.11 -3.44 16.57
N ILE B 30 6.51 -2.87 15.54
CA ILE B 30 7.29 -2.19 14.49
C ILE B 30 7.87 -0.88 15.01
N GLN B 31 7.12 -0.23 15.90
CA GLN B 31 7.59 1.00 16.53
C GLN B 31 8.78 0.71 17.45
N ASP B 32 8.85 -0.52 17.94
CA ASP B 32 10.01 -0.97 18.71
C ASP B 32 11.15 -1.36 17.77
N LYS B 33 10.80 -2.05 16.70
CA LYS B 33 11.75 -2.54 15.72
C LYS B 33 12.45 -1.39 14.99
N GLU B 34 11.67 -0.67 14.19
CA GLU B 34 12.22 0.38 13.34
C GLU B 34 11.94 1.76 13.94
N GLY B 35 10.82 1.88 14.63
CA GLY B 35 10.46 3.16 15.22
C GLY B 35 9.61 4.01 14.30
N ILE B 36 8.41 3.54 14.01
CA ILE B 36 7.50 4.26 13.13
C ILE B 36 6.17 4.53 13.85
N PRO B 37 5.65 5.77 13.77
CA PRO B 37 4.35 6.13 14.35
C PRO B 37 3.22 5.24 13.83
N PRO B 38 2.47 4.60 14.75
CA PRO B 38 1.37 3.68 14.42
C PRO B 38 0.30 4.31 13.53
N ASP B 39 -0.10 5.54 13.81
CA ASP B 39 -1.12 6.23 13.03
C ASP B 39 -0.67 6.37 11.58
N GLN B 40 0.62 6.62 11.40
CA GLN B 40 1.21 6.83 10.09
C GLN B 40 1.29 5.52 9.30
N GLN B 41 1.21 4.40 10.00
CA GLN B 41 1.38 3.09 9.39
C GLN B 41 0.05 2.51 8.90
N ARG B 42 -0.04 2.27 7.60
CA ARG B 42 -1.18 1.56 7.03
C ARG B 42 -0.73 0.22 6.45
N LEU B 43 -1.11 -0.86 7.12
CA LEU B 43 -0.74 -2.19 6.66
C LEU B 43 -1.78 -2.70 5.66
N ILE B 44 -1.33 -3.09 4.49
CA ILE B 44 -2.21 -3.59 3.45
C ILE B 44 -1.86 -5.03 3.09
N PHE B 45 -2.80 -5.93 3.29
CA PHE B 45 -2.61 -7.33 2.95
C PHE B 45 -3.61 -7.76 1.89
N ALA B 46 -3.09 -8.14 0.72
CA ALA B 46 -3.92 -8.61 -0.40
C ALA B 46 -4.90 -7.54 -0.88
N GLY B 47 -4.60 -6.28 -0.54
CA GLY B 47 -5.46 -5.19 -0.93
C GLY B 47 -6.40 -4.77 0.17
N LYS B 48 -6.34 -5.48 1.29
CA LYS B 48 -7.18 -5.17 2.44
C LYS B 48 -6.41 -4.33 3.44
N GLN B 49 -6.90 -3.11 3.68
CA GLN B 49 -6.30 -2.21 4.65
C GLN B 49 -6.67 -2.64 6.06
N LEU B 50 -5.67 -2.80 6.92
CA LEU B 50 -5.89 -3.35 8.25
C LEU B 50 -6.16 -2.26 9.28
N GLU B 51 -7.22 -2.44 10.06
CA GLU B 51 -7.57 -1.53 11.15
C GLU B 51 -6.77 -1.86 12.40
N ASP B 52 -6.49 -0.84 13.21
CA ASP B 52 -5.69 -0.99 14.43
C ASP B 52 -6.36 -1.95 15.42
N GLY B 53 -7.66 -1.80 15.58
CA GLY B 53 -8.38 -2.53 16.61
C GLY B 53 -8.66 -3.97 16.25
N ARG B 54 -8.26 -4.40 15.07
CA ARG B 54 -8.49 -5.77 14.66
C ARG B 54 -7.19 -6.55 14.71
N THR B 55 -7.29 -7.87 14.76
CA THR B 55 -6.12 -8.74 14.85
C THR B 55 -5.74 -9.28 13.47
N LEU B 56 -4.66 -10.05 13.42
CA LEU B 56 -4.28 -10.76 12.20
C LEU B 56 -5.37 -11.75 11.79
N SER B 57 -6.11 -12.23 12.78
CA SER B 57 -7.13 -13.23 12.55
C SER B 57 -8.38 -12.60 11.95
N ASP B 58 -8.65 -11.35 12.30
CA ASP B 58 -9.85 -10.66 11.83
C ASP B 58 -9.83 -10.46 10.32
N TYR B 59 -8.62 -10.40 9.76
CA TYR B 59 -8.48 -10.26 8.31
C TYR B 59 -7.99 -11.55 7.70
N ASN B 60 -7.87 -12.59 8.52
CA ASN B 60 -7.43 -13.91 8.08
C ASN B 60 -6.07 -13.83 7.40
N ILE B 61 -5.05 -13.52 8.18
CA ILE B 61 -3.69 -13.41 7.67
C ILE B 61 -2.83 -14.54 8.22
N GLN B 62 -2.41 -15.45 7.35
CA GLN B 62 -1.58 -16.57 7.76
C GLN B 62 -0.13 -16.13 7.94
N LYS B 63 0.63 -16.92 8.70
CA LYS B 63 2.01 -16.60 9.00
C LYS B 63 2.89 -16.70 7.76
N GLU B 64 4.06 -16.07 7.83
CA GLU B 64 5.05 -16.10 6.75
C GLU B 64 4.48 -15.53 5.47
N SER B 65 3.59 -14.56 5.61
CA SER B 65 3.05 -13.85 4.46
C SER B 65 3.70 -12.48 4.33
N THR B 66 3.54 -11.85 3.19
CA THR B 66 4.15 -10.55 2.93
C THR B 66 3.09 -9.44 2.96
N LEU B 67 3.16 -8.61 3.98
CA LEU B 67 2.25 -7.49 4.11
C LEU B 67 2.95 -6.20 3.67
N HIS B 68 2.24 -5.36 2.94
CA HIS B 68 2.83 -4.12 2.46
C HIS B 68 2.48 -2.98 3.40
N LEU B 69 3.49 -2.30 3.90
CA LEU B 69 3.30 -1.22 4.86
C LEU B 69 3.45 0.12 4.16
N VAL B 70 2.32 0.75 3.86
CA VAL B 70 2.31 2.04 3.21
C VAL B 70 2.11 3.14 4.26
N LEU B 71 2.99 4.12 4.26
CA LEU B 71 2.94 5.17 5.25
C LEU B 71 2.05 6.31 4.79
N ARG B 72 1.46 7.01 5.74
CA ARG B 72 0.67 8.19 5.43
C ARG B 72 1.59 9.33 5.00
N LEU B 73 0.99 10.45 4.61
CA LEU B 73 1.76 11.64 4.26
C LEU B 73 2.10 12.41 5.54
N ARG B 74 2.08 11.69 6.65
CA ARG B 74 2.41 12.24 7.95
C ARG B 74 3.91 12.49 8.05
N GLY B 75 4.68 11.65 7.38
CA GLY B 75 6.13 11.78 7.39
C GLY B 75 6.64 12.47 6.15
N GLY B 76 5.85 13.41 5.64
CA GLY B 76 6.25 14.15 4.46
C GLY B 76 5.49 15.45 4.34
N MET A 1 4.27 7.24 -32.48
CA MET A 1 3.49 8.34 -31.88
C MET A 1 4.28 9.00 -30.77
N ALA A 2 4.80 10.19 -31.03
CA ALA A 2 5.58 10.92 -30.04
C ALA A 2 4.67 11.71 -29.11
N SER A 3 3.41 11.83 -29.50
CA SER A 3 2.42 12.55 -28.71
C SER A 3 2.10 11.80 -27.42
N LYS A 4 2.51 12.37 -26.31
CA LYS A 4 2.32 11.75 -25.00
C LYS A 4 1.55 12.70 -24.09
N SER A 5 0.57 12.18 -23.38
CA SER A 5 -0.23 12.99 -22.48
C SER A 5 0.25 12.77 -21.04
N LYS A 6 0.09 11.56 -20.55
CA LYS A 6 0.44 11.25 -19.17
C LYS A 6 0.87 9.80 -19.06
N LYS A 7 1.53 9.46 -17.97
CA LYS A 7 2.05 8.12 -17.76
C LYS A 7 0.91 7.12 -17.55
N ARG A 8 0.82 6.14 -18.42
CA ARG A 8 -0.10 5.04 -18.21
C ARG A 8 0.54 4.01 -17.30
N GLY A 9 -0.26 3.31 -16.52
CA GLY A 9 0.28 2.32 -15.62
C GLY A 9 -0.61 1.09 -15.51
N ILE A 10 0.01 -0.04 -15.19
CA ILE A 10 -0.72 -1.28 -14.97
C ILE A 10 -0.69 -1.63 -13.49
N VAL A 11 -1.86 -1.91 -12.93
CA VAL A 11 -1.95 -2.33 -11.54
C VAL A 11 -1.73 -3.84 -11.44
N GLN A 12 -0.64 -4.21 -10.78
CA GLN A 12 -0.25 -5.61 -10.65
C GLN A 12 -0.97 -6.28 -9.48
N TYR A 13 -0.98 -5.60 -8.35
CA TYR A 13 -1.62 -6.13 -7.16
C TYR A 13 -2.89 -5.36 -6.84
N ASP A 14 -3.95 -6.10 -6.52
CA ASP A 14 -5.25 -5.51 -6.28
C ASP A 14 -5.24 -4.64 -5.03
N PHE A 15 -6.08 -3.62 -5.01
CA PHE A 15 -6.14 -2.69 -3.90
C PHE A 15 -7.57 -2.31 -3.59
N MET A 16 -8.02 -2.63 -2.38
CA MET A 16 -9.37 -2.28 -1.96
C MET A 16 -9.32 -1.05 -1.05
N ALA A 17 -10.16 -0.08 -1.34
CA ALA A 17 -10.17 1.17 -0.60
C ALA A 17 -11.26 1.17 0.46
N GLU A 18 -10.98 1.82 1.58
CA GLU A 18 -11.96 1.96 2.65
C GLU A 18 -12.53 3.36 2.61
N SER A 19 -11.76 4.30 2.09
CA SER A 19 -12.23 5.65 1.88
C SER A 19 -12.41 5.89 0.40
N GLN A 20 -13.42 6.69 0.03
CA GLN A 20 -13.73 6.92 -1.38
C GLN A 20 -12.69 7.85 -2.00
N ASP A 21 -11.83 8.40 -1.14
CA ASP A 21 -10.69 9.19 -1.57
C ASP A 21 -9.66 8.29 -2.23
N GLU A 22 -9.68 7.03 -1.81
CA GLU A 22 -8.77 6.04 -2.34
C GLU A 22 -9.47 5.27 -3.46
N LEU A 23 -8.71 4.82 -4.44
CA LEU A 23 -9.30 4.20 -5.63
C LEU A 23 -9.17 2.69 -5.58
N THR A 24 -10.30 2.01 -5.42
CA THR A 24 -10.32 0.55 -5.44
C THR A 24 -9.99 0.03 -6.84
N ILE A 25 -8.84 -0.60 -6.97
CA ILE A 25 -8.35 -1.05 -8.26
C ILE A 25 -8.13 -2.56 -8.27
N LYS A 26 -8.36 -3.16 -9.43
CA LYS A 26 -8.20 -4.59 -9.59
C LYS A 26 -7.05 -4.88 -10.54
N SER A 27 -6.34 -5.97 -10.31
CA SER A 27 -5.21 -6.33 -11.14
C SER A 27 -5.64 -6.54 -12.59
N GLY A 28 -5.03 -5.78 -13.49
CA GLY A 28 -5.40 -5.85 -14.89
C GLY A 28 -6.09 -4.59 -15.38
N ASP A 29 -6.55 -3.76 -14.45
CA ASP A 29 -7.19 -2.50 -14.80
C ASP A 29 -6.16 -1.52 -15.37
N LYS A 30 -6.62 -0.60 -16.20
CA LYS A 30 -5.73 0.39 -16.79
C LYS A 30 -5.85 1.71 -16.04
N VAL A 31 -4.73 2.29 -15.65
CA VAL A 31 -4.74 3.56 -14.94
C VAL A 31 -3.78 4.58 -15.52
N TYR A 32 -4.15 5.85 -15.42
CA TYR A 32 -3.28 6.96 -15.74
C TYR A 32 -2.66 7.51 -14.46
N ILE A 33 -1.36 7.63 -14.44
CA ILE A 33 -0.67 8.18 -13.28
C ILE A 33 -0.69 9.69 -13.34
N LEU A 34 -1.66 10.29 -12.66
CA LEU A 34 -1.86 11.73 -12.69
C LEU A 34 -0.69 12.45 -12.02
N ASP A 35 -0.45 12.13 -10.76
CA ASP A 35 0.65 12.73 -10.02
C ASP A 35 1.54 11.66 -9.42
N ASP A 36 2.65 11.40 -10.09
CA ASP A 36 3.69 10.48 -9.61
C ASP A 36 4.72 11.25 -8.80
N LYS A 37 4.66 12.57 -8.91
CA LYS A 37 5.61 13.44 -8.25
C LYS A 37 5.00 14.02 -6.97
N LYS A 38 3.84 13.52 -6.59
CA LYS A 38 3.16 14.00 -5.41
C LYS A 38 3.80 13.43 -4.15
N SER A 39 3.99 12.13 -4.13
CA SER A 39 4.49 11.45 -2.95
C SER A 39 5.40 10.27 -3.34
N LYS A 40 5.93 9.61 -2.33
CA LYS A 40 6.80 8.47 -2.55
C LYS A 40 6.00 7.17 -2.65
N ASP A 41 4.99 7.07 -1.83
CA ASP A 41 4.23 5.82 -1.68
C ASP A 41 2.83 5.91 -2.29
N TRP A 42 2.19 7.06 -2.19
CA TRP A 42 0.85 7.22 -2.72
C TRP A 42 0.83 8.15 -3.93
N TRP A 43 0.33 7.62 -5.04
CA TRP A 43 0.25 8.39 -6.27
C TRP A 43 -1.21 8.64 -6.65
N MET A 44 -1.42 9.54 -7.60
CA MET A 44 -2.75 9.79 -8.11
C MET A 44 -2.95 8.99 -9.38
N CYS A 45 -4.00 8.18 -9.45
CA CYS A 45 -4.27 7.42 -10.65
C CYS A 45 -5.72 7.56 -11.08
N GLN A 46 -5.91 7.56 -12.39
CA GLN A 46 -7.23 7.70 -12.98
C GLN A 46 -7.53 6.48 -13.85
N LEU A 47 -8.69 5.87 -13.65
CA LEU A 47 -9.06 4.68 -14.40
C LEU A 47 -9.21 5.00 -15.88
N VAL A 48 -8.43 4.32 -16.71
CA VAL A 48 -8.50 4.50 -18.16
C VAL A 48 -9.85 3.98 -18.68
N ASP A 49 -10.37 2.97 -18.00
CA ASP A 49 -11.61 2.32 -18.40
C ASP A 49 -12.84 3.08 -17.91
N SER A 50 -12.63 4.22 -17.26
CA SER A 50 -13.74 4.95 -16.65
C SER A 50 -13.50 6.46 -16.63
N GLY A 51 -12.46 6.89 -15.94
CA GLY A 51 -12.21 8.30 -15.77
C GLY A 51 -12.18 8.69 -14.30
N LYS A 52 -12.64 7.78 -13.44
CA LYS A 52 -12.62 8.00 -12.00
C LYS A 52 -11.18 8.02 -11.50
N SER A 53 -10.88 8.92 -10.57
CA SER A 53 -9.53 9.08 -10.06
C SER A 53 -9.50 8.85 -8.55
N GLY A 54 -8.31 8.59 -8.00
CA GLY A 54 -8.20 8.40 -6.57
C GLY A 54 -6.78 8.11 -6.14
N LEU A 55 -6.59 7.98 -4.83
CA LEU A 55 -5.29 7.65 -4.25
C LEU A 55 -5.00 6.16 -4.38
N VAL A 56 -3.81 5.83 -4.85
CA VAL A 56 -3.39 4.45 -4.98
C VAL A 56 -1.94 4.29 -4.50
N PRO A 57 -1.59 3.09 -4.01
CA PRO A 57 -0.23 2.78 -3.58
C PRO A 57 0.70 2.51 -4.76
N ALA A 58 1.82 3.21 -4.78
CA ALA A 58 2.80 3.09 -5.86
C ALA A 58 3.31 1.66 -5.98
N GLN A 59 3.33 0.95 -4.86
CA GLN A 59 3.81 -0.43 -4.82
C GLN A 59 2.92 -1.37 -5.63
N PHE A 60 1.78 -0.88 -6.09
CA PHE A 60 0.85 -1.72 -6.83
C PHE A 60 0.74 -1.28 -8.29
N ILE A 61 1.41 -0.18 -8.62
CA ILE A 61 1.31 0.40 -9.95
C ILE A 61 2.68 0.39 -10.65
N GLU A 62 2.69 -0.07 -11.89
CA GLU A 62 3.89 -0.03 -12.71
C GLU A 62 3.59 0.66 -14.04
N PRO A 63 4.25 1.78 -14.33
CA PRO A 63 4.07 2.52 -15.59
C PRO A 63 4.26 1.64 -16.82
N VAL A 64 3.34 1.76 -17.77
CA VAL A 64 3.38 0.98 -19.00
C VAL A 64 4.60 1.38 -19.83
N ARG A 65 5.37 0.39 -20.26
CA ARG A 65 6.54 0.59 -21.11
C ARG A 65 7.70 1.18 -20.32
N ASP A 66 7.37 1.86 -19.21
CA ASP A 66 8.34 2.40 -18.26
C ASP A 66 9.10 3.60 -18.80
N LYS A 67 9.27 4.59 -17.92
CA LYS A 67 10.07 5.76 -18.20
C LYS A 67 10.47 6.42 -16.87
N LYS A 68 10.58 5.57 -15.84
CA LYS A 68 10.83 6.04 -14.49
C LYS A 68 12.28 6.46 -14.32
N HIS A 69 12.50 7.54 -13.58
CA HIS A 69 13.84 7.99 -13.27
C HIS A 69 14.36 7.27 -12.03
N THR A 70 15.08 6.19 -12.25
CA THR A 70 15.65 5.41 -11.16
C THR A 70 16.98 5.99 -10.73
N GLU A 71 17.20 6.06 -9.43
CA GLU A 71 18.44 6.60 -8.88
C GLU A 71 19.19 5.50 -8.14
N MET B 1 3.46 -16.35 15.57
CA MET B 1 3.82 -16.50 14.14
C MET B 1 4.56 -15.29 13.63
N GLN B 2 5.45 -15.51 12.69
CA GLN B 2 6.20 -14.42 12.08
C GLN B 2 5.39 -13.78 10.95
N ILE B 3 5.49 -12.47 10.84
CA ILE B 3 5.00 -11.76 9.67
C ILE B 3 6.13 -10.95 9.07
N PHE B 4 6.20 -10.94 7.76
CA PHE B 4 7.23 -10.20 7.06
C PHE B 4 6.71 -8.84 6.64
N VAL B 5 7.15 -7.81 7.33
CA VAL B 5 6.74 -6.45 7.02
C VAL B 5 7.64 -5.89 5.92
N LYS B 6 7.14 -5.88 4.71
CA LYS B 6 7.91 -5.44 3.56
C LYS B 6 7.43 -4.09 3.07
N THR B 7 8.30 -3.10 3.08
CA THR B 7 7.98 -1.80 2.53
C THR B 7 8.11 -1.83 1.02
N LEU B 8 7.61 -0.78 0.36
CA LEU B 8 7.70 -0.70 -1.09
C LEU B 8 9.11 -0.32 -1.54
N THR B 9 9.97 -0.02 -0.59
CA THR B 9 11.36 0.28 -0.89
C THR B 9 12.20 -1.00 -0.88
N GLY B 10 11.92 -1.88 0.07
CA GLY B 10 12.64 -3.13 0.16
C GLY B 10 12.84 -3.60 1.59
N LYS B 11 12.62 -2.70 2.54
CA LYS B 11 12.79 -3.01 3.96
C LYS B 11 11.80 -4.09 4.39
N THR B 12 12.31 -5.29 4.62
CA THR B 12 11.48 -6.42 5.02
C THR B 12 11.93 -6.95 6.37
N ILE B 13 11.15 -6.65 7.40
CA ILE B 13 11.49 -7.07 8.75
C ILE B 13 10.60 -8.21 9.22
N THR B 14 11.20 -9.18 9.88
CA THR B 14 10.46 -10.30 10.43
C THR B 14 9.92 -9.95 11.82
N LEU B 15 8.61 -9.96 11.98
CA LEU B 15 7.99 -9.60 13.24
C LEU B 15 7.23 -10.79 13.84
N GLU B 16 7.65 -11.21 15.03
CA GLU B 16 6.97 -12.30 15.73
C GLU B 16 5.71 -11.79 16.42
N VAL B 17 4.57 -12.03 15.81
CA VAL B 17 3.28 -11.62 16.35
C VAL B 17 2.35 -12.82 16.41
N GLU B 18 1.06 -12.60 16.44
CA GLU B 18 0.12 -13.70 16.37
C GLU B 18 -1.18 -13.24 15.75
N SER B 19 -1.89 -14.18 15.13
CA SER B 19 -3.13 -13.86 14.45
C SER B 19 -4.21 -13.39 15.43
N SER B 20 -4.06 -13.80 16.69
CA SER B 20 -4.99 -13.44 17.74
C SER B 20 -4.59 -12.13 18.42
N ASP B 21 -3.66 -11.41 17.80
CA ASP B 21 -3.23 -10.11 18.31
C ASP B 21 -3.90 -8.99 17.52
N THR B 22 -3.76 -7.76 17.97
CA THR B 22 -4.40 -6.63 17.30
C THR B 22 -3.38 -5.86 16.46
N ILE B 23 -3.86 -5.29 15.36
CA ILE B 23 -3.02 -4.48 14.48
C ILE B 23 -2.34 -3.34 15.25
N ASP B 24 -3.07 -2.81 16.23
CA ASP B 24 -2.57 -1.73 17.08
C ASP B 24 -1.29 -2.15 17.79
N ASN B 25 -1.29 -3.36 18.35
CA ASN B 25 -0.13 -3.87 19.06
C ASN B 25 1.00 -4.18 18.09
N VAL B 26 0.65 -4.68 16.91
CA VAL B 26 1.62 -4.96 15.87
C VAL B 26 2.33 -3.67 15.44
N LYS B 27 1.57 -2.58 15.31
CA LYS B 27 2.14 -1.27 15.00
C LYS B 27 3.22 -0.89 15.99
N SER B 28 2.93 -1.11 17.26
CA SER B 28 3.86 -0.79 18.33
C SER B 28 5.12 -1.66 18.23
N LYS B 29 4.95 -2.91 17.82
CA LYS B 29 6.07 -3.83 17.67
C LYS B 29 6.96 -3.41 16.49
N ILE B 30 6.36 -2.80 15.48
CA ILE B 30 7.13 -2.27 14.37
C ILE B 30 7.89 -1.02 14.81
N GLN B 31 7.25 -0.21 15.64
CA GLN B 31 7.89 0.95 16.24
C GLN B 31 9.05 0.49 17.12
N ASP B 32 8.86 -0.64 17.77
CA ASP B 32 9.89 -1.26 18.61
C ASP B 32 11.15 -1.56 17.78
N LYS B 33 10.97 -1.80 16.49
CA LYS B 33 12.09 -2.11 15.61
C LYS B 33 12.81 -0.85 15.16
N GLU B 34 12.16 -0.03 14.36
CA GLU B 34 12.82 1.13 13.75
C GLU B 34 12.17 2.45 14.12
N GLY B 35 11.35 2.44 15.17
CA GLY B 35 10.76 3.67 15.67
C GLY B 35 9.84 4.33 14.67
N ILE B 36 9.01 3.54 14.01
CA ILE B 36 8.07 4.06 13.04
C ILE B 36 6.72 4.31 13.70
N PRO B 37 6.25 5.57 13.69
CA PRO B 37 4.98 5.95 14.32
C PRO B 37 3.79 5.15 13.81
N PRO B 38 3.04 4.51 14.73
CA PRO B 38 1.86 3.69 14.40
C PRO B 38 0.84 4.43 13.53
N ASP B 39 0.64 5.72 13.81
CA ASP B 39 -0.36 6.51 13.09
C ASP B 39 0.09 6.79 11.66
N GLN B 40 1.37 6.61 11.40
CA GLN B 40 1.92 6.91 10.09
C GLN B 40 1.99 5.66 9.25
N GLN B 41 1.66 4.51 9.82
CA GLN B 41 1.79 3.25 9.11
C GLN B 41 0.45 2.73 8.61
N ARG B 42 0.46 2.20 7.39
CA ARG B 42 -0.70 1.58 6.79
C ARG B 42 -0.31 0.20 6.25
N LEU B 43 -0.70 -0.84 6.97
CA LEU B 43 -0.37 -2.20 6.56
C LEU B 43 -1.37 -2.71 5.54
N ILE B 44 -0.87 -3.29 4.46
CA ILE B 44 -1.73 -3.85 3.42
C ILE B 44 -1.45 -5.33 3.23
N PHE B 45 -2.48 -6.15 3.38
CA PHE B 45 -2.37 -7.59 3.20
C PHE B 45 -3.33 -8.07 2.12
N ALA B 46 -2.78 -8.60 1.03
CA ALA B 46 -3.57 -9.15 -0.07
C ALA B 46 -4.41 -8.05 -0.75
N GLY B 47 -3.97 -6.81 -0.59
CA GLY B 47 -4.68 -5.69 -1.17
C GLY B 47 -5.64 -5.05 -0.17
N LYS B 48 -5.73 -5.64 1.01
CA LYS B 48 -6.61 -5.14 2.06
C LYS B 48 -5.85 -4.25 3.03
N GLN B 49 -6.34 -3.04 3.22
CA GLN B 49 -5.75 -2.13 4.19
C GLN B 49 -6.21 -2.48 5.59
N LEU B 50 -5.29 -2.42 6.53
CA LEU B 50 -5.60 -2.78 7.91
C LEU B 50 -5.88 -1.54 8.76
N GLU B 51 -7.04 -1.53 9.41
CA GLU B 51 -7.38 -0.49 10.36
C GLU B 51 -7.10 -1.00 11.78
N ASP B 52 -7.08 -0.09 12.74
CA ASP B 52 -6.78 -0.43 14.12
C ASP B 52 -7.97 -1.08 14.82
N GLY B 53 -7.72 -1.63 16.00
CA GLY B 53 -8.79 -2.23 16.78
C GLY B 53 -8.99 -3.71 16.49
N ARG B 54 -9.03 -4.06 15.22
CA ARG B 54 -9.31 -5.44 14.82
C ARG B 54 -8.08 -6.32 14.96
N THR B 55 -8.29 -7.63 14.94
CA THR B 55 -7.20 -8.58 15.07
C THR B 55 -6.73 -9.06 13.69
N LEU B 56 -5.59 -9.74 13.66
CA LEU B 56 -5.05 -10.27 12.41
C LEU B 56 -5.99 -11.32 11.82
N SER B 57 -6.57 -12.15 12.67
CA SER B 57 -7.50 -13.20 12.24
C SER B 57 -8.75 -12.59 11.61
N ASP B 58 -9.10 -11.37 12.00
CA ASP B 58 -10.29 -10.72 11.47
C ASP B 58 -10.11 -10.39 10.00
N TYR B 59 -8.88 -10.05 9.62
CA TYR B 59 -8.57 -9.70 8.24
C TYR B 59 -8.12 -10.93 7.45
N ASN B 60 -8.29 -12.11 8.05
CA ASN B 60 -7.92 -13.38 7.41
C ASN B 60 -6.42 -13.51 7.23
N ILE B 61 -5.65 -12.84 8.08
CA ILE B 61 -4.20 -12.89 8.02
C ILE B 61 -3.71 -14.19 8.67
N GLN B 62 -2.72 -14.81 8.03
CA GLN B 62 -2.26 -16.13 8.43
C GLN B 62 -0.94 -16.08 9.17
N LYS B 63 -0.41 -17.25 9.48
CA LYS B 63 0.89 -17.37 10.12
C LYS B 63 2.00 -17.35 9.07
N GLU B 64 3.09 -16.63 9.36
CA GLU B 64 4.28 -16.62 8.50
C GLU B 64 3.99 -15.92 7.19
N SER B 65 3.01 -15.02 7.22
CA SER B 65 2.61 -14.28 6.03
C SER B 65 3.45 -13.02 5.84
N THR B 66 3.41 -12.49 4.63
CA THR B 66 4.12 -11.26 4.30
C THR B 66 3.12 -10.13 4.06
N LEU B 67 3.38 -8.97 4.65
CA LEU B 67 2.50 -7.81 4.51
C LEU B 67 3.27 -6.65 3.88
N HIS B 68 2.57 -5.81 3.15
CA HIS B 68 3.17 -4.61 2.57
C HIS B 68 2.99 -3.42 3.52
N LEU B 69 4.08 -2.75 3.82
CA LEU B 69 4.03 -1.59 4.68
C LEU B 69 4.11 -0.31 3.85
N VAL B 70 2.99 0.37 3.74
CA VAL B 70 2.92 1.67 3.11
C VAL B 70 2.58 2.69 4.18
N LEU B 71 2.97 3.93 4.01
CA LEU B 71 2.74 4.92 5.06
C LEU B 71 1.46 5.70 4.82
N ARG B 72 0.87 6.19 5.90
CA ARG B 72 -0.29 7.04 5.81
C ARG B 72 0.16 8.49 5.68
N LEU B 73 -0.23 9.13 4.58
CA LEU B 73 0.15 10.53 4.36
C LEU B 73 -0.74 11.46 5.17
N ARG B 74 -1.30 10.92 6.24
CA ARG B 74 -2.24 11.65 7.09
C ARG B 74 -1.65 11.80 8.49
N GLY B 75 -0.37 11.46 8.61
CA GLY B 75 0.31 11.60 9.89
C GLY B 75 1.20 12.82 9.92
N GLY B 76 0.60 13.98 9.70
CA GLY B 76 1.35 15.21 9.67
C GLY B 76 0.51 16.35 9.13
N MET A 1 12.84 23.10 -13.67
CA MET A 1 11.67 22.53 -14.38
C MET A 1 10.93 21.55 -13.48
N ALA A 2 9.64 21.37 -13.76
CA ALA A 2 8.81 20.49 -12.95
C ALA A 2 8.84 19.05 -13.46
N SER A 3 9.12 18.90 -14.76
CA SER A 3 9.12 17.59 -15.41
C SER A 3 7.74 16.96 -15.36
N LYS A 4 6.92 17.29 -16.34
CA LYS A 4 5.55 16.80 -16.40
C LYS A 4 5.46 15.60 -17.33
N SER A 5 5.04 14.48 -16.80
CA SER A 5 4.93 13.26 -17.58
C SER A 5 3.84 12.36 -17.02
N LYS A 6 2.71 12.29 -17.71
CA LYS A 6 1.63 11.40 -17.32
C LYS A 6 1.93 9.99 -17.80
N LYS A 7 2.46 9.20 -16.88
CA LYS A 7 2.95 7.85 -17.16
C LYS A 7 1.84 6.83 -17.01
N ARG A 8 1.92 5.75 -17.78
CA ARG A 8 0.95 4.67 -17.68
C ARG A 8 1.45 3.63 -16.68
N GLY A 9 0.55 3.07 -15.91
CA GLY A 9 0.93 2.06 -14.95
C GLY A 9 -0.08 0.93 -14.87
N ILE A 10 0.41 -0.28 -14.65
CA ILE A 10 -0.47 -1.42 -14.50
C ILE A 10 -0.40 -1.90 -13.05
N VAL A 11 -1.52 -1.77 -12.34
CA VAL A 11 -1.58 -2.18 -10.95
C VAL A 11 -1.51 -3.70 -10.84
N GLN A 12 -0.52 -4.18 -10.11
CA GLN A 12 -0.23 -5.61 -10.04
C GLN A 12 -1.00 -6.30 -8.92
N TYR A 13 -1.26 -5.56 -7.84
CA TYR A 13 -1.88 -6.16 -6.66
C TYR A 13 -3.10 -5.36 -6.22
N ASP A 14 -4.04 -6.06 -5.60
CA ASP A 14 -5.34 -5.46 -5.23
C ASP A 14 -5.19 -4.53 -4.04
N PHE A 15 -5.97 -3.45 -4.04
CA PHE A 15 -5.97 -2.49 -2.95
C PHE A 15 -7.36 -1.92 -2.74
N MET A 16 -7.92 -2.14 -1.56
CA MET A 16 -9.21 -1.56 -1.19
C MET A 16 -9.00 -0.16 -0.64
N ALA A 17 -9.96 0.72 -0.90
CA ALA A 17 -9.88 2.09 -0.42
C ALA A 17 -11.01 2.36 0.57
N GLU A 18 -10.76 3.24 1.54
CA GLU A 18 -11.76 3.56 2.55
C GLU A 18 -12.44 4.89 2.25
N SER A 19 -11.74 5.76 1.54
CA SER A 19 -12.26 7.10 1.26
C SER A 19 -12.15 7.40 -0.23
N GLN A 20 -12.79 8.49 -0.65
CA GLN A 20 -12.79 8.90 -2.05
C GLN A 20 -11.44 9.52 -2.42
N ASP A 21 -10.67 9.85 -1.40
CA ASP A 21 -9.31 10.36 -1.59
C ASP A 21 -8.46 9.28 -2.23
N GLU A 22 -8.74 8.04 -1.87
CA GLU A 22 -8.00 6.90 -2.36
C GLU A 22 -8.69 6.33 -3.60
N LEU A 23 -8.07 5.34 -4.20
CA LEU A 23 -8.65 4.67 -5.35
C LEU A 23 -8.58 3.16 -5.19
N THR A 24 -9.72 2.50 -5.29
CA THR A 24 -9.77 1.05 -5.19
C THR A 24 -9.27 0.41 -6.48
N ILE A 25 -8.04 -0.09 -6.45
CA ILE A 25 -7.41 -0.62 -7.63
C ILE A 25 -7.48 -2.15 -7.66
N LYS A 26 -7.56 -2.71 -8.85
CA LYS A 26 -7.69 -4.14 -9.03
C LYS A 26 -6.38 -4.72 -9.51
N SER A 27 -6.01 -5.86 -8.98
CA SER A 27 -4.81 -6.55 -9.44
C SER A 27 -4.95 -7.01 -10.88
N GLY A 28 -4.28 -6.32 -11.79
CA GLY A 28 -4.35 -6.67 -13.20
C GLY A 28 -5.09 -5.65 -14.04
N ASP A 29 -5.48 -4.53 -13.43
CA ASP A 29 -6.11 -3.45 -14.17
C ASP A 29 -5.05 -2.44 -14.59
N LYS A 30 -5.43 -1.46 -15.39
CA LYS A 30 -4.50 -0.45 -15.86
C LYS A 30 -4.94 0.93 -15.43
N VAL A 31 -3.99 1.76 -15.04
CA VAL A 31 -4.28 3.10 -14.60
C VAL A 31 -3.35 4.11 -15.27
N TYR A 32 -3.82 5.34 -15.40
CA TYR A 32 -2.98 6.42 -15.86
C TYR A 32 -2.47 7.19 -14.65
N ILE A 33 -1.15 7.40 -14.60
CA ILE A 33 -0.56 8.11 -13.49
C ILE A 33 -0.61 9.61 -13.76
N LEU A 34 -1.51 10.28 -13.06
CA LEU A 34 -1.71 11.72 -13.23
C LEU A 34 -0.48 12.48 -12.78
N ASP A 35 -0.07 12.24 -11.55
CA ASP A 35 1.14 12.85 -11.02
C ASP A 35 1.92 11.86 -10.18
N ASP A 36 3.22 11.83 -10.39
CA ASP A 36 4.13 10.89 -9.74
C ASP A 36 4.94 11.60 -8.65
N LYS A 37 5.06 12.91 -8.78
CA LYS A 37 6.00 13.66 -7.96
C LYS A 37 5.31 14.72 -7.11
N LYS A 38 3.98 14.77 -7.17
CA LYS A 38 3.23 15.71 -6.35
C LYS A 38 3.47 15.41 -4.88
N SER A 39 3.41 14.14 -4.53
CA SER A 39 3.74 13.71 -3.19
C SER A 39 5.10 13.01 -3.18
N LYS A 40 5.09 11.69 -3.40
CA LYS A 40 6.32 10.88 -3.54
C LYS A 40 5.97 9.41 -3.40
N ASP A 41 5.32 9.09 -2.29
CA ASP A 41 4.94 7.72 -1.95
C ASP A 41 3.55 7.40 -2.48
N TRP A 42 2.62 8.31 -2.24
CA TRP A 42 1.27 8.18 -2.77
C TRP A 42 1.17 8.94 -4.10
N TRP A 43 0.61 8.28 -5.11
CA TRP A 43 0.51 8.84 -6.45
C TRP A 43 -0.93 9.06 -6.86
N MET A 44 -1.14 9.84 -7.91
CA MET A 44 -2.47 10.04 -8.46
C MET A 44 -2.65 9.15 -9.67
N CYS A 45 -3.69 8.35 -9.68
CA CYS A 45 -3.95 7.49 -10.83
C CYS A 45 -5.43 7.46 -11.16
N GLN A 46 -5.72 7.04 -12.38
CA GLN A 46 -7.09 6.94 -12.86
C GLN A 46 -7.31 5.59 -13.53
N LEU A 47 -8.37 4.90 -13.13
CA LEU A 47 -8.74 3.64 -13.76
C LEU A 47 -9.20 3.91 -15.18
N VAL A 48 -8.56 3.24 -16.14
CA VAL A 48 -8.84 3.47 -17.57
C VAL A 48 -10.31 3.18 -17.89
N ASP A 49 -10.78 2.02 -17.47
CA ASP A 49 -12.14 1.60 -17.79
C ASP A 49 -13.15 2.21 -16.84
N SER A 50 -12.90 2.05 -15.55
CA SER A 50 -13.83 2.49 -14.52
C SER A 50 -13.97 4.02 -14.52
N GLY A 51 -12.93 4.72 -14.94
CA GLY A 51 -12.97 6.17 -15.00
C GLY A 51 -12.96 6.80 -13.63
N LYS A 52 -12.25 6.19 -12.70
CA LYS A 52 -12.12 6.71 -11.35
C LYS A 52 -10.68 7.06 -11.04
N SER A 53 -10.46 8.30 -10.62
CA SER A 53 -9.13 8.75 -10.25
C SER A 53 -9.04 8.96 -8.74
N GLY A 54 -7.87 8.73 -8.18
CA GLY A 54 -7.66 8.90 -6.76
C GLY A 54 -6.21 8.72 -6.39
N LEU A 55 -5.93 8.76 -5.10
CA LEU A 55 -4.56 8.56 -4.61
C LEU A 55 -4.32 7.08 -4.36
N VAL A 56 -3.21 6.57 -4.87
CA VAL A 56 -2.86 5.16 -4.73
C VAL A 56 -1.43 4.99 -4.24
N PRO A 57 -1.15 3.88 -3.56
CA PRO A 57 0.20 3.54 -3.12
C PRO A 57 1.09 3.10 -4.28
N ALA A 58 2.25 3.76 -4.41
CA ALA A 58 3.18 3.49 -5.50
C ALA A 58 3.58 2.02 -5.57
N GLN A 59 3.55 1.34 -4.41
CA GLN A 59 3.99 -0.05 -4.31
C GLN A 59 3.13 -1.01 -5.14
N PHE A 60 1.99 -0.55 -5.63
CA PHE A 60 1.07 -1.43 -6.34
C PHE A 60 1.14 -1.21 -7.84
N ILE A 61 1.86 -0.19 -8.27
CA ILE A 61 1.88 0.18 -9.68
C ILE A 61 3.18 -0.23 -10.35
N GLU A 62 3.05 -0.91 -11.48
CA GLU A 62 4.20 -1.21 -12.31
C GLU A 62 4.18 -0.29 -13.54
N PRO A 63 5.09 0.70 -13.59
CA PRO A 63 5.18 1.63 -14.72
C PRO A 63 5.41 0.90 -16.05
N VAL A 64 4.43 1.01 -16.93
CA VAL A 64 4.47 0.30 -18.20
C VAL A 64 4.86 1.26 -19.34
N ARG A 65 5.76 2.18 -19.02
CA ARG A 65 6.34 3.09 -20.01
C ARG A 65 6.97 2.26 -21.13
N ASP A 66 8.09 1.63 -20.80
CA ASP A 66 8.73 0.66 -21.68
C ASP A 66 9.49 -0.36 -20.84
N LYS A 67 9.35 -0.22 -19.52
CA LYS A 67 10.08 -1.05 -18.58
C LYS A 67 9.45 -2.43 -18.46
N LYS A 68 8.11 -2.46 -18.35
CA LYS A 68 7.40 -3.72 -18.22
C LYS A 68 7.15 -4.35 -19.59
N HIS A 69 7.02 -3.50 -20.60
CA HIS A 69 6.69 -3.93 -21.96
C HIS A 69 5.30 -4.58 -22.00
N THR A 70 4.94 -5.11 -23.16
CA THR A 70 3.64 -5.74 -23.35
C THR A 70 3.74 -7.26 -23.30
N GLU A 71 4.70 -7.76 -22.52
CA GLU A 71 4.91 -9.19 -22.36
C GLU A 71 4.07 -9.73 -21.20
N MET B 1 4.09 -16.45 14.41
CA MET B 1 4.27 -16.53 12.95
C MET B 1 5.08 -15.35 12.46
N GLN B 2 5.86 -15.58 11.42
CA GLN B 2 6.62 -14.54 10.79
C GLN B 2 5.76 -13.85 9.75
N ILE B 3 5.68 -12.54 9.84
CA ILE B 3 4.97 -11.74 8.86
C ILE B 3 5.94 -10.83 8.14
N PHE B 4 5.78 -10.71 6.84
CA PHE B 4 6.69 -9.91 6.04
C PHE B 4 6.09 -8.56 5.76
N VAL B 5 6.47 -7.59 6.57
CA VAL B 5 5.98 -6.24 6.41
C VAL B 5 6.77 -5.52 5.31
N LYS B 6 6.20 -5.49 4.13
CA LYS B 6 6.85 -4.86 2.99
C LYS B 6 6.29 -3.46 2.79
N THR B 7 7.11 -2.47 3.08
CA THR B 7 6.69 -1.08 3.01
C THR B 7 6.52 -0.62 1.57
N LEU B 8 5.92 0.56 1.41
CA LEU B 8 5.75 1.18 0.10
C LEU B 8 7.11 1.44 -0.54
N THR B 9 8.11 1.69 0.30
CA THR B 9 9.47 1.95 -0.16
C THR B 9 10.17 0.66 -0.57
N GLY B 10 9.55 -0.47 -0.31
CA GLY B 10 10.09 -1.75 -0.73
C GLY B 10 11.00 -2.37 0.31
N LYS B 11 10.78 -2.06 1.58
CA LYS B 11 11.55 -2.67 2.65
C LYS B 11 10.79 -3.88 3.20
N THR B 12 11.50 -4.96 3.43
CA THR B 12 10.91 -6.17 3.95
C THR B 12 11.24 -6.34 5.43
N ILE B 13 10.26 -6.11 6.28
CA ILE B 13 10.41 -6.25 7.71
C ILE B 13 9.84 -7.58 8.18
N THR B 14 10.70 -8.51 8.55
CA THR B 14 10.27 -9.81 9.03
C THR B 14 10.03 -9.74 10.55
N LEU B 15 8.76 -9.87 10.94
CA LEU B 15 8.39 -9.74 12.34
C LEU B 15 7.78 -11.03 12.86
N GLU B 16 8.20 -11.45 14.05
CA GLU B 16 7.66 -12.66 14.67
C GLU B 16 6.53 -12.28 15.63
N VAL B 17 5.29 -12.48 15.21
CA VAL B 17 4.13 -12.12 16.01
C VAL B 17 3.13 -13.26 16.07
N GLU B 18 2.30 -13.27 17.08
CA GLU B 18 1.26 -14.28 17.19
C GLU B 18 -0.07 -13.73 16.66
N SER B 19 -0.96 -14.65 16.29
CA SER B 19 -2.28 -14.26 15.84
C SER B 19 -3.12 -13.77 17.02
N SER B 20 -2.71 -14.16 18.22
CA SER B 20 -3.39 -13.73 19.44
C SER B 20 -3.05 -12.29 19.80
N ASP B 21 -2.06 -11.73 19.11
CA ASP B 21 -1.63 -10.36 19.38
C ASP B 21 -2.43 -9.38 18.55
N THR B 22 -2.45 -8.13 18.96
CA THR B 22 -3.26 -7.12 18.31
C THR B 22 -2.46 -6.37 17.25
N ILE B 23 -3.17 -5.80 16.28
CA ILE B 23 -2.53 -5.01 15.24
C ILE B 23 -1.80 -3.83 15.87
N ASP B 24 -2.42 -3.26 16.90
CA ASP B 24 -1.84 -2.16 17.66
C ASP B 24 -0.46 -2.51 18.18
N ASN B 25 -0.35 -3.69 18.77
CA ASN B 25 0.88 -4.12 19.41
C ASN B 25 1.93 -4.50 18.37
N VAL B 26 1.49 -5.07 17.25
CA VAL B 26 2.39 -5.38 16.16
C VAL B 26 2.96 -4.08 15.57
N LYS B 27 2.12 -3.06 15.44
CA LYS B 27 2.55 -1.77 14.94
C LYS B 27 3.60 -1.16 15.86
N SER B 28 3.40 -1.31 17.17
CA SER B 28 4.34 -0.77 18.14
C SER B 28 5.63 -1.61 18.19
N LYS B 29 5.55 -2.85 17.74
CA LYS B 29 6.76 -3.66 17.55
C LYS B 29 7.60 -3.07 16.43
N ILE B 30 6.93 -2.68 15.34
CA ILE B 30 7.60 -2.04 14.22
C ILE B 30 8.07 -0.64 14.61
N GLN B 31 7.30 -0.01 15.49
CA GLN B 31 7.66 1.29 16.04
C GLN B 31 8.94 1.17 16.88
N ASP B 32 9.10 0.02 17.52
CA ASP B 32 10.32 -0.27 18.27
C ASP B 32 11.51 -0.50 17.33
N LYS B 33 11.23 -1.09 16.17
CA LYS B 33 12.26 -1.41 15.21
C LYS B 33 12.68 -0.17 14.42
N GLU B 34 11.82 0.29 13.52
CA GLU B 34 12.16 1.40 12.63
C GLU B 34 11.78 2.74 13.24
N GLY B 35 10.82 2.73 14.14
CA GLY B 35 10.35 3.98 14.73
C GLY B 35 9.23 4.60 13.93
N ILE B 36 8.32 3.77 13.46
CA ILE B 36 7.19 4.24 12.67
C ILE B 36 5.92 4.26 13.54
N PRO B 37 5.28 5.43 13.66
CA PRO B 37 4.05 5.58 14.45
C PRO B 37 2.95 4.63 14.00
N PRO B 38 2.31 3.93 14.95
CA PRO B 38 1.24 2.96 14.65
C PRO B 38 0.08 3.58 13.89
N ASP B 39 -0.28 4.81 14.27
CA ASP B 39 -1.36 5.53 13.61
C ASP B 39 -1.02 5.80 12.15
N GLN B 40 0.26 6.03 11.90
CA GLN B 40 0.75 6.34 10.56
C GLN B 40 0.87 5.06 9.73
N GLN B 41 0.81 3.92 10.39
CA GLN B 41 0.96 2.63 9.73
C GLN B 41 -0.39 2.07 9.30
N ARG B 42 -0.54 1.83 8.01
CA ARG B 42 -1.73 1.17 7.48
C ARG B 42 -1.32 -0.10 6.74
N LEU B 43 -1.62 -1.24 7.34
CA LEU B 43 -1.22 -2.52 6.79
C LEU B 43 -2.20 -2.99 5.72
N ILE B 44 -1.66 -3.49 4.62
CA ILE B 44 -2.47 -4.00 3.53
C ILE B 44 -2.21 -5.49 3.32
N PHE B 45 -3.25 -6.29 3.51
CA PHE B 45 -3.15 -7.73 3.31
C PHE B 45 -3.99 -8.16 2.12
N ALA B 46 -3.33 -8.35 0.98
CA ALA B 46 -3.99 -8.78 -0.26
C ALA B 46 -5.10 -7.82 -0.66
N GLY B 47 -4.98 -6.57 -0.23
CA GLY B 47 -5.98 -5.57 -0.54
C GLY B 47 -6.70 -5.08 0.70
N LYS B 48 -6.75 -5.93 1.72
CA LYS B 48 -7.46 -5.61 2.95
C LYS B 48 -6.70 -4.56 3.76
N GLN B 49 -7.44 -3.57 4.25
CA GLN B 49 -6.87 -2.53 5.11
C GLN B 49 -6.93 -2.95 6.57
N LEU B 50 -5.78 -3.17 7.18
CA LEU B 50 -5.72 -3.59 8.57
C LEU B 50 -5.76 -2.39 9.51
N GLU B 51 -6.90 -2.18 10.13
CA GLU B 51 -7.06 -1.10 11.10
C GLU B 51 -6.74 -1.60 12.50
N ASP B 52 -6.65 -0.68 13.43
CA ASP B 52 -6.29 -0.99 14.82
C ASP B 52 -7.51 -1.50 15.58
N GLY B 53 -7.27 -2.02 16.78
CA GLY B 53 -8.36 -2.49 17.62
C GLY B 53 -8.54 -3.98 17.56
N ARG B 54 -8.12 -4.59 16.46
CA ARG B 54 -8.29 -6.02 16.25
C ARG B 54 -6.99 -6.77 16.36
N THR B 55 -7.08 -8.09 16.40
CA THR B 55 -5.92 -8.95 16.40
C THR B 55 -5.63 -9.40 14.97
N LEU B 56 -4.56 -10.17 14.80
CA LEU B 56 -4.24 -10.72 13.50
C LEU B 56 -5.17 -11.88 13.17
N SER B 57 -5.72 -12.48 14.22
CA SER B 57 -6.66 -13.57 14.07
C SER B 57 -7.98 -13.05 13.47
N ASP B 58 -8.35 -11.82 13.86
CA ASP B 58 -9.59 -11.21 13.39
C ASP B 58 -9.59 -11.02 11.88
N TYR B 59 -8.42 -10.71 11.33
CA TYR B 59 -8.29 -10.49 9.89
C TYR B 59 -7.96 -11.80 9.17
N ASN B 60 -7.97 -12.90 9.93
CA ASN B 60 -7.71 -14.23 9.38
C ASN B 60 -6.31 -14.33 8.80
N ILE B 61 -5.38 -13.61 9.42
CA ILE B 61 -3.99 -13.60 8.97
C ILE B 61 -3.31 -14.91 9.34
N GLN B 62 -2.55 -15.46 8.40
CA GLN B 62 -1.89 -16.75 8.59
C GLN B 62 -0.38 -16.59 8.60
N LYS B 63 0.33 -17.70 8.75
CA LYS B 63 1.78 -17.67 8.89
C LYS B 63 2.48 -17.30 7.58
N GLU B 64 3.53 -16.49 7.70
CA GLU B 64 4.36 -16.09 6.56
C GLU B 64 3.54 -15.27 5.57
N SER B 65 2.61 -14.50 6.11
CA SER B 65 1.78 -13.63 5.30
C SER B 65 2.54 -12.38 4.88
N THR B 66 2.24 -11.89 3.68
CA THR B 66 2.86 -10.69 3.16
C THR B 66 1.99 -9.46 3.45
N LEU B 67 2.43 -8.65 4.40
CA LEU B 67 1.70 -7.44 4.76
C LEU B 67 2.41 -6.22 4.19
N HIS B 68 1.74 -5.48 3.34
CA HIS B 68 2.32 -4.27 2.77
C HIS B 68 2.02 -3.07 3.64
N LEU B 69 3.05 -2.36 4.02
CA LEU B 69 2.92 -1.21 4.90
C LEU B 69 2.85 0.08 4.11
N VAL B 70 1.65 0.61 3.97
CA VAL B 70 1.48 1.91 3.34
C VAL B 70 1.37 2.97 4.42
N LEU B 71 2.04 4.09 4.23
CA LEU B 71 2.11 5.11 5.25
C LEU B 71 0.96 6.09 5.14
N ARG B 72 0.45 6.48 6.29
CA ARG B 72 -0.57 7.51 6.38
C ARG B 72 0.10 8.86 6.20
N LEU B 73 -0.40 9.67 5.28
CA LEU B 73 0.26 10.94 4.94
C LEU B 73 0.05 11.99 6.02
N ARG B 74 -0.41 11.56 7.18
CA ARG B 74 -0.59 12.43 8.33
C ARG B 74 -0.33 11.64 9.60
N GLY B 75 0.92 11.65 10.03
CA GLY B 75 1.31 10.88 11.20
C GLY B 75 1.55 11.73 12.42
N GLY B 76 1.18 13.01 12.32
CA GLY B 76 1.36 13.93 13.42
C GLY B 76 0.04 14.40 13.97
N MET A 1 6.48 16.76 -29.51
CA MET A 1 5.19 17.13 -28.88
C MET A 1 4.24 15.94 -28.85
N ALA A 2 4.78 14.74 -29.06
CA ALA A 2 3.97 13.52 -29.05
C ALA A 2 3.86 12.97 -27.64
N SER A 3 3.21 11.81 -27.51
CA SER A 3 3.01 11.16 -26.22
C SER A 3 2.10 12.01 -25.33
N LYS A 4 2.05 11.68 -24.05
CA LYS A 4 1.23 12.43 -23.12
C LYS A 4 2.10 13.03 -22.03
N SER A 5 1.58 14.05 -21.36
CA SER A 5 2.33 14.75 -20.33
C SER A 5 2.46 13.90 -19.07
N LYS A 6 1.62 12.89 -18.94
CA LYS A 6 1.61 12.04 -17.76
C LYS A 6 1.91 10.59 -18.14
N LYS A 7 2.06 9.74 -17.13
CA LYS A 7 2.57 8.38 -17.35
C LYS A 7 1.45 7.35 -17.38
N ARG A 8 1.81 6.11 -17.67
CA ARG A 8 0.85 5.02 -17.78
C ARG A 8 1.27 3.85 -16.90
N GLY A 9 0.30 3.09 -16.40
CA GLY A 9 0.62 1.95 -15.55
C GLY A 9 -0.51 0.94 -15.45
N ILE A 10 -0.18 -0.24 -14.95
CA ILE A 10 -1.17 -1.27 -14.69
C ILE A 10 -0.98 -1.81 -13.28
N VAL A 11 -2.06 -1.89 -12.52
CA VAL A 11 -2.00 -2.37 -11.15
C VAL A 11 -1.98 -3.90 -11.12
N GLN A 12 -1.02 -4.44 -10.38
CA GLN A 12 -0.78 -5.89 -10.36
C GLN A 12 -1.49 -6.56 -9.20
N TYR A 13 -1.90 -5.78 -8.22
CA TYR A 13 -2.60 -6.31 -7.07
C TYR A 13 -3.95 -5.62 -6.94
N ASP A 14 -4.68 -5.92 -5.88
CA ASP A 14 -5.97 -5.30 -5.64
C ASP A 14 -5.83 -4.21 -4.59
N PHE A 15 -6.81 -3.33 -4.49
CA PHE A 15 -6.82 -2.30 -3.46
C PHE A 15 -8.23 -1.83 -3.19
N MET A 16 -8.69 -2.07 -1.97
CA MET A 16 -10.01 -1.61 -1.54
C MET A 16 -9.89 -0.27 -0.83
N ALA A 17 -10.55 0.73 -1.38
CA ALA A 17 -10.51 2.07 -0.81
C ALA A 17 -11.69 2.30 0.13
N GLU A 18 -11.53 3.24 1.04
CA GLU A 18 -12.61 3.60 1.97
C GLU A 18 -12.80 5.10 1.98
N SER A 19 -11.71 5.84 1.82
CA SER A 19 -11.78 7.28 1.80
C SER A 19 -12.11 7.76 0.39
N GLN A 20 -12.75 8.92 0.29
CA GLN A 20 -13.23 9.41 -0.99
C GLN A 20 -12.09 9.93 -1.86
N ASP A 21 -10.93 10.13 -1.26
CA ASP A 21 -9.74 10.53 -2.03
C ASP A 21 -9.05 9.31 -2.61
N GLU A 22 -9.31 8.15 -2.03
CA GLU A 22 -8.69 6.91 -2.47
C GLU A 22 -9.44 6.37 -3.69
N LEU A 23 -8.88 5.34 -4.32
CA LEU A 23 -9.50 4.74 -5.49
C LEU A 23 -9.47 3.22 -5.42
N THR A 24 -10.64 2.61 -5.37
CA THR A 24 -10.74 1.15 -5.34
C THR A 24 -10.38 0.57 -6.71
N ILE A 25 -9.28 -0.15 -6.74
CA ILE A 25 -8.79 -0.75 -7.97
C ILE A 25 -8.64 -2.25 -7.82
N LYS A 26 -8.74 -2.98 -8.91
CA LYS A 26 -8.59 -4.41 -8.88
C LYS A 26 -7.41 -4.84 -9.73
N SER A 27 -6.88 -6.02 -9.44
CA SER A 27 -5.72 -6.53 -10.15
C SER A 27 -6.00 -6.63 -11.65
N GLY A 28 -5.30 -5.81 -12.43
CA GLY A 28 -5.46 -5.85 -13.87
C GLY A 28 -6.15 -4.62 -14.43
N ASP A 29 -6.51 -3.68 -13.56
CA ASP A 29 -7.11 -2.42 -14.00
C ASP A 29 -6.09 -1.57 -14.75
N LYS A 30 -6.58 -0.85 -15.76
CA LYS A 30 -5.73 -0.01 -16.60
C LYS A 30 -5.78 1.43 -16.08
N VAL A 31 -4.63 1.96 -15.66
CA VAL A 31 -4.62 3.28 -15.04
C VAL A 31 -3.55 4.20 -15.65
N TYR A 32 -3.81 5.49 -15.56
CA TYR A 32 -2.83 6.50 -15.91
C TYR A 32 -2.14 7.00 -14.65
N ILE A 33 -0.81 7.07 -14.70
CA ILE A 33 -0.05 7.61 -13.59
C ILE A 33 0.05 9.13 -13.76
N LEU A 34 -0.83 9.83 -13.08
CA LEU A 34 -0.93 11.27 -13.21
C LEU A 34 0.26 11.93 -12.54
N ASP A 35 0.41 11.70 -11.25
CA ASP A 35 1.52 12.26 -10.50
C ASP A 35 2.10 11.21 -9.56
N ASP A 36 3.39 10.98 -9.68
CA ASP A 36 4.11 10.07 -8.80
C ASP A 36 5.24 10.82 -8.11
N LYS A 37 5.06 12.13 -7.98
CA LYS A 37 6.10 13.01 -7.48
C LYS A 37 5.69 13.68 -6.17
N LYS A 38 4.38 13.90 -6.01
CA LYS A 38 3.84 14.53 -4.81
C LYS A 38 4.18 13.72 -3.56
N SER A 39 4.15 12.41 -3.69
CA SER A 39 4.48 11.50 -2.61
C SER A 39 5.22 10.30 -3.16
N LYS A 40 5.79 9.48 -2.29
CA LYS A 40 6.53 8.31 -2.72
C LYS A 40 5.75 7.06 -2.38
N ASP A 41 4.56 7.28 -1.84
CA ASP A 41 3.72 6.22 -1.31
C ASP A 41 2.38 6.18 -2.03
N TRP A 42 1.61 7.27 -1.89
CA TRP A 42 0.32 7.38 -2.54
C TRP A 42 0.44 8.20 -3.82
N TRP A 43 0.03 7.61 -4.93
CA TRP A 43 0.15 8.26 -6.23
C TRP A 43 -1.23 8.53 -6.83
N MET A 44 -1.25 9.42 -7.82
CA MET A 44 -2.49 9.76 -8.50
C MET A 44 -2.67 8.88 -9.71
N CYS A 45 -3.58 7.92 -9.64
CA CYS A 45 -3.86 7.07 -10.77
C CYS A 45 -5.28 7.28 -11.25
N GLN A 46 -5.47 7.27 -12.56
CA GLN A 46 -6.76 7.49 -13.15
C GLN A 46 -7.19 6.27 -13.97
N LEU A 47 -8.39 5.78 -13.72
CA LEU A 47 -8.95 4.69 -14.50
C LEU A 47 -9.15 5.15 -15.94
N VAL A 48 -8.45 4.51 -16.87
CA VAL A 48 -8.43 4.94 -18.28
C VAL A 48 -9.84 5.08 -18.86
N ASP A 49 -10.62 4.01 -18.78
CA ASP A 49 -11.92 3.96 -19.44
C ASP A 49 -12.97 4.77 -18.67
N SER A 50 -12.70 5.04 -17.41
CA SER A 50 -13.70 5.66 -16.56
C SER A 50 -13.44 7.16 -16.36
N GLY A 51 -12.17 7.55 -16.39
CA GLY A 51 -11.82 8.94 -16.22
C GLY A 51 -11.66 9.33 -14.75
N LYS A 52 -12.08 8.44 -13.87
CA LYS A 52 -11.99 8.69 -12.44
C LYS A 52 -10.56 8.60 -11.93
N SER A 53 -10.08 9.69 -11.36
CA SER A 53 -8.74 9.72 -10.80
C SER A 53 -8.81 9.60 -9.28
N GLY A 54 -7.85 8.91 -8.69
CA GLY A 54 -7.86 8.74 -7.25
C GLY A 54 -6.48 8.47 -6.69
N LEU A 55 -6.42 8.35 -5.38
CA LEU A 55 -5.16 8.15 -4.67
C LEU A 55 -4.97 6.66 -4.37
N VAL A 56 -3.86 6.10 -4.86
CA VAL A 56 -3.60 4.67 -4.69
C VAL A 56 -2.16 4.43 -4.24
N PRO A 57 -1.90 3.25 -3.63
CA PRO A 57 -0.56 2.89 -3.16
C PRO A 57 0.38 2.52 -4.32
N ALA A 58 1.57 3.14 -4.30
CA ALA A 58 2.56 2.94 -5.36
C ALA A 58 3.08 1.51 -5.41
N GLN A 59 3.06 0.83 -4.28
CA GLN A 59 3.66 -0.50 -4.17
C GLN A 59 2.80 -1.59 -4.83
N PHE A 60 1.80 -1.17 -5.61
CA PHE A 60 0.93 -2.12 -6.30
C PHE A 60 0.80 -1.75 -7.77
N ILE A 61 1.36 -0.62 -8.15
CA ILE A 61 1.27 -0.12 -9.52
C ILE A 61 2.51 -0.50 -10.31
N GLU A 62 2.32 -1.11 -11.47
CA GLU A 62 3.42 -1.44 -12.35
C GLU A 62 3.38 -0.52 -13.58
N PRO A 63 4.26 0.48 -13.63
CA PRO A 63 4.29 1.46 -14.71
C PRO A 63 4.69 0.83 -16.05
N VAL A 64 4.14 1.37 -17.13
CA VAL A 64 4.47 0.86 -18.46
C VAL A 64 5.03 1.97 -19.34
N ARG A 65 6.26 1.79 -19.77
CA ARG A 65 6.89 2.71 -20.70
C ARG A 65 6.91 2.05 -22.08
N ASP A 66 7.65 0.96 -22.17
CA ASP A 66 7.59 0.09 -23.35
C ASP A 66 7.21 -1.32 -22.89
N LYS A 67 7.84 -1.73 -21.79
CA LYS A 67 7.53 -2.98 -21.14
C LYS A 67 7.52 -2.76 -19.64
N LYS A 68 6.52 -3.29 -18.95
CA LYS A 68 6.38 -3.05 -17.51
C LYS A 68 7.54 -3.68 -16.75
N HIS A 69 7.86 -4.91 -17.09
CA HIS A 69 8.92 -5.63 -16.43
C HIS A 69 9.80 -6.30 -17.47
N THR A 70 11.07 -5.92 -17.51
CA THR A 70 12.01 -6.54 -18.43
C THR A 70 12.20 -8.01 -18.09
N GLU A 71 12.10 -8.30 -16.81
CA GLU A 71 12.10 -9.66 -16.30
C GLU A 71 11.59 -9.66 -14.87
N MET B 1 3.93 -16.63 14.81
CA MET B 1 4.01 -16.57 13.34
C MET B 1 4.85 -15.39 12.89
N GLN B 2 5.72 -15.66 11.94
CA GLN B 2 6.56 -14.63 11.38
C GLN B 2 5.89 -14.07 10.14
N ILE B 3 5.76 -12.76 10.10
CA ILE B 3 5.19 -12.09 8.94
C ILE B 3 6.22 -11.18 8.30
N PHE B 4 6.19 -11.12 6.98
CA PHE B 4 7.14 -10.30 6.25
C PHE B 4 6.51 -8.97 5.91
N VAL B 5 6.74 -7.98 6.76
CA VAL B 5 6.20 -6.66 6.53
C VAL B 5 7.17 -5.81 5.72
N LYS B 6 6.72 -5.38 4.56
CA LYS B 6 7.51 -4.55 3.68
C LYS B 6 7.03 -3.12 3.77
N THR B 7 7.87 -2.25 4.27
CA THR B 7 7.52 -0.86 4.45
C THR B 7 7.48 -0.11 3.12
N LEU B 8 7.13 1.16 3.20
CA LEU B 8 7.11 2.05 2.04
C LEU B 8 8.44 1.97 1.30
N THR B 9 9.52 2.16 2.05
CA THR B 9 10.85 2.26 1.47
C THR B 9 11.31 0.93 0.87
N GLY B 10 10.78 -0.17 1.38
CA GLY B 10 11.15 -1.48 0.86
C GLY B 10 11.76 -2.34 1.94
N LYS B 11 11.97 -1.74 3.10
CA LYS B 11 12.50 -2.43 4.26
C LYS B 11 11.59 -3.60 4.63
N THR B 12 12.10 -4.81 4.48
CA THR B 12 11.35 -5.99 4.80
C THR B 12 11.72 -6.49 6.19
N ILE B 13 10.72 -6.52 7.08
CA ILE B 13 10.95 -6.93 8.44
C ILE B 13 10.19 -8.23 8.73
N THR B 14 10.91 -9.26 9.14
CA THR B 14 10.27 -10.46 9.62
C THR B 14 9.82 -10.25 11.06
N LEU B 15 8.52 -10.18 11.26
CA LEU B 15 7.96 -9.83 12.56
C LEU B 15 7.31 -11.05 13.22
N GLU B 16 7.68 -11.29 14.46
CA GLU B 16 7.09 -12.38 15.23
C GLU B 16 5.82 -11.92 15.93
N VAL B 17 4.68 -12.36 15.43
CA VAL B 17 3.40 -12.02 16.00
C VAL B 17 2.54 -13.27 16.11
N GLU B 18 1.31 -13.13 16.56
CA GLU B 18 0.37 -14.23 16.57
C GLU B 18 -0.92 -13.80 15.92
N SER B 19 -1.81 -14.75 15.68
CA SER B 19 -3.11 -14.44 15.10
C SER B 19 -3.93 -13.60 16.07
N SER B 20 -3.75 -13.86 17.35
CA SER B 20 -4.47 -13.14 18.39
C SER B 20 -3.86 -11.76 18.64
N ASP B 21 -2.75 -11.48 17.98
CA ASP B 21 -2.11 -10.17 18.05
C ASP B 21 -3.01 -9.13 17.42
N THR B 22 -3.02 -7.93 17.98
CA THR B 22 -3.74 -6.83 17.39
C THR B 22 -2.84 -6.12 16.38
N ILE B 23 -3.46 -5.55 15.36
CA ILE B 23 -2.72 -4.83 14.32
C ILE B 23 -1.86 -3.72 14.94
N ASP B 24 -2.37 -3.11 15.99
CA ASP B 24 -1.64 -2.04 16.67
C ASP B 24 -0.46 -2.59 17.46
N ASN B 25 -0.60 -3.80 17.98
CA ASN B 25 0.51 -4.44 18.70
C ASN B 25 1.66 -4.70 17.75
N VAL B 26 1.32 -5.11 16.53
CA VAL B 26 2.30 -5.31 15.48
C VAL B 26 2.97 -3.98 15.13
N LYS B 27 2.17 -2.92 15.11
CA LYS B 27 2.68 -1.57 14.89
C LYS B 27 3.74 -1.22 15.94
N SER B 28 3.43 -1.50 17.20
CA SER B 28 4.35 -1.23 18.30
C SER B 28 5.65 -2.01 18.13
N LYS B 29 5.53 -3.26 17.68
CA LYS B 29 6.70 -4.10 17.47
C LYS B 29 7.58 -3.57 16.33
N ILE B 30 6.96 -2.89 15.37
CA ILE B 30 7.70 -2.26 14.29
C ILE B 30 8.27 -0.92 14.75
N GLN B 31 7.47 -0.17 15.51
CA GLN B 31 7.90 1.11 16.08
C GLN B 31 9.12 0.91 16.97
N ASP B 32 9.15 -0.22 17.64
CA ASP B 32 10.27 -0.62 18.49
C ASP B 32 11.60 -0.62 17.73
N LYS B 33 11.53 -0.81 16.42
CA LYS B 33 12.73 -0.96 15.60
C LYS B 33 12.98 0.27 14.73
N GLU B 34 12.04 0.56 13.85
CA GLU B 34 12.20 1.67 12.91
C GLU B 34 11.71 3.00 13.50
N GLY B 35 10.99 2.92 14.61
CA GLY B 35 10.51 4.14 15.25
C GLY B 35 9.35 4.76 14.51
N ILE B 36 8.56 3.93 13.83
CA ILE B 36 7.43 4.41 13.07
C ILE B 36 6.17 4.48 13.95
N PRO B 37 5.61 5.67 14.12
CA PRO B 37 4.38 5.86 14.91
C PRO B 37 3.23 4.98 14.42
N PRO B 38 2.50 4.34 15.36
CA PRO B 38 1.38 3.45 15.05
C PRO B 38 0.29 4.11 14.22
N ASP B 39 0.09 5.40 14.44
CA ASP B 39 -0.94 6.16 13.73
C ASP B 39 -0.54 6.39 12.28
N GLN B 40 0.75 6.36 12.02
CA GLN B 40 1.28 6.52 10.68
C GLN B 40 1.23 5.19 9.93
N GLN B 41 1.28 4.11 10.67
CA GLN B 41 1.34 2.78 10.08
C GLN B 41 -0.03 2.31 9.59
N ARG B 42 -0.16 2.20 8.26
CA ARG B 42 -1.35 1.60 7.66
C ARG B 42 -0.97 0.29 6.97
N LEU B 43 -1.46 -0.82 7.51
CA LEU B 43 -1.13 -2.14 6.97
C LEU B 43 -2.07 -2.52 5.85
N ILE B 44 -1.50 -3.04 4.77
CA ILE B 44 -2.29 -3.52 3.64
C ILE B 44 -1.93 -4.98 3.34
N PHE B 45 -2.94 -5.83 3.26
CA PHE B 45 -2.74 -7.23 2.94
C PHE B 45 -3.34 -7.55 1.57
N ALA B 46 -2.49 -7.49 0.54
CA ALA B 46 -2.87 -7.84 -0.84
C ALA B 46 -4.02 -6.98 -1.36
N GLY B 47 -4.28 -5.86 -0.69
CA GLY B 47 -5.35 -4.98 -1.11
C GLY B 47 -6.33 -4.69 0.00
N LYS B 48 -6.40 -5.61 0.95
CA LYS B 48 -7.28 -5.45 2.10
C LYS B 48 -6.58 -4.64 3.18
N GLN B 49 -7.16 -3.48 3.52
CA GLN B 49 -6.58 -2.62 4.54
C GLN B 49 -6.80 -3.21 5.93
N LEU B 50 -5.77 -3.18 6.75
CA LEU B 50 -5.84 -3.71 8.09
C LEU B 50 -5.88 -2.58 9.10
N GLU B 51 -6.99 -2.44 9.80
CA GLU B 51 -7.14 -1.37 10.78
C GLU B 51 -6.71 -1.84 12.17
N ASP B 52 -6.24 -0.90 12.99
CA ASP B 52 -5.93 -1.21 14.37
C ASP B 52 -7.20 -1.38 15.18
N GLY B 53 -7.10 -2.05 16.31
CA GLY B 53 -8.28 -2.43 17.06
C GLY B 53 -8.85 -3.73 16.55
N ARG B 54 -8.04 -4.42 15.75
CA ARG B 54 -8.43 -5.68 15.15
C ARG B 54 -7.30 -6.67 15.30
N THR B 55 -7.61 -7.95 15.23
CA THR B 55 -6.60 -8.99 15.32
C THR B 55 -6.27 -9.55 13.94
N LEU B 56 -5.23 -10.37 13.86
CA LEU B 56 -4.89 -11.04 12.61
C LEU B 56 -5.90 -12.15 12.32
N SER B 57 -6.48 -12.70 13.39
CA SER B 57 -7.52 -13.67 13.27
C SER B 57 -8.75 -13.07 12.58
N ASP B 58 -9.02 -11.80 12.88
CA ASP B 58 -10.19 -11.11 12.35
C ASP B 58 -10.21 -11.11 10.83
N TYR B 59 -9.12 -10.66 10.23
CA TYR B 59 -9.03 -10.56 8.78
C TYR B 59 -8.60 -11.89 8.16
N ASN B 60 -8.46 -12.91 9.01
CA ASN B 60 -7.94 -14.22 8.59
C ASN B 60 -6.61 -14.07 7.88
N ILE B 61 -5.61 -13.64 8.62
CA ILE B 61 -4.27 -13.48 8.10
C ILE B 61 -3.45 -14.73 8.39
N GLN B 62 -2.92 -15.35 7.33
CA GLN B 62 -2.12 -16.56 7.46
C GLN B 62 -0.76 -16.24 8.05
N LYS B 63 -0.06 -17.26 8.51
CA LYS B 63 1.29 -17.07 9.02
C LYS B 63 2.29 -17.11 7.88
N GLU B 64 3.46 -16.50 8.08
CA GLU B 64 4.48 -16.39 7.05
C GLU B 64 3.96 -15.53 5.90
N SER B 65 2.98 -14.69 6.21
CA SER B 65 2.34 -13.85 5.21
C SER B 65 3.16 -12.57 4.97
N THR B 66 2.87 -11.90 3.87
CA THR B 66 3.55 -10.65 3.53
C THR B 66 2.59 -9.47 3.66
N LEU B 67 2.98 -8.48 4.45
CA LEU B 67 2.18 -7.28 4.64
C LEU B 67 2.91 -6.07 4.09
N HIS B 68 2.20 -5.18 3.44
CA HIS B 68 2.77 -3.91 3.01
C HIS B 68 2.42 -2.81 4.00
N LEU B 69 3.42 -2.06 4.42
CA LEU B 69 3.22 -0.99 5.38
C LEU B 69 3.32 0.36 4.69
N VAL B 70 2.17 0.93 4.37
CA VAL B 70 2.11 2.26 3.76
C VAL B 70 1.88 3.30 4.84
N LEU B 71 2.70 4.33 4.84
CA LEU B 71 2.68 5.29 5.91
C LEU B 71 1.76 6.47 5.61
N ARG B 72 0.84 6.71 6.53
CA ARG B 72 0.01 7.91 6.51
C ARG B 72 0.89 9.09 6.89
N LEU B 73 1.13 10.00 5.95
CA LEU B 73 2.19 11.00 6.08
C LEU B 73 1.83 12.13 7.07
N ARG B 74 1.52 11.72 8.30
CA ARG B 74 1.27 12.62 9.43
C ARG B 74 0.40 13.81 9.04
N GLY B 75 -0.91 13.57 9.00
CA GLY B 75 -1.85 14.60 8.63
C GLY B 75 -3.25 14.05 8.53
N GLY B 76 -4.08 14.65 7.69
CA GLY B 76 -5.43 14.17 7.51
C GLY B 76 -5.45 12.92 6.65
N MET A 1 -1.18 18.68 -30.11
CA MET A 1 -2.53 18.37 -29.57
C MET A 1 -2.44 17.42 -28.38
N ALA A 2 -1.34 16.67 -28.31
CA ALA A 2 -1.18 15.67 -27.27
C ALA A 2 -0.48 16.26 -26.05
N SER A 3 -1.25 16.86 -25.18
CA SER A 3 -0.74 17.43 -23.94
C SER A 3 -1.46 16.85 -22.74
N LYS A 4 -0.75 16.73 -21.62
CA LYS A 4 -1.30 16.12 -20.40
C LYS A 4 -1.61 14.64 -20.63
N SER A 5 -0.58 13.82 -20.51
CA SER A 5 -0.72 12.39 -20.72
C SER A 5 -0.19 11.62 -19.51
N LYS A 6 0.87 12.15 -18.90
CA LYS A 6 1.47 11.57 -17.69
C LYS A 6 2.01 10.18 -17.95
N LYS A 7 2.33 9.47 -16.87
CA LYS A 7 2.86 8.12 -16.98
C LYS A 7 1.73 7.11 -17.05
N ARG A 8 2.03 5.92 -17.54
CA ARG A 8 1.04 4.86 -17.63
C ARG A 8 1.35 3.78 -16.61
N GLY A 9 0.33 3.17 -16.05
CA GLY A 9 0.53 2.12 -15.08
C GLY A 9 -0.49 1.02 -15.19
N ILE A 10 -0.07 -0.18 -14.84
CA ILE A 10 -0.96 -1.33 -14.79
C ILE A 10 -1.08 -1.81 -13.35
N VAL A 11 -2.25 -1.65 -12.77
CA VAL A 11 -2.47 -2.04 -11.38
C VAL A 11 -2.51 -3.57 -11.23
N GLN A 12 -1.79 -4.06 -10.23
CA GLN A 12 -1.64 -5.51 -10.04
C GLN A 12 -2.53 -6.03 -8.92
N TYR A 13 -2.72 -5.25 -7.87
CA TYR A 13 -3.49 -5.68 -6.72
C TYR A 13 -4.90 -5.11 -6.76
N ASP A 14 -5.85 -5.83 -6.18
CA ASP A 14 -7.22 -5.35 -6.06
C ASP A 14 -7.37 -4.54 -4.79
N PHE A 15 -7.15 -3.24 -4.90
CA PHE A 15 -7.14 -2.35 -3.75
C PHE A 15 -8.54 -1.86 -3.41
N MET A 16 -8.93 -2.05 -2.15
CA MET A 16 -10.21 -1.56 -1.67
C MET A 16 -10.02 -0.18 -1.03
N ALA A 17 -10.75 0.80 -1.54
CA ALA A 17 -10.59 2.17 -1.10
C ALA A 17 -11.46 2.48 0.13
N GLU A 18 -10.81 2.95 1.18
CA GLU A 18 -11.52 3.33 2.39
C GLU A 18 -12.21 4.67 2.20
N SER A 19 -11.41 5.71 2.07
CA SER A 19 -11.93 7.06 1.91
C SER A 19 -12.31 7.33 0.46
N GLN A 20 -12.98 8.46 0.23
CA GLN A 20 -13.37 8.83 -1.12
C GLN A 20 -12.18 9.41 -1.87
N ASP A 21 -11.18 9.85 -1.12
CA ASP A 21 -9.92 10.30 -1.70
C ASP A 21 -9.16 9.12 -2.30
N GLU A 22 -9.50 7.93 -1.83
CA GLU A 22 -8.89 6.71 -2.31
C GLU A 22 -9.71 6.14 -3.46
N LEU A 23 -9.09 5.31 -4.28
CA LEU A 23 -9.76 4.78 -5.47
C LEU A 23 -9.73 3.25 -5.49
N THR A 24 -10.91 2.65 -5.64
CA THR A 24 -11.02 1.20 -5.78
C THR A 24 -10.55 0.78 -7.16
N ILE A 25 -9.44 0.06 -7.21
CA ILE A 25 -8.86 -0.37 -8.47
C ILE A 25 -8.86 -1.88 -8.58
N LYS A 26 -9.06 -2.38 -9.79
CA LYS A 26 -9.14 -3.80 -10.04
C LYS A 26 -7.87 -4.29 -10.72
N SER A 27 -7.42 -5.49 -10.36
CA SER A 27 -6.24 -6.06 -10.98
C SER A 27 -6.43 -6.18 -12.50
N GLY A 28 -5.60 -5.47 -13.24
CA GLY A 28 -5.70 -5.48 -14.69
C GLY A 28 -6.21 -4.17 -15.26
N ASP A 29 -6.67 -3.28 -14.39
CA ASP A 29 -7.13 -1.96 -14.83
C ASP A 29 -5.97 -1.16 -15.42
N LYS A 30 -6.28 -0.36 -16.42
CA LYS A 30 -5.29 0.51 -17.02
C LYS A 30 -5.41 1.90 -16.42
N VAL A 31 -4.37 2.37 -15.77
CA VAL A 31 -4.42 3.65 -15.08
C VAL A 31 -3.31 4.58 -15.56
N TYR A 32 -3.60 5.88 -15.50
CA TYR A 32 -2.60 6.90 -15.76
C TYR A 32 -2.06 7.41 -14.44
N ILE A 33 -0.75 7.53 -14.35
CA ILE A 33 -0.10 7.99 -13.13
C ILE A 33 0.11 9.50 -13.22
N LEU A 34 -0.76 10.24 -12.55
CA LEU A 34 -0.71 11.70 -12.58
C LEU A 34 0.43 12.21 -11.69
N ASP A 35 0.31 11.95 -10.41
CA ASP A 35 1.32 12.38 -9.45
C ASP A 35 2.04 11.15 -8.90
N ASP A 36 3.37 11.14 -8.99
CA ASP A 36 4.15 9.96 -8.65
C ASP A 36 5.42 10.31 -7.85
N LYS A 37 5.93 11.52 -8.03
CA LYS A 37 7.19 11.89 -7.38
C LYS A 37 6.95 12.77 -6.16
N LYS A 38 5.80 13.44 -6.12
CA LYS A 38 5.45 14.31 -5.01
C LYS A 38 5.17 13.47 -3.77
N SER A 39 4.56 12.30 -3.98
CA SER A 39 4.28 11.37 -2.90
C SER A 39 4.60 9.96 -3.34
N LYS A 40 5.55 9.32 -2.66
CA LYS A 40 5.96 7.97 -3.03
C LYS A 40 5.12 6.93 -2.28
N ASP A 41 4.29 7.42 -1.38
CA ASP A 41 3.42 6.56 -0.58
C ASP A 41 2.15 6.24 -1.35
N TRP A 42 1.52 7.29 -1.86
CA TRP A 42 0.25 7.16 -2.56
C TRP A 42 0.32 7.93 -3.88
N TRP A 43 -0.04 7.24 -4.96
CA TRP A 43 0.00 7.84 -6.29
C TRP A 43 -1.39 8.24 -6.76
N MET A 44 -1.43 9.18 -7.70
CA MET A 44 -2.68 9.60 -8.30
C MET A 44 -2.94 8.79 -9.57
N CYS A 45 -3.82 7.82 -9.47
CA CYS A 45 -4.15 6.99 -10.62
C CYS A 45 -5.46 7.44 -11.24
N GLN A 46 -5.56 7.31 -12.56
CA GLN A 46 -6.79 7.61 -13.27
C GLN A 46 -7.22 6.41 -14.11
N LEU A 47 -8.45 5.95 -13.90
CA LEU A 47 -8.98 4.80 -14.62
C LEU A 47 -9.35 5.17 -16.05
N VAL A 48 -8.95 4.34 -17.00
CA VAL A 48 -9.30 4.56 -18.40
C VAL A 48 -10.80 4.33 -18.64
N ASP A 49 -11.37 3.35 -17.94
CA ASP A 49 -12.78 3.00 -18.09
C ASP A 49 -13.70 4.14 -17.70
N SER A 50 -13.77 4.42 -16.39
CA SER A 50 -14.66 5.45 -15.88
C SER A 50 -14.09 6.85 -16.13
N GLY A 51 -12.84 7.04 -15.75
CA GLY A 51 -12.23 8.35 -15.82
C GLY A 51 -12.00 8.93 -14.44
N LYS A 52 -12.38 8.16 -13.42
CA LYS A 52 -12.18 8.58 -12.03
C LYS A 52 -10.71 8.53 -11.65
N SER A 53 -10.34 9.33 -10.67
CA SER A 53 -8.98 9.32 -10.16
C SER A 53 -9.00 9.21 -8.64
N GLY A 54 -7.87 8.82 -8.07
CA GLY A 54 -7.79 8.70 -6.63
C GLY A 54 -6.42 8.23 -6.16
N LEU A 55 -6.20 8.32 -4.85
CA LEU A 55 -4.94 7.91 -4.25
C LEU A 55 -4.89 6.40 -4.07
N VAL A 56 -3.80 5.78 -4.51
CA VAL A 56 -3.60 4.35 -4.35
C VAL A 56 -2.14 4.06 -4.00
N PRO A 57 -1.88 2.90 -3.37
CA PRO A 57 -0.52 2.47 -3.03
C PRO A 57 0.41 2.45 -4.24
N ALA A 58 1.58 3.05 -4.10
CA ALA A 58 2.53 3.18 -5.20
C ALA A 58 3.00 1.81 -5.71
N GLN A 59 3.19 0.87 -4.81
CA GLN A 59 3.74 -0.43 -5.17
C GLN A 59 2.65 -1.39 -5.65
N PHE A 60 1.42 -0.88 -5.75
CA PHE A 60 0.31 -1.65 -6.29
C PHE A 60 0.18 -1.42 -7.79
N ILE A 61 0.95 -0.45 -8.28
CA ILE A 61 0.90 -0.08 -9.69
C ILE A 61 2.20 -0.45 -10.37
N GLU A 62 2.11 -1.20 -11.47
CA GLU A 62 3.28 -1.48 -12.29
C GLU A 62 3.37 -0.44 -13.38
N PRO A 63 4.34 0.48 -13.30
CA PRO A 63 4.53 1.52 -14.30
C PRO A 63 4.87 0.92 -15.65
N VAL A 64 4.14 1.33 -16.69
CA VAL A 64 4.35 0.78 -18.01
C VAL A 64 5.62 1.37 -18.63
N ARG A 65 6.74 0.82 -18.18
CA ARG A 65 8.07 1.24 -18.58
C ARG A 65 9.03 0.14 -18.17
N ASP A 66 8.97 -0.18 -16.89
CA ASP A 66 9.70 -1.30 -16.31
C ASP A 66 9.21 -1.52 -14.89
N LYS A 67 9.86 -2.41 -14.17
CA LYS A 67 9.43 -2.77 -12.82
C LYS A 67 9.63 -1.63 -11.81
N LYS A 68 10.50 -0.68 -12.17
CA LYS A 68 10.75 0.50 -11.33
C LYS A 68 11.27 0.08 -9.95
N HIS A 69 12.16 -0.90 -9.96
CA HIS A 69 12.66 -1.47 -8.72
C HIS A 69 14.00 -0.83 -8.33
N THR A 70 14.12 -0.49 -7.05
CA THR A 70 15.33 0.12 -6.47
C THR A 70 15.85 1.30 -7.28
N GLU A 71 15.42 2.50 -6.89
CA GLU A 71 15.82 3.71 -7.56
C GLU A 71 16.78 4.50 -6.67
N MET B 1 3.51 -16.44 15.34
CA MET B 1 4.07 -16.70 14.00
C MET B 1 4.99 -15.56 13.59
N GLN B 2 5.35 -15.54 12.32
CA GLN B 2 6.18 -14.48 11.78
C GLN B 2 5.54 -13.89 10.53
N ILE B 3 5.66 -12.59 10.37
CA ILE B 3 5.18 -11.92 9.16
C ILE B 3 6.31 -11.11 8.54
N PHE B 4 6.18 -10.81 7.26
CA PHE B 4 7.16 -9.99 6.58
C PHE B 4 6.59 -8.61 6.32
N VAL B 5 7.10 -7.63 7.06
CA VAL B 5 6.66 -6.26 6.89
C VAL B 5 7.45 -5.61 5.78
N LYS B 6 6.86 -5.55 4.60
CA LYS B 6 7.53 -5.01 3.43
C LYS B 6 7.02 -3.60 3.16
N THR B 7 7.89 -2.63 3.38
CA THR B 7 7.53 -1.23 3.24
C THR B 7 7.59 -0.78 1.79
N LEU B 8 7.39 0.51 1.57
CA LEU B 8 7.48 1.11 0.24
C LEU B 8 8.93 1.22 -0.20
N THR B 9 9.81 1.42 0.77
CA THR B 9 11.20 1.75 0.49
C THR B 9 12.06 0.49 0.37
N GLY B 10 11.43 -0.67 0.36
CA GLY B 10 12.15 -1.91 0.19
C GLY B 10 12.51 -2.57 1.50
N LYS B 11 12.50 -1.78 2.57
CA LYS B 11 12.84 -2.29 3.88
C LYS B 11 11.83 -3.35 4.32
N THR B 12 12.31 -4.56 4.51
CA THR B 12 11.45 -5.67 4.89
C THR B 12 11.94 -6.32 6.18
N ILE B 13 11.15 -6.20 7.23
CA ILE B 13 11.52 -6.78 8.52
C ILE B 13 10.66 -8.00 8.84
N THR B 14 11.28 -8.97 9.50
CA THR B 14 10.57 -10.15 9.96
C THR B 14 10.03 -9.90 11.36
N LEU B 15 8.70 -9.81 11.49
CA LEU B 15 8.09 -9.42 12.74
C LEU B 15 7.44 -10.61 13.42
N GLU B 16 7.77 -10.81 14.69
CA GLU B 16 7.18 -11.85 15.50
C GLU B 16 5.81 -11.43 16.03
N VAL B 17 4.78 -12.00 15.45
CA VAL B 17 3.41 -11.67 15.82
C VAL B 17 2.55 -12.92 15.81
N GLU B 18 1.50 -12.93 16.60
CA GLU B 18 0.63 -14.08 16.66
C GLU B 18 -0.74 -13.74 16.07
N SER B 19 -1.60 -14.74 15.94
CA SER B 19 -2.94 -14.52 15.40
C SER B 19 -3.73 -13.58 16.31
N SER B 20 -3.39 -13.61 17.60
CA SER B 20 -4.05 -12.78 18.60
C SER B 20 -3.50 -11.35 18.61
N ASP B 21 -2.42 -11.11 17.88
CA ASP B 21 -1.79 -9.80 17.84
C ASP B 21 -2.67 -8.80 17.10
N THR B 22 -2.92 -7.68 17.75
CA THR B 22 -3.67 -6.59 17.15
C THR B 22 -2.76 -5.77 16.26
N ILE B 23 -3.32 -5.16 15.24
CA ILE B 23 -2.56 -4.34 14.32
C ILE B 23 -1.82 -3.23 15.07
N ASP B 24 -2.51 -2.64 16.04
CA ASP B 24 -1.91 -1.62 16.90
C ASP B 24 -0.64 -2.15 17.58
N ASN B 25 -0.71 -3.39 18.09
CA ASN B 25 0.43 -3.97 18.78
C ASN B 25 1.55 -4.28 17.80
N VAL B 26 1.18 -4.77 16.62
CA VAL B 26 2.15 -5.02 15.57
C VAL B 26 2.87 -3.71 15.22
N LYS B 27 2.10 -2.63 15.14
CA LYS B 27 2.66 -1.30 14.88
C LYS B 27 3.68 -0.91 15.92
N SER B 28 3.35 -1.14 17.19
CA SER B 28 4.26 -0.79 18.28
C SER B 28 5.49 -1.70 18.30
N LYS B 29 5.32 -2.95 17.84
CA LYS B 29 6.45 -3.86 17.71
C LYS B 29 7.40 -3.36 16.63
N ILE B 30 6.82 -2.84 15.54
CA ILE B 30 7.60 -2.26 14.46
C ILE B 30 8.21 -0.93 14.93
N GLN B 31 7.47 -0.21 15.75
CA GLN B 31 7.94 1.06 16.31
C GLN B 31 9.12 0.82 17.26
N ASP B 32 9.20 -0.38 17.81
CA ASP B 32 10.34 -0.78 18.62
C ASP B 32 11.58 -0.98 17.74
N LYS B 33 11.35 -1.43 16.52
CA LYS B 33 12.44 -1.76 15.61
C LYS B 33 12.80 -0.57 14.72
N GLU B 34 11.86 -0.14 13.90
CA GLU B 34 12.10 0.91 12.91
C GLU B 34 11.81 2.29 13.50
N GLY B 35 10.98 2.33 14.52
CA GLY B 35 10.61 3.60 15.12
C GLY B 35 9.65 4.39 14.26
N ILE B 36 8.64 3.71 13.73
CA ILE B 36 7.66 4.35 12.88
C ILE B 36 6.35 4.60 13.64
N PRO B 37 5.82 5.83 13.58
CA PRO B 37 4.56 6.18 14.25
C PRO B 37 3.40 5.28 13.80
N PRO B 38 2.66 4.72 14.77
CA PRO B 38 1.52 3.83 14.51
C PRO B 38 0.42 4.49 13.67
N ASP B 39 0.33 5.81 13.77
CA ASP B 39 -0.64 6.59 13.00
C ASP B 39 -0.35 6.49 11.51
N GLN B 40 0.94 6.43 11.20
CA GLN B 40 1.40 6.47 9.83
C GLN B 40 1.31 5.10 9.17
N GLN B 41 1.48 4.06 9.96
CA GLN B 41 1.54 2.70 9.45
C GLN B 41 0.16 2.13 9.16
N ARG B 42 -0.08 1.74 7.91
CA ARG B 42 -1.25 0.93 7.58
C ARG B 42 -0.84 -0.25 6.72
N LEU B 43 -1.05 -1.44 7.25
CA LEU B 43 -0.70 -2.66 6.56
C LEU B 43 -1.79 -3.03 5.56
N ILE B 44 -1.39 -3.36 4.34
CA ILE B 44 -2.35 -3.80 3.35
C ILE B 44 -2.01 -5.21 2.88
N PHE B 45 -2.99 -6.10 2.97
CA PHE B 45 -2.82 -7.48 2.59
C PHE B 45 -3.91 -7.89 1.60
N ALA B 46 -3.50 -8.23 0.38
CA ALA B 46 -4.41 -8.72 -0.66
C ALA B 46 -5.46 -7.65 -1.01
N GLY B 47 -5.12 -6.39 -0.78
CA GLY B 47 -6.03 -5.32 -1.11
C GLY B 47 -6.81 -4.82 0.09
N LYS B 48 -6.78 -5.60 1.17
CA LYS B 48 -7.48 -5.22 2.39
C LYS B 48 -6.60 -4.33 3.25
N GLN B 49 -7.14 -3.20 3.68
CA GLN B 49 -6.42 -2.32 4.59
C GLN B 49 -6.67 -2.75 6.02
N LEU B 50 -5.61 -3.19 6.70
CA LEU B 50 -5.74 -3.69 8.06
C LEU B 50 -6.05 -2.55 9.03
N GLU B 51 -7.24 -2.59 9.60
CA GLU B 51 -7.68 -1.60 10.56
C GLU B 51 -6.83 -1.67 11.82
N ASP B 52 -6.63 -0.51 12.43
CA ASP B 52 -5.74 -0.38 13.59
C ASP B 52 -6.19 -1.25 14.76
N GLY B 53 -7.51 -1.37 14.94
CA GLY B 53 -8.03 -2.12 16.07
C GLY B 53 -8.45 -3.54 15.71
N ARG B 54 -7.86 -4.10 14.67
CA ARG B 54 -8.16 -5.47 14.27
C ARG B 54 -7.02 -6.41 14.62
N THR B 55 -7.27 -7.70 14.48
CA THR B 55 -6.25 -8.72 14.71
C THR B 55 -5.80 -9.32 13.40
N LEU B 56 -4.70 -10.06 13.43
CA LEU B 56 -4.21 -10.73 12.24
C LEU B 56 -5.11 -11.91 11.88
N SER B 57 -5.79 -12.45 12.88
CA SER B 57 -6.69 -13.57 12.68
C SER B 57 -7.93 -13.14 11.90
N ASP B 58 -8.37 -11.89 12.13
CA ASP B 58 -9.59 -11.38 11.51
C ASP B 58 -9.45 -11.29 9.99
N TYR B 59 -8.27 -10.94 9.52
CA TYR B 59 -8.02 -10.78 8.08
C TYR B 59 -7.54 -12.08 7.45
N ASN B 60 -7.44 -13.13 8.27
CA ASN B 60 -6.92 -14.42 7.83
C ASN B 60 -5.50 -14.27 7.29
N ILE B 61 -4.57 -14.04 8.22
CA ILE B 61 -3.18 -13.91 7.86
C ILE B 61 -2.41 -15.11 8.39
N GLN B 62 -1.69 -15.78 7.51
CA GLN B 62 -0.96 -16.99 7.86
C GLN B 62 0.52 -16.67 8.10
N LYS B 63 1.31 -17.70 8.35
CA LYS B 63 2.73 -17.50 8.61
C LYS B 63 3.47 -17.03 7.37
N GLU B 64 4.40 -16.11 7.57
CA GLU B 64 5.31 -15.67 6.53
C GLU B 64 4.58 -14.91 5.43
N SER B 65 3.40 -14.41 5.75
CA SER B 65 2.66 -13.56 4.84
C SER B 65 3.34 -12.21 4.72
N THR B 66 3.51 -11.74 3.50
CA THR B 66 4.13 -10.46 3.26
C THR B 66 3.10 -9.35 3.26
N LEU B 67 3.21 -8.47 4.24
CA LEU B 67 2.29 -7.35 4.36
C LEU B 67 2.90 -6.11 3.75
N HIS B 68 2.16 -5.45 2.87
CA HIS B 68 2.65 -4.23 2.25
C HIS B 68 2.33 -3.05 3.15
N LEU B 69 3.36 -2.47 3.75
CA LEU B 69 3.18 -1.35 4.65
C LEU B 69 3.10 -0.05 3.86
N VAL B 70 1.90 0.48 3.71
CA VAL B 70 1.69 1.76 3.08
C VAL B 70 1.47 2.81 4.17
N LEU B 71 2.17 3.91 4.03
CA LEU B 71 2.16 4.92 5.07
C LEU B 71 1.16 6.01 4.77
N ARG B 72 0.37 6.35 5.78
CA ARG B 72 -0.51 7.51 5.71
C ARG B 72 0.28 8.72 6.13
N LEU B 73 0.21 9.78 5.35
CA LEU B 73 1.00 10.99 5.63
C LEU B 73 0.50 11.65 6.90
N ARG B 74 1.10 11.26 8.02
CA ARG B 74 0.74 11.76 9.33
C ARG B 74 2.00 12.07 10.13
N GLY B 75 2.28 13.35 10.31
CA GLY B 75 3.44 13.76 11.08
C GLY B 75 3.20 13.62 12.57
N GLY B 76 3.19 12.40 13.06
CA GLY B 76 2.96 12.16 14.46
C GLY B 76 4.27 12.11 15.23
N MET A 1 1.25 16.92 -30.71
CA MET A 1 0.58 17.76 -29.69
C MET A 1 0.21 16.93 -28.46
N ALA A 2 1.05 16.99 -27.44
CA ALA A 2 0.80 16.26 -26.20
C ALA A 2 1.09 17.15 -25.01
N SER A 3 2.22 17.86 -25.06
CA SER A 3 2.66 18.75 -24.00
C SER A 3 2.67 18.03 -22.64
N LYS A 4 3.78 17.35 -22.36
CA LYS A 4 3.93 16.57 -21.13
C LYS A 4 2.91 15.43 -21.10
N SER A 5 3.31 14.30 -21.66
CA SER A 5 2.42 13.16 -21.75
C SER A 5 2.24 12.52 -20.38
N LYS A 6 1.07 11.93 -20.16
CA LYS A 6 0.78 11.26 -18.91
C LYS A 6 1.42 9.88 -18.92
N LYS A 7 1.80 9.40 -17.74
CA LYS A 7 2.45 8.12 -17.62
C LYS A 7 1.40 7.02 -17.50
N ARG A 8 1.77 5.80 -17.83
CA ARG A 8 0.83 4.70 -17.84
C ARG A 8 1.32 3.53 -17.00
N GLY A 9 0.40 2.90 -16.29
CA GLY A 9 0.74 1.77 -15.46
C GLY A 9 -0.43 0.83 -15.27
N ILE A 10 -0.22 -0.25 -14.53
CA ILE A 10 -1.29 -1.18 -14.19
C ILE A 10 -1.25 -1.48 -12.70
N VAL A 11 -2.43 -1.48 -12.07
CA VAL A 11 -2.53 -1.79 -10.66
C VAL A 11 -2.40 -3.30 -10.44
N GLN A 12 -1.43 -3.67 -9.62
CA GLN A 12 -1.07 -5.07 -9.45
C GLN A 12 -1.71 -5.67 -8.20
N TYR A 13 -1.94 -4.85 -7.19
CA TYR A 13 -2.49 -5.33 -5.93
C TYR A 13 -3.82 -4.67 -5.61
N ASP A 14 -4.59 -5.33 -4.77
CA ASP A 14 -5.91 -4.85 -4.37
C ASP A 14 -5.75 -3.78 -3.28
N PHE A 15 -6.30 -2.60 -3.51
CA PHE A 15 -6.19 -1.53 -2.54
C PHE A 15 -7.56 -0.93 -2.22
N MET A 16 -8.04 -1.18 -1.01
CA MET A 16 -9.26 -0.55 -0.54
C MET A 16 -8.93 0.75 0.18
N ALA A 17 -9.62 1.82 -0.18
CA ALA A 17 -9.39 3.11 0.42
C ALA A 17 -10.29 3.31 1.62
N GLU A 18 -9.85 4.15 2.56
CA GLU A 18 -10.65 4.47 3.73
C GLU A 18 -11.00 5.94 3.74
N SER A 19 -10.34 6.69 2.88
CA SER A 19 -10.59 8.12 2.73
C SER A 19 -11.00 8.42 1.29
N GLN A 20 -11.70 9.53 1.10
CA GLN A 20 -12.26 9.87 -0.21
C GLN A 20 -11.17 10.36 -1.18
N ASP A 21 -10.09 10.90 -0.64
CA ASP A 21 -8.99 11.41 -1.46
C ASP A 21 -8.21 10.25 -2.09
N GLU A 22 -8.30 9.08 -1.44
CA GLU A 22 -7.66 7.88 -1.96
C GLU A 22 -8.47 7.31 -3.11
N LEU A 23 -7.91 6.32 -3.79
CA LEU A 23 -8.60 5.66 -4.88
C LEU A 23 -8.61 4.16 -4.67
N THR A 24 -9.79 3.61 -4.36
CA THR A 24 -9.95 2.17 -4.24
C THR A 24 -9.72 1.49 -5.58
N ILE A 25 -8.57 0.85 -5.72
CA ILE A 25 -8.17 0.26 -6.99
C ILE A 25 -8.22 -1.25 -6.92
N LYS A 26 -8.70 -1.86 -7.99
CA LYS A 26 -8.78 -3.30 -8.07
C LYS A 26 -7.72 -3.83 -9.02
N SER A 27 -6.93 -4.79 -8.54
CA SER A 27 -5.83 -5.36 -9.30
C SER A 27 -6.26 -5.84 -10.68
N GLY A 28 -5.48 -5.47 -11.69
CA GLY A 28 -5.77 -5.91 -13.04
C GLY A 28 -6.25 -4.78 -13.95
N ASP A 29 -6.62 -3.66 -13.36
CA ASP A 29 -7.12 -2.53 -14.14
C ASP A 29 -5.95 -1.66 -14.60
N LYS A 30 -6.14 -0.98 -15.71
CA LYS A 30 -5.11 -0.11 -16.25
C LYS A 30 -5.29 1.30 -15.70
N VAL A 31 -4.20 1.94 -15.31
CA VAL A 31 -4.27 3.26 -14.70
C VAL A 31 -3.32 4.24 -15.37
N TYR A 32 -3.72 5.50 -15.40
CA TYR A 32 -2.87 6.57 -15.88
C TYR A 32 -2.23 7.28 -14.70
N ILE A 33 -0.91 7.33 -14.70
CA ILE A 33 -0.18 7.96 -13.62
C ILE A 33 -0.08 9.46 -13.86
N LEU A 34 -0.91 10.22 -13.15
CA LEU A 34 -0.92 11.66 -13.27
C LEU A 34 0.39 12.23 -12.75
N ASP A 35 0.80 11.75 -11.59
CA ASP A 35 2.10 12.10 -11.02
C ASP A 35 2.55 10.97 -10.12
N ASP A 36 3.85 10.71 -10.13
CA ASP A 36 4.42 9.59 -9.42
C ASP A 36 5.26 10.06 -8.24
N LYS A 37 5.55 11.36 -8.16
CA LYS A 37 6.47 11.83 -7.14
C LYS A 37 6.05 13.18 -6.57
N LYS A 38 4.75 13.47 -6.59
CA LYS A 38 4.21 14.59 -5.84
C LYS A 38 4.28 14.28 -4.35
N SER A 39 3.84 13.09 -4.00
CA SER A 39 3.96 12.60 -2.63
C SER A 39 5.06 11.55 -2.56
N LYS A 40 5.59 11.20 -3.74
CA LYS A 40 6.68 10.25 -3.89
C LYS A 40 6.27 8.81 -3.58
N ASP A 41 5.99 8.54 -2.30
CA ASP A 41 5.58 7.21 -1.87
C ASP A 41 4.11 6.98 -2.18
N TRP A 42 3.40 8.07 -2.41
CA TRP A 42 2.01 8.01 -2.82
C TRP A 42 1.86 8.59 -4.22
N TRP A 43 1.14 7.87 -5.06
CA TRP A 43 1.03 8.22 -6.47
C TRP A 43 -0.38 8.69 -6.81
N MET A 44 -0.50 9.42 -7.91
CA MET A 44 -1.80 9.87 -8.39
C MET A 44 -2.15 9.09 -9.65
N CYS A 45 -3.18 8.24 -9.56
CA CYS A 45 -3.55 7.40 -10.69
C CYS A 45 -5.00 7.60 -11.08
N GLN A 46 -5.27 7.45 -12.37
CA GLN A 46 -6.61 7.55 -12.91
C GLN A 46 -6.99 6.26 -13.63
N LEU A 47 -8.15 5.72 -13.30
CA LEU A 47 -8.64 4.52 -13.94
C LEU A 47 -8.99 4.81 -15.40
N VAL A 48 -8.58 3.93 -16.31
CA VAL A 48 -8.78 4.16 -17.75
C VAL A 48 -10.25 4.23 -18.13
N ASP A 49 -11.02 3.23 -17.72
CA ASP A 49 -12.42 3.12 -18.13
C ASP A 49 -13.27 4.21 -17.51
N SER A 50 -13.33 4.23 -16.19
CA SER A 50 -14.21 5.15 -15.47
C SER A 50 -13.67 6.58 -15.50
N GLY A 51 -12.36 6.72 -15.36
CA GLY A 51 -11.77 8.04 -15.32
C GLY A 51 -11.55 8.53 -13.90
N LYS A 52 -11.84 7.66 -12.94
CA LYS A 52 -11.69 8.00 -11.53
C LYS A 52 -10.22 8.17 -11.19
N SER A 53 -9.87 9.34 -10.68
CA SER A 53 -8.49 9.65 -10.35
C SER A 53 -8.36 9.89 -8.85
N GLY A 54 -7.32 9.32 -8.24
CA GLY A 54 -7.13 9.47 -6.81
C GLY A 54 -5.73 9.11 -6.37
N LEU A 55 -5.51 9.15 -5.06
CA LEU A 55 -4.20 8.86 -4.51
C LEU A 55 -4.09 7.37 -4.17
N VAL A 56 -2.99 6.76 -4.59
CA VAL A 56 -2.75 5.34 -4.35
C VAL A 56 -1.31 5.11 -3.90
N PRO A 57 -1.06 4.02 -3.16
CA PRO A 57 0.28 3.66 -2.72
C PRO A 57 1.17 3.17 -3.86
N ALA A 58 2.45 3.54 -3.82
CA ALA A 58 3.40 3.20 -4.88
C ALA A 58 3.58 1.70 -5.05
N GLN A 59 3.34 0.94 -3.98
CA GLN A 59 3.55 -0.51 -3.99
C GLN A 59 2.53 -1.25 -4.85
N PHE A 60 1.56 -0.53 -5.40
CA PHE A 60 0.44 -1.17 -6.06
C PHE A 60 0.42 -0.89 -7.56
N ILE A 61 1.27 0.01 -8.02
CA ILE A 61 1.27 0.40 -9.41
C ILE A 61 2.58 0.00 -10.10
N GLU A 62 2.45 -0.70 -11.22
CA GLU A 62 3.59 -1.04 -12.04
C GLU A 62 3.53 -0.26 -13.35
N PRO A 63 4.41 0.74 -13.52
CA PRO A 63 4.50 1.50 -14.78
C PRO A 63 4.83 0.59 -15.96
N VAL A 64 4.02 0.68 -17.00
CA VAL A 64 4.13 -0.23 -18.12
C VAL A 64 5.04 0.34 -19.21
N ARG A 65 6.00 1.15 -18.81
CA ARG A 65 6.99 1.66 -19.75
C ARG A 65 8.03 0.58 -20.04
N ASP A 66 7.69 -0.26 -21.02
CA ASP A 66 8.54 -1.37 -21.45
C ASP A 66 8.70 -2.43 -20.37
N LYS A 67 9.69 -2.25 -19.50
CA LYS A 67 9.98 -3.24 -18.47
C LYS A 67 10.51 -2.60 -17.19
N LYS A 68 10.80 -1.30 -17.23
CA LYS A 68 11.39 -0.57 -16.11
C LYS A 68 12.83 -0.99 -15.88
N HIS A 69 13.75 -0.06 -16.06
CA HIS A 69 15.17 -0.35 -15.90
C HIS A 69 15.66 0.09 -14.52
N THR A 70 15.41 -0.74 -13.52
CA THR A 70 15.87 -0.52 -12.16
C THR A 70 15.35 0.80 -11.59
N GLU A 71 14.04 0.91 -11.44
CA GLU A 71 13.42 2.09 -10.85
C GLU A 71 11.97 1.80 -10.53
N MET B 1 4.90 -16.56 15.21
CA MET B 1 5.19 -16.68 13.77
C MET B 1 5.79 -15.40 13.24
N GLN B 2 6.72 -15.53 12.31
CA GLN B 2 7.30 -14.38 11.67
C GLN B 2 6.39 -13.86 10.57
N ILE B 3 6.29 -12.55 10.47
CA ILE B 3 5.59 -11.92 9.36
C ILE B 3 6.56 -11.08 8.57
N PHE B 4 6.38 -11.06 7.27
CA PHE B 4 7.23 -10.26 6.40
C PHE B 4 6.52 -8.96 6.05
N VAL B 5 6.78 -7.93 6.84
CA VAL B 5 6.16 -6.64 6.61
C VAL B 5 7.03 -5.80 5.69
N LYS B 6 6.53 -5.61 4.48
CA LYS B 6 7.24 -4.86 3.47
C LYS B 6 6.77 -3.42 3.46
N THR B 7 7.65 -2.51 3.83
CA THR B 7 7.31 -1.11 3.92
C THR B 7 7.14 -0.52 2.53
N LEU B 8 6.45 0.62 2.45
CA LEU B 8 6.25 1.32 1.20
C LEU B 8 7.60 1.72 0.59
N THR B 9 8.55 2.02 1.46
CA THR B 9 9.87 2.42 1.03
C THR B 9 10.60 1.28 0.32
N GLY B 10 10.40 0.06 0.80
CA GLY B 10 10.94 -1.10 0.11
C GLY B 10 11.77 -1.96 1.03
N LYS B 11 11.23 -2.24 2.20
CA LYS B 11 11.97 -2.95 3.23
C LYS B 11 11.16 -4.13 3.74
N THR B 12 11.64 -5.33 3.47
CA THR B 12 11.01 -6.54 3.99
C THR B 12 11.49 -6.80 5.42
N ILE B 13 10.72 -6.36 6.39
CA ILE B 13 11.06 -6.53 7.79
C ILE B 13 10.49 -7.84 8.33
N THR B 14 11.29 -8.57 9.07
CA THR B 14 10.84 -9.82 9.67
C THR B 14 10.46 -9.59 11.12
N LEU B 15 9.17 -9.73 11.42
CA LEU B 15 8.67 -9.43 12.76
C LEU B 15 8.08 -10.69 13.40
N GLU B 16 8.40 -10.93 14.66
CA GLU B 16 7.89 -12.08 15.39
C GLU B 16 6.61 -11.72 16.14
N VAL B 17 5.48 -12.18 15.63
CA VAL B 17 4.18 -11.92 16.24
C VAL B 17 3.36 -13.20 16.29
N GLU B 18 2.16 -13.14 16.82
CA GLU B 18 1.32 -14.33 16.90
C GLU B 18 0.00 -14.09 16.17
N SER B 19 -0.58 -15.16 15.64
CA SER B 19 -1.83 -15.08 14.89
C SER B 19 -2.96 -14.48 15.74
N SER B 20 -2.87 -14.67 17.04
CA SER B 20 -3.87 -14.17 17.95
C SER B 20 -3.48 -12.81 18.54
N ASP B 21 -2.46 -12.20 17.96
CA ASP B 21 -2.01 -10.88 18.41
C ASP B 21 -2.89 -9.79 17.83
N THR B 22 -2.84 -8.62 18.44
CA THR B 22 -3.63 -7.49 17.99
C THR B 22 -2.88 -6.70 16.93
N ILE B 23 -3.63 -6.03 16.05
CA ILE B 23 -3.04 -5.15 15.07
C ILE B 23 -2.28 -4.03 15.78
N ASP B 24 -2.77 -3.67 16.95
CA ASP B 24 -2.16 -2.64 17.79
C ASP B 24 -0.74 -3.02 18.18
N ASN B 25 -0.58 -4.22 18.73
CA ASN B 25 0.73 -4.69 19.17
C ASN B 25 1.69 -4.79 17.99
N VAL B 26 1.21 -5.37 16.89
CA VAL B 26 2.03 -5.53 15.69
C VAL B 26 2.50 -4.17 15.18
N LYS B 27 1.59 -3.19 15.13
CA LYS B 27 1.93 -1.84 14.69
C LYS B 27 3.01 -1.23 15.55
N SER B 28 2.89 -1.42 16.86
CA SER B 28 3.85 -0.86 17.81
C SER B 28 5.23 -1.49 17.61
N LYS B 29 5.26 -2.78 17.34
CA LYS B 29 6.52 -3.49 17.14
C LYS B 29 7.16 -3.07 15.82
N ILE B 30 6.35 -2.69 14.84
CA ILE B 30 6.87 -2.16 13.59
C ILE B 30 7.38 -0.73 13.81
N GLN B 31 6.68 0.00 14.68
CA GLN B 31 7.09 1.34 15.08
C GLN B 31 8.46 1.30 15.74
N ASP B 32 8.74 0.20 16.42
CA ASP B 32 10.05 -0.01 17.04
C ASP B 32 11.16 -0.04 15.99
N LYS B 33 10.84 -0.55 14.81
CA LYS B 33 11.83 -0.75 13.77
C LYS B 33 11.99 0.51 12.91
N GLU B 34 10.91 0.95 12.28
CA GLU B 34 10.99 2.07 11.34
C GLU B 34 10.73 3.42 12.01
N GLY B 35 10.19 3.39 13.22
CA GLY B 35 9.89 4.62 13.93
C GLY B 35 8.73 5.36 13.32
N ILE B 36 7.75 4.62 12.83
CA ILE B 36 6.59 5.20 12.18
C ILE B 36 5.36 5.12 13.08
N PRO B 37 4.63 6.23 13.24
CA PRO B 37 3.39 6.27 14.05
C PRO B 37 2.40 5.16 13.68
N PRO B 38 1.88 4.44 14.68
CA PRO B 38 0.96 3.31 14.47
C PRO B 38 -0.36 3.74 13.83
N ASP B 39 -0.77 4.96 14.12
CA ASP B 39 -1.99 5.53 13.55
C ASP B 39 -1.79 5.84 12.07
N GLN B 40 -0.53 6.05 11.70
CA GLN B 40 -0.18 6.32 10.32
C GLN B 40 0.11 5.02 9.57
N GLN B 41 0.73 4.07 10.26
CA GLN B 41 1.04 2.77 9.68
C GLN B 41 -0.23 2.01 9.32
N ARG B 42 -0.39 1.74 8.02
CA ARG B 42 -1.55 1.01 7.54
C ARG B 42 -1.10 -0.27 6.84
N LEU B 43 -1.55 -1.40 7.35
CA LEU B 43 -1.14 -2.70 6.81
C LEU B 43 -2.20 -3.23 5.84
N ILE B 44 -1.74 -3.69 4.68
CA ILE B 44 -2.62 -4.30 3.69
C ILE B 44 -2.24 -5.76 3.47
N PHE B 45 -3.24 -6.64 3.56
CA PHE B 45 -3.05 -8.06 3.32
C PHE B 45 -4.10 -8.58 2.36
N ALA B 46 -3.66 -9.01 1.18
CA ALA B 46 -4.55 -9.55 0.15
C ALA B 46 -5.59 -8.52 -0.30
N GLY B 47 -5.30 -7.25 -0.03
CA GLY B 47 -6.22 -6.19 -0.40
C GLY B 47 -7.07 -5.73 0.77
N LYS B 48 -7.01 -6.48 1.86
CA LYS B 48 -7.77 -6.16 3.05
C LYS B 48 -6.98 -5.20 3.93
N GLN B 49 -7.62 -4.12 4.33
CA GLN B 49 -6.98 -3.14 5.21
C GLN B 49 -7.01 -3.65 6.65
N LEU B 50 -5.84 -3.75 7.25
CA LEU B 50 -5.73 -4.17 8.65
C LEU B 50 -5.98 -2.98 9.58
N GLU B 51 -7.16 -2.98 10.19
CA GLU B 51 -7.54 -1.89 11.07
C GLU B 51 -7.10 -2.20 12.49
N ASP B 52 -6.52 -1.20 13.13
CA ASP B 52 -5.92 -1.39 14.44
C ASP B 52 -6.99 -1.45 15.53
N GLY B 53 -6.76 -2.32 16.49
CA GLY B 53 -7.74 -2.59 17.50
C GLY B 53 -8.21 -4.03 17.42
N ARG B 54 -8.18 -4.57 16.21
CA ARG B 54 -8.56 -5.96 15.99
C ARG B 54 -7.35 -6.86 16.13
N THR B 55 -7.54 -8.15 15.91
CA THR B 55 -6.43 -9.10 15.96
C THR B 55 -6.09 -9.59 14.55
N LEU B 56 -4.96 -10.29 14.42
CA LEU B 56 -4.57 -10.87 13.15
C LEU B 56 -5.51 -12.01 12.77
N SER B 57 -6.16 -12.58 13.78
CA SER B 57 -7.12 -13.65 13.58
C SER B 57 -8.39 -13.13 12.92
N ASP B 58 -8.63 -11.82 13.05
CA ASP B 58 -9.80 -11.19 12.46
C ASP B 58 -9.79 -11.34 10.94
N TYR B 59 -8.59 -11.33 10.37
CA TYR B 59 -8.44 -11.49 8.93
C TYR B 59 -7.89 -12.87 8.60
N ASN B 60 -7.88 -13.74 9.61
CA ASN B 60 -7.38 -15.11 9.47
C ASN B 60 -5.99 -15.14 8.87
N ILE B 61 -5.10 -14.32 9.42
CA ILE B 61 -3.72 -14.25 8.94
C ILE B 61 -2.91 -15.40 9.50
N GLN B 62 -2.26 -16.15 8.61
CA GLN B 62 -1.50 -17.33 8.99
C GLN B 62 -0.05 -16.97 9.31
N LYS B 63 0.75 -18.00 9.58
CA LYS B 63 2.15 -17.83 9.90
C LYS B 63 2.96 -17.50 8.65
N GLU B 64 4.01 -16.67 8.81
CA GLU B 64 4.96 -16.40 7.72
C GLU B 64 4.30 -15.62 6.60
N SER B 65 3.24 -14.91 6.94
CA SER B 65 2.50 -14.12 5.96
C SER B 65 3.20 -12.80 5.65
N THR B 66 3.01 -12.29 4.44
CA THR B 66 3.56 -11.01 4.04
C THR B 66 2.52 -9.89 4.16
N LEU B 67 2.92 -8.82 4.82
CA LEU B 67 2.06 -7.64 4.95
C LEU B 67 2.73 -6.45 4.27
N HIS B 68 1.95 -5.59 3.63
CA HIS B 68 2.50 -4.38 3.04
C HIS B 68 2.16 -3.18 3.90
N LEU B 69 3.17 -2.41 4.26
CA LEU B 69 2.99 -1.25 5.12
C LEU B 69 2.90 0.02 4.30
N VAL B 70 1.69 0.57 4.21
CA VAL B 70 1.47 1.83 3.52
C VAL B 70 1.25 2.93 4.55
N LEU B 71 2.05 3.97 4.47
CA LEU B 71 1.96 5.08 5.40
C LEU B 71 0.77 5.96 5.08
N ARG B 72 0.06 6.40 6.11
CA ARG B 72 -1.07 7.31 5.95
C ARG B 72 -0.56 8.68 5.48
N LEU B 73 0.71 8.97 5.81
CA LEU B 73 1.35 10.22 5.42
C LEU B 73 0.54 11.42 5.93
N ARG B 74 0.11 11.33 7.18
CA ARG B 74 -0.68 12.38 7.78
C ARG B 74 0.24 13.46 8.35
N GLY B 75 0.84 14.22 7.45
CA GLY B 75 1.73 15.28 7.87
C GLY B 75 1.15 16.64 7.58
N GLY B 76 1.12 17.01 6.32
CA GLY B 76 0.56 18.28 5.91
C GLY B 76 0.34 18.33 4.42
N MET A 1 9.33 18.63 -17.17
CA MET A 1 9.25 17.67 -18.29
C MET A 1 7.91 16.96 -18.28
N ALA A 2 7.19 17.06 -19.39
CA ALA A 2 5.95 16.32 -19.56
C ALA A 2 6.23 15.04 -20.32
N SER A 3 5.94 13.91 -19.70
CA SER A 3 6.14 12.61 -20.34
C SER A 3 5.36 12.56 -21.65
N LYS A 4 4.04 12.67 -21.54
CA LYS A 4 3.17 12.77 -22.71
C LYS A 4 2.05 13.76 -22.38
N SER A 5 1.10 13.30 -21.57
CA SER A 5 0.10 14.17 -20.98
C SER A 5 -0.22 13.63 -19.60
N LYS A 6 -0.49 12.33 -19.55
CA LYS A 6 -0.59 11.60 -18.30
C LYS A 6 0.16 10.29 -18.45
N LYS A 7 0.65 9.73 -17.35
CA LYS A 7 1.43 8.49 -17.43
C LYS A 7 0.50 7.28 -17.44
N ARG A 8 1.04 6.13 -17.82
CA ARG A 8 0.27 4.90 -17.83
C ARG A 8 0.98 3.83 -17.01
N GLY A 9 0.21 3.05 -16.27
CA GLY A 9 0.79 2.02 -15.46
C GLY A 9 -0.12 0.83 -15.31
N ILE A 10 0.43 -0.26 -14.80
CA ILE A 10 -0.32 -1.47 -14.55
C ILE A 10 -0.39 -1.72 -13.06
N VAL A 11 -1.61 -1.87 -12.56
CA VAL A 11 -1.82 -2.15 -11.14
C VAL A 11 -1.49 -3.60 -10.82
N GLN A 12 -0.47 -3.78 -9.99
CA GLN A 12 0.08 -5.10 -9.69
C GLN A 12 -0.72 -5.81 -8.61
N TYR A 13 -1.20 -5.07 -7.63
CA TYR A 13 -1.92 -5.67 -6.51
C TYR A 13 -3.28 -5.00 -6.34
N ASP A 14 -4.26 -5.79 -5.90
CA ASP A 14 -5.59 -5.26 -5.63
C ASP A 14 -5.55 -4.38 -4.38
N PHE A 15 -6.42 -3.38 -4.34
CA PHE A 15 -6.50 -2.51 -3.18
C PHE A 15 -7.94 -2.10 -2.93
N MET A 16 -8.52 -2.61 -1.85
CA MET A 16 -9.88 -2.29 -1.48
C MET A 16 -9.89 -1.06 -0.58
N ALA A 17 -10.34 0.05 -1.13
CA ALA A 17 -10.31 1.33 -0.44
C ALA A 17 -11.43 1.44 0.60
N GLU A 18 -11.46 2.55 1.32
CA GLU A 18 -12.53 2.82 2.26
C GLU A 18 -12.89 4.30 2.22
N SER A 19 -11.89 5.15 2.14
CA SER A 19 -12.12 6.58 2.09
C SER A 19 -12.34 7.01 0.63
N GLN A 20 -12.75 8.25 0.43
CA GLN A 20 -12.91 8.80 -0.90
C GLN A 20 -11.55 9.19 -1.48
N ASP A 21 -10.56 9.32 -0.59
CA ASP A 21 -9.20 9.62 -1.00
C ASP A 21 -8.59 8.44 -1.74
N GLU A 22 -8.93 7.24 -1.30
CA GLU A 22 -8.35 6.04 -1.86
C GLU A 22 -9.17 5.55 -3.05
N LEU A 23 -8.49 4.93 -4.01
CA LEU A 23 -9.16 4.37 -5.18
C LEU A 23 -9.09 2.85 -5.15
N THR A 24 -10.24 2.22 -5.29
CA THR A 24 -10.31 0.76 -5.33
C THR A 24 -9.77 0.25 -6.66
N ILE A 25 -8.54 -0.23 -6.65
CA ILE A 25 -7.90 -0.73 -7.85
C ILE A 25 -7.89 -2.25 -7.89
N LYS A 26 -8.01 -2.80 -9.08
CA LYS A 26 -8.06 -4.24 -9.26
C LYS A 26 -6.83 -4.71 -10.02
N SER A 27 -6.14 -5.69 -9.48
CA SER A 27 -4.90 -6.21 -10.06
C SER A 27 -5.12 -6.64 -11.51
N GLY A 28 -4.35 -6.05 -12.41
CA GLY A 28 -4.47 -6.38 -13.83
C GLY A 28 -5.21 -5.33 -14.62
N ASP A 29 -5.72 -4.31 -13.94
CA ASP A 29 -6.46 -3.24 -14.59
C ASP A 29 -5.50 -2.24 -15.23
N LYS A 30 -6.05 -1.23 -15.90
CA LYS A 30 -5.24 -0.24 -16.59
C LYS A 30 -5.38 1.11 -15.88
N VAL A 31 -4.29 1.68 -15.40
CA VAL A 31 -4.38 2.92 -14.65
C VAL A 31 -3.54 4.04 -15.29
N TYR A 32 -4.12 5.23 -15.34
CA TYR A 32 -3.39 6.42 -15.72
C TYR A 32 -2.76 7.05 -14.49
N ILE A 33 -1.45 7.12 -14.48
CA ILE A 33 -0.74 7.71 -13.36
C ILE A 33 -0.73 9.23 -13.51
N LEU A 34 -1.55 9.89 -12.69
CA LEU A 34 -1.65 11.34 -12.72
C LEU A 34 -0.37 11.97 -12.20
N ASP A 35 0.16 11.38 -11.13
CA ASP A 35 1.45 11.77 -10.61
C ASP A 35 2.00 10.68 -9.72
N ASP A 36 3.31 10.49 -9.82
CA ASP A 36 4.02 9.47 -9.07
C ASP A 36 5.35 10.03 -8.57
N LYS A 37 5.45 11.35 -8.53
CA LYS A 37 6.72 12.00 -8.21
C LYS A 37 6.59 12.95 -7.02
N LYS A 38 5.44 13.60 -6.90
CA LYS A 38 5.24 14.59 -5.83
C LYS A 38 5.27 13.92 -4.46
N SER A 39 4.91 12.66 -4.43
CA SER A 39 4.95 11.89 -3.21
C SER A 39 5.60 10.53 -3.48
N LYS A 40 6.32 10.03 -2.49
CA LYS A 40 7.02 8.76 -2.63
C LYS A 40 6.13 7.63 -2.10
N ASP A 41 5.25 7.99 -1.17
CA ASP A 41 4.37 7.03 -0.51
C ASP A 41 3.13 6.68 -1.34
N TRP A 42 2.23 7.64 -1.49
CA TRP A 42 0.99 7.41 -2.23
C TRP A 42 1.06 8.07 -3.60
N TRP A 43 0.57 7.37 -4.60
CA TRP A 43 0.51 7.90 -5.95
C TRP A 43 -0.95 8.07 -6.35
N MET A 44 -1.21 8.87 -7.37
CA MET A 44 -2.57 9.05 -7.82
C MET A 44 -2.77 8.49 -9.22
N CYS A 45 -3.72 7.58 -9.35
CA CYS A 45 -3.98 6.93 -10.61
C CYS A 45 -5.44 7.10 -11.00
N GLN A 46 -5.73 6.85 -12.27
CA GLN A 46 -7.07 6.94 -12.79
C GLN A 46 -7.38 5.70 -13.63
N LEU A 47 -8.44 4.98 -13.26
CA LEU A 47 -8.85 3.81 -14.02
C LEU A 47 -9.22 4.22 -15.44
N VAL A 48 -8.57 3.60 -16.42
CA VAL A 48 -8.72 3.99 -17.82
C VAL A 48 -10.17 3.85 -18.29
N ASP A 49 -10.78 2.71 -18.00
CA ASP A 49 -12.12 2.44 -18.49
C ASP A 49 -13.17 3.27 -17.73
N SER A 50 -13.00 3.37 -16.42
CA SER A 50 -13.98 4.01 -15.58
C SER A 50 -13.81 5.53 -15.55
N GLY A 51 -12.58 5.98 -15.68
CA GLY A 51 -12.31 7.41 -15.60
C GLY A 51 -12.42 7.91 -14.16
N LYS A 52 -12.02 7.05 -13.22
CA LYS A 52 -12.10 7.39 -11.80
C LYS A 52 -10.69 7.51 -11.24
N SER A 53 -10.44 8.56 -10.47
CA SER A 53 -9.11 8.86 -9.97
C SER A 53 -9.05 8.81 -8.45
N GLY A 54 -7.90 8.46 -7.90
CA GLY A 54 -7.73 8.46 -6.46
C GLY A 54 -6.31 8.12 -6.05
N LEU A 55 -6.07 8.07 -4.74
CA LEU A 55 -4.76 7.78 -4.20
C LEU A 55 -4.59 6.28 -3.97
N VAL A 56 -3.43 5.76 -4.34
CA VAL A 56 -3.13 4.36 -4.17
C VAL A 56 -1.68 4.19 -3.70
N PRO A 57 -1.36 3.05 -3.06
CA PRO A 57 0.00 2.76 -2.62
C PRO A 57 0.98 2.64 -3.79
N ALA A 58 2.11 3.31 -3.68
CA ALA A 58 3.14 3.27 -4.71
C ALA A 58 3.60 1.85 -5.02
N GLN A 59 3.52 0.99 -4.01
CA GLN A 59 3.98 -0.39 -4.12
C GLN A 59 3.00 -1.25 -4.93
N PHE A 60 1.92 -0.65 -5.41
CA PHE A 60 0.88 -1.41 -6.08
C PHE A 60 0.82 -1.11 -7.57
N ILE A 61 1.61 -0.15 -8.03
CA ILE A 61 1.57 0.24 -9.44
C ILE A 61 2.92 0.05 -10.11
N GLU A 62 2.89 -0.46 -11.32
CA GLU A 62 4.08 -0.58 -12.14
C GLU A 62 3.96 0.32 -13.38
N PRO A 63 4.69 1.44 -13.41
CA PRO A 63 4.69 2.34 -14.55
C PRO A 63 5.18 1.66 -15.83
N VAL A 64 4.41 1.76 -16.89
CA VAL A 64 4.75 1.07 -18.12
C VAL A 64 5.36 2.03 -19.14
N ARG A 65 6.26 1.52 -19.97
CA ARG A 65 6.93 2.31 -20.97
C ARG A 65 7.08 1.51 -22.26
N ASP A 66 8.09 0.67 -22.32
CA ASP A 66 8.27 -0.24 -23.44
C ASP A 66 7.59 -1.56 -23.12
N LYS A 67 7.82 -2.02 -21.89
CA LYS A 67 7.25 -3.26 -21.39
C LYS A 67 7.40 -3.31 -19.87
N LYS A 68 6.56 -4.07 -19.20
CA LYS A 68 6.77 -4.30 -17.77
C LYS A 68 7.11 -5.76 -17.54
N HIS A 69 7.01 -6.56 -18.59
CA HIS A 69 7.46 -7.94 -18.53
C HIS A 69 8.96 -7.99 -18.81
N THR A 70 9.71 -8.56 -17.88
CA THR A 70 11.15 -8.63 -17.99
C THR A 70 11.69 -9.63 -16.96
N GLU A 71 13.00 -9.78 -16.90
CA GLU A 71 13.61 -10.69 -15.96
C GLU A 71 14.79 -10.01 -15.29
N MET B 1 2.64 -16.27 14.37
CA MET B 1 3.25 -16.43 13.03
C MET B 1 4.15 -15.26 12.70
N GLN B 2 5.08 -15.48 11.80
CA GLN B 2 5.88 -14.40 11.26
C GLN B 2 5.18 -13.78 10.07
N ILE B 3 5.14 -12.46 10.02
CA ILE B 3 4.62 -11.76 8.85
C ILE B 3 5.72 -10.89 8.25
N PHE B 4 5.84 -10.95 6.95
CA PHE B 4 6.88 -10.21 6.25
C PHE B 4 6.40 -8.82 5.90
N VAL B 5 6.82 -7.84 6.67
CA VAL B 5 6.40 -6.46 6.47
C VAL B 5 7.33 -5.77 5.47
N LYS B 6 6.88 -5.70 4.23
CA LYS B 6 7.61 -4.96 3.20
C LYS B 6 7.26 -3.49 3.30
N THR B 7 8.22 -2.69 3.74
CA THR B 7 7.99 -1.27 3.92
C THR B 7 8.07 -0.55 2.58
N LEU B 8 7.38 0.57 2.49
CA LEU B 8 7.34 1.36 1.26
C LEU B 8 8.73 1.92 0.94
N THR B 9 9.56 1.99 1.97
CA THR B 9 10.90 2.55 1.83
C THR B 9 11.85 1.54 1.18
N GLY B 10 11.36 0.34 0.91
CA GLY B 10 12.16 -0.67 0.24
C GLY B 10 12.83 -1.62 1.21
N LYS B 11 12.20 -1.85 2.35
CA LYS B 11 12.72 -2.79 3.33
C LYS B 11 11.76 -3.96 3.49
N THR B 12 12.20 -4.99 4.19
CA THR B 12 11.35 -6.11 4.51
C THR B 12 11.67 -6.61 5.92
N ILE B 13 10.76 -6.34 6.84
CA ILE B 13 10.97 -6.65 8.24
C ILE B 13 10.09 -7.82 8.67
N THR B 14 10.72 -8.94 8.99
CA THR B 14 10.00 -10.09 9.49
C THR B 14 9.52 -9.83 10.92
N LEU B 15 8.22 -9.74 11.09
CA LEU B 15 7.63 -9.45 12.39
C LEU B 15 6.87 -10.66 12.90
N GLU B 16 7.22 -11.12 14.09
CA GLU B 16 6.58 -12.28 14.68
C GLU B 16 5.43 -11.86 15.59
N VAL B 17 4.21 -12.20 15.19
CA VAL B 17 3.00 -11.78 15.89
C VAL B 17 1.98 -12.91 15.93
N GLU B 18 1.06 -12.87 16.87
CA GLU B 18 0.00 -13.86 16.96
C GLU B 18 -1.31 -13.27 16.46
N SER B 19 -2.27 -14.12 16.13
CA SER B 19 -3.54 -13.67 15.58
C SER B 19 -4.33 -12.88 16.63
N SER B 20 -3.98 -13.06 17.90
CA SER B 20 -4.60 -12.33 18.99
C SER B 20 -4.08 -10.89 19.07
N ASP B 21 -2.97 -10.63 18.38
CA ASP B 21 -2.41 -9.28 18.34
C ASP B 21 -3.30 -8.37 17.51
N THR B 22 -3.37 -7.11 17.91
CA THR B 22 -4.09 -6.12 17.14
C THR B 22 -3.15 -5.51 16.11
N ILE B 23 -3.71 -4.92 15.06
CA ILE B 23 -2.91 -4.18 14.09
C ILE B 23 -2.17 -3.07 14.82
N ASP B 24 -2.80 -2.60 15.89
CA ASP B 24 -2.25 -1.58 16.75
C ASP B 24 -0.97 -2.06 17.41
N ASN B 25 -1.01 -3.28 17.96
CA ASN B 25 0.14 -3.84 18.65
C ASN B 25 1.23 -4.23 17.67
N VAL B 26 0.82 -4.69 16.48
CA VAL B 26 1.79 -5.01 15.44
C VAL B 26 2.56 -3.75 15.05
N LYS B 27 1.83 -2.64 14.93
CA LYS B 27 2.45 -1.34 14.68
C LYS B 27 3.47 -1.03 15.77
N SER B 28 3.13 -1.33 17.00
CA SER B 28 4.00 -1.08 18.14
C SER B 28 5.30 -1.89 18.03
N LYS B 29 5.18 -3.13 17.55
CA LYS B 29 6.33 -4.00 17.42
C LYS B 29 7.23 -3.56 16.25
N ILE B 30 6.61 -2.93 15.25
CA ILE B 30 7.37 -2.34 14.15
C ILE B 30 7.99 -1.01 14.59
N GLN B 31 7.29 -0.32 15.48
CA GLN B 31 7.80 0.90 16.09
C GLN B 31 9.01 0.56 16.94
N ASP B 32 9.04 -0.65 17.49
CA ASP B 32 10.19 -1.14 18.24
C ASP B 32 11.37 -1.41 17.30
N LYS B 33 11.09 -1.51 16.01
CA LYS B 33 12.13 -1.77 15.02
C LYS B 33 12.77 -0.47 14.56
N GLU B 34 11.98 0.38 13.89
CA GLU B 34 12.52 1.61 13.29
C GLU B 34 12.13 2.84 14.09
N GLY B 35 11.16 2.71 14.98
CA GLY B 35 10.71 3.85 15.74
C GLY B 35 9.61 4.64 15.04
N ILE B 36 9.07 4.06 13.99
CA ILE B 36 8.01 4.69 13.22
C ILE B 36 6.71 4.68 14.03
N PRO B 37 6.10 5.86 14.23
CA PRO B 37 4.85 5.96 14.99
C PRO B 37 3.72 5.18 14.34
N PRO B 38 2.85 4.57 15.15
CA PRO B 38 1.74 3.74 14.67
C PRO B 38 0.75 4.49 13.78
N ASP B 39 0.64 5.80 14.00
CA ASP B 39 -0.33 6.61 13.29
C ASP B 39 0.00 6.67 11.80
N GLN B 40 1.27 6.90 11.47
CA GLN B 40 1.68 7.06 10.08
C GLN B 40 1.84 5.72 9.38
N GLN B 41 1.57 4.64 10.09
CA GLN B 41 1.70 3.30 9.53
C GLN B 41 0.36 2.76 9.08
N ARG B 42 0.27 2.38 7.82
CA ARG B 42 -0.91 1.71 7.31
C ARG B 42 -0.52 0.43 6.58
N LEU B 43 -1.04 -0.69 7.05
CA LEU B 43 -0.70 -2.00 6.48
C LEU B 43 -1.75 -2.42 5.46
N ILE B 44 -1.31 -2.95 4.34
CA ILE B 44 -2.20 -3.52 3.35
C ILE B 44 -1.83 -4.97 3.10
N PHE B 45 -2.77 -5.87 3.34
CA PHE B 45 -2.53 -7.29 3.17
C PHE B 45 -3.34 -7.82 1.98
N ALA B 46 -2.66 -7.95 0.84
CA ALA B 46 -3.27 -8.50 -0.38
C ALA B 46 -4.48 -7.69 -0.83
N GLY B 47 -4.55 -6.44 -0.42
CA GLY B 47 -5.65 -5.59 -0.81
C GLY B 47 -6.57 -5.23 0.34
N LYS B 48 -6.37 -5.91 1.46
CA LYS B 48 -7.18 -5.66 2.65
C LYS B 48 -6.64 -4.49 3.44
N GLN B 49 -7.54 -3.65 3.94
CA GLN B 49 -7.18 -2.50 4.77
C GLN B 49 -6.89 -2.95 6.20
N LEU B 50 -5.66 -2.74 6.66
CA LEU B 50 -5.28 -3.09 8.02
C LEU B 50 -4.81 -1.86 8.79
N GLU B 51 -5.70 -1.30 9.60
CA GLU B 51 -5.34 -0.19 10.47
C GLU B 51 -5.57 -0.58 11.92
N ASP B 52 -5.04 0.21 12.84
CA ASP B 52 -5.08 -0.13 14.25
C ASP B 52 -6.50 -0.08 14.80
N GLY B 53 -6.77 -0.95 15.76
CA GLY B 53 -8.12 -1.13 16.25
C GLY B 53 -8.60 -2.54 15.98
N ARG B 54 -8.30 -3.03 14.79
CA ARG B 54 -8.64 -4.39 14.40
C ARG B 54 -7.56 -5.35 14.88
N THR B 55 -7.91 -6.63 14.97
CA THR B 55 -6.94 -7.65 15.32
C THR B 55 -6.47 -8.38 14.07
N LEU B 56 -5.46 -9.24 14.23
CA LEU B 56 -5.00 -10.06 13.12
C LEU B 56 -5.99 -11.18 12.86
N SER B 57 -6.83 -11.46 13.86
CA SER B 57 -7.88 -12.45 13.74
C SER B 57 -9.09 -11.86 13.01
N ASP B 58 -9.25 -10.54 13.12
CA ASP B 58 -10.37 -9.83 12.49
C ASP B 58 -10.41 -10.11 10.99
N TYR B 59 -9.35 -9.74 10.30
CA TYR B 59 -9.26 -9.97 8.86
C TYR B 59 -8.76 -11.39 8.59
N ASN B 60 -8.26 -12.01 9.66
CA ASN B 60 -7.77 -13.39 9.63
C ASN B 60 -6.56 -13.53 8.70
N ILE B 61 -5.38 -13.36 9.29
CA ILE B 61 -4.13 -13.45 8.56
C ILE B 61 -3.47 -14.81 8.81
N GLN B 62 -2.83 -15.34 7.78
CA GLN B 62 -2.19 -16.64 7.87
C GLN B 62 -0.74 -16.50 8.35
N LYS B 63 0.00 -17.60 8.28
CA LYS B 63 1.39 -17.59 8.70
C LYS B 63 2.30 -17.30 7.53
N GLU B 64 3.38 -16.56 7.79
CA GLU B 64 4.42 -16.30 6.81
C GLU B 64 3.89 -15.47 5.64
N SER B 65 2.85 -14.70 5.93
CA SER B 65 2.22 -13.85 4.92
C SER B 65 3.01 -12.56 4.70
N THR B 66 2.86 -11.96 3.53
CA THR B 66 3.52 -10.70 3.22
C THR B 66 2.56 -9.52 3.36
N LEU B 67 2.97 -8.53 4.14
CA LEU B 67 2.20 -7.31 4.30
C LEU B 67 3.01 -6.13 3.79
N HIS B 68 2.35 -5.16 3.17
CA HIS B 68 3.04 -3.95 2.72
C HIS B 68 2.74 -2.79 3.64
N LEU B 69 3.79 -2.14 4.12
CA LEU B 69 3.65 -0.98 4.99
C LEU B 69 3.67 0.30 4.18
N VAL B 70 2.51 0.94 4.07
CA VAL B 70 2.39 2.20 3.38
C VAL B 70 2.23 3.32 4.41
N LEU B 71 3.13 4.28 4.35
CA LEU B 71 3.17 5.34 5.36
C LEU B 71 2.17 6.44 5.02
N ARG B 72 1.77 7.17 6.05
CA ARG B 72 0.89 8.31 5.92
C ARG B 72 1.68 9.58 6.20
N LEU B 73 1.30 10.67 5.56
CA LEU B 73 2.03 11.93 5.70
C LEU B 73 1.43 12.80 6.80
N ARG B 74 0.64 12.21 7.68
CA ARG B 74 0.07 12.96 8.79
C ARG B 74 1.01 12.92 9.99
N GLY B 75 1.89 13.90 10.05
CA GLY B 75 2.82 13.97 11.16
C GLY B 75 2.32 14.85 12.27
N GLY B 76 1.24 14.43 12.90
CA GLY B 76 0.64 15.20 13.97
C GLY B 76 -0.64 14.58 14.47
N MET A 1 -5.89 13.74 -32.18
CA MET A 1 -4.81 12.73 -32.28
C MET A 1 -4.03 12.65 -30.98
N ALA A 2 -3.19 11.62 -30.86
CA ALA A 2 -2.31 11.43 -29.70
C ALA A 2 -3.12 11.23 -28.42
N SER A 3 -3.34 9.97 -28.06
CA SER A 3 -4.11 9.64 -26.86
C SER A 3 -3.16 9.38 -25.69
N LYS A 4 -1.87 9.57 -25.94
CA LYS A 4 -0.85 9.37 -24.93
C LYS A 4 -0.64 10.66 -24.14
N SER A 5 -1.69 11.11 -23.48
CA SER A 5 -1.66 12.35 -22.71
C SER A 5 -0.70 12.23 -21.53
N LYS A 6 -0.83 11.14 -20.79
CA LYS A 6 -0.03 10.93 -19.59
C LYS A 6 0.41 9.48 -19.52
N LYS A 7 1.56 9.24 -18.89
CA LYS A 7 2.05 7.87 -18.71
C LYS A 7 1.01 7.00 -18.02
N ARG A 8 0.78 5.82 -18.56
CA ARG A 8 -0.22 4.91 -18.03
C ARG A 8 0.41 3.94 -17.04
N GLY A 9 -0.41 3.22 -16.31
CA GLY A 9 0.08 2.23 -15.38
C GLY A 9 -0.87 1.05 -15.26
N ILE A 10 -0.32 -0.11 -14.94
CA ILE A 10 -1.12 -1.29 -14.69
C ILE A 10 -0.89 -1.78 -13.26
N VAL A 11 -1.94 -1.85 -12.48
CA VAL A 11 -1.84 -2.22 -11.07
C VAL A 11 -1.68 -3.74 -10.89
N GLN A 12 -0.76 -4.12 -10.02
CA GLN A 12 -0.46 -5.53 -9.74
C GLN A 12 -1.56 -6.17 -8.89
N TYR A 13 -1.68 -5.70 -7.65
CA TYR A 13 -2.62 -6.28 -6.70
C TYR A 13 -3.91 -5.49 -6.66
N ASP A 14 -4.75 -5.81 -5.68
CA ASP A 14 -5.98 -5.04 -5.44
C ASP A 14 -5.70 -4.00 -4.37
N PHE A 15 -6.55 -2.98 -4.28
CA PHE A 15 -6.40 -1.96 -3.25
C PHE A 15 -7.77 -1.43 -2.81
N MET A 16 -8.17 -1.82 -1.61
CA MET A 16 -9.44 -1.37 -1.04
C MET A 16 -9.20 -0.14 -0.18
N ALA A 17 -9.59 1.02 -0.71
CA ALA A 17 -9.33 2.30 -0.05
C ALA A 17 -10.27 2.54 1.13
N GLU A 18 -9.84 3.37 2.05
CA GLU A 18 -10.65 3.72 3.21
C GLU A 18 -10.85 5.23 3.28
N SER A 19 -9.84 5.96 2.86
CA SER A 19 -9.89 7.41 2.89
C SER A 19 -10.37 7.95 1.55
N GLN A 20 -10.96 9.14 1.56
CA GLN A 20 -11.55 9.73 0.37
C GLN A 20 -10.48 10.19 -0.61
N ASP A 21 -9.25 10.31 -0.13
CA ASP A 21 -8.13 10.70 -0.98
C ASP A 21 -7.56 9.49 -1.71
N GLU A 22 -7.91 8.30 -1.25
CA GLU A 22 -7.40 7.06 -1.85
C GLU A 22 -8.32 6.59 -2.96
N LEU A 23 -7.81 5.72 -3.82
CA LEU A 23 -8.59 5.20 -4.94
C LEU A 23 -8.76 3.68 -4.82
N THR A 24 -9.99 3.24 -4.68
CA THR A 24 -10.29 1.81 -4.60
C THR A 24 -10.18 1.17 -5.98
N ILE A 25 -9.26 0.23 -6.12
CA ILE A 25 -8.98 -0.38 -7.43
C ILE A 25 -8.89 -1.91 -7.31
N LYS A 26 -9.02 -2.60 -8.44
CA LYS A 26 -8.85 -4.03 -8.49
C LYS A 26 -7.63 -4.38 -9.33
N SER A 27 -7.10 -5.57 -9.11
CA SER A 27 -5.96 -6.05 -9.87
C SER A 27 -6.34 -6.28 -11.34
N GLY A 28 -5.68 -5.54 -12.22
CA GLY A 28 -5.97 -5.66 -13.63
C GLY A 28 -6.67 -4.44 -14.19
N ASP A 29 -6.94 -3.47 -13.34
CA ASP A 29 -7.55 -2.22 -13.78
C ASP A 29 -6.51 -1.32 -14.43
N LYS A 30 -6.91 -0.64 -15.49
CA LYS A 30 -6.02 0.30 -16.18
C LYS A 30 -6.09 1.66 -15.50
N VAL A 31 -4.94 2.25 -15.24
CA VAL A 31 -4.89 3.58 -14.62
C VAL A 31 -3.92 4.50 -15.34
N TYR A 32 -4.21 5.79 -15.32
CA TYR A 32 -3.27 6.81 -15.75
C TYR A 32 -2.56 7.37 -14.53
N ILE A 33 -1.26 7.55 -14.62
CA ILE A 33 -0.48 8.03 -13.49
C ILE A 33 -0.31 9.55 -13.58
N LEU A 34 -1.01 10.26 -12.71
CA LEU A 34 -0.98 11.72 -12.70
C LEU A 34 0.31 12.22 -12.08
N ASP A 35 0.38 12.18 -10.75
CA ASP A 35 1.60 12.59 -10.06
C ASP A 35 2.45 11.37 -9.78
N ASP A 36 3.53 11.27 -10.55
CA ASP A 36 4.54 10.23 -10.39
C ASP A 36 5.89 10.90 -10.18
N LYS A 37 5.85 12.22 -10.09
CA LYS A 37 7.06 13.03 -10.05
C LYS A 37 7.47 13.34 -8.61
N LYS A 38 6.60 14.04 -7.91
CA LYS A 38 6.91 14.51 -6.57
C LYS A 38 6.76 13.39 -5.56
N SER A 39 5.63 12.71 -5.64
CA SER A 39 5.32 11.64 -4.71
C SER A 39 6.05 10.35 -5.13
N LYS A 40 6.71 9.72 -4.19
CA LYS A 40 7.42 8.47 -4.46
C LYS A 40 6.80 7.33 -3.68
N ASP A 41 6.15 7.67 -2.58
CA ASP A 41 5.49 6.70 -1.72
C ASP A 41 4.15 6.31 -2.31
N TRP A 42 3.39 7.31 -2.71
CA TRP A 42 2.08 7.12 -3.28
C TRP A 42 2.03 7.81 -4.62
N TRP A 43 1.21 7.32 -5.53
CA TRP A 43 1.06 7.96 -6.83
C TRP A 43 -0.40 8.32 -7.06
N MET A 44 -0.62 9.40 -7.80
CA MET A 44 -1.97 9.77 -8.16
C MET A 44 -2.35 9.05 -9.44
N CYS A 45 -3.49 8.38 -9.45
CA CYS A 45 -3.90 7.65 -10.63
C CYS A 45 -5.39 7.83 -10.91
N GLN A 46 -5.77 7.59 -12.15
CA GLN A 46 -7.15 7.67 -12.58
C GLN A 46 -7.51 6.43 -13.39
N LEU A 47 -8.57 5.76 -12.97
CA LEU A 47 -9.05 4.56 -13.65
C LEU A 47 -9.47 4.90 -15.09
N VAL A 48 -8.93 4.17 -16.04
CA VAL A 48 -9.22 4.39 -17.46
C VAL A 48 -10.68 4.03 -17.77
N ASP A 49 -11.17 3.02 -17.08
CA ASP A 49 -12.53 2.53 -17.32
C ASP A 49 -13.59 3.49 -16.78
N SER A 50 -13.59 3.68 -15.47
CA SER A 50 -14.63 4.45 -14.81
C SER A 50 -14.32 5.96 -14.80
N GLY A 51 -13.04 6.30 -14.74
CA GLY A 51 -12.66 7.70 -14.69
C GLY A 51 -12.50 8.19 -13.26
N LYS A 52 -12.41 7.27 -12.32
CA LYS A 52 -12.22 7.61 -10.92
C LYS A 52 -10.74 7.85 -10.63
N SER A 53 -10.44 8.94 -9.93
CA SER A 53 -9.05 9.27 -9.61
C SER A 53 -8.84 9.28 -8.10
N GLY A 54 -7.59 9.10 -7.69
CA GLY A 54 -7.26 9.08 -6.28
C GLY A 54 -5.82 8.68 -6.04
N LEU A 55 -5.46 8.50 -4.78
CA LEU A 55 -4.11 8.10 -4.40
C LEU A 55 -4.00 6.59 -4.28
N VAL A 56 -2.91 6.04 -4.81
CA VAL A 56 -2.62 4.61 -4.69
C VAL A 56 -1.16 4.40 -4.33
N PRO A 57 -0.85 3.32 -3.59
CA PRO A 57 0.53 3.00 -3.21
C PRO A 57 1.40 2.68 -4.43
N ALA A 58 2.58 3.30 -4.49
CA ALA A 58 3.45 3.18 -5.65
C ALA A 58 4.01 1.78 -5.83
N GLN A 59 3.90 0.95 -4.80
CA GLN A 59 4.42 -0.41 -4.86
C GLN A 59 3.47 -1.33 -5.63
N PHE A 60 2.28 -0.82 -5.94
CA PHE A 60 1.25 -1.63 -6.57
C PHE A 60 1.10 -1.30 -8.05
N ILE A 61 1.68 -0.18 -8.47
CA ILE A 61 1.49 0.29 -9.84
C ILE A 61 2.73 0.07 -10.69
N GLU A 62 2.52 -0.54 -11.86
CA GLU A 62 3.58 -0.69 -12.85
C GLU A 62 3.31 0.22 -14.04
N PRO A 63 4.05 1.33 -14.16
CA PRO A 63 3.93 2.24 -15.30
C PRO A 63 4.18 1.52 -16.63
N VAL A 64 3.33 1.80 -17.61
CA VAL A 64 3.36 1.05 -18.86
C VAL A 64 4.43 1.58 -19.82
N ARG A 65 5.63 1.73 -19.30
CA ARG A 65 6.82 1.87 -20.13
C ARG A 65 7.55 0.54 -20.10
N ASP A 66 7.54 -0.09 -18.94
CA ASP A 66 8.03 -1.44 -18.78
C ASP A 66 6.94 -2.42 -19.19
N LYS A 67 7.20 -3.70 -19.04
CA LYS A 67 6.23 -4.72 -19.43
C LYS A 67 5.67 -5.43 -18.22
N LYS A 68 5.59 -4.72 -17.10
CA LYS A 68 5.18 -5.29 -15.81
C LYS A 68 6.16 -6.36 -15.37
N HIS A 69 7.12 -5.97 -14.55
CA HIS A 69 8.15 -6.90 -14.09
C HIS A 69 8.86 -6.32 -12.87
N THR A 70 9.79 -5.41 -13.14
CA THR A 70 10.58 -4.76 -12.08
C THR A 70 11.16 -5.79 -11.10
N GLU A 71 12.20 -6.46 -11.53
CA GLU A 71 12.85 -7.50 -10.76
C GLU A 71 14.31 -7.60 -11.17
N MET B 1 4.07 -16.64 15.22
CA MET B 1 4.74 -16.90 13.93
C MET B 1 5.43 -15.66 13.44
N GLN B 2 6.13 -15.83 12.35
CA GLN B 2 6.89 -14.75 11.75
C GLN B 2 6.17 -14.22 10.53
N ILE B 3 6.00 -12.91 10.46
CA ILE B 3 5.38 -12.28 9.32
C ILE B 3 6.37 -11.34 8.64
N PHE B 4 6.25 -11.19 7.34
CA PHE B 4 7.15 -10.34 6.58
C PHE B 4 6.52 -8.97 6.37
N VAL B 5 6.94 -8.02 7.17
CA VAL B 5 6.47 -6.65 7.03
C VAL B 5 7.31 -5.94 5.97
N LYS B 6 6.77 -5.89 4.76
CA LYS B 6 7.46 -5.26 3.65
C LYS B 6 7.01 -3.80 3.57
N THR B 7 7.87 -2.92 4.06
CA THR B 7 7.55 -1.51 4.12
C THR B 7 7.54 -0.90 2.72
N LEU B 8 6.97 0.30 2.63
CA LEU B 8 6.96 1.05 1.39
C LEU B 8 8.39 1.38 0.97
N THR B 9 9.26 1.57 1.95
CA THR B 9 10.63 1.95 1.70
C THR B 9 11.43 0.79 1.08
N GLY B 10 11.01 -0.44 1.37
CA GLY B 10 11.70 -1.60 0.82
C GLY B 10 12.24 -2.53 1.89
N LYS B 11 12.05 -2.14 3.14
CA LYS B 11 12.49 -2.96 4.26
C LYS B 11 11.54 -4.12 4.48
N THR B 12 12.07 -5.33 4.43
CA THR B 12 11.27 -6.51 4.73
C THR B 12 11.63 -7.02 6.12
N ILE B 13 10.87 -6.59 7.11
CA ILE B 13 11.15 -6.91 8.50
C ILE B 13 10.36 -8.14 8.93
N THR B 14 11.07 -9.14 9.44
CA THR B 14 10.42 -10.35 9.91
C THR B 14 10.04 -10.21 11.38
N LEU B 15 8.74 -10.16 11.65
CA LEU B 15 8.24 -9.93 12.99
C LEU B 15 7.63 -11.20 13.58
N GLU B 16 8.06 -11.55 14.78
CA GLU B 16 7.47 -12.65 15.53
C GLU B 16 6.23 -12.14 16.27
N VAL B 17 5.07 -12.54 15.77
CA VAL B 17 3.79 -12.07 16.30
C VAL B 17 2.87 -13.26 16.58
N GLU B 18 1.64 -12.98 16.96
CA GLU B 18 0.66 -14.02 17.23
C GLU B 18 -0.57 -13.81 16.35
N SER B 19 -1.31 -14.87 16.10
CA SER B 19 -2.51 -14.78 15.25
C SER B 19 -3.58 -13.93 15.95
N SER B 20 -3.64 -14.03 17.27
CA SER B 20 -4.60 -13.27 18.06
C SER B 20 -4.02 -11.91 18.46
N ASP B 21 -2.85 -11.58 17.91
CA ASP B 21 -2.21 -10.30 18.18
C ASP B 21 -2.87 -9.24 17.32
N THR B 22 -3.14 -8.08 17.88
CA THR B 22 -3.90 -7.05 17.19
C THR B 22 -3.01 -6.25 16.24
N ILE B 23 -3.61 -5.74 15.17
CA ILE B 23 -2.91 -4.91 14.20
C ILE B 23 -2.25 -3.72 14.90
N ASP B 24 -2.91 -3.21 15.93
CA ASP B 24 -2.39 -2.10 16.71
C ASP B 24 -1.14 -2.51 17.48
N ASN B 25 -1.16 -3.73 18.00
CA ASN B 25 -0.03 -4.26 18.75
C ASN B 25 1.12 -4.57 17.80
N VAL B 26 0.80 -4.99 16.58
CA VAL B 26 1.81 -5.19 15.56
C VAL B 26 2.40 -3.84 15.14
N LYS B 27 1.54 -2.81 15.05
CA LYS B 27 1.99 -1.45 14.73
C LYS B 27 3.02 -0.96 15.73
N SER B 28 2.75 -1.18 17.01
CA SER B 28 3.66 -0.74 18.06
C SER B 28 4.95 -1.57 18.03
N LYS B 29 4.83 -2.84 17.66
CA LYS B 29 6.00 -3.69 17.48
C LYS B 29 6.92 -3.11 16.41
N ILE B 30 6.33 -2.69 15.29
CA ILE B 30 7.11 -2.12 14.20
C ILE B 30 7.70 -0.77 14.60
N GLN B 31 6.92 0.02 15.35
CA GLN B 31 7.37 1.32 15.83
C GLN B 31 8.60 1.18 16.72
N ASP B 32 8.69 0.05 17.42
CA ASP B 32 9.82 -0.23 18.30
C ASP B 32 11.14 -0.27 17.51
N LYS B 33 11.06 -0.53 16.21
CA LYS B 33 12.26 -0.62 15.38
C LYS B 33 12.67 0.75 14.83
N GLU B 34 11.88 1.29 13.91
CA GLU B 34 12.27 2.49 13.19
C GLU B 34 11.53 3.74 13.69
N GLY B 35 10.76 3.57 14.76
CA GLY B 35 10.07 4.70 15.36
C GLY B 35 8.93 5.21 14.51
N ILE B 36 8.36 4.34 13.69
CA ILE B 36 7.30 4.73 12.78
C ILE B 36 5.98 4.88 13.51
N PRO B 37 5.39 6.10 13.51
CA PRO B 37 4.11 6.37 14.18
C PRO B 37 3.00 5.43 13.71
N PRO B 38 2.22 4.88 14.66
CA PRO B 38 1.15 3.92 14.38
C PRO B 38 0.08 4.47 13.43
N ASP B 39 -0.23 5.76 13.57
CA ASP B 39 -1.26 6.40 12.75
C ASP B 39 -0.82 6.46 11.29
N GLN B 40 0.48 6.63 11.07
CA GLN B 40 1.04 6.70 9.73
C GLN B 40 1.06 5.33 9.08
N GLN B 41 1.12 4.30 9.91
CA GLN B 41 1.25 2.92 9.44
C GLN B 41 -0.08 2.37 8.95
N ARG B 42 -0.12 1.99 7.67
CA ARG B 42 -1.26 1.25 7.13
C ARG B 42 -0.80 -0.03 6.49
N LEU B 43 -1.21 -1.16 7.08
CA LEU B 43 -0.81 -2.46 6.57
C LEU B 43 -1.80 -2.95 5.52
N ILE B 44 -1.28 -3.33 4.37
CA ILE B 44 -2.11 -3.85 3.30
C ILE B 44 -1.73 -5.30 2.99
N PHE B 45 -2.68 -6.20 3.16
CA PHE B 45 -2.45 -7.62 2.90
C PHE B 45 -3.17 -8.03 1.63
N ALA B 46 -2.43 -8.07 0.52
CA ALA B 46 -2.97 -8.51 -0.77
C ALA B 46 -4.15 -7.66 -1.22
N GLY B 47 -4.26 -6.47 -0.66
CA GLY B 47 -5.35 -5.57 -1.02
C GLY B 47 -6.25 -5.28 0.16
N LYS B 48 -6.17 -6.12 1.18
CA LYS B 48 -6.99 -5.95 2.38
C LYS B 48 -6.43 -4.83 3.25
N GLN B 49 -7.32 -3.97 3.71
CA GLN B 49 -6.95 -2.86 4.58
C GLN B 49 -6.98 -3.30 6.04
N LEU B 50 -5.83 -3.28 6.69
CA LEU B 50 -5.71 -3.71 8.07
C LEU B 50 -5.99 -2.56 9.03
N GLU B 51 -7.11 -2.64 9.73
CA GLU B 51 -7.48 -1.66 10.73
C GLU B 51 -6.86 -2.00 12.07
N ASP B 52 -6.41 -0.99 12.79
CA ASP B 52 -5.80 -1.20 14.09
C ASP B 52 -6.87 -1.40 15.15
N GLY B 53 -6.87 -2.57 15.75
CA GLY B 53 -7.89 -2.93 16.71
C GLY B 53 -8.29 -4.37 16.54
N ARG B 54 -8.28 -4.83 15.30
CA ARG B 54 -8.55 -6.23 14.99
C ARG B 54 -7.27 -7.03 15.07
N THR B 55 -7.37 -8.34 14.87
CA THR B 55 -6.21 -9.21 14.97
C THR B 55 -5.74 -9.63 13.58
N LEU B 56 -4.67 -10.42 13.54
CA LEU B 56 -4.16 -10.95 12.28
C LEU B 56 -5.11 -12.02 11.74
N SER B 57 -5.80 -12.69 12.65
CA SER B 57 -6.72 -13.76 12.30
C SER B 57 -7.91 -13.21 11.50
N ASP B 58 -8.23 -11.94 11.74
CA ASP B 58 -9.37 -11.30 11.07
C ASP B 58 -9.15 -11.19 9.57
N TYR B 59 -7.87 -11.22 9.15
CA TYR B 59 -7.54 -11.10 7.74
C TYR B 59 -6.74 -12.31 7.25
N ASN B 60 -6.83 -13.41 8.01
CA ASN B 60 -6.19 -14.68 7.62
C ASN B 60 -4.68 -14.55 7.49
N ILE B 61 -4.10 -13.68 8.30
CA ILE B 61 -2.66 -13.42 8.25
C ILE B 61 -1.90 -14.54 8.96
N GLN B 62 -1.32 -15.42 8.18
CA GLN B 62 -0.59 -16.57 8.69
C GLN B 62 0.91 -16.30 8.67
N LYS B 63 1.72 -17.31 8.96
CA LYS B 63 3.17 -17.13 8.97
C LYS B 63 3.72 -16.96 7.56
N GLU B 64 4.74 -16.12 7.45
CA GLU B 64 5.42 -15.84 6.19
C GLU B 64 4.51 -15.08 5.23
N SER B 65 3.45 -14.49 5.76
CA SER B 65 2.58 -13.63 4.96
C SER B 65 3.23 -12.26 4.80
N THR B 66 3.12 -11.70 3.61
CA THR B 66 3.76 -10.42 3.32
C THR B 66 2.80 -9.26 3.56
N LEU B 67 2.97 -8.58 4.67
CA LEU B 67 2.17 -7.41 4.99
C LEU B 67 2.89 -6.16 4.49
N HIS B 68 2.25 -5.45 3.57
CA HIS B 68 2.83 -4.23 3.03
C HIS B 68 2.57 -3.07 3.97
N LEU B 69 3.63 -2.51 4.52
CA LEU B 69 3.50 -1.36 5.39
C LEU B 69 3.57 -0.09 4.57
N VAL B 70 2.41 0.41 4.21
CA VAL B 70 2.29 1.62 3.42
C VAL B 70 2.09 2.81 4.34
N LEU B 71 2.99 3.77 4.28
CA LEU B 71 2.95 4.90 5.17
C LEU B 71 2.13 6.03 4.57
N ARG B 72 1.24 6.60 5.37
CA ARG B 72 0.49 7.78 5.00
C ARG B 72 1.40 8.99 5.09
N LEU B 73 1.15 10.00 4.26
CA LEU B 73 2.00 11.17 4.21
C LEU B 73 1.70 12.13 5.37
N ARG B 74 1.06 11.61 6.41
CA ARG B 74 0.67 12.38 7.59
C ARG B 74 -0.41 13.40 7.25
N GLY B 75 -0.06 14.39 6.45
CA GLY B 75 -1.01 15.41 6.05
C GLY B 75 -1.02 15.58 4.54
N GLY B 76 -2.14 16.04 4.02
CA GLY B 76 -2.26 16.24 2.59
C GLY B 76 -3.54 16.96 2.24
N MET A 1 10.09 22.07 -22.20
CA MET A 1 8.87 22.91 -22.05
C MET A 1 7.94 22.33 -20.99
N ALA A 2 7.36 21.17 -21.26
CA ALA A 2 6.42 20.55 -20.33
C ALA A 2 6.24 19.08 -20.65
N SER A 3 6.17 18.28 -19.59
CA SER A 3 5.89 16.86 -19.73
C SER A 3 4.39 16.63 -19.74
N LYS A 4 3.82 16.61 -20.94
CA LYS A 4 2.37 16.52 -21.08
C LYS A 4 1.91 15.07 -21.02
N SER A 5 2.76 14.18 -21.48
CA SER A 5 2.43 12.76 -21.54
C SER A 5 2.38 12.16 -20.14
N LYS A 6 1.22 11.61 -19.79
CA LYS A 6 1.06 10.94 -18.52
C LYS A 6 1.61 9.52 -18.64
N LYS A 7 2.12 8.99 -17.54
CA LYS A 7 2.61 7.63 -17.54
C LYS A 7 1.42 6.69 -17.44
N ARG A 8 1.63 5.41 -17.70
CA ARG A 8 0.57 4.44 -17.56
C ARG A 8 1.04 3.30 -16.68
N GLY A 9 0.10 2.57 -16.12
CA GLY A 9 0.45 1.46 -15.28
C GLY A 9 -0.69 0.50 -15.09
N ILE A 10 -0.37 -0.69 -14.57
CA ILE A 10 -1.39 -1.68 -14.30
C ILE A 10 -1.39 -2.05 -12.82
N VAL A 11 -2.53 -1.91 -12.17
CA VAL A 11 -2.63 -2.17 -10.74
C VAL A 11 -2.54 -3.67 -10.44
N GLN A 12 -1.62 -4.02 -9.55
CA GLN A 12 -1.35 -5.40 -9.20
C GLN A 12 -2.37 -5.94 -8.21
N TYR A 13 -2.43 -5.33 -7.04
CA TYR A 13 -3.31 -5.78 -5.97
C TYR A 13 -4.72 -5.22 -6.15
N ASP A 14 -5.61 -5.58 -5.23
CA ASP A 14 -6.99 -5.11 -5.28
C ASP A 14 -7.24 -4.17 -4.11
N PHE A 15 -7.39 -2.88 -4.39
CA PHE A 15 -7.46 -1.87 -3.34
C PHE A 15 -8.86 -1.28 -3.21
N MET A 16 -9.44 -1.46 -2.03
CA MET A 16 -10.70 -0.83 -1.70
C MET A 16 -10.46 0.51 -1.01
N ALA A 17 -11.10 1.56 -1.48
CA ALA A 17 -10.92 2.89 -0.91
C ALA A 17 -12.10 3.27 -0.05
N GLU A 18 -11.87 4.15 0.92
CA GLU A 18 -12.94 4.61 1.79
C GLU A 18 -13.13 6.11 1.64
N SER A 19 -12.03 6.83 1.56
CA SER A 19 -12.07 8.28 1.48
C SER A 19 -12.18 8.72 0.02
N GLN A 20 -12.65 9.94 -0.20
CA GLN A 20 -12.82 10.46 -1.55
C GLN A 20 -11.48 10.80 -2.18
N ASP A 21 -10.47 10.98 -1.34
CA ASP A 21 -9.10 11.19 -1.82
C ASP A 21 -8.61 9.93 -2.51
N GLU A 22 -8.98 8.79 -1.96
CA GLU A 22 -8.47 7.50 -2.40
C GLU A 22 -9.28 6.99 -3.60
N LEU A 23 -8.70 6.05 -4.34
CA LEU A 23 -9.36 5.50 -5.52
C LEU A 23 -9.50 3.99 -5.40
N THR A 24 -10.73 3.51 -5.49
CA THR A 24 -11.00 2.07 -5.45
C THR A 24 -10.55 1.42 -6.75
N ILE A 25 -9.50 0.62 -6.69
CA ILE A 25 -8.90 0.04 -7.88
C ILE A 25 -8.93 -1.48 -7.82
N LYS A 26 -9.54 -2.10 -8.82
CA LYS A 26 -9.62 -3.55 -8.89
C LYS A 26 -8.36 -4.12 -9.52
N SER A 27 -7.95 -5.28 -9.02
CA SER A 27 -6.74 -5.95 -9.48
C SER A 27 -6.78 -6.18 -11.00
N GLY A 28 -5.71 -5.77 -11.67
CA GLY A 28 -5.56 -6.05 -13.09
C GLY A 28 -6.22 -5.01 -13.98
N ASP A 29 -6.62 -3.87 -13.42
CA ASP A 29 -7.28 -2.84 -14.21
C ASP A 29 -6.24 -1.94 -14.89
N LYS A 30 -6.72 -0.94 -15.62
CA LYS A 30 -5.87 -0.05 -16.40
C LYS A 30 -5.92 1.35 -15.83
N VAL A 31 -4.78 1.86 -15.37
CA VAL A 31 -4.75 3.18 -14.74
C VAL A 31 -3.73 4.11 -15.38
N TYR A 32 -4.11 5.38 -15.51
CA TYR A 32 -3.19 6.42 -15.90
C TYR A 32 -2.41 6.89 -14.69
N ILE A 33 -1.15 7.23 -14.87
CA ILE A 33 -0.33 7.72 -13.79
C ILE A 33 -0.14 9.22 -13.93
N LEU A 34 -0.78 9.97 -13.05
CA LEU A 34 -0.75 11.42 -13.09
C LEU A 34 0.52 11.92 -12.42
N ASP A 35 0.61 11.69 -11.12
CA ASP A 35 1.80 12.07 -10.36
C ASP A 35 2.20 10.91 -9.44
N ASP A 36 3.32 10.28 -9.76
CA ASP A 36 3.79 9.10 -9.02
C ASP A 36 4.83 9.47 -7.97
N LYS A 37 4.82 10.73 -7.57
CA LYS A 37 5.70 11.19 -6.50
C LYS A 37 5.02 12.30 -5.73
N LYS A 38 3.70 12.31 -5.84
CA LYS A 38 2.86 13.37 -5.31
C LYS A 38 2.92 13.39 -3.79
N SER A 39 2.74 12.24 -3.17
CA SER A 39 2.82 12.14 -1.72
C SER A 39 3.78 11.03 -1.33
N LYS A 40 4.61 10.62 -2.29
CA LYS A 40 5.62 9.57 -2.09
C LYS A 40 4.97 8.20 -1.86
N ASP A 41 4.25 8.08 -0.76
CA ASP A 41 3.62 6.82 -0.38
C ASP A 41 2.34 6.62 -1.17
N TRP A 42 1.71 7.72 -1.55
CA TRP A 42 0.47 7.70 -2.31
C TRP A 42 0.64 8.46 -3.62
N TRP A 43 0.13 7.87 -4.70
CA TRP A 43 0.28 8.45 -6.03
C TRP A 43 -1.08 8.84 -6.60
N MET A 44 -1.06 9.61 -7.68
CA MET A 44 -2.28 9.98 -8.38
C MET A 44 -2.46 9.07 -9.58
N CYS A 45 -3.56 8.32 -9.60
CA CYS A 45 -3.85 7.48 -10.74
C CYS A 45 -5.31 7.60 -11.15
N GLN A 46 -5.59 7.28 -12.40
CA GLN A 46 -6.93 7.42 -12.95
C GLN A 46 -7.35 6.17 -13.69
N LEU A 47 -8.53 5.65 -13.36
CA LEU A 47 -9.10 4.52 -14.09
C LEU A 47 -9.40 4.94 -15.51
N VAL A 48 -8.76 4.30 -16.48
CA VAL A 48 -8.87 4.67 -17.88
C VAL A 48 -10.32 4.65 -18.36
N ASP A 49 -11.07 3.65 -17.93
CA ASP A 49 -12.43 3.44 -18.41
C ASP A 49 -13.39 4.52 -17.93
N SER A 50 -13.46 4.72 -16.62
CA SER A 50 -14.45 5.60 -16.03
C SER A 50 -13.94 7.03 -15.91
N GLY A 51 -12.63 7.20 -15.79
CA GLY A 51 -12.08 8.53 -15.62
C GLY A 51 -11.87 8.88 -14.16
N LYS A 52 -12.20 7.95 -13.28
CA LYS A 52 -12.05 8.15 -11.84
C LYS A 52 -10.58 8.25 -11.46
N SER A 53 -10.19 9.37 -10.88
CA SER A 53 -8.82 9.58 -10.45
C SER A 53 -8.75 9.82 -8.95
N GLY A 54 -7.64 9.40 -8.33
CA GLY A 54 -7.49 9.56 -6.90
C GLY A 54 -6.14 9.06 -6.41
N LEU A 55 -5.99 8.99 -5.09
CA LEU A 55 -4.75 8.54 -4.47
C LEU A 55 -4.73 7.03 -4.36
N VAL A 56 -3.62 6.44 -4.78
CA VAL A 56 -3.44 5.00 -4.70
C VAL A 56 -2.08 4.67 -4.07
N PRO A 57 -1.97 3.51 -3.43
CA PRO A 57 -0.70 3.07 -2.83
C PRO A 57 0.37 2.79 -3.88
N ALA A 58 1.60 3.18 -3.57
CA ALA A 58 2.73 3.07 -4.50
C ALA A 58 2.95 1.64 -5.00
N GLN A 59 2.93 0.67 -4.08
CA GLN A 59 3.26 -0.73 -4.40
C GLN A 59 2.14 -1.41 -5.19
N PHE A 60 1.20 -0.65 -5.71
CA PHE A 60 0.06 -1.22 -6.41
C PHE A 60 0.16 -1.05 -7.92
N ILE A 61 0.87 -0.03 -8.37
CA ILE A 61 0.84 0.32 -9.78
C ILE A 61 2.11 -0.14 -10.50
N GLU A 62 1.97 -1.18 -11.33
CA GLU A 62 3.07 -1.67 -12.16
C GLU A 62 3.41 -0.64 -13.24
N PRO A 63 4.70 -0.37 -13.45
CA PRO A 63 5.17 0.45 -14.56
C PRO A 63 5.15 -0.37 -15.86
N VAL A 64 4.51 0.17 -16.88
CA VAL A 64 4.38 -0.54 -18.15
C VAL A 64 5.59 -0.33 -19.05
N ARG A 65 6.40 0.67 -18.75
CA ARG A 65 7.58 0.94 -19.56
C ARG A 65 8.75 1.36 -18.68
N ASP A 66 8.87 2.66 -18.45
CA ASP A 66 10.03 3.18 -17.72
C ASP A 66 9.66 4.40 -16.87
N LYS A 67 10.69 5.19 -16.53
CA LYS A 67 10.54 6.44 -15.79
C LYS A 67 10.34 6.20 -14.30
N LYS A 68 9.38 5.34 -13.97
CA LYS A 68 9.06 5.05 -12.59
C LYS A 68 10.18 4.27 -11.92
N HIS A 69 10.72 3.27 -12.62
CA HIS A 69 11.78 2.46 -12.06
C HIS A 69 13.11 2.72 -12.76
N THR A 70 13.88 3.63 -12.20
CA THR A 70 15.23 3.88 -12.67
C THR A 70 16.19 3.87 -11.50
N GLU A 71 16.77 2.70 -11.24
CA GLU A 71 17.65 2.52 -10.10
C GLU A 71 19.06 2.20 -10.60
N MET B 1 4.06 -16.40 14.50
CA MET B 1 4.36 -16.55 13.06
C MET B 1 5.20 -15.38 12.57
N GLN B 2 6.01 -15.65 11.56
CA GLN B 2 6.78 -14.62 10.92
C GLN B 2 5.91 -13.89 9.90
N ILE B 3 5.87 -12.58 10.00
CA ILE B 3 5.29 -11.76 8.96
C ILE B 3 6.36 -10.83 8.40
N PHE B 4 6.41 -10.72 7.10
CA PHE B 4 7.40 -9.89 6.45
C PHE B 4 6.87 -8.49 6.25
N VAL B 5 7.43 -7.54 6.99
CA VAL B 5 7.06 -6.16 6.87
C VAL B 5 7.81 -5.53 5.70
N LYS B 6 7.14 -5.45 4.57
CA LYS B 6 7.72 -4.93 3.36
C LYS B 6 7.27 -3.50 3.15
N THR B 7 8.15 -2.56 3.49
CA THR B 7 7.80 -1.16 3.53
C THR B 7 7.77 -0.53 2.14
N LEU B 8 7.32 0.71 2.10
CA LEU B 8 7.26 1.46 0.86
C LEU B 8 8.65 1.94 0.46
N THR B 9 9.58 1.86 1.42
CA THR B 9 10.95 2.27 1.20
C THR B 9 11.82 1.13 0.68
N GLY B 10 11.24 -0.07 0.62
CA GLY B 10 11.96 -1.21 0.08
C GLY B 10 12.58 -2.08 1.17
N LYS B 11 12.20 -1.84 2.41
CA LYS B 11 12.68 -2.66 3.52
C LYS B 11 11.82 -3.90 3.66
N THR B 12 12.45 -5.02 3.98
CA THR B 12 11.74 -6.25 4.24
C THR B 12 12.25 -6.91 5.51
N ILE B 13 11.59 -6.61 6.62
CA ILE B 13 12.00 -7.11 7.92
C ILE B 13 11.04 -8.16 8.44
N THR B 14 11.56 -9.08 9.23
CA THR B 14 10.78 -10.17 9.77
C THR B 14 10.27 -9.84 11.16
N LEU B 15 8.96 -9.95 11.34
CA LEU B 15 8.34 -9.65 12.61
C LEU B 15 7.65 -10.89 13.18
N GLU B 16 8.00 -11.24 14.41
CA GLU B 16 7.38 -12.37 15.09
C GLU B 16 6.10 -11.94 15.79
N VAL B 17 4.97 -12.33 15.22
CA VAL B 17 3.66 -11.95 15.75
C VAL B 17 2.81 -13.17 16.02
N GLU B 18 2.02 -13.12 17.07
CA GLU B 18 1.13 -14.23 17.40
C GLU B 18 -0.18 -14.05 16.66
N SER B 19 -0.87 -15.15 16.38
CA SER B 19 -2.13 -15.09 15.64
C SER B 19 -3.19 -14.34 16.44
N SER B 20 -2.96 -14.19 17.74
CA SER B 20 -3.89 -13.53 18.63
C SER B 20 -3.55 -12.04 18.77
N ASP B 21 -2.43 -11.63 18.16
CA ASP B 21 -2.00 -10.24 18.23
C ASP B 21 -2.98 -9.34 17.50
N THR B 22 -3.18 -8.15 18.04
CA THR B 22 -4.01 -7.16 17.40
C THR B 22 -3.18 -6.31 16.46
N ILE B 23 -3.83 -5.68 15.49
CA ILE B 23 -3.14 -4.87 14.50
C ILE B 23 -2.42 -3.69 15.17
N ASP B 24 -2.99 -3.17 16.25
CA ASP B 24 -2.38 -2.05 16.97
C ASP B 24 -1.12 -2.51 17.68
N ASN B 25 -1.10 -3.77 18.09
CA ASN B 25 0.07 -4.34 18.74
C ASN B 25 1.16 -4.52 17.71
N VAL B 26 0.79 -5.02 16.53
CA VAL B 26 1.74 -5.20 15.44
C VAL B 26 2.33 -3.84 15.02
N LYS B 27 1.49 -2.81 14.97
CA LYS B 27 1.96 -1.45 14.72
C LYS B 27 3.00 -1.05 15.75
N SER B 28 2.73 -1.35 17.00
CA SER B 28 3.62 -1.03 18.09
C SER B 28 4.89 -1.88 18.01
N LYS B 29 4.78 -3.08 17.46
CA LYS B 29 5.94 -3.95 17.27
C LYS B 29 6.89 -3.32 16.26
N ILE B 30 6.34 -2.70 15.23
CA ILE B 30 7.16 -2.02 14.24
C ILE B 30 7.75 -0.73 14.83
N GLN B 31 7.01 -0.12 15.76
CA GLN B 31 7.52 1.02 16.50
C GLN B 31 8.70 0.59 17.37
N ASP B 32 8.61 -0.64 17.89
CA ASP B 32 9.66 -1.25 18.67
C ASP B 32 10.88 -1.57 17.80
N LYS B 33 10.62 -1.94 16.54
CA LYS B 33 11.68 -2.29 15.61
C LYS B 33 12.29 -1.05 14.96
N GLU B 34 11.53 -0.40 14.08
CA GLU B 34 12.05 0.70 13.26
C GLU B 34 11.73 2.06 13.86
N GLY B 35 10.87 2.09 14.86
CA GLY B 35 10.52 3.34 15.51
C GLY B 35 9.54 4.16 14.70
N ILE B 36 8.57 3.49 14.10
CA ILE B 36 7.58 4.18 13.29
C ILE B 36 6.26 4.31 14.06
N PRO B 37 5.70 5.53 14.12
CA PRO B 37 4.45 5.80 14.84
C PRO B 37 3.29 4.93 14.35
N PRO B 38 2.56 4.30 15.28
CA PRO B 38 1.46 3.39 14.95
C PRO B 38 0.37 4.06 14.11
N ASP B 39 0.00 5.28 14.48
CA ASP B 39 -1.07 6.00 13.80
C ASP B 39 -0.64 6.49 12.43
N GLN B 40 0.64 6.37 12.12
CA GLN B 40 1.17 6.79 10.84
C GLN B 40 1.28 5.59 9.90
N GLN B 41 1.08 4.40 10.43
CA GLN B 41 1.28 3.20 9.64
C GLN B 41 -0.05 2.63 9.16
N ARG B 42 -0.14 2.39 7.85
CA ARG B 42 -1.27 1.70 7.27
C ARG B 42 -0.78 0.40 6.62
N LEU B 43 -1.18 -0.72 7.19
CA LEU B 43 -0.73 -2.02 6.71
C LEU B 43 -1.65 -2.55 5.63
N ILE B 44 -1.07 -2.89 4.49
CA ILE B 44 -1.84 -3.45 3.38
C ILE B 44 -1.44 -4.91 3.15
N PHE B 45 -2.43 -5.79 3.19
CA PHE B 45 -2.19 -7.20 2.92
C PHE B 45 -3.08 -7.66 1.76
N ALA B 46 -2.45 -8.01 0.64
CA ALA B 46 -3.14 -8.46 -0.57
C ALA B 46 -4.10 -7.41 -1.12
N GLY B 47 -3.93 -6.17 -0.68
CA GLY B 47 -4.78 -5.09 -1.14
C GLY B 47 -5.78 -4.65 -0.08
N LYS B 48 -5.92 -5.45 0.97
CA LYS B 48 -6.84 -5.14 2.04
C LYS B 48 -6.11 -4.40 3.16
N GLN B 49 -6.75 -3.38 3.71
CA GLN B 49 -6.14 -2.57 4.75
C GLN B 49 -6.35 -3.17 6.13
N LEU B 50 -5.29 -3.18 6.92
CA LEU B 50 -5.36 -3.64 8.30
C LEU B 50 -5.58 -2.46 9.25
N GLU B 51 -6.81 -2.30 9.71
CA GLU B 51 -7.14 -1.27 10.66
C GLU B 51 -6.75 -1.72 12.07
N ASP B 52 -6.14 -0.83 12.84
CA ASP B 52 -5.73 -1.18 14.20
C ASP B 52 -6.95 -1.30 15.10
N GLY B 53 -6.96 -2.34 15.92
CA GLY B 53 -8.09 -2.59 16.79
C GLY B 53 -8.50 -4.05 16.76
N ARG B 54 -8.55 -4.60 15.56
CA ARG B 54 -8.89 -6.02 15.39
C ARG B 54 -7.62 -6.87 15.42
N THR B 55 -7.79 -8.19 15.38
CA THR B 55 -6.65 -9.09 15.47
C THR B 55 -6.18 -9.53 14.09
N LEU B 56 -5.05 -10.22 14.05
CA LEU B 56 -4.53 -10.79 12.82
C LEU B 56 -5.48 -11.87 12.30
N SER B 57 -6.19 -12.51 13.24
CA SER B 57 -7.15 -13.55 12.91
C SER B 57 -8.34 -12.96 12.14
N ASP B 58 -8.77 -11.77 12.54
CA ASP B 58 -9.91 -11.11 11.92
C ASP B 58 -9.68 -10.87 10.44
N TYR B 59 -8.46 -10.50 10.08
CA TYR B 59 -8.12 -10.20 8.70
C TYR B 59 -7.67 -11.46 7.96
N ASN B 60 -7.75 -12.60 8.64
CA ASN B 60 -7.47 -13.90 8.06
C ASN B 60 -6.03 -13.98 7.55
N ILE B 61 -5.11 -13.47 8.34
CA ILE B 61 -3.70 -13.47 7.98
C ILE B 61 -3.06 -14.83 8.29
N GLN B 62 -2.32 -15.36 7.33
CA GLN B 62 -1.71 -16.68 7.48
C GLN B 62 -0.24 -16.55 7.87
N LYS B 63 0.39 -17.69 8.16
CA LYS B 63 1.78 -17.73 8.60
C LYS B 63 2.72 -17.35 7.46
N GLU B 64 3.83 -16.69 7.79
CA GLU B 64 4.88 -16.38 6.82
C GLU B 64 4.37 -15.42 5.75
N SER B 65 3.38 -14.63 6.13
CA SER B 65 2.75 -13.70 5.20
C SER B 65 3.61 -12.46 4.98
N THR B 66 3.31 -11.71 3.92
CA THR B 66 4.06 -10.52 3.60
C THR B 66 3.11 -9.31 3.50
N LEU B 67 3.35 -8.33 4.37
CA LEU B 67 2.50 -7.15 4.43
C LEU B 67 3.26 -5.95 3.87
N HIS B 68 2.54 -5.07 3.18
CA HIS B 68 3.15 -3.86 2.65
C HIS B 68 2.81 -2.67 3.56
N LEU B 69 3.83 -1.92 3.92
CA LEU B 69 3.64 -0.77 4.79
C LEU B 69 3.56 0.53 3.98
N VAL B 70 2.36 1.09 3.91
CA VAL B 70 2.16 2.39 3.28
C VAL B 70 1.84 3.40 4.38
N LEU B 71 2.55 4.51 4.39
CA LEU B 71 2.42 5.45 5.47
C LEU B 71 1.25 6.41 5.29
N ARG B 72 0.71 6.83 6.41
CA ARG B 72 -0.31 7.85 6.46
C ARG B 72 0.37 9.21 6.44
N LEU B 73 -0.24 10.19 5.80
CA LEU B 73 0.38 11.50 5.64
C LEU B 73 0.34 12.30 6.94
N ARG B 74 -0.12 11.67 8.01
CA ARG B 74 -0.10 12.25 9.34
C ARG B 74 0.17 11.17 10.37
N GLY B 75 0.68 11.56 11.54
CA GLY B 75 0.91 10.63 12.61
C GLY B 75 0.29 11.09 13.91
N GLY B 76 -0.24 12.30 13.89
CA GLY B 76 -0.84 12.88 15.07
C GLY B 76 -1.08 14.37 14.89
N MET A 1 6.26 15.59 -26.53
CA MET A 1 6.42 14.54 -25.50
C MET A 1 6.18 15.11 -24.10
N ALA A 2 5.40 14.38 -23.30
CA ALA A 2 5.19 14.71 -21.89
C ALA A 2 4.44 16.02 -21.72
N SER A 3 3.71 16.43 -22.76
CA SER A 3 2.92 17.64 -22.70
C SER A 3 1.44 17.29 -22.72
N LYS A 4 0.80 17.42 -21.55
CA LYS A 4 -0.62 17.09 -21.37
C LYS A 4 -0.84 15.58 -21.43
N SER A 5 0.25 14.83 -21.43
CA SER A 5 0.17 13.38 -21.43
C SER A 5 0.28 12.86 -20.00
N LYS A 6 -0.17 11.63 -19.78
CA LYS A 6 -0.13 11.04 -18.46
C LYS A 6 0.70 9.76 -18.49
N LYS A 7 1.06 9.25 -17.33
CA LYS A 7 1.82 8.02 -17.25
C LYS A 7 0.89 6.83 -17.37
N ARG A 8 1.42 5.67 -17.73
CA ARG A 8 0.58 4.50 -17.94
C ARG A 8 1.09 3.30 -17.15
N GLY A 9 0.24 2.73 -16.31
CA GLY A 9 0.65 1.62 -15.48
C GLY A 9 -0.49 0.66 -15.18
N ILE A 10 -0.15 -0.51 -14.66
CA ILE A 10 -1.12 -1.49 -14.22
C ILE A 10 -0.95 -1.75 -12.74
N VAL A 11 -2.03 -1.68 -11.97
CA VAL A 11 -1.97 -2.00 -10.56
C VAL A 11 -1.89 -3.52 -10.38
N GLN A 12 -0.83 -3.97 -9.72
CA GLN A 12 -0.54 -5.39 -9.57
C GLN A 12 -1.41 -6.03 -8.50
N TYR A 13 -1.75 -5.24 -7.49
CA TYR A 13 -2.51 -5.74 -6.34
C TYR A 13 -3.90 -5.14 -6.33
N ASP A 14 -4.68 -5.47 -5.31
CA ASP A 14 -5.97 -4.81 -5.11
C ASP A 14 -5.79 -3.69 -4.10
N PHE A 15 -6.73 -2.76 -4.07
CA PHE A 15 -6.71 -1.72 -3.06
C PHE A 15 -8.12 -1.27 -2.73
N MET A 16 -8.61 -1.74 -1.59
CA MET A 16 -9.93 -1.34 -1.12
C MET A 16 -9.82 -0.01 -0.37
N ALA A 17 -10.38 1.03 -0.97
CA ALA A 17 -10.32 2.36 -0.39
C ALA A 17 -11.51 2.60 0.54
N GLU A 18 -11.30 3.44 1.54
CA GLU A 18 -12.35 3.78 2.48
C GLU A 18 -12.42 5.30 2.64
N SER A 19 -11.34 5.99 2.31
CA SER A 19 -11.34 7.44 2.30
C SER A 19 -11.75 7.93 0.93
N GLN A 20 -12.34 9.12 0.86
CA GLN A 20 -12.83 9.66 -0.40
C GLN A 20 -11.68 10.11 -1.29
N ASP A 21 -10.53 10.39 -0.66
CA ASP A 21 -9.35 10.83 -1.40
C ASP A 21 -8.62 9.64 -2.00
N GLU A 22 -8.97 8.44 -1.54
CA GLU A 22 -8.35 7.22 -2.04
C GLU A 22 -9.09 6.75 -3.28
N LEU A 23 -8.61 5.67 -3.90
CA LEU A 23 -9.25 5.12 -5.08
C LEU A 23 -9.33 3.61 -4.98
N THR A 24 -10.56 3.08 -4.91
CA THR A 24 -10.77 1.64 -4.85
C THR A 24 -10.44 1.01 -6.20
N ILE A 25 -9.28 0.37 -6.27
CA ILE A 25 -8.83 -0.26 -7.49
C ILE A 25 -8.67 -1.77 -7.28
N LYS A 26 -8.74 -2.52 -8.37
CA LYS A 26 -8.62 -3.96 -8.28
C LYS A 26 -7.44 -4.45 -9.09
N SER A 27 -6.90 -5.59 -8.71
CA SER A 27 -5.74 -6.15 -9.38
C SER A 27 -6.04 -6.39 -10.86
N GLY A 28 -5.31 -5.68 -11.72
CA GLY A 28 -5.52 -5.82 -13.15
C GLY A 28 -6.14 -4.57 -13.76
N ASP A 29 -6.41 -3.58 -12.92
CA ASP A 29 -6.97 -2.31 -13.40
C ASP A 29 -5.92 -1.52 -14.16
N LYS A 30 -6.30 -1.00 -15.32
CA LYS A 30 -5.43 -0.15 -16.10
C LYS A 30 -5.59 1.29 -15.62
N VAL A 31 -4.48 1.92 -15.26
CA VAL A 31 -4.54 3.26 -14.68
C VAL A 31 -3.53 4.21 -15.31
N TYR A 32 -3.87 5.49 -15.31
CA TYR A 32 -2.95 6.54 -15.71
C TYR A 32 -2.40 7.20 -14.47
N ILE A 33 -1.10 7.45 -14.44
CA ILE A 33 -0.50 8.08 -13.28
C ILE A 33 -0.42 9.59 -13.52
N LEU A 34 -1.15 10.34 -12.72
CA LEU A 34 -1.14 11.79 -12.80
C LEU A 34 0.15 12.33 -12.21
N ASP A 35 0.48 11.84 -11.02
CA ASP A 35 1.71 12.24 -10.34
C ASP A 35 2.33 11.06 -9.62
N ASP A 36 3.58 10.78 -9.98
CA ASP A 36 4.40 9.78 -9.30
C ASP A 36 5.71 10.42 -8.88
N LYS A 37 5.74 11.75 -8.95
CA LYS A 37 6.97 12.51 -8.70
C LYS A 37 6.87 13.28 -7.40
N LYS A 38 5.82 14.10 -7.27
CA LYS A 38 5.61 14.88 -6.06
C LYS A 38 5.14 13.98 -4.94
N SER A 39 4.15 13.17 -5.24
CA SER A 39 3.64 12.18 -4.32
C SER A 39 4.32 10.85 -4.60
N LYS A 40 5.29 10.51 -3.76
CA LYS A 40 6.11 9.33 -3.99
C LYS A 40 5.62 8.14 -3.17
N ASP A 41 4.96 8.45 -2.07
CA ASP A 41 4.42 7.42 -1.19
C ASP A 41 3.05 6.96 -1.70
N TRP A 42 2.26 7.93 -2.13
CA TRP A 42 0.94 7.65 -2.69
C TRP A 42 0.85 8.26 -4.08
N TRP A 43 0.57 7.45 -5.07
CA TRP A 43 0.55 7.92 -6.45
C TRP A 43 -0.86 8.28 -6.87
N MET A 44 -0.99 9.35 -7.64
CA MET A 44 -2.29 9.80 -8.11
C MET A 44 -2.64 9.04 -9.39
N CYS A 45 -3.52 8.06 -9.27
CA CYS A 45 -3.86 7.24 -10.42
C CYS A 45 -5.28 7.52 -10.89
N GLN A 46 -5.46 7.46 -12.20
CA GLN A 46 -6.75 7.68 -12.82
C GLN A 46 -7.17 6.45 -13.61
N LEU A 47 -8.35 5.93 -13.32
CA LEU A 47 -8.84 4.73 -13.97
C LEU A 47 -9.13 4.96 -15.45
N VAL A 48 -8.70 4.01 -16.27
CA VAL A 48 -9.01 4.05 -17.70
C VAL A 48 -10.46 3.65 -17.92
N ASP A 49 -11.00 2.89 -16.97
CA ASP A 49 -12.38 2.44 -17.01
C ASP A 49 -13.36 3.60 -16.97
N SER A 50 -13.47 4.25 -15.82
CA SER A 50 -14.44 5.33 -15.64
C SER A 50 -13.80 6.70 -15.80
N GLY A 51 -12.50 6.79 -15.55
CA GLY A 51 -11.82 8.06 -15.63
C GLY A 51 -11.69 8.72 -14.26
N LYS A 52 -12.09 8.00 -13.23
CA LYS A 52 -12.01 8.52 -11.87
C LYS A 52 -10.58 8.41 -11.34
N SER A 53 -10.17 9.39 -10.56
CA SER A 53 -8.80 9.43 -10.06
C SER A 53 -8.79 9.41 -8.53
N GLY A 54 -7.68 8.97 -7.96
CA GLY A 54 -7.54 8.97 -6.52
C GLY A 54 -6.13 8.59 -6.10
N LEU A 55 -5.87 8.62 -4.80
CA LEU A 55 -4.55 8.27 -4.28
C LEU A 55 -4.47 6.79 -3.96
N VAL A 56 -3.40 6.16 -4.42
CA VAL A 56 -3.15 4.74 -4.15
C VAL A 56 -1.68 4.52 -3.79
N PRO A 57 -1.38 3.42 -3.06
CA PRO A 57 -0.01 3.08 -2.67
C PRO A 57 0.93 2.94 -3.89
N ALA A 58 2.10 3.55 -3.77
CA ALA A 58 3.07 3.64 -4.87
C ALA A 58 3.45 2.28 -5.45
N GLN A 59 3.88 1.36 -4.59
CA GLN A 59 4.45 0.08 -5.03
C GLN A 59 3.40 -0.88 -5.58
N PHE A 60 2.20 -0.38 -5.83
CA PHE A 60 1.14 -1.19 -6.39
C PHE A 60 1.08 -1.01 -7.91
N ILE A 61 1.74 0.02 -8.41
CA ILE A 61 1.64 0.38 -9.82
C ILE A 61 2.87 -0.08 -10.60
N GLU A 62 2.64 -0.84 -11.67
CA GLU A 62 3.70 -1.26 -12.57
C GLU A 62 3.51 -0.59 -13.93
N PRO A 63 4.39 0.38 -14.28
CA PRO A 63 4.32 1.09 -15.56
C PRO A 63 4.44 0.16 -16.76
N VAL A 64 3.61 0.40 -17.77
CA VAL A 64 3.58 -0.47 -18.95
C VAL A 64 4.58 0.01 -19.99
N ARG A 65 4.83 1.30 -19.99
CA ARG A 65 5.75 1.91 -20.93
C ARG A 65 6.01 3.35 -20.52
N ASP A 66 6.83 3.49 -19.49
CA ASP A 66 7.15 4.80 -18.94
C ASP A 66 8.63 5.09 -19.10
N LYS A 67 9.45 4.22 -18.51
CA LYS A 67 10.89 4.41 -18.42
C LYS A 67 11.19 5.78 -17.83
N LYS A 68 11.03 5.89 -16.52
CA LYS A 68 11.17 7.16 -15.86
C LYS A 68 12.64 7.56 -15.78
N HIS A 69 12.90 8.86 -15.80
CA HIS A 69 14.26 9.36 -15.70
C HIS A 69 14.57 9.59 -14.23
N THR A 70 13.76 10.44 -13.62
CA THR A 70 13.83 10.69 -12.19
C THR A 70 12.43 11.02 -11.67
N GLU A 71 12.23 10.86 -10.38
CA GLU A 71 10.94 11.15 -9.77
C GLU A 71 11.11 12.16 -8.63
N MET B 1 3.75 -16.30 15.31
CA MET B 1 4.32 -16.71 14.00
C MET B 1 5.09 -15.57 13.38
N GLN B 2 5.71 -15.86 12.27
CA GLN B 2 6.53 -14.89 11.57
C GLN B 2 5.83 -14.38 10.32
N ILE B 3 5.78 -13.06 10.20
CA ILE B 3 5.25 -12.42 9.01
C ILE B 3 6.27 -11.43 8.47
N PHE B 4 6.24 -11.21 7.17
CA PHE B 4 7.19 -10.31 6.52
C PHE B 4 6.54 -8.97 6.25
N VAL B 5 6.89 -7.96 7.04
CA VAL B 5 6.35 -6.63 6.87
C VAL B 5 7.20 -5.85 5.88
N LYS B 6 6.73 -5.81 4.64
CA LYS B 6 7.43 -5.11 3.58
C LYS B 6 6.99 -3.65 3.54
N THR B 7 7.90 -2.75 3.87
CA THR B 7 7.60 -1.33 3.93
C THR B 7 7.39 -0.74 2.54
N LEU B 8 6.96 0.51 2.51
CA LEU B 8 6.67 1.21 1.26
C LEU B 8 7.94 1.36 0.42
N THR B 9 9.07 1.57 1.08
CA THR B 9 10.33 1.79 0.39
C THR B 9 10.92 0.47 -0.11
N GLY B 10 10.65 -0.62 0.62
CA GLY B 10 11.13 -1.92 0.20
C GLY B 10 11.56 -2.79 1.37
N LYS B 11 12.18 -2.16 2.37
CA LYS B 11 12.67 -2.86 3.56
C LYS B 11 11.61 -3.79 4.14
N THR B 12 11.90 -5.07 4.10
CA THR B 12 10.98 -6.07 4.60
C THR B 12 11.46 -6.59 5.96
N ILE B 13 10.68 -6.29 7.00
CA ILE B 13 11.04 -6.64 8.36
C ILE B 13 10.28 -7.88 8.81
N THR B 14 11.01 -8.84 9.37
CA THR B 14 10.40 -10.08 9.84
C THR B 14 9.87 -9.91 11.26
N LEU B 15 8.56 -9.97 11.43
CA LEU B 15 7.93 -9.79 12.73
C LEU B 15 7.44 -11.10 13.30
N GLU B 16 7.69 -11.31 14.59
CA GLU B 16 7.17 -12.46 15.31
C GLU B 16 5.93 -12.04 16.10
N VAL B 17 4.77 -12.38 15.55
CA VAL B 17 3.48 -12.02 16.13
C VAL B 17 2.51 -13.18 16.03
N GLU B 18 1.68 -13.36 17.04
CA GLU B 18 0.70 -14.44 17.02
C GLU B 18 -0.53 -14.07 16.22
N SER B 19 -1.37 -15.05 15.93
CA SER B 19 -2.59 -14.82 15.19
C SER B 19 -3.54 -13.93 15.98
N SER B 20 -3.46 -14.03 17.30
CA SER B 20 -4.31 -13.24 18.18
C SER B 20 -3.64 -11.91 18.54
N ASP B 21 -2.54 -11.58 17.86
CA ASP B 21 -1.88 -10.31 18.06
C ASP B 21 -2.63 -9.24 17.26
N THR B 22 -2.77 -8.05 17.81
CA THR B 22 -3.54 -7.01 17.16
C THR B 22 -2.69 -6.23 16.17
N ILE B 23 -3.31 -5.69 15.14
CA ILE B 23 -2.62 -4.93 14.12
C ILE B 23 -1.85 -3.76 14.73
N ASP B 24 -2.43 -3.16 15.77
CA ASP B 24 -1.76 -2.07 16.49
C ASP B 24 -0.55 -2.58 17.26
N ASN B 25 -0.66 -3.78 17.81
CA ASN B 25 0.45 -4.34 18.57
C ASN B 25 1.58 -4.74 17.62
N VAL B 26 1.20 -5.23 16.44
CA VAL B 26 2.16 -5.53 15.40
C VAL B 26 2.88 -4.26 14.96
N LYS B 27 2.11 -3.23 14.62
CA LYS B 27 2.69 -1.97 14.19
C LYS B 27 3.51 -1.34 15.32
N SER B 28 3.12 -1.62 16.56
CA SER B 28 3.86 -1.13 17.72
C SER B 28 5.24 -1.77 17.79
N LYS B 29 5.30 -3.05 17.46
CA LYS B 29 6.59 -3.75 17.38
C LYS B 29 7.43 -3.13 16.27
N ILE B 30 6.77 -2.66 15.22
CA ILE B 30 7.44 -1.93 14.15
C ILE B 30 7.92 -0.56 14.66
N GLN B 31 7.10 0.09 15.47
CA GLN B 31 7.45 1.39 16.07
C GLN B 31 8.64 1.21 17.02
N ASP B 32 8.76 0.02 17.58
CA ASP B 32 9.87 -0.31 18.45
C ASP B 32 11.17 -0.28 17.67
N LYS B 33 11.10 -0.66 16.40
CA LYS B 33 12.27 -0.69 15.54
C LYS B 33 12.45 0.64 14.81
N GLU B 34 11.51 0.97 13.95
CA GLU B 34 11.64 2.13 13.07
C GLU B 34 11.22 3.42 13.78
N GLY B 35 10.13 3.34 14.53
CA GLY B 35 9.62 4.51 15.22
C GLY B 35 8.72 5.36 14.36
N ILE B 36 7.75 4.72 13.71
CA ILE B 36 6.82 5.42 12.84
C ILE B 36 5.45 5.52 13.52
N PRO B 37 4.84 6.72 13.52
CA PRO B 37 3.50 6.96 14.06
C PRO B 37 2.53 5.81 13.77
N PRO B 38 1.95 5.21 14.83
CA PRO B 38 1.06 4.05 14.70
C PRO B 38 -0.13 4.30 13.78
N ASP B 39 -0.79 5.44 13.95
CA ASP B 39 -1.94 5.80 13.11
C ASP B 39 -1.53 5.92 11.65
N GLN B 40 -0.26 6.23 11.43
CA GLN B 40 0.27 6.45 10.09
C GLN B 40 0.59 5.13 9.41
N GLN B 41 0.95 4.12 10.19
CA GLN B 41 1.33 2.83 9.65
C GLN B 41 0.10 1.99 9.26
N ARG B 42 -0.10 1.83 7.96
CA ARG B 42 -1.20 1.02 7.45
C ARG B 42 -0.67 -0.22 6.76
N LEU B 43 -1.10 -1.38 7.24
CA LEU B 43 -0.72 -2.64 6.62
C LEU B 43 -1.77 -3.03 5.58
N ILE B 44 -1.32 -3.33 4.37
CA ILE B 44 -2.22 -3.80 3.34
C ILE B 44 -2.01 -5.30 3.11
N PHE B 45 -3.09 -6.07 3.20
CA PHE B 45 -3.05 -7.50 2.99
C PHE B 45 -4.00 -7.90 1.85
N ALA B 46 -3.41 -8.30 0.72
CA ALA B 46 -4.16 -8.78 -0.43
C ALA B 46 -5.12 -7.72 -0.98
N GLY B 47 -4.87 -6.47 -0.65
CA GLY B 47 -5.70 -5.38 -1.12
C GLY B 47 -6.52 -4.76 -0.01
N LYS B 48 -6.64 -5.46 1.10
CA LYS B 48 -7.39 -4.97 2.24
C LYS B 48 -6.50 -4.12 3.13
N GLN B 49 -6.90 -2.88 3.37
CA GLN B 49 -6.15 -2.03 4.29
C GLN B 49 -6.53 -2.37 5.72
N LEU B 50 -5.56 -2.86 6.48
CA LEU B 50 -5.81 -3.33 7.83
C LEU B 50 -5.82 -2.16 8.80
N GLU B 51 -6.86 -2.08 9.61
CA GLU B 51 -6.99 -1.01 10.58
C GLU B 51 -6.58 -1.49 11.97
N ASP B 52 -6.67 -0.58 12.93
CA ASP B 52 -6.28 -0.87 14.30
C ASP B 52 -7.43 -1.53 15.03
N GLY B 53 -7.11 -2.35 16.02
CA GLY B 53 -8.15 -3.00 16.80
C GLY B 53 -8.25 -4.48 16.51
N ARG B 54 -8.22 -4.84 15.24
CA ARG B 54 -8.38 -6.24 14.84
C ARG B 54 -7.06 -7.00 14.95
N THR B 55 -7.15 -8.32 14.83
CA THR B 55 -5.99 -9.18 14.93
C THR B 55 -5.62 -9.76 13.57
N LEU B 56 -4.57 -10.58 13.53
CA LEU B 56 -4.17 -11.26 12.31
C LEU B 56 -5.23 -12.27 11.89
N SER B 57 -5.90 -12.84 12.88
CA SER B 57 -6.92 -13.84 12.65
C SER B 57 -8.13 -13.25 11.92
N ASP B 58 -8.48 -12.02 12.27
CA ASP B 58 -9.66 -11.36 11.68
C ASP B 58 -9.45 -11.13 10.19
N TYR B 59 -8.22 -10.83 9.81
CA TYR B 59 -7.90 -10.56 8.41
C TYR B 59 -7.39 -11.81 7.70
N ASN B 60 -7.30 -12.92 8.46
CA ASN B 60 -6.85 -14.20 7.92
C ASN B 60 -5.41 -14.12 7.39
N ILE B 61 -4.56 -13.43 8.12
CA ILE B 61 -3.15 -13.32 7.75
C ILE B 61 -2.45 -14.65 7.98
N GLN B 62 -1.94 -15.23 6.91
CA GLN B 62 -1.38 -16.58 6.94
C GLN B 62 0.07 -16.58 7.41
N LYS B 63 0.60 -17.78 7.62
CA LYS B 63 1.99 -17.97 8.02
C LYS B 63 2.93 -17.40 6.97
N GLU B 64 3.94 -16.66 7.42
CA GLU B 64 5.00 -16.16 6.54
C GLU B 64 4.45 -15.25 5.45
N SER B 65 3.32 -14.62 5.73
CA SER B 65 2.69 -13.73 4.78
C SER B 65 3.50 -12.45 4.64
N THR B 66 3.32 -11.77 3.52
CA THR B 66 4.04 -10.52 3.26
C THR B 66 3.08 -9.34 3.26
N LEU B 67 3.12 -8.57 4.33
CA LEU B 67 2.27 -7.40 4.47
C LEU B 67 2.95 -6.21 3.83
N HIS B 68 2.17 -5.33 3.23
CA HIS B 68 2.72 -4.13 2.62
C HIS B 68 2.38 -2.92 3.47
N LEU B 69 3.41 -2.28 4.03
CA LEU B 69 3.22 -1.16 4.94
C LEU B 69 3.24 0.17 4.20
N VAL B 70 2.11 0.84 4.18
CA VAL B 70 1.98 2.13 3.51
C VAL B 70 1.67 3.21 4.54
N LEU B 71 2.42 4.30 4.51
CA LEU B 71 2.27 5.37 5.46
C LEU B 71 1.18 6.35 5.03
N ARG B 72 0.45 6.90 5.98
CA ARG B 72 -0.60 7.87 5.69
C ARG B 72 -0.03 9.26 5.45
N LEU B 73 1.26 9.42 5.71
CA LEU B 73 1.97 10.69 5.51
C LEU B 73 1.50 11.79 6.44
N ARG B 74 0.58 11.45 7.35
CA ARG B 74 0.02 12.41 8.30
C ARG B 74 -0.54 13.64 7.60
N GLY B 75 -1.57 13.43 6.79
CA GLY B 75 -2.20 14.53 6.10
C GLY B 75 -3.36 14.05 5.24
N GLY B 76 -4.30 14.93 5.00
CA GLY B 76 -5.42 14.61 4.15
C GLY B 76 -5.71 15.72 3.17
N MET A 1 9.24 21.58 -13.14
CA MET A 1 8.19 21.96 -14.11
C MET A 1 6.86 21.31 -13.76
N ALA A 2 6.87 19.99 -13.59
CA ALA A 2 5.65 19.20 -13.40
C ALA A 2 4.77 19.28 -14.64
N SER A 3 3.64 18.56 -14.62
CA SER A 3 2.68 18.53 -15.74
C SER A 3 3.38 18.31 -17.08
N LYS A 4 4.44 17.50 -17.07
CA LYS A 4 5.17 17.20 -18.29
C LYS A 4 4.37 16.25 -19.17
N SER A 5 4.14 15.06 -18.65
CA SER A 5 3.38 14.04 -19.34
C SER A 5 2.55 13.25 -18.34
N LYS A 6 1.55 12.54 -18.83
CA LYS A 6 0.80 11.62 -17.98
C LYS A 6 1.36 10.22 -18.14
N LYS A 7 1.90 9.69 -17.05
CA LYS A 7 2.45 8.35 -17.06
C LYS A 7 1.32 7.33 -17.08
N ARG A 8 1.62 6.13 -17.54
CA ARG A 8 0.60 5.10 -17.66
C ARG A 8 1.03 3.85 -16.92
N GLY A 9 0.08 3.15 -16.33
CA GLY A 9 0.40 1.93 -15.63
C GLY A 9 -0.79 1.00 -15.53
N ILE A 10 -0.56 -0.18 -14.98
CA ILE A 10 -1.61 -1.13 -14.74
C ILE A 10 -1.59 -1.57 -13.28
N VAL A 11 -2.74 -1.52 -12.63
CA VAL A 11 -2.85 -1.90 -11.23
C VAL A 11 -2.91 -3.42 -11.08
N GLN A 12 -2.00 -3.96 -10.29
CA GLN A 12 -1.86 -5.42 -10.18
C GLN A 12 -2.55 -5.96 -8.94
N TYR A 13 -2.70 -5.13 -7.91
CA TYR A 13 -3.32 -5.57 -6.67
C TYR A 13 -4.61 -4.82 -6.42
N ASP A 14 -5.58 -5.50 -5.83
CA ASP A 14 -6.85 -4.86 -5.49
C ASP A 14 -6.66 -4.07 -4.20
N PHE A 15 -7.32 -2.92 -4.12
CA PHE A 15 -7.22 -2.09 -2.92
C PHE A 15 -8.51 -1.33 -2.69
N MET A 16 -8.97 -1.32 -1.46
CA MET A 16 -10.18 -0.59 -1.10
C MET A 16 -9.82 0.65 -0.29
N ALA A 17 -10.33 1.78 -0.71
CA ALA A 17 -10.01 3.06 -0.08
C ALA A 17 -11.00 3.37 1.04
N GLU A 18 -10.50 3.99 2.10
CA GLU A 18 -11.34 4.34 3.24
C GLU A 18 -11.69 5.82 3.22
N SER A 19 -10.90 6.61 2.51
CA SER A 19 -11.14 8.05 2.44
C SER A 19 -11.49 8.47 1.00
N GLN A 20 -12.00 9.68 0.86
CA GLN A 20 -12.43 10.19 -0.45
C GLN A 20 -11.23 10.58 -1.31
N ASP A 21 -10.11 10.89 -0.66
CA ASP A 21 -8.88 11.24 -1.35
C ASP A 21 -8.14 10.00 -1.80
N GLU A 22 -8.57 8.86 -1.27
CA GLU A 22 -8.00 7.58 -1.63
C GLU A 22 -8.85 6.92 -2.71
N LEU A 23 -8.25 6.09 -3.55
CA LEU A 23 -8.97 5.47 -4.65
C LEU A 23 -9.01 3.95 -4.51
N THR A 24 -10.21 3.40 -4.61
CA THR A 24 -10.39 1.95 -4.62
C THR A 24 -10.04 1.40 -6.00
N ILE A 25 -9.00 0.59 -6.07
CA ILE A 25 -8.51 0.06 -7.33
C ILE A 25 -8.77 -1.43 -7.46
N LYS A 26 -8.81 -1.88 -8.70
CA LYS A 26 -9.13 -3.27 -9.01
C LYS A 26 -8.10 -3.86 -9.95
N SER A 27 -7.59 -5.04 -9.61
CA SER A 27 -6.52 -5.68 -10.37
C SER A 27 -6.89 -5.87 -11.84
N GLY A 28 -6.05 -5.35 -12.72
CA GLY A 28 -6.26 -5.55 -14.14
C GLY A 28 -6.77 -4.31 -14.84
N ASP A 29 -7.14 -3.29 -14.08
CA ASP A 29 -7.67 -2.06 -14.64
C ASP A 29 -6.52 -1.15 -15.10
N LYS A 30 -6.81 -0.29 -16.06
CA LYS A 30 -5.80 0.61 -16.62
C LYS A 30 -5.82 1.94 -15.88
N VAL A 31 -4.64 2.40 -15.45
CA VAL A 31 -4.56 3.64 -14.69
C VAL A 31 -3.54 4.61 -15.30
N TYR A 32 -3.80 5.90 -15.10
CA TYR A 32 -2.83 6.93 -15.40
C TYR A 32 -2.08 7.29 -14.13
N ILE A 33 -0.79 7.51 -14.23
CA ILE A 33 0.01 7.91 -13.09
C ILE A 33 0.35 9.39 -13.18
N LEU A 34 -0.18 10.16 -12.26
CA LEU A 34 0.00 11.61 -12.28
C LEU A 34 1.18 12.00 -11.41
N ASP A 35 0.96 12.00 -10.10
CA ASP A 35 2.00 12.37 -9.16
C ASP A 35 2.60 11.13 -8.53
N ASP A 36 3.70 10.65 -9.10
CA ASP A 36 4.39 9.48 -8.59
C ASP A 36 5.68 9.89 -7.87
N LYS A 37 6.36 10.90 -8.39
CA LYS A 37 7.61 11.37 -7.81
C LYS A 37 7.34 12.32 -6.63
N LYS A 38 6.08 12.49 -6.31
CA LYS A 38 5.69 13.35 -5.21
C LYS A 38 5.88 12.65 -3.87
N SER A 39 5.39 11.42 -3.77
CA SER A 39 5.48 10.68 -2.54
C SER A 39 6.15 9.33 -2.76
N LYS A 40 6.45 8.63 -1.67
CA LYS A 40 7.13 7.35 -1.72
C LYS A 40 6.16 6.27 -1.29
N ASP A 41 4.89 6.62 -1.28
CA ASP A 41 3.87 5.85 -0.61
C ASP A 41 2.57 5.81 -1.43
N TRP A 42 1.88 6.95 -1.48
CA TRP A 42 0.63 7.06 -2.20
C TRP A 42 0.82 7.90 -3.45
N TRP A 43 0.46 7.34 -4.59
CA TRP A 43 0.57 8.05 -5.86
C TRP A 43 -0.80 8.49 -6.33
N MET A 44 -0.83 9.59 -7.06
CA MET A 44 -2.09 10.07 -7.62
C MET A 44 -2.30 9.40 -8.97
N CYS A 45 -3.38 8.66 -9.09
CA CYS A 45 -3.67 7.97 -10.34
C CYS A 45 -5.11 8.20 -10.77
N GLN A 46 -5.39 7.95 -12.03
CA GLN A 46 -6.73 8.06 -12.56
C GLN A 46 -7.06 6.82 -13.38
N LEU A 47 -8.18 6.18 -13.07
CA LEU A 47 -8.64 5.03 -13.82
C LEU A 47 -8.94 5.46 -15.26
N VAL A 48 -8.23 4.89 -16.22
CA VAL A 48 -8.30 5.35 -17.61
C VAL A 48 -9.71 5.21 -18.18
N ASP A 49 -10.36 4.08 -17.90
CA ASP A 49 -11.62 3.75 -18.54
C ASP A 49 -12.81 4.45 -17.88
N SER A 50 -12.61 5.04 -16.72
CA SER A 50 -13.71 5.68 -16.01
C SER A 50 -13.45 7.18 -15.79
N GLY A 51 -12.20 7.53 -15.50
CA GLY A 51 -11.86 8.92 -15.25
C GLY A 51 -11.80 9.24 -13.77
N LYS A 52 -11.94 8.20 -12.96
CA LYS A 52 -11.92 8.37 -11.50
C LYS A 52 -10.49 8.39 -10.98
N SER A 53 -10.15 9.45 -10.26
CA SER A 53 -8.79 9.63 -9.77
C SER A 53 -8.73 9.58 -8.24
N GLY A 54 -7.55 9.28 -7.73
CA GLY A 54 -7.36 9.24 -6.29
C GLY A 54 -5.98 8.74 -5.91
N LEU A 55 -5.71 8.65 -4.60
CA LEU A 55 -4.44 8.16 -4.11
C LEU A 55 -4.45 6.64 -3.94
N VAL A 56 -3.38 6.00 -4.39
CA VAL A 56 -3.26 4.55 -4.27
C VAL A 56 -1.85 4.16 -3.83
N PRO A 57 -1.69 2.96 -3.26
CA PRO A 57 -0.38 2.44 -2.84
C PRO A 57 0.55 2.24 -4.04
N ALA A 58 1.74 2.81 -3.95
CA ALA A 58 2.74 2.73 -5.01
C ALA A 58 3.08 1.28 -5.39
N GLN A 59 3.03 0.40 -4.41
CA GLN A 59 3.43 -0.99 -4.61
C GLN A 59 2.40 -1.77 -5.41
N PHE A 60 1.32 -1.12 -5.82
CA PHE A 60 0.23 -1.81 -6.51
C PHE A 60 0.19 -1.45 -7.99
N ILE A 61 1.02 -0.49 -8.39
CA ILE A 61 0.99 0.01 -9.75
C ILE A 61 2.25 -0.40 -10.51
N GLU A 62 2.03 -1.01 -11.67
CA GLU A 62 3.12 -1.32 -12.60
C GLU A 62 3.08 -0.35 -13.77
N PRO A 63 4.01 0.61 -13.81
CA PRO A 63 4.07 1.62 -14.87
C PRO A 63 4.53 1.03 -16.19
N VAL A 64 3.80 1.29 -17.25
CA VAL A 64 4.12 0.71 -18.54
C VAL A 64 5.22 1.51 -19.24
N ARG A 65 6.31 0.83 -19.53
CA ARG A 65 7.42 1.42 -20.25
C ARG A 65 7.33 0.98 -21.71
N ASP A 66 7.91 -0.17 -21.99
CA ASP A 66 7.73 -0.85 -23.27
C ASP A 66 7.41 -2.31 -23.00
N LYS A 67 6.17 -2.54 -22.57
CA LYS A 67 5.72 -3.83 -22.06
C LYS A 67 6.41 -4.18 -20.75
N LYS A 68 5.70 -3.97 -19.66
CA LYS A 68 6.19 -4.33 -18.33
C LYS A 68 5.20 -5.26 -17.66
N HIS A 69 5.65 -6.45 -17.27
CA HIS A 69 4.77 -7.44 -16.67
C HIS A 69 5.32 -7.92 -15.33
N THR A 70 4.99 -7.18 -14.28
CA THR A 70 5.29 -7.55 -12.88
C THR A 70 6.74 -8.00 -12.66
N GLU A 71 6.93 -9.31 -12.63
CA GLU A 71 8.21 -9.90 -12.28
C GLU A 71 8.45 -11.18 -13.05
N MET B 1 4.00 -16.30 16.08
CA MET B 1 4.35 -16.51 14.66
C MET B 1 5.15 -15.34 14.12
N GLN B 2 5.44 -15.40 12.85
CA GLN B 2 6.22 -14.36 12.21
C GLN B 2 5.45 -13.78 11.02
N ILE B 3 5.65 -12.50 10.77
CA ILE B 3 5.13 -11.88 9.56
C ILE B 3 6.21 -11.05 8.90
N PHE B 4 6.31 -11.15 7.59
CA PHE B 4 7.32 -10.41 6.85
C PHE B 4 6.75 -9.08 6.43
N VAL B 5 7.03 -8.06 7.23
CA VAL B 5 6.54 -6.72 6.95
C VAL B 5 7.43 -6.06 5.91
N LYS B 6 6.96 -6.07 4.67
CA LYS B 6 7.71 -5.51 3.56
C LYS B 6 7.24 -4.11 3.28
N THR B 7 8.06 -3.13 3.66
CA THR B 7 7.70 -1.74 3.52
C THR B 7 7.90 -1.26 2.09
N LEU B 8 7.25 -0.14 1.77
CA LEU B 8 7.45 0.51 0.48
C LEU B 8 8.85 1.10 0.37
N THR B 9 9.55 1.12 1.50
CA THR B 9 10.92 1.59 1.56
C THR B 9 11.87 0.51 1.05
N GLY B 10 11.36 -0.70 0.92
CA GLY B 10 12.18 -1.82 0.46
C GLY B 10 12.68 -2.66 1.60
N LYS B 11 12.09 -2.48 2.78
CA LYS B 11 12.50 -3.18 3.97
C LYS B 11 11.55 -4.32 4.29
N THR B 12 12.04 -5.54 4.23
CA THR B 12 11.24 -6.69 4.60
C THR B 12 11.66 -7.15 5.99
N ILE B 13 10.96 -6.67 7.00
CA ILE B 13 11.32 -6.95 8.39
C ILE B 13 10.41 -8.04 8.95
N THR B 14 11.02 -9.10 9.45
CA THR B 14 10.27 -10.20 10.04
C THR B 14 9.87 -9.84 11.47
N LEU B 15 8.58 -9.66 11.68
CA LEU B 15 8.06 -9.27 12.99
C LEU B 15 7.55 -10.48 13.76
N GLU B 16 7.93 -10.56 15.02
CA GLU B 16 7.43 -11.58 15.92
C GLU B 16 6.08 -11.13 16.46
N VAL B 17 5.02 -11.77 15.98
CA VAL B 17 3.66 -11.38 16.33
C VAL B 17 2.81 -12.60 16.65
N GLU B 18 1.58 -12.36 17.06
CA GLU B 18 0.66 -13.42 17.39
C GLU B 18 -0.60 -13.30 16.55
N SER B 19 -1.32 -14.39 16.35
CA SER B 19 -2.55 -14.37 15.58
C SER B 19 -3.55 -13.45 16.27
N SER B 20 -3.64 -13.55 17.59
CA SER B 20 -4.57 -12.76 18.36
C SER B 20 -3.95 -11.42 18.76
N ASP B 21 -2.92 -11.02 18.02
CA ASP B 21 -2.26 -9.74 18.27
C ASP B 21 -2.93 -8.67 17.41
N THR B 22 -3.21 -7.52 17.99
CA THR B 22 -3.93 -6.47 17.30
C THR B 22 -3.05 -5.76 16.28
N ILE B 23 -3.68 -5.29 15.20
CA ILE B 23 -2.98 -4.57 14.15
C ILE B 23 -2.22 -3.39 14.73
N ASP B 24 -2.88 -2.69 15.64
CA ASP B 24 -2.28 -1.55 16.32
C ASP B 24 -1.00 -1.93 17.05
N ASN B 25 -1.00 -3.08 17.71
CA ASN B 25 0.16 -3.53 18.45
C ASN B 25 1.29 -3.89 17.50
N VAL B 26 0.93 -4.50 16.37
CA VAL B 26 1.91 -4.81 15.33
C VAL B 26 2.56 -3.53 14.82
N LYS B 27 1.74 -2.51 14.58
CA LYS B 27 2.23 -1.21 14.16
C LYS B 27 3.19 -0.64 15.21
N SER B 28 2.87 -0.89 16.47
CA SER B 28 3.70 -0.44 17.58
C SER B 28 5.03 -1.20 17.61
N LYS B 29 5.01 -2.44 17.13
CA LYS B 29 6.22 -3.23 17.01
C LYS B 29 7.07 -2.72 15.84
N ILE B 30 6.41 -2.08 14.88
CA ILE B 30 7.11 -1.36 13.82
C ILE B 30 7.74 -0.11 14.40
N GLN B 31 6.96 0.60 15.22
CA GLN B 31 7.43 1.80 15.90
C GLN B 31 8.62 1.49 16.79
N ASP B 32 8.63 0.28 17.34
CA ASP B 32 9.72 -0.22 18.17
C ASP B 32 11.05 -0.17 17.43
N LYS B 33 11.00 -0.37 16.12
CA LYS B 33 12.21 -0.49 15.33
C LYS B 33 12.42 0.70 14.42
N GLU B 34 11.52 0.90 13.47
CA GLU B 34 11.67 1.96 12.49
C GLU B 34 11.36 3.33 13.08
N GLY B 35 10.60 3.34 14.17
CA GLY B 35 10.24 4.60 14.80
C GLY B 35 9.19 5.36 14.01
N ILE B 36 8.17 4.64 13.56
CA ILE B 36 7.11 5.23 12.77
C ILE B 36 5.80 5.26 13.56
N PRO B 37 5.08 6.40 13.55
CA PRO B 37 3.76 6.50 14.17
C PRO B 37 2.82 5.40 13.69
N PRO B 38 2.30 4.58 14.61
CA PRO B 38 1.46 3.43 14.29
C PRO B 38 0.23 3.78 13.46
N ASP B 39 -0.44 4.87 13.83
CA ASP B 39 -1.68 5.26 13.17
C ASP B 39 -1.41 5.90 11.80
N GLN B 40 -0.14 6.04 11.47
CA GLN B 40 0.27 6.54 10.16
C GLN B 40 0.56 5.35 9.23
N GLN B 41 0.58 4.16 9.81
CA GLN B 41 0.95 2.96 9.06
C GLN B 41 -0.28 2.19 8.62
N ARG B 42 -0.22 1.59 7.43
CA ARG B 42 -1.27 0.70 6.96
C ARG B 42 -0.66 -0.59 6.42
N LEU B 43 -1.11 -1.71 6.95
CA LEU B 43 -0.64 -3.02 6.49
C LEU B 43 -1.62 -3.60 5.48
N ILE B 44 -1.13 -3.97 4.32
CA ILE B 44 -1.99 -4.54 3.29
C ILE B 44 -1.58 -5.98 2.98
N PHE B 45 -2.54 -6.89 3.06
CA PHE B 45 -2.30 -8.29 2.80
C PHE B 45 -3.35 -8.82 1.80
N ALA B 46 -2.89 -9.12 0.58
CA ALA B 46 -3.73 -9.70 -0.46
C ALA B 46 -4.88 -8.77 -0.84
N GLY B 47 -4.71 -7.48 -0.58
CA GLY B 47 -5.73 -6.51 -0.91
C GLY B 47 -6.48 -6.05 0.32
N LYS B 48 -6.34 -6.79 1.41
CA LYS B 48 -6.98 -6.44 2.66
C LYS B 48 -6.14 -5.41 3.41
N GLN B 49 -6.66 -4.19 3.52
CA GLN B 49 -6.02 -3.18 4.33
C GLN B 49 -6.38 -3.40 5.79
N LEU B 50 -5.39 -3.77 6.58
CA LEU B 50 -5.59 -3.99 8.00
C LEU B 50 -5.89 -2.67 8.69
N GLU B 51 -7.02 -2.61 9.37
CA GLU B 51 -7.50 -1.37 9.96
C GLU B 51 -6.61 -0.93 11.13
N ASP B 52 -6.89 -1.45 12.32
CA ASP B 52 -6.16 -1.05 13.51
C ASP B 52 -6.66 -1.81 14.73
N GLY B 53 -7.95 -1.66 15.03
CA GLY B 53 -8.51 -2.24 16.23
C GLY B 53 -9.04 -3.65 16.04
N ARG B 54 -8.32 -4.45 15.27
CA ARG B 54 -8.66 -5.85 15.07
C ARG B 54 -7.40 -6.70 15.22
N THR B 55 -7.57 -8.01 15.29
CA THR B 55 -6.45 -8.91 15.39
C THR B 55 -6.20 -9.59 14.04
N LEU B 56 -5.10 -10.32 13.93
CA LEU B 56 -4.78 -11.02 12.70
C LEU B 56 -5.72 -12.21 12.49
N SER B 57 -6.30 -12.68 13.59
CA SER B 57 -7.29 -13.75 13.55
C SER B 57 -8.57 -13.29 12.85
N ASP B 58 -8.88 -12.00 12.98
CA ASP B 58 -10.12 -11.45 12.45
C ASP B 58 -10.14 -11.48 10.92
N TYR B 59 -9.02 -11.10 10.32
CA TYR B 59 -8.94 -11.02 8.87
C TYR B 59 -8.59 -12.37 8.26
N ASN B 60 -8.38 -13.37 9.12
CA ASN B 60 -7.96 -14.70 8.69
C ASN B 60 -6.62 -14.62 7.96
N ILE B 61 -5.61 -14.12 8.65
CA ILE B 61 -4.29 -13.97 8.05
C ILE B 61 -3.44 -15.20 8.34
N GLN B 62 -2.87 -15.76 7.28
CA GLN B 62 -1.98 -16.91 7.40
C GLN B 62 -0.68 -16.48 8.09
N LYS B 63 -0.11 -17.38 8.88
CA LYS B 63 1.15 -17.09 9.54
C LYS B 63 2.31 -17.18 8.56
N GLU B 64 3.43 -16.56 8.91
CA GLU B 64 4.64 -16.57 8.09
C GLU B 64 4.34 -15.97 6.71
N SER B 65 3.49 -14.95 6.68
CA SER B 65 3.10 -14.32 5.43
C SER B 65 3.82 -12.99 5.24
N THR B 66 3.91 -12.56 3.99
CA THR B 66 4.57 -11.31 3.66
C THR B 66 3.56 -10.21 3.39
N LEU B 67 3.51 -9.22 4.27
CA LEU B 67 2.57 -8.12 4.15
C LEU B 67 3.27 -6.89 3.59
N HIS B 68 2.54 -6.08 2.85
CA HIS B 68 3.09 -4.83 2.32
C HIS B 68 2.73 -3.68 3.25
N LEU B 69 3.73 -2.97 3.75
CA LEU B 69 3.50 -1.83 4.62
C LEU B 69 3.49 -0.53 3.82
N VAL B 70 2.36 0.16 3.87
CA VAL B 70 2.21 1.44 3.20
C VAL B 70 1.95 2.54 4.20
N LEU B 71 2.87 3.48 4.28
CA LEU B 71 2.73 4.61 5.18
C LEU B 71 1.85 5.68 4.56
N ARG B 72 1.05 6.33 5.39
CA ARG B 72 0.18 7.40 4.91
C ARG B 72 0.96 8.72 4.91
N LEU B 73 1.97 8.79 5.77
CA LEU B 73 2.78 9.99 5.96
C LEU B 73 1.93 11.19 6.33
N ARG B 74 1.65 11.35 7.61
CA ARG B 74 0.93 12.51 8.11
C ARG B 74 1.90 13.64 8.42
N GLY B 75 2.94 13.31 9.18
CA GLY B 75 3.94 14.29 9.55
C GLY B 75 5.21 13.65 10.04
N GLY B 76 5.70 12.69 9.26
CA GLY B 76 6.90 11.98 9.64
C GLY B 76 7.90 11.91 8.50
N MET A 1 7.09 18.22 -20.18
CA MET A 1 5.99 17.97 -21.13
C MET A 1 4.71 18.66 -20.68
N ALA A 2 3.88 19.06 -21.63
CA ALA A 2 2.57 19.61 -21.33
C ALA A 2 1.58 18.47 -21.12
N SER A 3 1.99 17.28 -21.56
CA SER A 3 1.21 16.04 -21.40
C SER A 3 0.09 15.97 -22.44
N LYS A 4 -0.50 14.80 -22.55
CA LYS A 4 -1.54 14.52 -23.53
C LYS A 4 -2.12 13.15 -23.28
N SER A 5 -1.36 12.12 -23.65
CA SER A 5 -1.77 10.74 -23.43
C SER A 5 -1.79 10.44 -21.94
N LYS A 6 -0.86 11.07 -21.22
CA LYS A 6 -0.67 10.83 -19.80
C LYS A 6 -0.04 9.46 -19.57
N LYS A 7 0.75 9.36 -18.51
CA LYS A 7 1.47 8.13 -18.22
C LYS A 7 0.51 6.99 -17.91
N ARG A 8 0.87 5.79 -18.31
CA ARG A 8 0.03 4.63 -18.11
C ARG A 8 0.71 3.61 -17.21
N GLY A 9 -0.09 2.89 -16.43
CA GLY A 9 0.47 1.89 -15.56
C GLY A 9 -0.45 0.70 -15.38
N ILE A 10 0.13 -0.43 -15.00
CA ILE A 10 -0.64 -1.62 -14.67
C ILE A 10 -0.52 -1.90 -13.18
N VAL A 11 -1.64 -1.82 -12.49
CA VAL A 11 -1.68 -2.08 -11.06
C VAL A 11 -1.44 -3.57 -10.78
N GLN A 12 -0.47 -3.86 -9.92
CA GLN A 12 -0.10 -5.23 -9.64
C GLN A 12 -0.97 -5.83 -8.54
N TYR A 13 -1.03 -5.15 -7.40
CA TYR A 13 -1.80 -5.64 -6.26
C TYR A 13 -3.21 -5.07 -6.26
N ASP A 14 -4.18 -5.89 -5.87
CA ASP A 14 -5.56 -5.45 -5.75
C ASP A 14 -5.72 -4.64 -4.48
N PHE A 15 -6.09 -3.37 -4.61
CA PHE A 15 -6.13 -2.46 -3.47
C PHE A 15 -7.53 -1.88 -3.26
N MET A 16 -8.02 -2.00 -2.04
CA MET A 16 -9.33 -1.48 -1.67
C MET A 16 -9.17 -0.12 -1.00
N ALA A 17 -10.02 0.83 -1.38
CA ALA A 17 -9.94 2.18 -0.83
C ALA A 17 -10.90 2.35 0.35
N GLU A 18 -10.58 3.29 1.23
CA GLU A 18 -11.42 3.59 2.37
C GLU A 18 -12.00 5.01 2.25
N SER A 19 -11.17 5.94 1.84
CA SER A 19 -11.58 7.33 1.73
C SER A 19 -11.81 7.70 0.27
N GLN A 20 -12.42 8.85 0.04
CA GLN A 20 -12.71 9.34 -1.30
C GLN A 20 -11.43 9.81 -1.97
N ASP A 21 -10.40 10.06 -1.16
CA ASP A 21 -9.10 10.50 -1.65
C ASP A 21 -8.39 9.37 -2.36
N GLU A 22 -8.67 8.15 -1.93
CA GLU A 22 -7.99 6.96 -2.45
C GLU A 22 -8.73 6.42 -3.67
N LEU A 23 -8.20 5.36 -4.26
CA LEU A 23 -8.83 4.73 -5.41
C LEU A 23 -8.79 3.21 -5.29
N THR A 24 -9.92 2.57 -5.50
CA THR A 24 -10.00 1.12 -5.50
C THR A 24 -9.46 0.57 -6.82
N ILE A 25 -8.28 -0.02 -6.78
CA ILE A 25 -7.63 -0.52 -7.98
C ILE A 25 -7.59 -2.05 -7.98
N LYS A 26 -8.17 -2.64 -9.01
CA LYS A 26 -8.21 -4.08 -9.13
C LYS A 26 -6.87 -4.62 -9.60
N SER A 27 -6.49 -5.79 -9.10
CA SER A 27 -5.23 -6.40 -9.49
C SER A 27 -5.22 -6.70 -11.00
N GLY A 28 -4.32 -6.04 -11.71
CA GLY A 28 -4.20 -6.27 -13.14
C GLY A 28 -5.01 -5.29 -13.96
N ASP A 29 -5.59 -4.30 -13.31
CA ASP A 29 -6.42 -3.32 -14.01
C ASP A 29 -5.56 -2.28 -14.71
N LYS A 30 -6.19 -1.33 -15.38
CA LYS A 30 -5.49 -0.36 -16.19
C LYS A 30 -5.64 1.03 -15.56
N VAL A 31 -4.54 1.67 -15.22
CA VAL A 31 -4.60 2.98 -14.59
C VAL A 31 -3.76 4.01 -15.33
N TYR A 32 -4.25 5.23 -15.36
CA TYR A 32 -3.48 6.37 -15.85
C TYR A 32 -2.77 7.03 -14.68
N ILE A 33 -1.48 7.27 -14.84
CA ILE A 33 -0.70 7.93 -13.81
C ILE A 33 -0.75 9.44 -14.04
N LEU A 34 -1.62 10.10 -13.29
CA LEU A 34 -1.81 11.53 -13.42
C LEU A 34 -0.62 12.28 -12.84
N ASP A 35 -0.42 12.14 -11.53
CA ASP A 35 0.72 12.77 -10.89
C ASP A 35 1.62 11.72 -10.25
N ASP A 36 2.88 11.74 -10.66
CA ASP A 36 3.91 10.86 -10.10
C ASP A 36 5.07 11.71 -9.62
N LYS A 37 4.82 13.00 -9.48
CA LYS A 37 5.89 13.97 -9.21
C LYS A 37 5.80 14.52 -7.78
N LYS A 38 4.59 14.84 -7.35
CA LYS A 38 4.39 15.45 -6.04
C LYS A 38 4.70 14.47 -4.92
N SER A 39 4.51 13.19 -5.19
CA SER A 39 4.75 12.15 -4.21
C SER A 39 5.51 10.99 -4.82
N LYS A 40 6.07 10.13 -3.98
CA LYS A 40 6.71 8.91 -4.44
C LYS A 40 6.14 7.71 -3.68
N ASP A 41 5.14 7.99 -2.87
CA ASP A 41 4.50 6.99 -2.02
C ASP A 41 3.05 6.79 -2.43
N TRP A 42 2.31 7.88 -2.52
CA TRP A 42 0.93 7.85 -2.96
C TRP A 42 0.77 8.66 -4.25
N TRP A 43 0.49 7.99 -5.35
CA TRP A 43 0.35 8.65 -6.64
C TRP A 43 -1.10 8.85 -7.01
N MET A 44 -1.34 9.70 -8.00
CA MET A 44 -2.69 9.95 -8.48
C MET A 44 -2.94 9.14 -9.72
N CYS A 45 -3.73 8.09 -9.61
CA CYS A 45 -4.03 7.23 -10.74
C CYS A 45 -5.52 7.26 -11.06
N GLN A 46 -5.84 6.90 -12.29
CA GLN A 46 -7.23 6.87 -12.73
C GLN A 46 -7.52 5.58 -13.48
N LEU A 47 -8.58 4.89 -13.07
CA LEU A 47 -9.00 3.67 -13.75
C LEU A 47 -9.52 4.01 -15.14
N VAL A 48 -8.96 3.35 -16.15
CA VAL A 48 -9.30 3.65 -17.54
C VAL A 48 -10.76 3.34 -17.84
N ASP A 49 -11.17 2.11 -17.55
CA ASP A 49 -12.52 1.64 -17.88
C ASP A 49 -13.57 2.27 -16.97
N SER A 50 -13.21 2.53 -15.73
CA SER A 50 -14.15 3.10 -14.77
C SER A 50 -14.22 4.62 -14.90
N GLY A 51 -13.07 5.27 -14.94
CA GLY A 51 -13.04 6.71 -15.00
C GLY A 51 -12.88 7.36 -13.63
N LYS A 52 -12.54 6.53 -12.65
CA LYS A 52 -12.35 7.01 -11.28
C LYS A 52 -10.87 7.28 -11.01
N SER A 53 -10.57 8.46 -10.48
CA SER A 53 -9.20 8.82 -10.14
C SER A 53 -9.04 9.00 -8.63
N GLY A 54 -7.88 8.62 -8.12
CA GLY A 54 -7.62 8.75 -6.69
C GLY A 54 -6.19 8.43 -6.35
N LEU A 55 -5.86 8.51 -5.07
CA LEU A 55 -4.51 8.23 -4.59
C LEU A 55 -4.33 6.74 -4.35
N VAL A 56 -3.22 6.20 -4.83
CA VAL A 56 -2.91 4.78 -4.68
C VAL A 56 -1.44 4.57 -4.33
N PRO A 57 -1.10 3.45 -3.68
CA PRO A 57 0.29 3.08 -3.37
C PRO A 57 1.16 3.01 -4.62
N ALA A 58 2.28 3.72 -4.59
CA ALA A 58 3.17 3.81 -5.74
C ALA A 58 3.79 2.47 -6.10
N GLN A 59 3.99 1.60 -5.11
CA GLN A 59 4.63 0.31 -5.36
C GLN A 59 3.64 -0.67 -5.96
N PHE A 60 2.37 -0.28 -5.98
CA PHE A 60 1.32 -1.14 -6.51
C PHE A 60 1.12 -0.88 -8.00
N ILE A 61 1.69 0.22 -8.48
CA ILE A 61 1.53 0.59 -9.87
C ILE A 61 2.83 0.38 -10.65
N GLU A 62 2.75 -0.43 -11.69
CA GLU A 62 3.90 -0.65 -12.57
C GLU A 62 3.62 -0.01 -13.94
N PRO A 63 4.28 1.11 -14.24
CA PRO A 63 4.05 1.87 -15.48
C PRO A 63 4.23 1.02 -16.74
N VAL A 64 3.37 1.23 -17.73
CA VAL A 64 3.45 0.50 -18.97
C VAL A 64 4.58 1.06 -19.83
N ARG A 65 5.75 0.50 -19.60
CA ARG A 65 7.02 1.04 -20.10
C ARG A 65 8.12 0.45 -19.24
N ASP A 66 7.73 0.13 -18.00
CA ASP A 66 8.56 -0.57 -17.02
C ASP A 66 9.54 0.39 -16.35
N LYS A 67 9.48 1.65 -16.76
CA LYS A 67 10.33 2.69 -16.21
C LYS A 67 9.81 4.05 -16.63
N LYS A 68 9.59 4.94 -15.66
CA LYS A 68 9.10 6.27 -15.98
C LYS A 68 10.24 7.28 -16.02
N HIS A 69 10.65 7.61 -17.24
CA HIS A 69 11.70 8.59 -17.48
C HIS A 69 11.08 9.89 -17.95
N THR A 70 9.87 9.77 -18.49
CA THR A 70 9.09 10.92 -18.94
C THR A 70 7.66 10.48 -19.28
N GLU A 71 7.50 9.19 -19.55
CA GLU A 71 6.18 8.63 -19.82
C GLU A 71 5.96 7.42 -18.92
N MET B 1 2.78 -16.72 15.07
CA MET B 1 3.41 -16.98 13.76
C MET B 1 4.38 -15.88 13.41
N GLN B 2 4.83 -15.89 12.18
CA GLN B 2 5.72 -14.86 11.68
C GLN B 2 5.18 -14.30 10.36
N ILE B 3 5.32 -13.00 10.17
CA ILE B 3 4.87 -12.36 8.94
C ILE B 3 5.98 -11.48 8.38
N PHE B 4 5.84 -11.10 7.12
CA PHE B 4 6.84 -10.26 6.47
C PHE B 4 6.27 -8.88 6.19
N VAL B 5 6.72 -7.90 6.96
CA VAL B 5 6.28 -6.53 6.78
C VAL B 5 7.21 -5.80 5.83
N LYS B 6 6.86 -5.79 4.57
CA LYS B 6 7.66 -5.15 3.54
C LYS B 6 7.23 -3.71 3.36
N THR B 7 8.05 -2.78 3.80
CA THR B 7 7.69 -1.38 3.78
C THR B 7 7.72 -0.80 2.37
N LEU B 8 7.17 0.40 2.23
CA LEU B 8 7.24 1.14 0.97
C LEU B 8 8.69 1.51 0.67
N THR B 9 9.47 1.68 1.74
CA THR B 9 10.87 2.09 1.63
C THR B 9 11.78 0.93 1.26
N GLY B 10 11.21 -0.25 1.04
CA GLY B 10 11.98 -1.39 0.58
C GLY B 10 12.64 -2.13 1.72
N LYS B 11 12.14 -1.95 2.93
CA LYS B 11 12.68 -2.62 4.10
C LYS B 11 11.77 -3.79 4.48
N THR B 12 12.26 -5.00 4.34
CA THR B 12 11.48 -6.18 4.64
C THR B 12 11.66 -6.58 6.10
N ILE B 13 10.68 -6.24 6.92
CA ILE B 13 10.73 -6.50 8.34
C ILE B 13 10.13 -7.87 8.67
N THR B 14 10.92 -8.74 9.27
CA THR B 14 10.40 -10.02 9.71
C THR B 14 9.84 -9.85 11.13
N LEU B 15 8.53 -9.97 11.25
CA LEU B 15 7.87 -9.70 12.52
C LEU B 15 7.15 -10.94 13.00
N GLU B 16 7.40 -11.31 14.24
CA GLU B 16 6.78 -12.48 14.83
C GLU B 16 5.60 -12.06 15.70
N VAL B 17 4.40 -12.43 15.26
CA VAL B 17 3.16 -12.09 15.96
C VAL B 17 2.20 -13.27 15.91
N GLU B 18 1.33 -13.39 16.90
CA GLU B 18 0.41 -14.50 16.98
C GLU B 18 -0.61 -14.47 15.84
N SER B 19 -1.09 -15.63 15.42
CA SER B 19 -2.12 -15.70 14.39
C SER B 19 -3.44 -15.15 14.92
N SER B 20 -3.53 -15.03 16.23
CA SER B 20 -4.69 -14.43 16.88
C SER B 20 -4.31 -13.09 17.49
N ASP B 21 -3.18 -12.54 17.05
CA ASP B 21 -2.67 -11.29 17.61
C ASP B 21 -3.48 -10.10 17.08
N THR B 22 -3.27 -8.93 17.67
CA THR B 22 -4.00 -7.74 17.26
C THR B 22 -3.13 -6.88 16.34
N ILE B 23 -3.78 -6.16 15.42
CA ILE B 23 -3.05 -5.27 14.52
C ILE B 23 -2.31 -4.20 15.32
N ASP B 24 -2.90 -3.83 16.46
CA ASP B 24 -2.32 -2.81 17.33
C ASP B 24 -0.98 -3.26 17.87
N ASN B 25 -0.92 -4.50 18.33
CA ASN B 25 0.30 -5.07 18.88
C ASN B 25 1.39 -5.14 17.81
N VAL B 26 0.99 -5.54 16.60
CA VAL B 26 1.92 -5.62 15.49
C VAL B 26 2.51 -4.23 15.19
N LYS B 27 1.65 -3.22 15.13
CA LYS B 27 2.09 -1.84 14.90
C LYS B 27 3.06 -1.39 15.98
N SER B 28 2.75 -1.74 17.23
CA SER B 28 3.57 -1.33 18.37
C SER B 28 4.95 -1.98 18.31
N LYS B 29 5.02 -3.21 17.82
CA LYS B 29 6.29 -3.91 17.72
C LYS B 29 7.18 -3.29 16.63
N ILE B 30 6.57 -2.97 15.50
CA ILE B 30 7.28 -2.29 14.42
C ILE B 30 7.67 -0.89 14.87
N GLN B 31 6.81 -0.28 15.67
CA GLN B 31 7.06 1.04 16.25
C GLN B 31 8.34 1.04 17.07
N ASP B 32 8.49 0.02 17.91
CA ASP B 32 9.65 -0.07 18.80
C ASP B 32 10.92 -0.40 18.02
N LYS B 33 10.75 -1.10 16.90
CA LYS B 33 11.88 -1.51 16.10
C LYS B 33 12.36 -0.36 15.19
N GLU B 34 11.48 0.09 14.31
CA GLU B 34 11.86 1.04 13.27
C GLU B 34 11.60 2.49 13.69
N GLY B 35 10.93 2.66 14.83
CA GLY B 35 10.60 4.00 15.28
C GLY B 35 9.53 4.64 14.42
N ILE B 36 8.62 3.82 13.91
CA ILE B 36 7.55 4.31 13.06
C ILE B 36 6.24 4.36 13.84
N PRO B 37 5.64 5.56 13.95
CA PRO B 37 4.38 5.74 14.68
C PRO B 37 3.23 4.93 14.10
N PRO B 38 2.41 4.30 14.96
CA PRO B 38 1.24 3.54 14.54
C PRO B 38 0.22 4.40 13.80
N ASP B 39 0.28 5.71 14.06
CA ASP B 39 -0.57 6.68 13.39
C ASP B 39 -0.21 6.77 11.91
N GLN B 40 1.06 6.51 11.63
CA GLN B 40 1.59 6.64 10.28
C GLN B 40 1.58 5.29 9.56
N GLN B 41 1.81 4.23 10.32
CA GLN B 41 1.82 2.88 9.78
C GLN B 41 0.47 2.48 9.19
N ARG B 42 0.45 2.22 7.88
CA ARG B 42 -0.72 1.66 7.23
C ARG B 42 -0.35 0.29 6.64
N LEU B 43 -0.70 -0.77 7.37
CA LEU B 43 -0.38 -2.12 6.95
C LEU B 43 -1.34 -2.59 5.87
N ILE B 44 -0.83 -2.78 4.66
CA ILE B 44 -1.67 -3.23 3.56
C ILE B 44 -1.51 -4.74 3.33
N PHE B 45 -2.52 -5.49 3.75
CA PHE B 45 -2.57 -6.92 3.52
C PHE B 45 -3.62 -7.24 2.48
N ALA B 46 -3.19 -7.82 1.36
CA ALA B 46 -4.10 -8.16 0.26
C ALA B 46 -4.81 -6.92 -0.27
N GLY B 47 -4.14 -5.78 -0.16
CA GLY B 47 -4.70 -4.53 -0.64
C GLY B 47 -5.68 -3.91 0.34
N LYS B 48 -5.64 -4.38 1.56
CA LYS B 48 -6.55 -3.90 2.60
C LYS B 48 -5.76 -3.29 3.75
N GLN B 49 -6.07 -2.04 4.08
CA GLN B 49 -5.35 -1.32 5.13
C GLN B 49 -5.84 -1.74 6.51
N LEU B 50 -4.92 -2.27 7.30
CA LEU B 50 -5.25 -2.81 8.62
C LEU B 50 -5.05 -1.76 9.70
N GLU B 51 -5.99 -1.70 10.64
CA GLU B 51 -5.89 -0.77 11.76
C GLU B 51 -6.05 -1.50 13.08
N ASP B 52 -5.79 -0.78 14.18
CA ASP B 52 -5.77 -1.36 15.52
C ASP B 52 -7.17 -1.79 15.94
N GLY B 53 -7.25 -2.58 17.01
CA GLY B 53 -8.52 -3.07 17.48
C GLY B 53 -8.85 -4.42 16.89
N ARG B 54 -8.61 -4.55 15.59
CA ARG B 54 -8.87 -5.80 14.88
C ARG B 54 -7.74 -6.80 15.12
N THR B 55 -8.05 -8.07 14.96
CA THR B 55 -7.05 -9.12 15.09
C THR B 55 -6.61 -9.62 13.72
N LEU B 56 -5.49 -10.34 13.69
CA LEU B 56 -5.00 -10.92 12.44
C LEU B 56 -5.99 -11.95 11.90
N SER B 57 -6.75 -12.55 12.80
CA SER B 57 -7.70 -13.59 12.44
C SER B 57 -8.94 -12.99 11.76
N ASP B 58 -9.23 -11.73 12.07
CA ASP B 58 -10.44 -11.09 11.55
C ASP B 58 -10.31 -10.79 10.06
N TYR B 59 -9.08 -10.55 9.62
CA TYR B 59 -8.82 -10.27 8.21
C TYR B 59 -8.40 -11.54 7.48
N ASN B 60 -8.49 -12.68 8.17
CA ASN B 60 -8.13 -13.98 7.62
C ASN B 60 -6.66 -14.00 7.20
N ILE B 61 -5.81 -13.39 8.00
CA ILE B 61 -4.39 -13.35 7.71
C ILE B 61 -3.75 -14.68 8.06
N GLN B 62 -3.00 -15.24 7.11
CA GLN B 62 -2.41 -16.55 7.30
C GLN B 62 -0.93 -16.44 7.66
N LYS B 63 -0.27 -17.59 7.74
CA LYS B 63 1.13 -17.66 8.14
C LYS B 63 2.03 -17.02 7.09
N GLU B 64 3.14 -16.43 7.56
CA GLU B 64 4.24 -15.92 6.71
C GLU B 64 3.75 -15.17 5.48
N SER B 65 2.75 -14.32 5.66
CA SER B 65 2.26 -13.49 4.58
C SER B 65 3.09 -12.21 4.48
N THR B 66 3.26 -11.70 3.27
CA THR B 66 4.04 -10.50 3.05
C THR B 66 3.14 -9.28 2.91
N LEU B 67 3.09 -8.48 3.96
CA LEU B 67 2.30 -7.26 3.97
C LEU B 67 3.16 -6.10 3.44
N HIS B 68 2.51 -5.13 2.82
CA HIS B 68 3.21 -3.93 2.40
C HIS B 68 2.88 -2.78 3.34
N LEU B 69 3.90 -2.26 4.01
CA LEU B 69 3.72 -1.15 4.94
C LEU B 69 3.83 0.18 4.20
N VAL B 70 2.69 0.76 3.92
CA VAL B 70 2.63 2.07 3.30
C VAL B 70 2.47 3.12 4.39
N LEU B 71 3.20 4.20 4.29
CA LEU B 71 3.22 5.18 5.35
C LEU B 71 2.25 6.32 5.06
N ARG B 72 1.43 6.63 6.05
CA ARG B 72 0.52 7.76 6.01
C ARG B 72 1.35 9.04 6.04
N LEU B 73 1.18 9.89 5.03
CA LEU B 73 2.01 11.09 4.89
C LEU B 73 1.66 12.19 5.91
N ARG B 74 1.12 11.76 7.05
CA ARG B 74 0.80 12.64 8.17
C ARG B 74 -0.27 13.67 7.81
N GLY B 75 -1.47 13.43 8.29
CA GLY B 75 -2.58 14.31 8.00
C GLY B 75 -3.80 13.96 8.84
N GLY B 76 -4.98 14.18 8.29
CA GLY B 76 -6.20 13.88 8.99
C GLY B 76 -7.36 14.68 8.48
N MET A 1 8.41 23.34 -16.96
CA MET A 1 7.54 24.18 -17.80
C MET A 1 6.20 23.51 -18.05
N ALA A 2 5.91 22.47 -17.26
CA ALA A 2 4.64 21.74 -17.33
C ALA A 2 4.51 20.96 -18.64
N SER A 3 4.76 19.67 -18.57
CA SER A 3 4.68 18.81 -19.74
C SER A 3 3.80 17.59 -19.45
N LYS A 4 3.13 17.08 -20.47
CA LYS A 4 2.26 15.93 -20.29
C LYS A 4 3.08 14.65 -20.41
N SER A 5 3.60 14.19 -19.28
CA SER A 5 4.31 12.92 -19.24
C SER A 5 3.35 11.78 -19.56
N LYS A 6 2.15 11.86 -18.98
CA LYS A 6 1.10 10.87 -19.21
C LYS A 6 1.61 9.44 -19.06
N LYS A 7 2.05 9.12 -17.85
CA LYS A 7 2.50 7.78 -17.55
C LYS A 7 1.31 6.85 -17.44
N ARG A 8 1.47 5.64 -17.92
CA ARG A 8 0.43 4.64 -17.78
C ARG A 8 0.91 3.55 -16.83
N GLY A 9 -0.01 3.00 -16.06
CA GLY A 9 0.35 1.99 -15.10
C GLY A 9 -0.64 0.85 -15.07
N ILE A 10 -0.13 -0.35 -14.80
CA ILE A 10 -0.97 -1.51 -14.60
C ILE A 10 -0.88 -1.93 -13.14
N VAL A 11 -1.94 -1.70 -12.38
CA VAL A 11 -1.93 -2.03 -10.96
C VAL A 11 -1.96 -3.55 -10.76
N GLN A 12 -1.03 -4.06 -9.95
CA GLN A 12 -0.87 -5.49 -9.77
C GLN A 12 -1.61 -5.99 -8.52
N TYR A 13 -1.95 -5.06 -7.65
CA TYR A 13 -2.63 -5.41 -6.41
C TYR A 13 -4.07 -4.92 -6.43
N ASP A 14 -4.82 -5.25 -5.39
CA ASP A 14 -6.19 -4.79 -5.27
C ASP A 14 -6.30 -3.84 -4.09
N PHE A 15 -6.63 -2.59 -4.38
CA PHE A 15 -6.75 -1.57 -3.35
C PHE A 15 -8.12 -0.93 -3.37
N MET A 16 -8.94 -1.29 -2.40
CA MET A 16 -10.25 -0.68 -2.25
C MET A 16 -10.15 0.55 -1.37
N ALA A 17 -10.44 1.71 -1.95
CA ALA A 17 -10.27 2.98 -1.28
C ALA A 17 -11.22 3.12 -0.09
N GLU A 18 -10.69 3.60 1.02
CA GLU A 18 -11.48 3.82 2.22
C GLU A 18 -11.94 5.26 2.25
N SER A 19 -11.03 6.17 1.92
CA SER A 19 -11.33 7.59 1.90
C SER A 19 -11.65 8.03 0.47
N GLN A 20 -12.17 9.24 0.33
CA GLN A 20 -12.58 9.77 -0.96
C GLN A 20 -11.38 10.24 -1.78
N ASP A 21 -10.27 10.50 -1.11
CA ASP A 21 -9.06 10.96 -1.78
C ASP A 21 -8.28 9.78 -2.37
N GLU A 22 -8.66 8.58 -1.97
CA GLU A 22 -8.01 7.38 -2.45
C GLU A 22 -8.73 6.86 -3.69
N LEU A 23 -8.06 6.01 -4.45
CA LEU A 23 -8.65 5.47 -5.67
C LEU A 23 -8.77 3.96 -5.58
N THR A 24 -9.98 3.45 -5.82
CA THR A 24 -10.21 2.01 -5.82
C THR A 24 -9.67 1.39 -7.10
N ILE A 25 -8.62 0.60 -6.96
CA ILE A 25 -7.97 -0.03 -8.08
C ILE A 25 -7.95 -1.54 -7.92
N LYS A 26 -8.32 -2.25 -8.98
CA LYS A 26 -8.32 -3.70 -8.95
C LYS A 26 -7.21 -4.22 -9.84
N SER A 27 -6.64 -5.35 -9.47
CA SER A 27 -5.53 -5.93 -10.21
C SER A 27 -5.86 -6.09 -11.69
N GLY A 28 -5.09 -5.40 -12.53
CA GLY A 28 -5.31 -5.47 -13.96
C GLY A 28 -5.85 -4.16 -14.53
N ASP A 29 -6.24 -3.25 -13.66
CA ASP A 29 -6.75 -1.95 -14.10
C ASP A 29 -5.65 -1.12 -14.75
N LYS A 30 -5.95 -0.56 -15.91
CA LYS A 30 -5.06 0.39 -16.54
C LYS A 30 -5.32 1.76 -15.93
N VAL A 31 -4.29 2.39 -15.41
CA VAL A 31 -4.46 3.69 -14.80
C VAL A 31 -3.52 4.71 -15.43
N TYR A 32 -3.99 5.94 -15.54
CA TYR A 32 -3.18 7.05 -16.01
C TYR A 32 -2.50 7.71 -14.84
N ILE A 33 -1.19 7.58 -14.78
CA ILE A 33 -0.41 8.15 -13.69
C ILE A 33 -0.13 9.62 -13.96
N LEU A 34 -0.83 10.48 -13.25
CA LEU A 34 -0.69 11.91 -13.42
C LEU A 34 0.56 12.42 -12.73
N ASP A 35 0.73 12.05 -11.46
CA ASP A 35 1.93 12.40 -10.72
C ASP A 35 2.69 11.16 -10.33
N ASP A 36 3.90 11.04 -10.86
CA ASP A 36 4.77 9.89 -10.62
C ASP A 36 6.17 10.35 -10.23
N LYS A 37 6.36 11.65 -10.15
CA LYS A 37 7.69 12.20 -9.94
C LYS A 37 7.83 12.90 -8.59
N LYS A 38 6.79 13.59 -8.14
CA LYS A 38 6.88 14.38 -6.92
C LYS A 38 6.83 13.49 -5.68
N SER A 39 6.12 12.38 -5.80
CA SER A 39 5.98 11.45 -4.69
C SER A 39 6.65 10.11 -5.01
N LYS A 40 7.09 9.41 -3.97
CA LYS A 40 7.71 8.10 -4.11
C LYS A 40 6.98 7.08 -3.25
N ASP A 41 5.83 7.49 -2.75
CA ASP A 41 5.05 6.67 -1.82
C ASP A 41 3.61 6.52 -2.30
N TRP A 42 2.97 7.65 -2.58
CA TRP A 42 1.61 7.66 -3.10
C TRP A 42 1.55 8.44 -4.40
N TRP A 43 1.12 7.80 -5.47
CA TRP A 43 1.05 8.43 -6.77
C TRP A 43 -0.37 8.82 -7.10
N MET A 44 -0.52 9.70 -8.09
CA MET A 44 -1.85 10.11 -8.52
C MET A 44 -2.22 9.39 -9.80
N CYS A 45 -3.20 8.52 -9.73
CA CYS A 45 -3.61 7.75 -10.89
C CYS A 45 -5.06 8.01 -11.24
N GLN A 46 -5.37 7.92 -12.51
CA GLN A 46 -6.73 8.08 -13.00
C GLN A 46 -7.19 6.79 -13.66
N LEU A 47 -8.36 6.30 -13.25
CA LEU A 47 -8.93 5.11 -13.86
C LEU A 47 -9.34 5.41 -15.29
N VAL A 48 -8.71 4.74 -16.23
CA VAL A 48 -9.04 4.92 -17.65
C VAL A 48 -10.43 4.38 -17.94
N ASP A 49 -10.80 3.38 -17.16
CA ASP A 49 -12.12 2.75 -17.28
C ASP A 49 -13.22 3.60 -16.65
N SER A 50 -12.94 4.18 -15.49
CA SER A 50 -13.97 4.91 -14.75
C SER A 50 -13.91 6.41 -15.03
N GLY A 51 -12.71 6.97 -15.14
CA GLY A 51 -12.57 8.38 -15.41
C GLY A 51 -12.15 9.17 -14.19
N LYS A 52 -12.24 8.56 -13.01
CA LYS A 52 -11.92 9.25 -11.77
C LYS A 52 -10.44 9.14 -11.44
N SER A 53 -9.91 10.17 -10.80
CA SER A 53 -8.51 10.19 -10.40
C SER A 53 -8.41 10.15 -8.87
N GLY A 54 -7.36 9.51 -8.36
CA GLY A 54 -7.19 9.44 -6.92
C GLY A 54 -5.78 9.08 -6.52
N LEU A 55 -5.52 9.03 -5.22
CA LEU A 55 -4.21 8.68 -4.72
C LEU A 55 -4.10 7.18 -4.50
N VAL A 56 -3.00 6.59 -4.95
CA VAL A 56 -2.78 5.15 -4.83
C VAL A 56 -1.36 4.84 -4.37
N PRO A 57 -1.17 3.72 -3.66
CA PRO A 57 0.16 3.26 -3.24
C PRO A 57 1.07 2.99 -4.41
N ALA A 58 2.24 3.63 -4.42
CA ALA A 58 3.21 3.50 -5.50
C ALA A 58 3.62 2.03 -5.70
N GLN A 59 3.71 1.30 -4.60
CA GLN A 59 4.12 -0.10 -4.63
C GLN A 59 3.13 -0.95 -5.46
N PHE A 60 1.88 -0.51 -5.52
CA PHE A 60 0.83 -1.32 -6.13
C PHE A 60 0.80 -1.11 -7.65
N ILE A 61 1.36 0.00 -8.09
CA ILE A 61 1.31 0.36 -9.51
C ILE A 61 2.54 -0.17 -10.25
N GLU A 62 2.31 -0.89 -11.34
CA GLU A 62 3.38 -1.34 -12.22
C GLU A 62 3.40 -0.45 -13.46
N PRO A 63 4.41 0.43 -13.56
CA PRO A 63 4.49 1.41 -14.65
C PRO A 63 4.63 0.75 -16.02
N VAL A 64 3.81 1.19 -16.97
CA VAL A 64 3.86 0.65 -18.32
C VAL A 64 5.01 1.29 -19.09
N ARG A 65 6.20 0.99 -18.63
CA ARG A 65 7.44 1.37 -19.29
C ARG A 65 8.31 0.12 -19.31
N ASP A 66 8.71 -0.29 -18.11
CA ASP A 66 9.34 -1.58 -17.86
C ASP A 66 9.84 -1.61 -16.43
N LYS A 67 9.27 -2.54 -15.65
CA LYS A 67 9.58 -2.71 -14.22
C LYS A 67 9.32 -1.44 -13.41
N LYS A 68 9.53 -1.54 -12.11
CA LYS A 68 9.34 -0.40 -11.22
C LYS A 68 10.70 0.22 -10.89
N HIS A 69 10.80 1.54 -11.10
CA HIS A 69 12.01 2.26 -10.73
C HIS A 69 12.03 2.45 -9.22
N THR A 70 12.76 1.58 -8.53
CA THR A 70 12.85 1.63 -7.08
C THR A 70 14.12 2.37 -6.66
N GLU A 71 14.06 3.05 -5.53
CA GLU A 71 15.21 3.77 -5.00
C GLU A 71 16.17 2.80 -4.33
N MET B 1 4.08 -16.21 16.02
CA MET B 1 4.70 -16.55 14.73
C MET B 1 5.50 -15.36 14.20
N GLN B 2 5.97 -15.49 12.98
CA GLN B 2 6.68 -14.41 12.33
C GLN B 2 5.94 -14.00 11.06
N ILE B 3 5.91 -12.71 10.78
CA ILE B 3 5.36 -12.22 9.52
C ILE B 3 6.36 -11.27 8.87
N PHE B 4 6.17 -11.02 7.60
CA PHE B 4 7.06 -10.12 6.88
C PHE B 4 6.30 -8.87 6.46
N VAL B 5 6.57 -7.76 7.12
CA VAL B 5 5.92 -6.51 6.79
C VAL B 5 6.78 -5.72 5.80
N LYS B 6 6.34 -5.73 4.55
CA LYS B 6 7.07 -5.11 3.46
C LYS B 6 6.47 -3.75 3.13
N THR B 7 7.22 -2.69 3.38
CA THR B 7 6.76 -1.35 3.12
C THR B 7 6.65 -1.07 1.62
N LEU B 8 6.02 0.05 1.28
CA LEU B 8 5.89 0.46 -0.11
C LEU B 8 7.22 0.95 -0.69
N THR B 9 8.19 1.17 0.18
CA THR B 9 9.52 1.61 -0.22
C THR B 9 10.43 0.44 -0.53
N GLY B 10 10.08 -0.73 -0.01
CA GLY B 10 10.88 -1.93 -0.26
C GLY B 10 11.55 -2.44 1.00
N LYS B 11 11.09 -1.97 2.15
CA LYS B 11 11.65 -2.41 3.42
C LYS B 11 10.82 -3.55 3.98
N THR B 12 11.33 -4.76 3.86
CA THR B 12 10.66 -5.94 4.37
C THR B 12 11.18 -6.29 5.75
N ILE B 13 10.35 -6.03 6.75
CA ILE B 13 10.74 -6.27 8.13
C ILE B 13 10.20 -7.61 8.61
N THR B 14 11.06 -8.41 9.20
CA THR B 14 10.61 -9.63 9.84
C THR B 14 10.11 -9.31 11.24
N LEU B 15 8.80 -9.44 11.42
CA LEU B 15 8.16 -9.05 12.66
C LEU B 15 7.60 -10.29 13.36
N GLU B 16 8.04 -10.53 14.58
CA GLU B 16 7.60 -11.71 15.32
C GLU B 16 6.43 -11.33 16.22
N VAL B 17 5.27 -11.86 15.87
CA VAL B 17 4.04 -11.61 16.63
C VAL B 17 3.19 -12.88 16.67
N GLU B 18 2.57 -13.14 17.80
CA GLU B 18 1.82 -14.37 17.97
C GLU B 18 0.39 -14.19 17.49
N SER B 19 -0.28 -15.31 17.24
CA SER B 19 -1.65 -15.30 16.72
C SER B 19 -2.60 -14.57 17.67
N SER B 20 -2.21 -14.50 18.93
CA SER B 20 -3.02 -13.88 19.96
C SER B 20 -2.69 -12.40 20.12
N ASP B 21 -1.68 -11.93 19.40
CA ASP B 21 -1.27 -10.52 19.49
C ASP B 21 -2.17 -9.65 18.62
N THR B 22 -2.29 -8.40 19.02
CA THR B 22 -3.13 -7.45 18.32
C THR B 22 -2.36 -6.78 17.19
N ILE B 23 -3.07 -6.16 16.26
CA ILE B 23 -2.45 -5.35 15.23
C ILE B 23 -1.78 -4.15 15.91
N ASP B 24 -2.37 -3.73 17.02
CA ASP B 24 -1.80 -2.68 17.87
C ASP B 24 -0.39 -3.07 18.30
N ASN B 25 -0.27 -4.30 18.78
CA ASN B 25 1.01 -4.87 19.20
C ASN B 25 2.00 -4.89 18.04
N VAL B 26 1.54 -5.36 16.88
CA VAL B 26 2.37 -5.44 15.70
C VAL B 26 2.85 -4.04 15.30
N LYS B 27 1.93 -3.08 15.27
CA LYS B 27 2.27 -1.69 14.95
C LYS B 27 3.29 -1.14 15.95
N SER B 28 3.13 -1.51 17.22
CA SER B 28 4.04 -1.05 18.26
C SER B 28 5.45 -1.54 18.00
N LYS B 29 5.58 -2.79 17.57
CA LYS B 29 6.89 -3.37 17.29
C LYS B 29 7.50 -2.77 16.03
N ILE B 30 6.66 -2.36 15.09
CA ILE B 30 7.12 -1.68 13.89
C ILE B 30 7.56 -0.26 14.24
N GLN B 31 6.83 0.37 15.15
CA GLN B 31 7.19 1.69 15.66
C GLN B 31 8.52 1.59 16.40
N ASP B 32 8.71 0.48 17.10
CA ASP B 32 9.93 0.22 17.85
C ASP B 32 11.09 -0.06 16.88
N LYS B 33 10.77 -0.66 15.74
CA LYS B 33 11.76 -1.01 14.74
C LYS B 33 12.19 0.21 13.92
N GLU B 34 11.29 0.72 13.09
CA GLU B 34 11.62 1.76 12.13
C GLU B 34 11.36 3.15 12.70
N GLY B 35 10.51 3.22 13.71
CA GLY B 35 10.13 4.52 14.25
C GLY B 35 8.98 5.13 13.47
N ILE B 36 8.02 4.30 13.11
CA ILE B 36 6.86 4.76 12.36
C ILE B 36 5.64 4.81 13.26
N PRO B 37 4.94 5.96 13.30
CA PRO B 37 3.71 6.11 14.09
C PRO B 37 2.65 5.08 13.70
N PRO B 38 2.11 4.35 14.70
CA PRO B 38 1.12 3.28 14.47
C PRO B 38 -0.12 3.79 13.76
N ASP B 39 -0.48 5.04 14.05
CA ASP B 39 -1.62 5.70 13.43
C ASP B 39 -1.46 5.74 11.91
N GLN B 40 -0.22 5.90 11.50
CA GLN B 40 0.12 6.10 10.10
C GLN B 40 0.30 4.76 9.38
N GLN B 41 0.52 3.71 10.15
CA GLN B 41 0.77 2.39 9.58
C GLN B 41 -0.53 1.74 9.14
N ARG B 42 -0.65 1.48 7.84
CA ARG B 42 -1.78 0.74 7.31
C ARG B 42 -1.28 -0.53 6.64
N LEU B 43 -1.54 -1.66 7.27
CA LEU B 43 -1.02 -2.93 6.80
C LEU B 43 -1.98 -3.58 5.82
N ILE B 44 -1.61 -3.59 4.55
CA ILE B 44 -2.45 -4.20 3.53
C ILE B 44 -1.94 -5.60 3.20
N PHE B 45 -2.77 -6.60 3.45
CA PHE B 45 -2.43 -7.98 3.20
C PHE B 45 -3.48 -8.64 2.33
N ALA B 46 -3.11 -8.96 1.08
CA ALA B 46 -3.97 -9.68 0.16
C ALA B 46 -5.31 -8.96 -0.05
N GLY B 47 -5.26 -7.63 -0.09
CA GLY B 47 -6.47 -6.86 -0.32
C GLY B 47 -7.18 -6.47 0.96
N LYS B 48 -6.74 -7.04 2.07
CA LYS B 48 -7.31 -6.73 3.37
C LYS B 48 -6.48 -5.69 4.10
N GLN B 49 -7.13 -4.61 4.49
CA GLN B 49 -6.46 -3.52 5.19
C GLN B 49 -6.60 -3.70 6.70
N LEU B 50 -5.47 -3.95 7.36
CA LEU B 50 -5.46 -4.29 8.76
C LEU B 50 -5.19 -3.06 9.61
N GLU B 51 -6.06 -2.81 10.58
CA GLU B 51 -5.90 -1.67 11.47
C GLU B 51 -5.87 -2.12 12.92
N ASP B 52 -5.47 -1.21 13.80
CA ASP B 52 -5.37 -1.50 15.22
C ASP B 52 -6.76 -1.69 15.83
N GLY B 53 -6.82 -2.48 16.89
CA GLY B 53 -8.09 -2.83 17.49
C GLY B 53 -8.37 -4.31 17.30
N ARG B 54 -7.88 -4.85 16.20
CA ARG B 54 -8.05 -6.27 15.90
C ARG B 54 -6.77 -7.03 16.23
N THR B 55 -6.87 -8.35 16.30
CA THR B 55 -5.70 -9.20 16.47
C THR B 55 -5.37 -9.89 15.15
N LEU B 56 -4.33 -10.70 15.14
CA LEU B 56 -4.01 -11.53 13.98
C LEU B 56 -5.09 -12.60 13.81
N SER B 57 -5.76 -12.92 14.90
CA SER B 57 -6.82 -13.91 14.90
C SER B 57 -8.09 -13.33 14.27
N ASP B 58 -8.34 -12.04 14.53
CA ASP B 58 -9.51 -11.35 14.00
C ASP B 58 -9.55 -11.42 12.48
N TYR B 59 -8.42 -11.13 11.85
CA TYR B 59 -8.34 -11.13 10.40
C TYR B 59 -8.04 -12.52 9.84
N ASN B 60 -7.63 -13.43 10.73
CA ASN B 60 -7.24 -14.79 10.34
C ASN B 60 -6.00 -14.77 9.45
N ILE B 61 -4.88 -14.41 10.05
CA ILE B 61 -3.62 -14.30 9.32
C ILE B 61 -2.72 -15.49 9.62
N GLN B 62 -1.95 -15.93 8.63
CA GLN B 62 -1.06 -17.08 8.79
C GLN B 62 0.39 -16.63 8.88
N LYS B 63 1.27 -17.52 9.30
CA LYS B 63 2.67 -17.19 9.55
C LYS B 63 3.49 -17.14 8.27
N GLU B 64 4.58 -16.38 8.33
CA GLU B 64 5.52 -16.24 7.23
C GLU B 64 4.83 -15.66 6.00
N SER B 65 3.79 -14.86 6.25
CA SER B 65 3.07 -14.18 5.19
C SER B 65 3.70 -12.82 4.91
N THR B 66 3.49 -12.30 3.70
CA THR B 66 4.07 -11.03 3.31
C THR B 66 3.02 -9.92 3.29
N LEU B 67 3.04 -9.09 4.32
CA LEU B 67 2.13 -7.95 4.41
C LEU B 67 2.77 -6.75 3.75
N HIS B 68 1.97 -5.83 3.25
CA HIS B 68 2.49 -4.62 2.64
C HIS B 68 2.14 -3.41 3.50
N LEU B 69 3.16 -2.74 4.02
CA LEU B 69 2.96 -1.59 4.88
C LEU B 69 2.83 -0.32 4.05
N VAL B 70 1.62 0.20 4.00
CA VAL B 70 1.35 1.45 3.31
C VAL B 70 1.12 2.54 4.33
N LEU B 71 1.92 3.58 4.27
CA LEU B 71 1.84 4.66 5.24
C LEU B 71 0.85 5.72 4.78
N ARG B 72 0.20 6.36 5.73
CA ARG B 72 -0.78 7.40 5.42
C ARG B 72 -0.08 8.77 5.34
N LEU B 73 1.18 8.78 5.78
CA LEU B 73 2.02 9.99 5.72
C LEU B 73 1.41 11.11 6.57
N ARG B 74 1.07 10.79 7.81
CA ARG B 74 0.45 11.76 8.71
C ARG B 74 1.45 12.21 9.77
N GLY B 75 2.56 11.51 9.88
CA GLY B 75 3.53 11.81 10.92
C GLY B 75 4.81 12.40 10.36
N GLY B 76 4.91 13.72 10.40
CA GLY B 76 6.10 14.39 9.90
C GLY B 76 5.88 15.88 9.76
N MET A 1 -3.27 22.10 -17.92
CA MET A 1 -2.08 22.94 -17.77
C MET A 1 -0.82 22.18 -18.19
N ALA A 2 0.34 22.77 -17.95
CA ALA A 2 1.61 22.18 -18.38
C ALA A 2 1.82 20.80 -17.75
N SER A 3 1.28 20.59 -16.57
CA SER A 3 1.40 19.32 -15.87
C SER A 3 0.38 18.30 -16.39
N LYS A 4 0.10 18.34 -17.68
CA LYS A 4 -0.76 17.35 -18.30
C LYS A 4 0.04 16.08 -18.57
N SER A 5 0.23 15.29 -17.52
CA SER A 5 1.01 14.08 -17.61
C SER A 5 0.12 12.85 -17.52
N LYS A 6 0.00 12.13 -18.62
CA LYS A 6 -0.72 10.87 -18.62
C LYS A 6 0.26 9.71 -18.61
N LYS A 7 0.75 9.38 -17.43
CA LYS A 7 1.65 8.25 -17.27
C LYS A 7 0.86 6.96 -17.20
N ARG A 8 1.47 5.86 -17.60
CA ARG A 8 0.77 4.59 -17.64
C ARG A 8 1.25 3.68 -16.52
N GLY A 9 0.30 3.05 -15.83
CA GLY A 9 0.63 2.16 -14.75
C GLY A 9 -0.15 0.86 -14.80
N ILE A 10 0.56 -0.24 -14.55
CA ILE A 10 -0.06 -1.54 -14.47
C ILE A 10 -0.02 -2.05 -13.03
N VAL A 11 -1.17 -2.11 -12.40
CA VAL A 11 -1.26 -2.55 -11.01
C VAL A 11 -0.97 -4.05 -10.88
N GLN A 12 -0.03 -4.37 -10.01
CA GLN A 12 0.44 -5.75 -9.84
C GLN A 12 -0.46 -6.51 -8.87
N TYR A 13 -0.65 -5.95 -7.68
CA TYR A 13 -1.47 -6.57 -6.65
C TYR A 13 -2.93 -6.21 -6.85
N ASP A 14 -3.75 -6.55 -5.86
CA ASP A 14 -5.12 -6.05 -5.78
C ASP A 14 -5.19 -4.98 -4.71
N PHE A 15 -6.00 -3.96 -4.94
CA PHE A 15 -6.20 -2.93 -3.92
C PHE A 15 -7.66 -2.50 -3.90
N MET A 16 -8.26 -2.58 -2.72
CA MET A 16 -9.67 -2.25 -2.57
C MET A 16 -9.80 -0.92 -1.84
N ALA A 17 -10.58 -0.01 -2.41
CA ALA A 17 -10.79 1.29 -1.81
C ALA A 17 -11.74 1.20 -0.62
N GLU A 18 -11.24 1.58 0.55
CA GLU A 18 -12.06 1.60 1.74
C GLU A 18 -12.72 2.98 1.89
N SER A 19 -12.00 4.01 1.47
CA SER A 19 -12.55 5.36 1.43
C SER A 19 -12.71 5.80 -0.02
N GLN A 20 -13.39 6.92 -0.22
CA GLN A 20 -13.61 7.47 -1.55
C GLN A 20 -12.34 8.13 -2.07
N ASP A 21 -11.38 8.34 -1.16
CA ASP A 21 -10.10 8.95 -1.52
C ASP A 21 -9.25 7.96 -2.31
N GLU A 22 -9.34 6.71 -1.92
CA GLU A 22 -8.62 5.64 -2.59
C GLU A 22 -9.33 5.24 -3.88
N LEU A 23 -8.79 4.25 -4.57
CA LEU A 23 -9.41 3.75 -5.79
C LEU A 23 -9.29 2.24 -5.85
N THR A 24 -10.40 1.57 -6.11
CA THR A 24 -10.42 0.11 -6.22
C THR A 24 -9.77 -0.33 -7.52
N ILE A 25 -8.58 -0.90 -7.41
CA ILE A 25 -7.84 -1.38 -8.56
C ILE A 25 -7.54 -2.86 -8.40
N LYS A 26 -8.01 -3.65 -9.34
CA LYS A 26 -7.78 -5.09 -9.29
C LYS A 26 -6.54 -5.45 -10.09
N SER A 27 -5.91 -6.55 -9.72
CA SER A 27 -4.78 -7.06 -10.46
C SER A 27 -5.19 -7.30 -11.91
N GLY A 28 -4.58 -6.56 -12.82
CA GLY A 28 -4.94 -6.65 -14.22
C GLY A 28 -5.64 -5.41 -14.72
N ASP A 29 -5.79 -4.42 -13.84
CA ASP A 29 -6.41 -3.16 -14.23
C ASP A 29 -5.43 -2.30 -15.02
N LYS A 30 -5.93 -1.22 -15.57
CA LYS A 30 -5.13 -0.31 -16.37
C LYS A 30 -5.36 1.12 -15.88
N VAL A 31 -4.32 1.76 -15.37
CA VAL A 31 -4.49 3.09 -14.78
C VAL A 31 -3.50 4.10 -15.35
N TYR A 32 -3.97 5.34 -15.49
CA TYR A 32 -3.12 6.46 -15.83
C TYR A 32 -2.70 7.17 -14.55
N ILE A 33 -1.43 7.50 -14.45
CA ILE A 33 -0.92 8.19 -13.27
C ILE A 33 -0.95 9.70 -13.51
N LEU A 34 -1.82 10.38 -12.78
CA LEU A 34 -1.97 11.83 -12.89
C LEU A 34 -0.90 12.54 -12.08
N ASP A 35 -0.82 12.20 -10.80
CA ASP A 35 0.20 12.74 -9.93
C ASP A 35 1.05 11.63 -9.35
N ASP A 36 2.27 11.52 -9.87
CA ASP A 36 3.24 10.53 -9.42
C ASP A 36 4.17 11.14 -8.37
N LYS A 37 4.23 12.46 -8.36
CA LYS A 37 5.09 13.17 -7.44
C LYS A 37 4.29 14.03 -6.48
N LYS A 38 3.01 13.73 -6.35
CA LYS A 38 2.14 14.45 -5.43
C LYS A 38 2.66 14.27 -4.00
N SER A 39 2.97 13.03 -3.67
CA SER A 39 3.61 12.71 -2.40
C SER A 39 4.89 11.93 -2.68
N LYS A 40 4.75 10.63 -2.91
CA LYS A 40 5.87 9.78 -3.31
C LYS A 40 5.37 8.37 -3.59
N ASP A 41 4.67 7.78 -2.63
CA ASP A 41 4.10 6.45 -2.82
C ASP A 41 2.65 6.55 -3.22
N TRP A 42 1.89 7.35 -2.50
CA TRP A 42 0.48 7.54 -2.82
C TRP A 42 0.31 8.35 -4.09
N TRP A 43 -0.14 7.67 -5.13
CA TRP A 43 -0.29 8.26 -6.45
C TRP A 43 -1.75 8.45 -6.81
N MET A 44 -2.01 9.35 -7.74
CA MET A 44 -3.36 9.54 -8.25
C MET A 44 -3.50 8.79 -9.56
N CYS A 45 -4.10 7.62 -9.51
CA CYS A 45 -4.30 6.83 -10.72
C CYS A 45 -5.72 7.01 -11.22
N GLN A 46 -5.90 6.90 -12.52
CA GLN A 46 -7.22 7.00 -13.11
C GLN A 46 -7.49 5.80 -14.00
N LEU A 47 -8.60 5.12 -13.73
CA LEU A 47 -9.01 3.95 -14.51
C LEU A 47 -9.34 4.36 -15.94
N VAL A 48 -8.74 3.69 -16.91
CA VAL A 48 -8.88 4.04 -18.32
C VAL A 48 -10.33 3.88 -18.79
N ASP A 49 -11.04 2.93 -18.20
CA ASP A 49 -12.40 2.58 -18.66
C ASP A 49 -13.36 3.75 -18.60
N SER A 50 -13.63 4.26 -17.40
CA SER A 50 -14.60 5.34 -17.22
C SER A 50 -13.91 6.65 -16.84
N GLY A 51 -12.66 6.58 -16.46
CA GLY A 51 -11.95 7.76 -16.02
C GLY A 51 -12.15 8.02 -14.54
N LYS A 52 -12.22 6.96 -13.76
CA LYS A 52 -12.35 7.08 -12.32
C LYS A 52 -10.97 7.19 -11.70
N SER A 53 -10.70 8.28 -11.00
CA SER A 53 -9.38 8.50 -10.44
C SER A 53 -9.41 8.43 -8.92
N GLY A 54 -8.30 8.02 -8.32
CA GLY A 54 -8.21 7.93 -6.89
C GLY A 54 -6.79 7.70 -6.42
N LEU A 55 -6.56 7.83 -5.12
CA LEU A 55 -5.24 7.66 -4.53
C LEU A 55 -4.94 6.18 -4.31
N VAL A 56 -3.79 5.74 -4.79
CA VAL A 56 -3.36 4.35 -4.63
C VAL A 56 -1.86 4.27 -4.32
N PRO A 57 -1.46 3.25 -3.56
CA PRO A 57 -0.04 2.98 -3.26
C PRO A 57 0.79 2.68 -4.51
N ALA A 58 2.00 3.22 -4.53
CA ALA A 58 2.97 2.93 -5.57
C ALA A 58 3.49 1.51 -5.39
N GLN A 59 3.26 0.99 -4.19
CA GLN A 59 3.59 -0.40 -3.85
C GLN A 59 2.80 -1.37 -4.71
N PHE A 60 1.73 -0.87 -5.34
CA PHE A 60 0.87 -1.73 -6.13
C PHE A 60 0.92 -1.37 -7.61
N ILE A 61 1.45 -0.20 -7.91
CA ILE A 61 1.45 0.29 -9.29
C ILE A 61 2.82 0.15 -9.93
N GLU A 62 2.87 -0.62 -11.01
CA GLU A 62 4.09 -0.76 -11.80
C GLU A 62 4.08 0.28 -12.92
N PRO A 63 4.99 1.25 -12.87
CA PRO A 63 5.12 2.27 -13.91
C PRO A 63 5.48 1.63 -15.25
N VAL A 64 4.64 1.83 -16.25
CA VAL A 64 4.85 1.22 -17.54
C VAL A 64 5.86 1.99 -18.36
N ARG A 65 7.10 1.49 -18.35
CA ARG A 65 8.19 2.09 -19.09
C ARG A 65 8.43 3.54 -18.64
N ASP A 66 7.98 3.83 -17.43
CA ASP A 66 8.12 5.16 -16.86
C ASP A 66 9.37 5.23 -16.00
N LYS A 67 10.17 6.26 -16.20
CA LYS A 67 11.48 6.35 -15.56
C LYS A 67 11.37 6.77 -14.09
N LYS A 68 11.51 5.80 -13.20
CA LYS A 68 11.52 6.05 -11.77
C LYS A 68 12.55 5.18 -11.08
N HIS A 69 13.29 5.78 -10.16
CA HIS A 69 14.36 5.07 -9.45
C HIS A 69 14.31 5.40 -7.96
N THR A 70 15.18 4.78 -7.18
CA THR A 70 15.35 5.16 -5.79
C THR A 70 16.11 6.49 -5.71
N GLU A 71 17.05 6.66 -6.63
CA GLU A 71 17.74 7.92 -6.82
C GLU A 71 17.61 8.36 -8.26
N MET B 1 2.73 -16.53 14.47
CA MET B 1 3.06 -16.59 13.03
C MET B 1 4.03 -15.48 12.67
N GLN B 2 4.52 -15.51 11.45
CA GLN B 2 5.38 -14.46 10.96
C GLN B 2 4.70 -13.76 9.79
N ILE B 3 4.94 -12.47 9.66
CA ILE B 3 4.46 -11.72 8.51
C ILE B 3 5.59 -10.89 7.94
N PHE B 4 5.71 -10.90 6.62
CA PHE B 4 6.76 -10.17 5.95
C PHE B 4 6.31 -8.75 5.63
N VAL B 5 6.63 -7.82 6.52
CA VAL B 5 6.22 -6.44 6.36
C VAL B 5 7.20 -5.71 5.46
N LYS B 6 6.83 -5.53 4.20
CA LYS B 6 7.65 -4.81 3.25
C LYS B 6 7.30 -3.33 3.27
N THR B 7 8.20 -2.53 3.82
CA THR B 7 7.95 -1.12 4.04
C THR B 7 8.03 -0.31 2.75
N LEU B 8 7.58 0.93 2.83
CA LEU B 8 7.69 1.88 1.73
C LEU B 8 9.17 2.08 1.38
N THR B 9 10.03 2.00 2.39
CA THR B 9 11.46 2.17 2.21
C THR B 9 12.10 0.95 1.59
N GLY B 10 11.31 -0.10 1.37
CA GLY B 10 11.81 -1.29 0.70
C GLY B 10 12.48 -2.26 1.65
N LYS B 11 12.10 -2.19 2.93
CA LYS B 11 12.64 -3.10 3.92
C LYS B 11 11.66 -4.24 4.17
N THR B 12 12.14 -5.47 4.12
CA THR B 12 11.30 -6.61 4.41
C THR B 12 11.47 -7.03 5.87
N ILE B 13 10.65 -6.46 6.73
CA ILE B 13 10.75 -6.72 8.15
C ILE B 13 9.80 -7.84 8.56
N THR B 14 10.35 -9.00 8.88
CA THR B 14 9.55 -10.13 9.31
C THR B 14 9.08 -9.94 10.76
N LEU B 15 7.79 -9.74 10.94
CA LEU B 15 7.22 -9.53 12.26
C LEU B 15 6.68 -10.82 12.83
N GLU B 16 7.08 -11.12 14.06
CA GLU B 16 6.55 -12.27 14.77
C GLU B 16 5.33 -11.86 15.58
N VAL B 17 4.16 -12.18 15.04
CA VAL B 17 2.89 -11.78 15.64
C VAL B 17 1.90 -12.95 15.61
N GLU B 18 0.86 -12.87 16.40
CA GLU B 18 -0.14 -13.93 16.41
C GLU B 18 -1.46 -13.41 15.85
N SER B 19 -2.34 -14.33 15.45
CA SER B 19 -3.63 -13.95 14.89
C SER B 19 -4.52 -13.32 15.96
N SER B 20 -4.18 -13.54 17.22
CA SER B 20 -4.96 -12.99 18.32
C SER B 20 -4.38 -11.66 18.78
N ASP B 21 -3.26 -11.24 18.17
CA ASP B 21 -2.69 -9.93 18.47
C ASP B 21 -3.47 -8.86 17.72
N THR B 22 -3.37 -7.63 18.20
CA THR B 22 -4.03 -6.51 17.55
C THR B 22 -3.08 -5.84 16.57
N ILE B 23 -3.64 -5.06 15.65
CA ILE B 23 -2.82 -4.28 14.74
C ILE B 23 -2.00 -3.27 15.52
N ASP B 24 -2.55 -2.83 16.65
CA ASP B 24 -1.84 -1.96 17.59
C ASP B 24 -0.54 -2.61 18.02
N ASN B 25 -0.65 -3.87 18.42
CA ASN B 25 0.50 -4.66 18.84
C ASN B 25 1.55 -4.73 17.73
N VAL B 26 1.10 -5.08 16.52
CA VAL B 26 1.99 -5.19 15.38
C VAL B 26 2.66 -3.85 15.10
N LYS B 27 1.87 -2.78 15.10
CA LYS B 27 2.39 -1.43 14.88
C LYS B 27 3.45 -1.09 15.93
N SER B 28 3.18 -1.45 17.18
CA SER B 28 4.09 -1.15 18.27
C SER B 28 5.40 -1.93 18.11
N LYS B 29 5.30 -3.17 17.63
CA LYS B 29 6.49 -3.98 17.38
C LYS B 29 7.34 -3.37 16.28
N ILE B 30 6.68 -2.85 15.24
CA ILE B 30 7.40 -2.19 14.15
C ILE B 30 7.99 -0.87 14.65
N GLN B 31 7.26 -0.18 15.51
CA GLN B 31 7.73 1.08 16.07
C GLN B 31 8.92 0.84 17.00
N ASP B 32 8.94 -0.32 17.65
CA ASP B 32 10.05 -0.70 18.52
C ASP B 32 11.31 -0.94 17.70
N LYS B 33 11.17 -1.60 16.56
CA LYS B 33 12.30 -1.98 15.75
C LYS B 33 12.70 -0.86 14.78
N GLU B 34 11.73 -0.33 14.04
CA GLU B 34 12.00 0.73 13.07
C GLU B 34 11.92 2.12 13.71
N GLY B 35 10.85 2.37 14.45
CA GLY B 35 10.70 3.65 15.12
C GLY B 35 9.78 4.59 14.36
N ILE B 36 8.70 4.05 13.83
CA ILE B 36 7.76 4.83 13.05
C ILE B 36 6.42 4.97 13.80
N PRO B 37 5.84 6.19 13.81
CA PRO B 37 4.54 6.43 14.46
C PRO B 37 3.45 5.48 13.97
N PRO B 38 2.74 4.84 14.90
CA PRO B 38 1.73 3.81 14.59
C PRO B 38 0.61 4.31 13.70
N ASP B 39 0.17 5.54 13.90
CA ASP B 39 -0.93 6.11 13.13
C ASP B 39 -0.50 6.33 11.68
N GLN B 40 0.79 6.60 11.50
CA GLN B 40 1.35 6.78 10.17
C GLN B 40 1.60 5.41 9.53
N GLN B 41 1.99 4.43 10.34
CA GLN B 41 2.19 3.07 9.86
C GLN B 41 0.88 2.44 9.44
N ARG B 42 0.59 2.42 8.14
CA ARG B 42 -0.61 1.77 7.67
C ARG B 42 -0.26 0.53 6.86
N LEU B 43 -0.56 -0.63 7.44
CA LEU B 43 -0.27 -1.90 6.80
C LEU B 43 -1.33 -2.21 5.76
N ILE B 44 -0.93 -2.89 4.70
CA ILE B 44 -1.87 -3.34 3.68
C ILE B 44 -1.62 -4.81 3.37
N PHE B 45 -2.66 -5.61 3.58
CA PHE B 45 -2.60 -7.05 3.33
C PHE B 45 -3.40 -7.40 2.09
N ALA B 46 -2.69 -7.64 0.98
CA ALA B 46 -3.29 -8.11 -0.27
C ALA B 46 -4.33 -7.13 -0.83
N GLY B 47 -4.29 -5.90 -0.35
CA GLY B 47 -5.23 -4.90 -0.81
C GLY B 47 -6.14 -4.41 0.30
N LYS B 48 -6.17 -5.15 1.39
CA LYS B 48 -6.95 -4.77 2.56
C LYS B 48 -6.11 -3.92 3.49
N GLN B 49 -6.55 -2.69 3.70
CA GLN B 49 -5.90 -1.78 4.63
C GLN B 49 -6.08 -2.29 6.06
N LEU B 50 -5.06 -2.12 6.88
CA LEU B 50 -5.12 -2.59 8.26
C LEU B 50 -5.07 -1.42 9.23
N GLU B 51 -6.21 -1.07 9.81
CA GLU B 51 -6.25 -0.05 10.83
C GLU B 51 -6.09 -0.68 12.21
N ASP B 52 -5.60 0.11 13.15
CA ASP B 52 -5.43 -0.34 14.52
C ASP B 52 -6.76 -0.32 15.26
N GLY B 53 -6.81 -0.99 16.39
CA GLY B 53 -8.06 -1.13 17.10
C GLY B 53 -8.69 -2.49 16.85
N ARG B 54 -8.15 -3.20 15.88
CA ARG B 54 -8.64 -4.52 15.52
C ARG B 54 -7.49 -5.53 15.55
N THR B 55 -7.79 -6.80 15.38
CA THR B 55 -6.76 -7.84 15.41
C THR B 55 -6.40 -8.31 14.01
N LEU B 56 -5.42 -9.19 13.92
CA LEU B 56 -5.05 -9.80 12.65
C LEU B 56 -6.20 -10.65 12.12
N SER B 57 -6.97 -11.20 13.04
CA SER B 57 -8.07 -12.09 12.70
C SER B 57 -9.22 -11.29 12.08
N ASP B 58 -9.28 -9.99 12.35
CA ASP B 58 -10.33 -9.13 11.83
C ASP B 58 -10.14 -8.86 10.35
N TYR B 59 -9.02 -9.30 9.79
CA TYR B 59 -8.72 -9.03 8.39
C TYR B 59 -8.46 -10.31 7.61
N ASN B 60 -8.81 -11.46 8.21
CA ASN B 60 -8.71 -12.75 7.53
C ASN B 60 -7.23 -13.11 7.24
N ILE B 61 -6.33 -12.48 7.98
CA ILE B 61 -4.89 -12.66 7.77
C ILE B 61 -4.43 -14.02 8.29
N GLN B 62 -3.64 -14.71 7.48
CA GLN B 62 -3.15 -16.04 7.84
C GLN B 62 -1.65 -16.00 8.14
N LYS B 63 -1.09 -17.17 8.44
CA LYS B 63 0.31 -17.28 8.85
C LYS B 63 1.25 -17.08 7.68
N GLU B 64 2.41 -16.50 7.97
CA GLU B 64 3.52 -16.39 7.01
C GLU B 64 3.14 -15.53 5.82
N SER B 65 2.23 -14.59 6.05
CA SER B 65 1.75 -13.70 5.00
C SER B 65 2.76 -12.58 4.70
N THR B 66 2.76 -12.09 3.46
CA THR B 66 3.58 -10.95 3.08
C THR B 66 2.72 -9.69 2.97
N LEU B 67 3.10 -8.65 3.70
CA LEU B 67 2.34 -7.41 3.73
C LEU B 67 3.20 -6.24 3.26
N HIS B 68 2.57 -5.10 3.05
CA HIS B 68 3.29 -3.86 2.73
C HIS B 68 2.96 -2.79 3.76
N LEU B 69 3.98 -2.05 4.17
CA LEU B 69 3.79 -0.97 5.13
C LEU B 69 3.89 0.39 4.43
N VAL B 70 2.74 1.00 4.19
CA VAL B 70 2.70 2.30 3.55
C VAL B 70 2.43 3.37 4.59
N LEU B 71 3.25 4.41 4.58
CA LEU B 71 3.14 5.46 5.57
C LEU B 71 2.08 6.47 5.16
N ARG B 72 1.17 6.72 6.08
CA ARG B 72 0.07 7.66 5.86
C ARG B 72 0.60 9.10 5.80
N LEU B 73 0.16 9.85 4.81
CA LEU B 73 0.56 11.24 4.65
C LEU B 73 -0.28 12.15 5.53
N ARG B 74 -0.73 11.62 6.66
CA ARG B 74 -1.55 12.37 7.60
C ARG B 74 -1.11 12.09 9.02
N GLY B 75 -1.14 13.12 9.84
CA GLY B 75 -0.78 12.97 11.24
C GLY B 75 -1.76 13.66 12.15
N GLY B 76 -1.86 14.96 12.01
CA GLY B 76 -2.80 15.73 12.81
C GLY B 76 -3.39 16.89 12.02
N MET A 1 12.24 18.92 -23.47
CA MET A 1 10.83 18.52 -23.23
C MET A 1 10.80 17.26 -22.37
N ALA A 2 9.60 16.73 -22.15
CA ALA A 2 9.44 15.53 -21.36
C ALA A 2 8.26 14.70 -21.86
N SER A 3 8.10 13.51 -21.29
CA SER A 3 6.97 12.63 -21.60
C SER A 3 7.02 12.12 -23.04
N LYS A 4 6.13 11.20 -23.34
CA LYS A 4 5.96 10.68 -24.70
C LYS A 4 4.48 10.72 -25.06
N SER A 5 3.67 10.21 -24.16
CA SER A 5 2.22 10.23 -24.31
C SER A 5 1.56 10.54 -22.97
N LYS A 6 1.86 9.71 -21.98
CA LYS A 6 1.38 9.91 -20.62
C LYS A 6 2.00 8.84 -19.74
N LYS A 7 2.12 9.12 -18.45
CA LYS A 7 2.60 8.14 -17.49
C LYS A 7 1.54 7.06 -17.32
N ARG A 8 1.93 5.80 -17.39
CA ARG A 8 0.98 4.70 -17.30
C ARG A 8 1.49 3.59 -16.39
N GLY A 9 0.56 2.85 -15.82
CA GLY A 9 0.93 1.76 -14.92
C GLY A 9 -0.13 0.67 -14.87
N ILE A 10 0.18 -0.41 -14.18
CA ILE A 10 -0.75 -1.52 -14.02
C ILE A 10 -0.90 -1.87 -12.54
N VAL A 11 -2.14 -1.96 -12.08
CA VAL A 11 -2.41 -2.25 -10.68
C VAL A 11 -2.44 -3.76 -10.43
N GLN A 12 -1.65 -4.20 -9.45
CA GLN A 12 -1.53 -5.61 -9.16
C GLN A 12 -2.34 -6.01 -7.93
N TYR A 13 -2.37 -5.12 -6.94
CA TYR A 13 -3.05 -5.41 -5.68
C TYR A 13 -4.34 -4.62 -5.58
N ASP A 14 -5.39 -5.29 -5.13
CA ASP A 14 -6.69 -4.64 -4.94
C ASP A 14 -6.63 -3.71 -3.73
N PHE A 15 -7.24 -2.55 -3.87
CA PHE A 15 -7.28 -1.58 -2.79
C PHE A 15 -8.64 -0.90 -2.74
N MET A 16 -9.16 -0.68 -1.54
CA MET A 16 -10.40 0.03 -1.37
C MET A 16 -10.16 1.34 -0.62
N ALA A 17 -10.71 2.41 -1.17
CA ALA A 17 -10.51 3.74 -0.62
C ALA A 17 -11.09 3.85 0.79
N GLU A 18 -10.26 4.25 1.73
CA GLU A 18 -10.70 4.50 3.09
C GLU A 18 -10.99 5.99 3.26
N SER A 19 -10.14 6.80 2.66
CA SER A 19 -10.34 8.25 2.65
C SER A 19 -10.87 8.66 1.28
N GLN A 20 -11.50 9.83 1.20
CA GLN A 20 -12.09 10.29 -0.04
C GLN A 20 -11.01 10.68 -1.05
N ASP A 21 -9.80 10.89 -0.55
CA ASP A 21 -8.65 11.20 -1.40
C ASP A 21 -8.18 9.96 -2.14
N GLU A 22 -8.51 8.80 -1.57
CA GLU A 22 -8.02 7.53 -2.06
C GLU A 22 -8.93 6.99 -3.16
N LEU A 23 -8.40 6.04 -3.93
CA LEU A 23 -9.12 5.50 -5.07
C LEU A 23 -9.21 3.98 -5.00
N THR A 24 -10.43 3.48 -5.02
CA THR A 24 -10.65 2.04 -5.01
C THR A 24 -10.24 1.43 -6.36
N ILE A 25 -9.32 0.48 -6.32
CA ILE A 25 -8.76 -0.10 -7.54
C ILE A 25 -8.86 -1.62 -7.51
N LYS A 26 -9.10 -2.20 -8.68
CA LYS A 26 -9.15 -3.66 -8.83
C LYS A 26 -7.88 -4.15 -9.54
N SER A 27 -7.41 -5.32 -9.14
CA SER A 27 -6.21 -5.89 -9.72
C SER A 27 -6.42 -6.26 -11.18
N GLY A 28 -5.42 -5.98 -12.01
CA GLY A 28 -5.50 -6.35 -13.41
C GLY A 28 -5.99 -5.22 -14.30
N ASP A 29 -6.28 -4.08 -13.71
CA ASP A 29 -6.73 -2.92 -14.47
C ASP A 29 -5.57 -2.05 -14.90
N LYS A 30 -5.81 -1.26 -15.94
CA LYS A 30 -4.81 -0.34 -16.45
C LYS A 30 -5.08 1.05 -15.88
N VAL A 31 -4.03 1.73 -15.45
CA VAL A 31 -4.18 3.05 -14.86
C VAL A 31 -3.18 4.02 -15.47
N TYR A 32 -3.59 5.27 -15.58
CA TYR A 32 -2.68 6.33 -15.97
C TYR A 32 -2.09 6.95 -14.71
N ILE A 33 -0.93 7.52 -14.82
CA ILE A 33 -0.30 8.18 -13.69
C ILE A 33 -0.20 9.67 -13.93
N LEU A 34 -0.79 10.45 -13.05
CA LEU A 34 -0.73 11.90 -13.13
C LEU A 34 0.60 12.37 -12.56
N ASP A 35 0.85 11.99 -11.32
CA ASP A 35 2.11 12.30 -10.66
C ASP A 35 2.66 11.07 -9.98
N ASP A 36 3.89 10.71 -10.35
CA ASP A 36 4.58 9.54 -9.79
C ASP A 36 5.78 9.97 -8.95
N LYS A 37 6.09 11.26 -9.00
CA LYS A 37 7.24 11.79 -8.27
C LYS A 37 6.85 13.01 -7.45
N LYS A 38 5.56 13.28 -7.37
CA LYS A 38 5.05 14.34 -6.52
C LYS A 38 5.03 13.83 -5.07
N SER A 39 4.87 12.53 -4.96
CA SER A 39 4.93 11.84 -3.68
C SER A 39 5.50 10.43 -3.90
N LYS A 40 6.13 9.89 -2.88
CA LYS A 40 6.79 8.58 -2.99
C LYS A 40 5.91 7.49 -2.39
N ASP A 41 4.99 7.90 -1.52
CA ASP A 41 4.18 6.97 -0.75
C ASP A 41 2.91 6.60 -1.51
N TRP A 42 2.22 7.63 -1.97
CA TRP A 42 0.98 7.45 -2.71
C TRP A 42 1.11 8.14 -4.05
N TRP A 43 0.53 7.56 -5.08
CA TRP A 43 0.61 8.14 -6.42
C TRP A 43 -0.74 8.60 -6.91
N MET A 44 -0.73 9.50 -7.88
CA MET A 44 -1.95 10.01 -8.48
C MET A 44 -2.31 9.16 -9.70
N CYS A 45 -3.20 8.21 -9.52
CA CYS A 45 -3.55 7.31 -10.62
C CYS A 45 -4.92 7.64 -11.18
N GLN A 46 -5.05 7.44 -12.48
CA GLN A 46 -6.27 7.71 -13.22
C GLN A 46 -6.76 6.44 -13.90
N LEU A 47 -7.96 6.00 -13.54
CA LEU A 47 -8.53 4.79 -14.13
C LEU A 47 -8.91 5.03 -15.58
N VAL A 48 -8.30 4.29 -16.50
CA VAL A 48 -8.64 4.39 -17.91
C VAL A 48 -10.08 3.95 -18.13
N ASP A 49 -10.46 2.95 -17.37
CA ASP A 49 -11.81 2.39 -17.38
C ASP A 49 -12.90 3.46 -17.22
N SER A 50 -12.87 4.18 -16.10
CA SER A 50 -13.91 5.16 -15.81
C SER A 50 -13.45 6.59 -16.02
N GLY A 51 -12.20 6.87 -15.66
CA GLY A 51 -11.70 8.24 -15.75
C GLY A 51 -11.38 8.80 -14.38
N LYS A 52 -11.91 8.16 -13.35
CA LYS A 52 -11.71 8.60 -11.97
C LYS A 52 -10.23 8.55 -11.59
N SER A 53 -9.81 9.55 -10.84
CA SER A 53 -8.42 9.63 -10.38
C SER A 53 -8.38 9.76 -8.87
N GLY A 54 -7.27 9.38 -8.26
CA GLY A 54 -7.15 9.48 -6.82
C GLY A 54 -5.82 8.97 -6.31
N LEU A 55 -5.69 8.90 -4.99
CA LEU A 55 -4.47 8.43 -4.36
C LEU A 55 -4.49 6.92 -4.18
N VAL A 56 -3.45 6.26 -4.67
CA VAL A 56 -3.30 4.82 -4.49
C VAL A 56 -1.91 4.50 -3.97
N PRO A 57 -1.74 3.38 -3.26
CA PRO A 57 -0.44 2.94 -2.77
C PRO A 57 0.55 2.70 -3.91
N ALA A 58 1.69 3.39 -3.85
CA ALA A 58 2.69 3.33 -4.92
C ALA A 58 3.16 1.90 -5.20
N GLN A 59 3.17 1.07 -4.18
CA GLN A 59 3.70 -0.29 -4.28
C GLN A 59 2.69 -1.23 -4.96
N PHE A 60 1.49 -0.73 -5.21
CA PHE A 60 0.44 -1.56 -5.81
C PHE A 60 0.44 -1.40 -7.33
N ILE A 61 1.28 -0.52 -7.83
CA ILE A 61 1.29 -0.19 -9.25
C ILE A 61 2.66 -0.48 -9.87
N GLU A 62 2.65 -1.12 -11.02
CA GLU A 62 3.85 -1.23 -11.84
C GLU A 62 3.83 -0.14 -12.90
N PRO A 63 4.72 0.86 -12.78
CA PRO A 63 4.82 1.93 -13.76
C PRO A 63 5.55 1.43 -15.00
N VAL A 64 4.86 1.40 -16.13
CA VAL A 64 5.47 0.91 -17.35
C VAL A 64 6.28 2.03 -18.02
N ARG A 65 7.47 2.25 -17.48
CA ARG A 65 8.37 3.24 -18.02
C ARG A 65 9.32 2.57 -18.99
N ASP A 66 9.64 1.32 -18.70
CA ASP A 66 10.51 0.53 -19.55
C ASP A 66 10.35 -0.96 -19.29
N LYS A 67 10.65 -1.39 -18.06
CA LYS A 67 10.57 -2.81 -17.73
C LYS A 67 9.54 -3.09 -16.65
N LYS A 68 8.92 -4.25 -16.74
CA LYS A 68 7.95 -4.71 -15.76
C LYS A 68 8.30 -6.13 -15.31
N HIS A 69 7.79 -6.51 -14.16
CA HIS A 69 8.05 -7.85 -13.63
C HIS A 69 7.06 -8.85 -14.21
N THR A 70 5.81 -8.43 -14.33
CA THR A 70 4.74 -9.31 -14.79
C THR A 70 4.76 -9.47 -16.31
N GLU A 71 5.40 -10.54 -16.77
CA GLU A 71 5.41 -10.91 -18.17
C GLU A 71 5.91 -12.34 -18.30
N MET B 1 5.05 -15.76 15.29
CA MET B 1 5.41 -16.19 13.92
C MET B 1 6.00 -15.05 13.15
N GLN B 2 6.38 -15.34 11.93
CA GLN B 2 7.05 -14.36 11.09
C GLN B 2 6.18 -13.94 9.91
N ILE B 3 5.94 -12.65 9.81
CA ILE B 3 5.24 -12.08 8.66
C ILE B 3 6.17 -11.13 7.93
N PHE B 4 6.03 -11.05 6.61
CA PHE B 4 6.88 -10.20 5.80
C PHE B 4 6.22 -8.86 5.56
N VAL B 5 6.66 -7.83 6.28
CA VAL B 5 6.08 -6.51 6.15
C VAL B 5 6.87 -5.66 5.17
N LYS B 6 6.29 -5.42 4.00
CA LYS B 6 6.94 -4.58 2.99
C LYS B 6 6.39 -3.17 3.06
N THR B 7 7.23 -2.23 3.47
CA THR B 7 6.83 -0.83 3.54
C THR B 7 6.84 -0.21 2.14
N LEU B 8 6.21 0.95 2.01
CA LEU B 8 6.20 1.71 0.76
C LEU B 8 7.61 1.90 0.22
N THR B 9 8.55 2.06 1.14
CA THR B 9 9.91 2.41 0.81
C THR B 9 10.74 1.18 0.42
N GLY B 10 10.10 0.02 0.42
CA GLY B 10 10.76 -1.19 -0.05
C GLY B 10 11.35 -2.02 1.06
N LYS B 11 11.18 -1.55 2.29
CA LYS B 11 11.73 -2.26 3.44
C LYS B 11 10.93 -3.53 3.69
N THR B 12 11.57 -4.67 3.48
CA THR B 12 10.94 -5.96 3.73
C THR B 12 11.32 -6.43 5.13
N ILE B 13 10.47 -6.15 6.08
CA ILE B 13 10.77 -6.42 7.48
C ILE B 13 10.07 -7.69 7.95
N THR B 14 10.87 -8.71 8.25
CA THR B 14 10.35 -9.92 8.86
C THR B 14 10.05 -9.64 10.33
N LEU B 15 8.78 -9.64 10.68
CA LEU B 15 8.36 -9.25 12.01
C LEU B 15 7.89 -10.46 12.81
N GLU B 16 8.38 -10.57 14.03
CA GLU B 16 7.94 -11.62 14.96
C GLU B 16 6.65 -11.15 15.64
N VAL B 17 5.55 -11.74 15.21
CA VAL B 17 4.24 -11.37 15.74
C VAL B 17 3.44 -12.62 16.09
N GLU B 18 2.69 -12.58 17.17
CA GLU B 18 1.91 -13.72 17.58
C GLU B 18 0.50 -13.62 16.99
N SER B 19 -0.17 -14.75 16.83
CA SER B 19 -1.56 -14.76 16.37
C SER B 19 -2.46 -14.10 17.40
N SER B 20 -2.03 -14.14 18.65
CA SER B 20 -2.77 -13.54 19.75
C SER B 20 -2.41 -12.06 19.88
N ASP B 21 -1.51 -11.59 19.01
CA ASP B 21 -1.12 -10.18 19.01
C ASP B 21 -2.17 -9.34 18.31
N THR B 22 -2.25 -8.08 18.70
CA THR B 22 -3.12 -7.14 18.04
C THR B 22 -2.35 -6.43 16.93
N ILE B 23 -3.08 -5.85 15.98
CA ILE B 23 -2.45 -5.02 14.96
C ILE B 23 -1.79 -3.82 15.65
N ASP B 24 -2.36 -3.44 16.78
CA ASP B 24 -1.84 -2.37 17.61
C ASP B 24 -0.44 -2.70 18.09
N ASN B 25 -0.28 -3.92 18.58
CA ASN B 25 1.01 -4.36 19.12
C ASN B 25 2.01 -4.53 17.99
N VAL B 26 1.55 -5.00 16.83
CA VAL B 26 2.42 -5.10 15.67
C VAL B 26 2.93 -3.71 15.28
N LYS B 27 2.05 -2.73 15.36
CA LYS B 27 2.41 -1.35 15.07
C LYS B 27 3.49 -0.84 16.02
N SER B 28 3.36 -1.14 17.30
CA SER B 28 4.33 -0.67 18.29
C SER B 28 5.64 -1.45 18.17
N LYS B 29 5.57 -2.68 17.68
CA LYS B 29 6.77 -3.47 17.41
C LYS B 29 7.62 -2.77 16.35
N ILE B 30 6.96 -2.38 15.25
CA ILE B 30 7.66 -1.70 14.17
C ILE B 30 8.04 -0.27 14.58
N GLN B 31 7.18 0.36 15.38
CA GLN B 31 7.46 1.70 15.90
C GLN B 31 8.70 1.67 16.79
N ASP B 32 8.94 0.52 17.41
CA ASP B 32 10.12 0.33 18.25
C ASP B 32 11.34 0.00 17.39
N LYS B 33 11.18 -1.00 16.54
CA LYS B 33 12.28 -1.49 15.72
C LYS B 33 12.75 -0.44 14.70
N GLU B 34 11.82 0.10 13.92
CA GLU B 34 12.17 1.03 12.86
C GLU B 34 11.89 2.47 13.29
N GLY B 35 10.77 2.68 13.98
CA GLY B 35 10.42 4.00 14.45
C GLY B 35 9.34 4.65 13.58
N ILE B 36 8.36 3.88 13.18
CA ILE B 36 7.29 4.39 12.33
C ILE B 36 5.99 4.54 13.12
N PRO B 37 5.44 5.78 13.15
CA PRO B 37 4.21 6.09 13.90
C PRO B 37 3.06 5.12 13.59
N PRO B 38 2.44 4.55 14.64
CA PRO B 38 1.38 3.56 14.51
C PRO B 38 0.14 4.09 13.79
N ASP B 39 -0.17 5.37 13.99
CA ASP B 39 -1.34 5.98 13.37
C ASP B 39 -1.11 6.14 11.87
N GLN B 40 0.15 6.29 11.50
CA GLN B 40 0.53 6.45 10.11
C GLN B 40 0.53 5.10 9.38
N GLN B 41 0.93 4.06 10.10
CA GLN B 41 1.04 2.73 9.52
C GLN B 41 -0.32 2.10 9.21
N ARG B 42 -0.57 1.86 7.93
CA ARG B 42 -1.76 1.15 7.49
C ARG B 42 -1.36 -0.14 6.79
N LEU B 43 -1.66 -1.27 7.42
CA LEU B 43 -1.28 -2.57 6.88
C LEU B 43 -2.34 -3.08 5.91
N ILE B 44 -1.92 -3.55 4.76
CA ILE B 44 -2.83 -4.12 3.78
C ILE B 44 -2.41 -5.55 3.44
N PHE B 45 -3.31 -6.49 3.67
CA PHE B 45 -3.03 -7.89 3.43
C PHE B 45 -4.12 -8.53 2.58
N ALA B 46 -3.77 -8.91 1.35
CA ALA B 46 -4.70 -9.58 0.43
C ALA B 46 -5.95 -8.72 0.17
N GLY B 47 -5.75 -7.42 0.04
CA GLY B 47 -6.86 -6.51 -0.22
C GLY B 47 -7.59 -6.11 1.05
N LYS B 48 -7.19 -6.70 2.17
CA LYS B 48 -7.80 -6.39 3.44
C LYS B 48 -7.02 -5.29 4.15
N GLN B 49 -7.65 -4.13 4.30
CA GLN B 49 -7.08 -3.04 5.08
C GLN B 49 -7.16 -3.40 6.56
N LEU B 50 -6.00 -3.56 7.19
CA LEU B 50 -5.94 -4.01 8.56
C LEU B 50 -6.11 -2.86 9.54
N GLU B 51 -7.29 -2.81 10.16
CA GLU B 51 -7.58 -1.86 11.22
C GLU B 51 -6.92 -2.30 12.52
N ASP B 52 -6.40 -1.35 13.27
CA ASP B 52 -5.86 -1.64 14.58
C ASP B 52 -6.98 -1.61 15.61
N GLY B 53 -6.82 -2.39 16.65
CA GLY B 53 -7.92 -2.65 17.56
C GLY B 53 -8.39 -4.08 17.40
N ARG B 54 -7.78 -4.78 16.45
CA ARG B 54 -8.09 -6.17 16.17
C ARG B 54 -6.83 -7.00 16.30
N THR B 55 -6.98 -8.32 16.37
CA THR B 55 -5.83 -9.20 16.45
C THR B 55 -5.55 -9.84 15.10
N LEU B 56 -4.39 -10.48 14.97
CA LEU B 56 -4.06 -11.21 13.75
C LEU B 56 -5.01 -12.38 13.56
N SER B 57 -5.56 -12.86 14.67
CA SER B 57 -6.50 -13.97 14.65
C SER B 57 -7.83 -13.52 14.07
N ASP B 58 -8.15 -12.25 14.22
CA ASP B 58 -9.42 -11.70 13.72
C ASP B 58 -9.45 -11.72 12.20
N TYR B 59 -8.33 -11.35 11.57
CA TYR B 59 -8.24 -11.34 10.12
C TYR B 59 -7.76 -12.69 9.61
N ASN B 60 -7.25 -13.50 10.54
CA ASN B 60 -6.66 -14.80 10.24
C ASN B 60 -5.47 -14.64 9.30
N ILE B 61 -4.35 -14.21 9.88
CA ILE B 61 -3.11 -14.05 9.12
C ILE B 61 -2.21 -15.26 9.36
N GLN B 62 -1.69 -15.81 8.28
CA GLN B 62 -0.88 -17.02 8.37
C GLN B 62 0.60 -16.68 8.60
N LYS B 63 1.41 -17.72 8.73
CA LYS B 63 2.84 -17.55 8.80
C LYS B 63 3.39 -17.51 7.38
N GLU B 64 4.52 -16.83 7.19
CA GLU B 64 5.16 -16.69 5.87
C GLU B 64 4.35 -15.75 4.97
N SER B 65 3.35 -15.10 5.55
CA SER B 65 2.47 -14.23 4.78
C SER B 65 3.14 -12.87 4.54
N THR B 66 2.89 -12.32 3.35
CA THR B 66 3.47 -11.03 2.99
C THR B 66 2.43 -9.91 3.12
N LEU B 67 2.73 -8.96 4.00
CA LEU B 67 1.87 -7.82 4.22
C LEU B 67 2.53 -6.56 3.64
N HIS B 68 1.72 -5.65 3.15
CA HIS B 68 2.25 -4.41 2.59
C HIS B 68 1.87 -3.24 3.49
N LEU B 69 2.86 -2.45 3.87
CA LEU B 69 2.64 -1.34 4.79
C LEU B 69 2.55 -0.02 4.05
N VAL B 70 1.32 0.47 3.91
CA VAL B 70 1.08 1.75 3.28
C VAL B 70 0.90 2.81 4.36
N LEU B 71 1.64 3.90 4.24
CA LEU B 71 1.68 4.88 5.31
C LEU B 71 0.80 6.08 4.98
N ARG B 72 0.02 6.50 5.96
CA ARG B 72 -0.83 7.67 5.85
C ARG B 72 0.03 8.93 5.75
N LEU B 73 -0.38 9.86 4.90
CA LEU B 73 0.41 11.07 4.66
C LEU B 73 0.26 12.07 5.80
N ARG B 74 -0.39 11.64 6.89
CA ARG B 74 -0.66 12.47 8.07
C ARG B 74 -1.61 13.63 7.74
N GLY B 75 -1.14 14.55 6.94
CA GLY B 75 -1.94 15.68 6.53
C GLY B 75 -1.25 16.48 5.45
N GLY B 76 -1.28 15.95 4.22
CA GLY B 76 -0.60 16.60 3.12
C GLY B 76 -0.72 15.80 1.84
N MET A 1 2.52 16.12 -12.47
CA MET A 1 1.34 16.32 -13.34
C MET A 1 1.79 16.80 -14.71
N ALA A 2 2.62 17.83 -14.73
CA ALA A 2 3.18 18.34 -15.97
C ALA A 2 4.43 17.56 -16.36
N SER A 3 4.26 16.26 -16.55
CA SER A 3 5.36 15.39 -16.91
C SER A 3 5.41 15.20 -18.43
N LYS A 4 6.47 14.60 -18.93
CA LYS A 4 6.55 14.29 -20.35
C LYS A 4 5.74 13.03 -20.63
N SER A 5 4.55 13.24 -21.18
CA SER A 5 3.61 12.16 -21.49
C SER A 5 2.96 11.59 -20.22
N LYS A 6 1.67 11.32 -20.31
CA LYS A 6 0.96 10.70 -19.20
C LYS A 6 1.34 9.24 -19.11
N LYS A 7 2.06 8.89 -18.05
CA LYS A 7 2.61 7.54 -17.90
C LYS A 7 1.51 6.52 -17.70
N ARG A 8 1.71 5.32 -18.22
CA ARG A 8 0.71 4.27 -18.16
C ARG A 8 1.13 3.16 -17.20
N GLY A 9 0.26 2.82 -16.26
CA GLY A 9 0.59 1.79 -15.31
C GLY A 9 -0.56 0.83 -15.08
N ILE A 10 -0.25 -0.33 -14.51
CA ILE A 10 -1.26 -1.31 -14.18
C ILE A 10 -1.13 -1.70 -12.71
N VAL A 11 -2.25 -1.72 -12.01
CA VAL A 11 -2.24 -2.05 -10.59
C VAL A 11 -2.24 -3.57 -10.38
N GLN A 12 -1.42 -4.03 -9.45
CA GLN A 12 -1.23 -5.46 -9.23
C GLN A 12 -2.06 -5.98 -8.06
N TYR A 13 -2.37 -5.10 -7.11
CA TYR A 13 -3.12 -5.52 -5.91
C TYR A 13 -4.36 -4.66 -5.73
N ASP A 14 -5.41 -5.26 -5.19
CA ASP A 14 -6.65 -4.54 -4.94
C ASP A 14 -6.49 -3.59 -3.76
N PHE A 15 -6.87 -2.34 -3.97
CA PHE A 15 -6.80 -1.36 -2.90
C PHE A 15 -8.15 -0.66 -2.76
N MET A 16 -8.83 -0.94 -1.66
CA MET A 16 -10.09 -0.32 -1.38
C MET A 16 -9.88 0.92 -0.52
N ALA A 17 -10.27 2.07 -1.06
CA ALA A 17 -10.08 3.34 -0.39
C ALA A 17 -11.03 3.46 0.81
N GLU A 18 -10.54 4.02 1.90
CA GLU A 18 -11.37 4.25 3.08
C GLU A 18 -11.84 5.69 3.11
N SER A 19 -11.14 6.55 2.39
CA SER A 19 -11.52 7.96 2.29
C SER A 19 -11.74 8.37 0.83
N GLN A 20 -12.22 9.59 0.64
CA GLN A 20 -12.50 10.11 -0.69
C GLN A 20 -11.21 10.44 -1.45
N ASP A 21 -10.15 10.71 -0.70
CA ASP A 21 -8.87 11.11 -1.27
C ASP A 21 -8.26 9.98 -2.08
N GLU A 22 -8.41 8.77 -1.56
CA GLU A 22 -7.81 7.59 -2.15
C GLU A 22 -8.67 7.07 -3.31
N LEU A 23 -8.04 6.34 -4.22
CA LEU A 23 -8.75 5.77 -5.35
C LEU A 23 -8.89 4.27 -5.19
N THR A 24 -10.14 3.80 -5.15
CA THR A 24 -10.42 2.38 -5.05
C THR A 24 -10.07 1.69 -6.37
N ILE A 25 -9.06 0.84 -6.33
CA ILE A 25 -8.55 0.18 -7.53
C ILE A 25 -8.69 -1.33 -7.45
N LYS A 26 -8.86 -1.97 -8.60
CA LYS A 26 -9.02 -3.41 -8.66
C LYS A 26 -7.85 -4.03 -9.43
N SER A 27 -7.43 -5.22 -9.03
CA SER A 27 -6.34 -5.91 -9.70
C SER A 27 -6.64 -6.09 -11.19
N GLY A 28 -5.80 -5.49 -12.03
CA GLY A 28 -5.99 -5.61 -13.47
C GLY A 28 -6.44 -4.31 -14.10
N ASP A 29 -6.83 -3.35 -13.27
CA ASP A 29 -7.23 -2.04 -13.77
C ASP A 29 -6.03 -1.29 -14.32
N LYS A 30 -6.24 -0.63 -15.44
CA LYS A 30 -5.20 0.20 -16.04
C LYS A 30 -5.33 1.62 -15.53
N VAL A 31 -4.23 2.21 -15.12
CA VAL A 31 -4.26 3.55 -14.54
C VAL A 31 -3.25 4.47 -15.21
N TYR A 32 -3.64 5.70 -15.42
CA TYR A 32 -2.74 6.73 -15.91
C TYR A 32 -2.08 7.40 -14.72
N ILE A 33 -0.79 7.66 -14.83
CA ILE A 33 -0.05 8.32 -13.77
C ILE A 33 -0.05 9.83 -14.00
N LEU A 34 -0.71 10.55 -13.10
CA LEU A 34 -0.83 11.99 -13.20
C LEU A 34 0.42 12.65 -12.62
N ASP A 35 0.67 12.40 -11.34
CA ASP A 35 1.86 12.95 -10.71
C ASP A 35 2.62 11.85 -9.99
N ASP A 36 3.85 11.66 -10.42
CA ASP A 36 4.79 10.72 -9.81
C ASP A 36 6.01 11.49 -9.30
N LYS A 37 5.83 12.80 -9.14
CA LYS A 37 6.95 13.69 -8.86
C LYS A 37 6.88 14.27 -7.44
N LYS A 38 5.67 14.43 -6.93
CA LYS A 38 5.48 14.98 -5.57
C LYS A 38 5.93 13.98 -4.51
N SER A 39 5.73 12.71 -4.79
CA SER A 39 6.03 11.67 -3.84
C SER A 39 6.48 10.40 -4.56
N LYS A 40 7.04 9.47 -3.81
CA LYS A 40 7.36 8.15 -4.34
C LYS A 40 6.65 7.10 -3.50
N ASP A 41 5.78 7.59 -2.62
CA ASP A 41 5.01 6.75 -1.72
C ASP A 41 3.59 6.61 -2.24
N TRP A 42 2.97 7.75 -2.50
CA TRP A 42 1.62 7.79 -3.06
C TRP A 42 1.62 8.61 -4.34
N TRP A 43 0.92 8.11 -5.35
CA TRP A 43 0.88 8.77 -6.64
C TRP A 43 -0.55 9.14 -7.04
N MET A 44 -0.66 10.05 -7.99
CA MET A 44 -1.96 10.40 -8.55
C MET A 44 -2.22 9.51 -9.75
N CYS A 45 -3.29 8.76 -9.71
CA CYS A 45 -3.62 7.90 -10.85
C CYS A 45 -5.08 8.00 -11.22
N GLN A 46 -5.36 7.69 -12.48
CA GLN A 46 -6.70 7.75 -13.04
C GLN A 46 -7.06 6.43 -13.70
N LEU A 47 -8.21 5.89 -13.36
CA LEU A 47 -8.70 4.66 -13.97
C LEU A 47 -8.99 4.90 -15.44
N VAL A 48 -8.23 4.25 -16.31
CA VAL A 48 -8.39 4.40 -17.75
C VAL A 48 -9.80 4.02 -18.19
N ASP A 49 -10.39 3.09 -17.46
CA ASP A 49 -11.72 2.59 -17.78
C ASP A 49 -12.80 3.62 -17.50
N SER A 50 -12.82 4.16 -16.28
CA SER A 50 -13.90 5.03 -15.85
C SER A 50 -13.54 6.51 -16.02
N GLY A 51 -12.30 6.86 -15.71
CA GLY A 51 -11.89 8.26 -15.77
C GLY A 51 -11.73 8.88 -14.40
N LYS A 52 -12.05 8.12 -13.36
CA LYS A 52 -11.93 8.61 -11.99
C LYS A 52 -10.48 8.60 -11.54
N SER A 53 -10.11 9.58 -10.73
CA SER A 53 -8.73 9.71 -10.27
C SER A 53 -8.68 9.81 -8.75
N GLY A 54 -7.50 9.64 -8.18
CA GLY A 54 -7.34 9.73 -6.75
C GLY A 54 -5.96 9.30 -6.31
N LEU A 55 -5.78 9.18 -5.00
CA LEU A 55 -4.49 8.79 -4.43
C LEU A 55 -4.38 7.27 -4.35
N VAL A 56 -3.26 6.74 -4.85
CA VAL A 56 -2.99 5.32 -4.79
C VAL A 56 -1.56 5.07 -4.35
N PRO A 57 -1.31 3.96 -3.63
CA PRO A 57 0.03 3.58 -3.17
C PRO A 57 0.93 3.21 -4.35
N ALA A 58 2.09 3.85 -4.43
CA ALA A 58 3.00 3.68 -5.55
C ALA A 58 3.57 2.27 -5.62
N GLN A 59 3.43 1.51 -4.54
CA GLN A 59 3.97 0.16 -4.48
C GLN A 59 3.06 -0.84 -5.19
N PHE A 60 1.87 -0.39 -5.59
CA PHE A 60 0.91 -1.28 -6.23
C PHE A 60 0.73 -0.95 -7.71
N ILE A 61 1.30 0.18 -8.12
CA ILE A 61 1.18 0.62 -9.50
C ILE A 61 2.44 0.29 -10.27
N GLU A 62 2.34 -0.60 -11.25
CA GLU A 62 3.49 -0.97 -12.06
C GLU A 62 3.34 -0.39 -13.47
N PRO A 63 4.12 0.64 -13.80
CA PRO A 63 4.15 1.22 -15.15
C PRO A 63 4.72 0.23 -16.15
N VAL A 64 4.02 0.08 -17.27
CA VAL A 64 4.41 -0.91 -18.27
C VAL A 64 5.57 -0.41 -19.12
N ARG A 65 5.50 0.85 -19.53
CA ARG A 65 6.54 1.46 -20.34
C ARG A 65 6.35 2.97 -20.41
N ASP A 66 7.43 3.69 -20.16
CA ASP A 66 7.46 5.14 -20.30
C ASP A 66 8.84 5.64 -19.90
N LYS A 67 9.03 5.82 -18.61
CA LYS A 67 10.32 6.10 -18.00
C LYS A 67 10.26 5.86 -16.50
N LYS A 68 10.66 4.65 -16.09
CA LYS A 68 10.70 4.33 -14.67
C LYS A 68 12.10 4.56 -14.12
N HIS A 69 13.04 4.85 -14.99
CA HIS A 69 14.39 5.16 -14.60
C HIS A 69 14.71 6.62 -14.93
N THR A 70 15.59 7.21 -14.13
CA THR A 70 15.95 8.61 -14.33
C THR A 70 17.07 8.73 -15.36
N GLU A 71 16.94 9.72 -16.23
CA GLU A 71 17.93 9.94 -17.27
C GLU A 71 18.14 11.44 -17.48
N MET B 1 5.07 -15.91 15.73
CA MET B 1 5.70 -16.30 14.46
C MET B 1 6.31 -15.11 13.76
N GLN B 2 6.99 -15.41 12.68
CA GLN B 2 7.64 -14.38 11.89
C GLN B 2 6.77 -13.99 10.72
N ILE B 3 6.49 -12.71 10.58
CA ILE B 3 5.83 -12.20 9.39
C ILE B 3 6.75 -11.23 8.68
N PHE B 4 6.58 -11.11 7.37
CA PHE B 4 7.43 -10.22 6.59
C PHE B 4 6.67 -8.96 6.23
N VAL B 5 6.90 -7.90 6.99
CA VAL B 5 6.24 -6.64 6.72
C VAL B 5 7.03 -5.85 5.69
N LYS B 6 6.48 -5.81 4.48
CA LYS B 6 7.09 -5.12 3.37
C LYS B 6 6.53 -3.71 3.28
N THR B 7 7.35 -2.73 3.65
CA THR B 7 6.92 -1.34 3.69
C THR B 7 6.83 -0.76 2.27
N LEU B 8 6.26 0.42 2.18
CA LEU B 8 6.14 1.14 0.92
C LEU B 8 7.52 1.43 0.35
N THR B 9 8.49 1.61 1.24
CA THR B 9 9.85 1.94 0.85
C THR B 9 10.64 0.70 0.41
N GLY B 10 10.00 -0.47 0.50
CA GLY B 10 10.64 -1.69 0.09
C GLY B 10 11.38 -2.38 1.24
N LYS B 11 11.29 -1.77 2.42
CA LYS B 11 11.93 -2.32 3.61
C LYS B 11 11.14 -3.51 4.12
N THR B 12 11.72 -4.69 4.05
CA THR B 12 11.05 -5.90 4.50
C THR B 12 11.57 -6.29 5.88
N ILE B 13 10.76 -6.05 6.89
CA ILE B 13 11.15 -6.32 8.26
C ILE B 13 10.59 -7.65 8.74
N THR B 14 11.42 -8.44 9.40
CA THR B 14 10.97 -9.67 10.00
C THR B 14 10.34 -9.38 11.37
N LEU B 15 9.04 -9.57 11.45
CA LEU B 15 8.30 -9.19 12.65
C LEU B 15 7.84 -10.41 13.42
N GLU B 16 8.18 -10.46 14.71
CA GLU B 16 7.75 -11.55 15.57
C GLU B 16 6.44 -11.18 16.27
N VAL B 17 5.35 -11.77 15.79
CA VAL B 17 4.02 -11.47 16.30
C VAL B 17 3.24 -12.76 16.54
N GLU B 18 2.27 -12.70 17.45
CA GLU B 18 1.41 -13.85 17.70
C GLU B 18 -0.03 -13.54 17.28
N SER B 19 -0.80 -14.59 17.00
CA SER B 19 -2.17 -14.45 16.51
C SER B 19 -3.07 -13.83 17.57
N SER B 20 -2.68 -13.98 18.83
CA SER B 20 -3.48 -13.50 19.95
C SER B 20 -3.27 -12.01 20.20
N ASP B 21 -2.41 -11.38 19.41
CA ASP B 21 -2.14 -9.96 19.57
C ASP B 21 -2.93 -9.16 18.54
N THR B 22 -3.05 -7.86 18.76
CA THR B 22 -3.80 -7.00 17.87
C THR B 22 -2.90 -6.43 16.78
N ILE B 23 -3.50 -5.90 15.73
CA ILE B 23 -2.75 -5.24 14.68
C ILE B 23 -2.08 -3.99 15.22
N ASP B 24 -2.72 -3.39 16.22
CA ASP B 24 -2.16 -2.24 16.92
C ASP B 24 -0.89 -2.63 17.65
N ASN B 25 -0.90 -3.80 18.27
CA ASN B 25 0.30 -4.32 18.93
C ASN B 25 1.40 -4.54 17.91
N VAL B 26 1.04 -5.09 16.75
CA VAL B 26 1.98 -5.26 15.66
C VAL B 26 2.55 -3.90 15.24
N LYS B 27 1.69 -2.89 15.17
CA LYS B 27 2.11 -1.53 14.83
C LYS B 27 3.24 -1.07 15.74
N SER B 28 3.07 -1.26 17.05
CA SER B 28 4.07 -0.82 18.02
C SER B 28 5.37 -1.62 17.84
N LYS B 29 5.25 -2.89 17.49
CA LYS B 29 6.42 -3.73 17.27
C LYS B 29 7.19 -3.27 16.01
N ILE B 30 6.46 -2.70 15.05
CA ILE B 30 7.10 -2.20 13.83
C ILE B 30 7.80 -0.88 14.13
N GLN B 31 7.16 -0.01 14.91
CA GLN B 31 7.79 1.24 15.33
C GLN B 31 9.01 0.94 16.19
N ASP B 32 8.92 -0.12 16.97
CA ASP B 32 10.04 -0.61 17.76
C ASP B 32 11.26 -0.87 16.86
N LYS B 33 11.01 -1.21 15.62
CA LYS B 33 12.07 -1.46 14.66
C LYS B 33 12.41 -0.18 13.90
N GLU B 34 11.49 0.26 13.05
CA GLU B 34 11.76 1.36 12.14
C GLU B 34 11.46 2.71 12.78
N GLY B 35 10.29 2.83 13.40
CA GLY B 35 9.96 4.05 14.12
C GLY B 35 8.74 4.76 13.56
N ILE B 36 8.18 4.24 12.48
CA ILE B 36 7.02 4.86 11.84
C ILE B 36 5.82 4.89 12.80
N PRO B 37 5.19 6.06 12.98
CA PRO B 37 4.04 6.24 13.87
C PRO B 37 2.88 5.29 13.54
N PRO B 38 2.31 4.62 14.56
CA PRO B 38 1.21 3.66 14.40
C PRO B 38 -0.03 4.28 13.79
N ASP B 39 -0.20 5.59 13.99
CA ASP B 39 -1.33 6.33 13.40
C ASP B 39 -1.21 6.38 11.89
N GLN B 40 0.02 6.30 11.41
CA GLN B 40 0.32 6.44 10.00
C GLN B 40 0.43 5.08 9.34
N GLN B 41 0.85 4.09 10.11
CA GLN B 41 1.05 2.75 9.60
C GLN B 41 -0.26 2.03 9.30
N ARG B 42 -0.47 1.69 8.04
CA ARG B 42 -1.63 0.90 7.62
C ARG B 42 -1.15 -0.38 6.95
N LEU B 43 -1.63 -1.52 7.42
CA LEU B 43 -1.22 -2.79 6.86
C LEU B 43 -2.22 -3.30 5.84
N ILE B 44 -1.72 -3.84 4.74
CA ILE B 44 -2.57 -4.40 3.71
C ILE B 44 -2.20 -5.84 3.43
N PHE B 45 -3.18 -6.73 3.52
CA PHE B 45 -2.95 -8.15 3.27
C PHE B 45 -3.98 -8.67 2.27
N ALA B 46 -3.51 -9.01 1.07
CA ALA B 46 -4.35 -9.56 -0.01
C ALA B 46 -5.43 -8.57 -0.45
N GLY B 47 -5.26 -7.30 -0.10
CA GLY B 47 -6.24 -6.30 -0.48
C GLY B 47 -7.07 -5.86 0.70
N LYS B 48 -7.03 -6.65 1.76
CA LYS B 48 -7.75 -6.32 2.99
C LYS B 48 -6.93 -5.37 3.83
N GLN B 49 -7.57 -4.33 4.35
CA GLN B 49 -6.87 -3.33 5.14
C GLN B 49 -6.91 -3.68 6.62
N LEU B 50 -5.74 -3.78 7.22
CA LEU B 50 -5.61 -4.14 8.63
C LEU B 50 -5.55 -2.90 9.50
N GLU B 51 -6.60 -2.68 10.27
CA GLU B 51 -6.66 -1.54 11.17
C GLU B 51 -6.31 -1.95 12.59
N ASP B 52 -6.10 -0.97 13.44
CA ASP B 52 -5.68 -1.19 14.82
C ASP B 52 -6.84 -1.58 15.72
N GLY B 53 -7.92 -2.07 15.12
CA GLY B 53 -9.10 -2.42 15.89
C GLY B 53 -9.35 -3.91 15.97
N ARG B 54 -8.48 -4.70 15.34
CA ARG B 54 -8.65 -6.14 15.32
C ARG B 54 -7.33 -6.86 15.56
N THR B 55 -7.39 -8.17 15.68
CA THR B 55 -6.22 -8.99 15.94
C THR B 55 -5.76 -9.68 14.65
N LEU B 56 -4.67 -10.45 14.75
CA LEU B 56 -4.18 -11.22 13.61
C LEU B 56 -5.19 -12.32 13.24
N SER B 57 -5.90 -12.82 14.25
CA SER B 57 -6.87 -13.88 14.03
C SER B 57 -8.06 -13.37 13.22
N ASP B 58 -8.39 -12.09 13.40
CA ASP B 58 -9.51 -11.47 12.68
C ASP B 58 -9.24 -11.43 11.18
N TYR B 59 -7.99 -11.19 10.82
CA TYR B 59 -7.63 -11.05 9.42
C TYR B 59 -7.10 -12.36 8.85
N ASN B 60 -7.10 -13.41 9.69
CA ASN B 60 -6.69 -14.76 9.27
C ASN B 60 -5.26 -14.75 8.73
N ILE B 61 -4.40 -13.99 9.39
CA ILE B 61 -3.01 -13.84 8.96
C ILE B 61 -2.23 -15.14 9.18
N GLN B 62 -1.63 -15.64 8.09
CA GLN B 62 -0.84 -16.86 8.15
C GLN B 62 0.58 -16.56 8.62
N LYS B 63 1.31 -17.60 8.99
CA LYS B 63 2.70 -17.45 9.42
C LYS B 63 3.60 -17.19 8.22
N GLU B 64 4.59 -16.33 8.43
CA GLU B 64 5.60 -16.04 7.42
C GLU B 64 4.97 -15.42 6.17
N SER B 65 3.89 -14.69 6.39
CA SER B 65 3.19 -14.02 5.31
C SER B 65 3.82 -12.65 5.02
N THR B 66 3.64 -12.15 3.80
CA THR B 66 4.17 -10.85 3.43
C THR B 66 3.08 -9.79 3.45
N LEU B 67 3.08 -8.98 4.49
CA LEU B 67 2.11 -7.90 4.63
C LEU B 67 2.69 -6.62 4.07
N HIS B 68 1.86 -5.81 3.44
CA HIS B 68 2.31 -4.54 2.88
C HIS B 68 2.01 -3.40 3.84
N LEU B 69 3.03 -2.64 4.19
CA LEU B 69 2.85 -1.50 5.08
C LEU B 69 2.78 -0.20 4.28
N VAL B 70 1.60 0.38 4.25
CA VAL B 70 1.38 1.64 3.53
C VAL B 70 1.10 2.75 4.52
N LEU B 71 1.71 3.90 4.29
CA LEU B 71 1.55 5.04 5.18
C LEU B 71 0.29 5.82 4.84
N ARG B 72 -0.38 6.33 5.87
CA ARG B 72 -1.55 7.18 5.68
C ARG B 72 -1.12 8.62 5.44
N LEU B 73 0.19 8.83 5.49
CA LEU B 73 0.82 10.12 5.25
C LEU B 73 0.39 11.16 6.27
N ARG B 74 1.09 11.20 7.38
CA ARG B 74 0.88 12.24 8.38
C ARG B 74 1.84 13.38 8.13
N GLY B 75 1.32 14.50 7.64
CA GLY B 75 2.16 15.64 7.33
C GLY B 75 1.34 16.82 6.86
N GLY B 76 0.14 16.96 7.41
CA GLY B 76 -0.73 18.05 7.07
C GLY B 76 -1.71 18.33 8.18
N MET A 1 8.63 15.32 -17.48
CA MET A 1 8.00 16.66 -17.41
C MET A 1 6.56 16.59 -17.90
N ALA A 2 5.71 17.46 -17.37
CA ALA A 2 4.31 17.53 -17.80
C ALA A 2 4.24 17.79 -19.29
N SER A 3 3.71 16.82 -20.03
CA SER A 3 3.62 16.91 -21.47
C SER A 3 2.32 16.30 -21.96
N LYS A 4 2.11 16.30 -23.27
CA LYS A 4 0.92 15.72 -23.87
C LYS A 4 0.88 14.23 -23.59
N SER A 5 1.99 13.55 -23.87
CA SER A 5 2.11 12.14 -23.59
C SER A 5 2.13 11.90 -22.08
N LYS A 6 1.02 11.35 -21.58
CA LYS A 6 0.83 11.18 -20.14
C LYS A 6 1.52 9.92 -19.64
N LYS A 7 1.36 9.65 -18.36
CA LYS A 7 1.97 8.50 -17.73
C LYS A 7 0.97 7.35 -17.66
N ARG A 8 1.40 6.15 -17.99
CA ARG A 8 0.52 4.99 -17.94
C ARG A 8 1.00 3.97 -16.94
N GLY A 9 0.07 3.21 -16.37
CA GLY A 9 0.43 2.20 -15.40
C GLY A 9 -0.57 1.07 -15.36
N ILE A 10 -0.14 -0.07 -14.85
CA ILE A 10 -1.02 -1.22 -14.69
C ILE A 10 -0.99 -1.67 -13.23
N VAL A 11 -2.17 -1.75 -12.63
CA VAL A 11 -2.28 -2.13 -11.22
C VAL A 11 -2.14 -3.65 -11.06
N GLN A 12 -1.23 -4.07 -10.19
CA GLN A 12 -0.93 -5.48 -10.02
C GLN A 12 -1.62 -6.05 -8.78
N TYR A 13 -1.94 -5.20 -7.83
CA TYR A 13 -2.58 -5.65 -6.60
C TYR A 13 -3.90 -4.92 -6.39
N ASP A 14 -4.94 -5.67 -6.04
CA ASP A 14 -6.26 -5.09 -5.79
C ASP A 14 -6.19 -4.12 -4.62
N PHE A 15 -6.85 -2.98 -4.76
CA PHE A 15 -6.81 -1.96 -3.72
C PHE A 15 -8.21 -1.47 -3.37
N MET A 16 -8.68 -1.85 -2.19
CA MET A 16 -9.97 -1.39 -1.70
C MET A 16 -9.81 -0.05 -0.99
N ALA A 17 -10.59 0.92 -1.40
CA ALA A 17 -10.47 2.27 -0.87
C ALA A 17 -11.12 2.39 0.50
N GLU A 18 -10.34 2.81 1.49
CA GLU A 18 -10.84 3.00 2.84
C GLU A 18 -11.38 4.41 2.99
N SER A 19 -10.57 5.39 2.59
CA SER A 19 -11.00 6.76 2.55
C SER A 19 -11.54 7.08 1.15
N GLN A 20 -12.27 8.18 1.02
CA GLN A 20 -12.85 8.56 -0.26
C GLN A 20 -11.78 9.19 -1.18
N ASP A 21 -10.60 9.41 -0.62
CA ASP A 21 -9.48 9.94 -1.40
C ASP A 21 -8.86 8.83 -2.24
N GLU A 22 -9.01 7.60 -1.77
CA GLU A 22 -8.41 6.43 -2.41
C GLU A 22 -9.24 5.99 -3.60
N LEU A 23 -8.59 5.35 -4.56
CA LEU A 23 -9.27 4.83 -5.74
C LEU A 23 -9.39 3.31 -5.63
N THR A 24 -10.61 2.80 -5.66
CA THR A 24 -10.84 1.38 -5.57
C THR A 24 -10.53 0.70 -6.91
N ILE A 25 -9.41 -0.02 -6.96
CA ILE A 25 -8.93 -0.61 -8.20
C ILE A 25 -8.76 -2.11 -8.08
N LYS A 26 -8.82 -2.81 -9.20
CA LYS A 26 -8.68 -4.25 -9.24
C LYS A 26 -7.43 -4.65 -10.01
N SER A 27 -6.85 -5.78 -9.63
CA SER A 27 -5.63 -6.28 -10.26
C SER A 27 -5.86 -6.56 -11.74
N GLY A 28 -5.06 -5.93 -12.59
CA GLY A 28 -5.16 -6.17 -14.02
C GLY A 28 -5.79 -5.01 -14.77
N ASP A 29 -6.28 -4.02 -14.04
CA ASP A 29 -6.89 -2.86 -14.68
C ASP A 29 -5.84 -1.91 -15.22
N LYS A 30 -6.22 -1.14 -16.21
CA LYS A 30 -5.32 -0.21 -16.86
C LYS A 30 -5.61 1.21 -16.38
N VAL A 31 -4.58 1.93 -15.96
CA VAL A 31 -4.76 3.28 -15.42
C VAL A 31 -3.74 4.25 -15.99
N TYR A 32 -4.04 5.54 -15.83
CA TYR A 32 -3.10 6.60 -16.11
C TYR A 32 -2.49 7.09 -14.81
N ILE A 33 -1.23 7.49 -14.86
CA ILE A 33 -0.55 8.01 -13.69
C ILE A 33 -0.46 9.53 -13.79
N LEU A 34 -0.93 10.20 -12.74
CA LEU A 34 -0.96 11.65 -12.72
C LEU A 34 0.24 12.18 -11.95
N ASP A 35 0.19 12.05 -10.63
CA ASP A 35 1.23 12.57 -9.77
C ASP A 35 2.09 11.42 -9.24
N ASP A 36 3.35 11.36 -9.68
CA ASP A 36 4.22 10.23 -9.36
C ASP A 36 5.50 10.66 -8.63
N LYS A 37 6.28 11.55 -9.25
CA LYS A 37 7.60 11.91 -8.73
C LYS A 37 7.54 12.65 -7.40
N LYS A 38 6.34 13.01 -6.95
CA LYS A 38 6.18 13.76 -5.72
C LYS A 38 6.31 12.87 -4.48
N SER A 39 6.15 11.57 -4.68
CA SER A 39 6.21 10.63 -3.56
C SER A 39 6.69 9.27 -4.04
N LYS A 40 7.04 8.41 -3.09
CA LYS A 40 7.38 7.03 -3.39
C LYS A 40 6.41 6.14 -2.64
N ASP A 41 5.36 6.77 -2.14
CA ASP A 41 4.42 6.15 -1.23
C ASP A 41 3.06 6.03 -1.88
N TRP A 42 2.43 7.17 -2.10
CA TRP A 42 1.13 7.23 -2.74
C TRP A 42 1.20 8.01 -4.04
N TRP A 43 0.59 7.47 -5.08
CA TRP A 43 0.54 8.13 -6.38
C TRP A 43 -0.91 8.39 -6.77
N MET A 44 -1.13 9.39 -7.61
CA MET A 44 -2.47 9.66 -8.09
C MET A 44 -2.67 8.99 -9.44
N CYS A 45 -3.69 8.17 -9.55
CA CYS A 45 -3.94 7.45 -10.79
C CYS A 45 -5.40 7.57 -11.20
N GLN A 46 -5.65 7.35 -12.49
CA GLN A 46 -6.98 7.47 -13.04
C GLN A 46 -7.28 6.26 -13.91
N LEU A 47 -8.47 5.68 -13.75
CA LEU A 47 -8.90 4.58 -14.59
C LEU A 47 -8.93 5.03 -16.04
N VAL A 48 -8.13 4.35 -16.87
CA VAL A 48 -7.84 4.81 -18.24
C VAL A 48 -9.09 5.15 -19.04
N ASP A 49 -10.05 4.25 -19.03
CA ASP A 49 -11.25 4.41 -19.83
C ASP A 49 -12.34 5.14 -19.05
N SER A 50 -12.41 4.88 -17.75
CA SER A 50 -13.53 5.36 -16.94
C SER A 50 -13.40 6.84 -16.59
N GLY A 51 -12.20 7.27 -16.21
CA GLY A 51 -12.00 8.65 -15.82
C GLY A 51 -11.95 8.84 -14.32
N LYS A 52 -12.28 7.77 -13.58
CA LYS A 52 -12.23 7.82 -12.12
C LYS A 52 -10.78 7.94 -11.64
N SER A 53 -10.50 9.03 -10.93
CA SER A 53 -9.16 9.30 -10.46
C SER A 53 -9.12 9.30 -8.92
N GLY A 54 -8.05 8.76 -8.35
CA GLY A 54 -7.93 8.71 -6.91
C GLY A 54 -6.50 8.48 -6.47
N LEU A 55 -6.31 8.33 -5.16
CA LEU A 55 -4.98 8.14 -4.60
C LEU A 55 -4.76 6.67 -4.30
N VAL A 56 -3.65 6.13 -4.79
CA VAL A 56 -3.34 4.72 -4.60
C VAL A 56 -1.87 4.53 -4.20
N PRO A 57 -1.54 3.40 -3.56
CA PRO A 57 -0.16 3.08 -3.18
C PRO A 57 0.74 2.87 -4.39
N ALA A 58 1.92 3.47 -4.36
CA ALA A 58 2.86 3.41 -5.48
C ALA A 58 3.25 1.98 -5.83
N GLN A 59 3.35 1.14 -4.82
CA GLN A 59 3.79 -0.24 -5.01
C GLN A 59 2.66 -1.15 -5.50
N PHE A 60 1.50 -0.57 -5.76
CA PHE A 60 0.37 -1.32 -6.31
C PHE A 60 0.28 -1.10 -7.81
N ILE A 61 0.90 -0.02 -8.27
CA ILE A 61 0.86 0.34 -9.67
C ILE A 61 2.23 0.09 -10.32
N GLU A 62 2.25 -0.66 -11.40
CA GLU A 62 3.46 -0.85 -12.16
C GLU A 62 3.41 0.01 -13.42
N PRO A 63 4.18 1.11 -13.45
CA PRO A 63 4.15 2.09 -14.52
C PRO A 63 4.70 1.55 -15.84
N VAL A 64 3.85 1.56 -16.86
CA VAL A 64 4.26 1.14 -18.19
C VAL A 64 4.50 2.37 -19.07
N ARG A 65 5.73 2.84 -19.08
CA ARG A 65 6.09 4.00 -19.86
C ARG A 65 7.01 3.59 -20.98
N ASP A 66 6.40 3.31 -22.14
CA ASP A 66 7.09 2.79 -23.33
C ASP A 66 7.51 1.34 -23.12
N LYS A 67 7.93 1.00 -21.91
CA LYS A 67 8.25 -0.36 -21.53
C LYS A 67 7.70 -0.64 -20.13
N LYS A 68 7.48 -1.90 -19.81
CA LYS A 68 7.06 -2.28 -18.49
C LYS A 68 7.95 -3.41 -17.96
N HIS A 69 8.24 -3.38 -16.68
CA HIS A 69 9.03 -4.42 -16.04
C HIS A 69 8.37 -4.88 -14.76
N THR A 70 8.54 -6.15 -14.45
CA THR A 70 8.15 -6.70 -13.17
C THR A 70 9.38 -7.34 -12.52
N GLU A 71 10.18 -7.97 -13.36
CA GLU A 71 11.47 -8.50 -12.97
C GLU A 71 12.56 -7.55 -13.45
N MET B 1 4.29 -16.18 15.21
CA MET B 1 4.57 -16.56 13.81
C MET B 1 5.33 -15.47 13.11
N GLN B 2 5.67 -15.75 11.88
CA GLN B 2 6.47 -14.84 11.07
C GLN B 2 5.64 -14.16 10.01
N ILE B 3 5.59 -12.84 10.06
CA ILE B 3 5.02 -12.07 8.97
C ILE B 3 6.06 -11.12 8.41
N PHE B 4 6.17 -11.08 7.10
CA PHE B 4 7.18 -10.28 6.45
C PHE B 4 6.62 -8.89 6.15
N VAL B 5 7.01 -7.93 6.97
CA VAL B 5 6.53 -6.56 6.80
C VAL B 5 7.38 -5.85 5.75
N LYS B 6 6.81 -5.65 4.59
CA LYS B 6 7.50 -4.99 3.48
C LYS B 6 7.00 -3.56 3.35
N THR B 7 7.86 -2.61 3.68
CA THR B 7 7.48 -1.19 3.69
C THR B 7 7.56 -0.58 2.29
N LEU B 8 7.12 0.68 2.19
CA LEU B 8 7.23 1.46 0.96
C LEU B 8 8.69 1.64 0.57
N THR B 9 9.54 1.74 1.58
CA THR B 9 10.93 2.12 1.38
C THR B 9 11.82 0.94 1.02
N GLY B 10 11.28 -0.27 1.16
CA GLY B 10 12.03 -1.45 0.80
C GLY B 10 12.49 -2.24 2.01
N LYS B 11 12.00 -1.86 3.18
CA LYS B 11 12.33 -2.57 4.41
C LYS B 11 11.41 -3.76 4.58
N THR B 12 11.94 -4.95 4.36
CA THR B 12 11.19 -6.17 4.55
C THR B 12 11.65 -6.87 5.82
N ILE B 13 10.99 -6.57 6.93
CA ILE B 13 11.38 -7.10 8.23
C ILE B 13 10.45 -8.22 8.68
N THR B 14 11.04 -9.34 9.08
CA THR B 14 10.28 -10.45 9.60
C THR B 14 9.81 -10.15 11.02
N LEU B 15 8.50 -9.98 11.17
CA LEU B 15 7.92 -9.66 12.47
C LEU B 15 7.40 -10.91 13.16
N GLU B 16 7.81 -11.09 14.40
CA GLU B 16 7.34 -12.19 15.22
C GLU B 16 6.08 -11.78 15.97
N VAL B 17 4.92 -12.10 15.40
CA VAL B 17 3.65 -11.75 16.00
C VAL B 17 2.76 -12.98 16.09
N GLU B 18 1.85 -13.00 17.05
CA GLU B 18 0.92 -14.11 17.16
C GLU B 18 -0.40 -13.74 16.50
N SER B 19 -1.25 -14.74 16.29
CA SER B 19 -2.53 -14.53 15.63
C SER B 19 -3.47 -13.69 16.49
N SER B 20 -3.24 -13.71 17.80
CA SER B 20 -4.09 -12.98 18.74
C SER B 20 -3.58 -11.56 18.98
N ASP B 21 -2.49 -11.19 18.31
CA ASP B 21 -1.97 -9.83 18.40
C ASP B 21 -2.81 -8.89 17.57
N THR B 22 -3.02 -7.69 18.06
CA THR B 22 -3.78 -6.69 17.32
C THR B 22 -2.85 -5.92 16.38
N ILE B 23 -3.40 -5.41 15.29
CA ILE B 23 -2.62 -4.65 14.31
C ILE B 23 -1.95 -3.45 14.97
N ASP B 24 -2.66 -2.81 15.88
CA ASP B 24 -2.12 -1.69 16.63
C ASP B 24 -0.89 -2.10 17.42
N ASN B 25 -0.91 -3.30 17.99
CA ASN B 25 0.21 -3.79 18.76
C ASN B 25 1.38 -4.09 17.83
N VAL B 26 1.07 -4.64 16.65
CA VAL B 26 2.08 -4.91 15.65
C VAL B 26 2.73 -3.60 15.19
N LYS B 27 1.92 -2.57 15.00
CA LYS B 27 2.43 -1.25 14.68
C LYS B 27 3.42 -0.78 15.75
N SER B 28 3.04 -1.02 17.01
CA SER B 28 3.86 -0.64 18.14
C SER B 28 5.16 -1.47 18.17
N LYS B 29 5.07 -2.74 17.79
CA LYS B 29 6.25 -3.61 17.70
C LYS B 29 7.28 -2.99 16.76
N ILE B 30 6.80 -2.50 15.62
CA ILE B 30 7.67 -1.87 14.63
C ILE B 30 8.25 -0.56 15.18
N GLN B 31 7.42 0.17 15.93
CA GLN B 31 7.88 1.41 16.57
C GLN B 31 8.98 1.11 17.57
N ASP B 32 8.84 0.00 18.28
CA ASP B 32 9.84 -0.42 19.25
C ASP B 32 11.13 -0.85 18.54
N LYS B 33 10.97 -1.41 17.34
CA LYS B 33 12.12 -1.87 16.57
C LYS B 33 12.88 -0.71 15.94
N GLU B 34 12.35 -0.14 14.86
CA GLU B 34 13.07 0.86 14.09
C GLU B 34 12.61 2.27 14.43
N GLY B 35 11.55 2.37 15.23
CA GLY B 35 11.09 3.67 15.68
C GLY B 35 10.19 4.37 14.68
N ILE B 36 9.25 3.63 14.12
CA ILE B 36 8.30 4.19 13.18
C ILE B 36 6.92 4.32 13.84
N PRO B 37 6.38 5.55 13.89
CA PRO B 37 5.09 5.83 14.55
C PRO B 37 3.93 5.00 14.00
N PRO B 38 3.17 4.35 14.89
CA PRO B 38 2.03 3.51 14.52
C PRO B 38 0.94 4.30 13.81
N ASP B 39 0.76 5.55 14.24
CA ASP B 39 -0.24 6.45 13.67
C ASP B 39 0.07 6.73 12.20
N GLN B 40 1.31 6.49 11.83
CA GLN B 40 1.79 6.81 10.50
C GLN B 40 1.81 5.57 9.61
N GLN B 41 1.56 4.41 10.21
CA GLN B 41 1.66 3.14 9.51
C GLN B 41 0.28 2.58 9.16
N ARG B 42 0.12 2.12 7.92
CA ARG B 42 -1.10 1.45 7.49
C ARG B 42 -0.74 0.17 6.72
N LEU B 43 -1.08 -0.98 7.29
CA LEU B 43 -0.73 -2.25 6.69
C LEU B 43 -1.77 -2.65 5.65
N ILE B 44 -1.35 -3.43 4.66
CA ILE B 44 -2.28 -3.96 3.66
C ILE B 44 -1.96 -5.42 3.37
N PHE B 45 -2.96 -6.26 3.47
CA PHE B 45 -2.80 -7.68 3.18
C PHE B 45 -3.92 -8.17 2.26
N ALA B 46 -3.53 -8.67 1.09
CA ALA B 46 -4.48 -9.22 0.11
C ALA B 46 -5.46 -8.16 -0.37
N GLY B 47 -5.04 -6.90 -0.34
CA GLY B 47 -5.90 -5.82 -0.80
C GLY B 47 -6.69 -5.18 0.33
N LYS B 48 -6.77 -5.90 1.44
CA LYS B 48 -7.48 -5.41 2.61
C LYS B 48 -6.52 -4.66 3.53
N GLN B 49 -6.89 -3.44 3.89
CA GLN B 49 -6.07 -2.64 4.79
C GLN B 49 -6.25 -3.11 6.23
N LEU B 50 -5.15 -3.08 6.97
CA LEU B 50 -5.13 -3.56 8.33
C LEU B 50 -4.95 -2.38 9.29
N GLU B 51 -5.99 -2.09 10.07
CA GLU B 51 -5.92 -0.97 10.99
C GLU B 51 -6.04 -1.43 12.45
N ASP B 52 -5.98 -0.46 13.34
CA ASP B 52 -5.94 -0.72 14.77
C ASP B 52 -7.27 -1.29 15.27
N GLY B 53 -7.21 -2.11 16.30
CA GLY B 53 -8.41 -2.67 16.88
C GLY B 53 -8.56 -4.15 16.61
N ARG B 54 -8.25 -4.55 15.39
CA ARG B 54 -8.41 -5.94 14.97
C ARG B 54 -7.09 -6.70 15.08
N THR B 55 -7.16 -8.02 15.09
CA THR B 55 -5.98 -8.86 15.18
C THR B 55 -5.52 -9.31 13.79
N LEU B 56 -4.43 -10.06 13.74
CA LEU B 56 -3.97 -10.65 12.50
C LEU B 56 -4.99 -11.66 11.99
N SER B 57 -5.64 -12.34 12.93
CA SER B 57 -6.59 -13.39 12.59
C SER B 57 -7.89 -12.80 12.06
N ASP B 58 -8.25 -11.61 12.54
CA ASP B 58 -9.51 -10.96 12.15
C ASP B 58 -9.51 -10.61 10.68
N TYR B 59 -8.41 -10.04 10.20
CA TYR B 59 -8.31 -9.61 8.80
C TYR B 59 -8.01 -10.78 7.87
N ASN B 60 -8.00 -11.99 8.41
CA ASN B 60 -7.68 -13.20 7.64
C ASN B 60 -6.26 -13.11 7.08
N ILE B 61 -5.28 -13.15 7.97
CA ILE B 61 -3.88 -13.13 7.59
C ILE B 61 -3.22 -14.46 7.93
N GLN B 62 -2.55 -15.05 6.96
CA GLN B 62 -1.82 -16.29 7.18
C GLN B 62 -0.38 -15.97 7.58
N LYS B 63 0.30 -16.97 8.12
CA LYS B 63 1.69 -16.80 8.52
C LYS B 63 2.61 -17.06 7.34
N GLU B 64 3.89 -16.71 7.50
CA GLU B 64 4.89 -16.88 6.45
C GLU B 64 4.53 -16.03 5.24
N SER B 65 3.70 -15.03 5.48
CA SER B 65 3.18 -14.19 4.41
C SER B 65 3.80 -12.80 4.46
N THR B 66 3.79 -12.11 3.32
CA THR B 66 4.35 -10.78 3.22
C THR B 66 3.27 -9.72 3.28
N LEU B 67 3.32 -8.88 4.29
CA LEU B 67 2.38 -7.79 4.45
C LEU B 67 3.00 -6.50 3.96
N HIS B 68 2.23 -5.70 3.26
CA HIS B 68 2.75 -4.46 2.69
C HIS B 68 2.43 -3.29 3.61
N LEU B 69 3.46 -2.60 4.06
CA LEU B 69 3.29 -1.49 4.97
C LEU B 69 3.28 -0.17 4.21
N VAL B 70 2.09 0.36 3.99
CA VAL B 70 1.91 1.63 3.32
C VAL B 70 1.75 2.72 4.35
N LEU B 71 2.64 3.68 4.32
CA LEU B 71 2.66 4.73 5.32
C LEU B 71 1.73 5.87 4.93
N ARG B 72 1.27 6.61 5.93
CA ARG B 72 0.28 7.66 5.72
C ARG B 72 0.92 9.00 5.38
N LEU B 73 2.25 9.07 5.48
CA LEU B 73 2.98 10.33 5.33
C LEU B 73 2.47 11.33 6.36
N ARG B 74 2.59 10.92 7.62
CA ARG B 74 2.00 11.65 8.75
C ARG B 74 0.49 11.78 8.58
N GLY B 75 -0.23 10.77 9.05
CA GLY B 75 -1.67 10.76 8.92
C GLY B 75 -2.37 10.88 10.26
N GLY B 76 -2.46 12.10 10.75
CA GLY B 76 -3.08 12.34 12.04
C GLY B 76 -3.11 13.81 12.36
N MET A 1 2.67 17.61 -28.55
CA MET A 1 1.45 18.47 -28.56
C MET A 1 1.19 18.99 -27.15
N ALA A 2 0.02 19.59 -26.95
CA ALA A 2 -0.39 20.01 -25.62
C ALA A 2 -0.66 18.77 -24.77
N SER A 3 -1.20 17.75 -25.41
CA SER A 3 -1.32 16.44 -24.80
C SER A 3 0.01 15.71 -24.96
N LYS A 4 0.74 15.57 -23.85
CA LYS A 4 2.09 15.02 -23.90
C LYS A 4 2.09 13.53 -23.56
N SER A 5 1.02 12.84 -23.96
CA SER A 5 0.79 11.41 -23.67
C SER A 5 1.04 11.11 -22.20
N LYS A 6 -0.04 11.20 -21.41
CA LYS A 6 0.06 11.05 -19.97
C LYS A 6 0.62 9.69 -19.57
N LYS A 7 1.71 9.74 -18.80
CA LYS A 7 2.36 8.58 -18.22
C LYS A 7 1.37 7.54 -17.72
N ARG A 8 1.43 6.34 -18.28
CA ARG A 8 0.50 5.28 -17.95
C ARG A 8 1.15 4.22 -17.06
N GLY A 9 0.32 3.51 -16.31
CA GLY A 9 0.80 2.46 -15.44
C GLY A 9 -0.20 1.32 -15.30
N ILE A 10 0.23 0.22 -14.73
CA ILE A 10 -0.64 -0.92 -14.50
C ILE A 10 -0.53 -1.40 -13.06
N VAL A 11 -1.67 -1.59 -12.41
CA VAL A 11 -1.68 -2.04 -11.02
C VAL A 11 -1.56 -3.57 -10.95
N GLN A 12 -0.69 -4.05 -10.06
CA GLN A 12 -0.40 -5.47 -9.97
C GLN A 12 -1.16 -6.15 -8.83
N TYR A 13 -1.77 -5.34 -7.96
CA TYR A 13 -2.48 -5.87 -6.81
C TYR A 13 -3.90 -5.33 -6.74
N ASP A 14 -4.69 -5.89 -5.83
CA ASP A 14 -6.02 -5.36 -5.51
C ASP A 14 -5.94 -4.51 -4.26
N PHE A 15 -6.87 -3.57 -4.11
CA PHE A 15 -6.96 -2.75 -2.92
C PHE A 15 -8.34 -2.13 -2.78
N MET A 16 -8.90 -2.23 -1.57
CA MET A 16 -10.19 -1.61 -1.28
C MET A 16 -9.97 -0.31 -0.53
N ALA A 17 -10.56 0.77 -1.02
CA ALA A 17 -10.40 2.09 -0.42
C ALA A 17 -11.33 2.25 0.79
N GLU A 18 -10.95 3.15 1.68
CA GLU A 18 -11.76 3.45 2.85
C GLU A 18 -12.25 4.90 2.78
N SER A 19 -11.35 5.80 2.46
CA SER A 19 -11.67 7.22 2.39
C SER A 19 -11.90 7.64 0.94
N GLN A 20 -12.43 8.84 0.77
CA GLN A 20 -12.72 9.38 -0.57
C GLN A 20 -11.42 9.72 -1.29
N ASP A 21 -10.36 9.95 -0.52
CA ASP A 21 -9.05 10.26 -1.08
C ASP A 21 -8.50 9.07 -1.85
N GLU A 22 -8.83 7.89 -1.37
CA GLU A 22 -8.25 6.66 -1.87
C GLU A 22 -9.08 6.09 -3.01
N LEU A 23 -8.47 5.24 -3.81
CA LEU A 23 -9.13 4.67 -4.97
C LEU A 23 -9.07 3.14 -4.93
N THR A 24 -10.24 2.50 -4.99
CA THR A 24 -10.33 1.06 -5.03
C THR A 24 -9.85 0.53 -6.37
N ILE A 25 -8.82 -0.30 -6.35
CA ILE A 25 -8.21 -0.83 -7.56
C ILE A 25 -8.20 -2.35 -7.54
N LYS A 26 -8.20 -2.94 -8.73
CA LYS A 26 -8.13 -4.38 -8.86
C LYS A 26 -6.99 -4.74 -9.80
N SER A 27 -6.39 -5.91 -9.57
CA SER A 27 -5.28 -6.38 -10.39
C SER A 27 -5.68 -6.40 -11.86
N GLY A 28 -5.01 -5.59 -12.67
CA GLY A 28 -5.29 -5.57 -14.09
C GLY A 28 -5.96 -4.29 -14.55
N ASP A 29 -6.38 -3.46 -13.60
CA ASP A 29 -6.96 -2.17 -13.95
C ASP A 29 -5.92 -1.26 -14.57
N LYS A 30 -6.23 -0.72 -15.75
CA LYS A 30 -5.34 0.18 -16.44
C LYS A 30 -5.46 1.57 -15.83
N VAL A 31 -4.34 2.16 -15.42
CA VAL A 31 -4.37 3.46 -14.76
C VAL A 31 -3.44 4.47 -15.40
N TYR A 32 -3.82 5.73 -15.28
CA TYR A 32 -2.93 6.84 -15.64
C TYR A 32 -2.25 7.36 -14.39
N ILE A 33 -0.95 7.51 -14.44
CA ILE A 33 -0.20 8.00 -13.30
C ILE A 33 -0.10 9.52 -13.36
N LEU A 34 -0.80 10.19 -12.46
CA LEU A 34 -0.81 11.65 -12.44
C LEU A 34 0.46 12.16 -11.76
N ASP A 35 0.50 12.04 -10.45
CA ASP A 35 1.65 12.49 -9.67
C ASP A 35 2.21 11.33 -8.87
N ASP A 36 3.54 11.21 -8.86
CA ASP A 36 4.21 10.08 -8.21
C ASP A 36 5.30 10.53 -7.24
N LYS A 37 6.33 11.19 -7.75
CA LYS A 37 7.54 11.51 -6.97
C LYS A 37 7.23 12.26 -5.66
N LYS A 38 6.13 12.99 -5.65
CA LYS A 38 5.75 13.78 -4.48
C LYS A 38 5.31 12.91 -3.31
N SER A 39 4.94 11.66 -3.60
CA SER A 39 4.53 10.73 -2.56
C SER A 39 5.33 9.43 -2.69
N LYS A 40 5.43 8.69 -1.61
CA LYS A 40 6.16 7.43 -1.64
C LYS A 40 5.28 6.29 -1.14
N ASP A 41 4.05 6.64 -0.85
CA ASP A 41 3.09 5.71 -0.29
C ASP A 41 1.82 5.66 -1.15
N TRP A 42 1.24 6.82 -1.43
CA TRP A 42 0.00 6.89 -2.19
C TRP A 42 0.19 7.77 -3.43
N TRP A 43 0.02 7.17 -4.60
CA TRP A 43 0.18 7.88 -5.85
C TRP A 43 -1.16 8.25 -6.45
N MET A 44 -1.15 9.27 -7.29
CA MET A 44 -2.37 9.72 -7.97
C MET A 44 -2.54 8.92 -9.25
N CYS A 45 -3.56 8.09 -9.31
CA CYS A 45 -3.84 7.31 -10.51
C CYS A 45 -5.30 7.45 -10.92
N GLN A 46 -5.54 7.35 -12.22
CA GLN A 46 -6.88 7.41 -12.77
C GLN A 46 -7.19 6.15 -13.57
N LEU A 47 -8.27 5.48 -13.21
CA LEU A 47 -8.69 4.27 -13.92
C LEU A 47 -9.14 4.61 -15.34
N VAL A 48 -8.50 4.00 -16.32
CA VAL A 48 -8.87 4.21 -17.73
C VAL A 48 -10.27 3.64 -17.99
N ASP A 49 -10.64 2.66 -17.20
CA ASP A 49 -11.89 1.94 -17.37
C ASP A 49 -13.05 2.62 -16.62
N SER A 50 -12.72 3.57 -15.75
CA SER A 50 -13.74 4.19 -14.91
C SER A 50 -13.72 5.71 -15.01
N GLY A 51 -12.55 6.29 -15.15
CA GLY A 51 -12.44 7.74 -15.21
C GLY A 51 -12.18 8.34 -13.84
N LYS A 52 -12.22 7.51 -12.82
CA LYS A 52 -12.00 7.94 -11.44
C LYS A 52 -10.52 8.05 -11.12
N SER A 53 -10.15 9.11 -10.45
CA SER A 53 -8.79 9.30 -9.97
C SER A 53 -8.77 9.31 -8.45
N GLY A 54 -7.61 8.98 -7.88
CA GLY A 54 -7.48 8.98 -6.43
C GLY A 54 -6.13 8.48 -5.98
N LEU A 55 -5.96 8.35 -4.67
CA LEU A 55 -4.70 7.87 -4.11
C LEU A 55 -4.69 6.35 -4.04
N VAL A 56 -3.68 5.75 -4.65
CA VAL A 56 -3.52 4.31 -4.61
C VAL A 56 -2.14 3.95 -4.09
N PRO A 57 -1.98 2.77 -3.48
CA PRO A 57 -0.69 2.30 -2.98
C PRO A 57 0.39 2.32 -4.06
N ALA A 58 1.39 3.17 -3.85
CA ALA A 58 2.48 3.37 -4.81
C ALA A 58 3.16 2.06 -5.18
N GLN A 59 3.33 1.20 -4.18
CA GLN A 59 4.03 -0.06 -4.36
C GLN A 59 3.23 -1.04 -5.21
N PHE A 60 1.96 -0.72 -5.44
CA PHE A 60 1.08 -1.62 -6.19
C PHE A 60 1.04 -1.25 -7.66
N ILE A 61 1.64 -0.12 -8.01
CA ILE A 61 1.62 0.38 -9.38
C ILE A 61 2.92 0.10 -10.09
N GLU A 62 2.84 -0.34 -11.34
CA GLU A 62 4.01 -0.54 -12.17
C GLU A 62 3.97 0.40 -13.37
N PRO A 63 4.83 1.43 -13.38
CA PRO A 63 4.90 2.40 -14.48
C PRO A 63 5.48 1.79 -15.74
N VAL A 64 4.67 1.71 -16.80
CA VAL A 64 5.12 1.12 -18.06
C VAL A 64 5.55 2.22 -19.04
N ARG A 65 5.28 3.46 -18.67
CA ARG A 65 5.53 4.61 -19.54
C ARG A 65 7.03 4.80 -19.82
N ASP A 66 7.88 4.17 -19.02
CA ASP A 66 9.32 4.26 -19.21
C ASP A 66 10.04 3.20 -18.38
N LYS A 67 9.28 2.60 -17.46
CA LYS A 67 9.77 1.56 -16.55
C LYS A 67 10.61 2.17 -15.43
N LYS A 68 10.78 1.41 -14.36
CA LYS A 68 11.64 1.82 -13.26
C LYS A 68 13.09 1.52 -13.63
N HIS A 69 14.02 2.27 -13.10
CA HIS A 69 15.43 2.08 -13.43
C HIS A 69 16.25 1.92 -12.17
N THR A 70 16.75 3.02 -11.65
CA THR A 70 17.50 3.00 -10.41
C THR A 70 16.66 3.63 -9.30
N GLU A 71 15.89 2.81 -8.61
CA GLU A 71 14.96 3.28 -7.60
C GLU A 71 15.61 3.19 -6.22
N MET B 1 3.73 -16.01 15.97
CA MET B 1 4.22 -16.39 14.63
C MET B 1 5.05 -15.26 14.05
N GLN B 2 5.45 -15.43 12.81
CA GLN B 2 6.27 -14.42 12.14
C GLN B 2 5.61 -13.99 10.84
N ILE B 3 5.51 -12.68 10.64
CA ILE B 3 4.96 -12.14 9.41
C ILE B 3 6.00 -11.26 8.71
N PHE B 4 5.86 -11.11 7.40
CA PHE B 4 6.79 -10.30 6.63
C PHE B 4 6.20 -8.93 6.36
N VAL B 5 6.72 -7.92 7.04
CA VAL B 5 6.27 -6.56 6.83
C VAL B 5 7.12 -5.89 5.76
N LYS B 6 6.62 -5.90 4.53
CA LYS B 6 7.33 -5.31 3.41
C LYS B 6 6.98 -3.83 3.30
N THR B 7 7.93 -2.98 3.64
CA THR B 7 7.71 -1.54 3.63
C THR B 7 7.73 -0.99 2.21
N LEU B 8 7.40 0.29 2.08
CA LEU B 8 7.40 0.98 0.79
C LEU B 8 8.79 0.99 0.18
N THR B 9 9.79 1.04 1.04
CA THR B 9 11.15 1.22 0.61
C THR B 9 11.81 -0.10 0.22
N GLY B 10 11.02 -1.17 0.30
CA GLY B 10 11.50 -2.47 -0.12
C GLY B 10 12.24 -3.21 0.98
N LYS B 11 11.91 -2.91 2.23
CA LYS B 11 12.50 -3.61 3.36
C LYS B 11 11.50 -4.59 3.94
N THR B 12 11.86 -5.87 3.94
CA THR B 12 11.00 -6.89 4.52
C THR B 12 11.36 -7.12 5.99
N ILE B 13 10.65 -6.46 6.88
CA ILE B 13 10.90 -6.59 8.30
C ILE B 13 10.09 -7.75 8.87
N THR B 14 10.76 -8.75 9.37
CA THR B 14 10.10 -9.89 9.96
C THR B 14 9.62 -9.56 11.37
N LEU B 15 8.31 -9.57 11.56
CA LEU B 15 7.71 -9.28 12.85
C LEU B 15 7.15 -10.54 13.48
N GLU B 16 7.72 -10.92 14.62
CA GLU B 16 7.20 -12.05 15.34
C GLU B 16 6.07 -11.60 16.27
N VAL B 17 4.85 -11.78 15.80
CA VAL B 17 3.66 -11.41 16.53
C VAL B 17 2.67 -12.56 16.48
N GLU B 18 1.70 -12.60 17.38
CA GLU B 18 0.75 -13.70 17.40
C GLU B 18 -0.60 -13.30 16.82
N SER B 19 -1.45 -14.30 16.61
CA SER B 19 -2.79 -14.07 16.09
C SER B 19 -3.64 -13.35 17.13
N SER B 20 -3.26 -13.56 18.39
CA SER B 20 -3.96 -12.96 19.52
C SER B 20 -3.53 -11.51 19.72
N ASP B 21 -2.58 -11.07 18.90
CA ASP B 21 -2.07 -9.71 18.99
C ASP B 21 -2.92 -8.77 18.15
N THR B 22 -2.80 -7.48 18.38
CA THR B 22 -3.58 -6.50 17.64
C THR B 22 -2.71 -5.76 16.63
N ILE B 23 -3.33 -5.29 15.55
CA ILE B 23 -2.62 -4.57 14.51
C ILE B 23 -1.93 -3.33 15.06
N ASP B 24 -2.59 -2.67 16.00
CA ASP B 24 -2.05 -1.49 16.67
C ASP B 24 -0.79 -1.83 17.45
N ASN B 25 -0.79 -2.99 18.07
CA ASN B 25 0.38 -3.43 18.84
C ASN B 25 1.50 -3.84 17.90
N VAL B 26 1.14 -4.47 16.78
CA VAL B 26 2.10 -4.81 15.75
C VAL B 26 2.75 -3.54 15.20
N LYS B 27 1.93 -2.50 14.99
CA LYS B 27 2.42 -1.19 14.58
C LYS B 27 3.50 -0.70 15.55
N SER B 28 3.26 -0.93 16.83
CA SER B 28 4.20 -0.52 17.86
C SER B 28 5.50 -1.32 17.75
N LYS B 29 5.37 -2.60 17.45
CA LYS B 29 6.52 -3.48 17.30
C LYS B 29 7.27 -3.20 16.00
N ILE B 30 6.61 -2.52 15.07
CA ILE B 30 7.26 -2.05 13.85
C ILE B 30 8.01 -0.75 14.15
N GLN B 31 7.37 0.11 14.94
CA GLN B 31 7.99 1.36 15.38
C GLN B 31 9.21 1.05 16.25
N ASP B 32 9.13 -0.05 16.97
CA ASP B 32 10.22 -0.58 17.78
C ASP B 32 11.51 -0.72 16.97
N LYS B 33 11.35 -1.06 15.70
CA LYS B 33 12.51 -1.36 14.85
C LYS B 33 12.77 -0.26 13.83
N GLU B 34 11.79 0.04 13.00
CA GLU B 34 11.99 1.01 11.92
C GLU B 34 11.74 2.44 12.41
N GLY B 35 10.80 2.59 13.32
CA GLY B 35 10.51 3.90 13.88
C GLY B 35 9.33 4.58 13.20
N ILE B 36 8.52 3.80 12.52
CA ILE B 36 7.34 4.33 11.85
C ILE B 36 6.18 4.46 12.82
N PRO B 37 5.73 5.71 13.10
CA PRO B 37 4.59 5.96 13.97
C PRO B 37 3.34 5.22 13.51
N PRO B 38 2.59 4.64 14.46
CA PRO B 38 1.41 3.82 14.15
C PRO B 38 0.31 4.60 13.42
N ASP B 39 0.27 5.91 13.63
CA ASP B 39 -0.73 6.74 12.98
C ASP B 39 -0.28 7.18 11.61
N GLN B 40 0.92 6.77 11.22
CA GLN B 40 1.45 7.13 9.90
C GLN B 40 1.62 5.88 9.05
N GLN B 41 1.12 4.75 9.52
CA GLN B 41 1.27 3.51 8.76
C GLN B 41 -0.05 2.74 8.67
N ARG B 42 -0.21 2.00 7.59
CA ARG B 42 -1.32 1.07 7.41
C ARG B 42 -0.80 -0.24 6.84
N LEU B 43 -1.26 -1.35 7.39
CA LEU B 43 -0.85 -2.67 6.92
C LEU B 43 -1.81 -3.16 5.84
N ILE B 44 -1.27 -3.57 4.71
CA ILE B 44 -2.09 -4.09 3.63
C ILE B 44 -1.67 -5.51 3.26
N PHE B 45 -2.54 -6.47 3.49
CA PHE B 45 -2.24 -7.86 3.20
C PHE B 45 -3.08 -8.36 2.03
N ALA B 46 -2.42 -8.61 0.90
CA ALA B 46 -3.06 -9.12 -0.32
C ALA B 46 -4.18 -8.19 -0.80
N GLY B 47 -4.15 -6.94 -0.33
CA GLY B 47 -5.16 -5.98 -0.73
C GLY B 47 -6.14 -5.71 0.39
N LYS B 48 -6.04 -6.50 1.46
CA LYS B 48 -6.92 -6.34 2.60
C LYS B 48 -6.45 -5.22 3.52
N GLN B 49 -7.36 -4.31 3.81
CA GLN B 49 -7.12 -3.20 4.71
C GLN B 49 -7.00 -3.72 6.15
N LEU B 50 -5.81 -3.60 6.73
CA LEU B 50 -5.60 -4.03 8.10
C LEU B 50 -5.46 -2.82 9.01
N GLU B 51 -6.57 -2.42 9.62
CA GLU B 51 -6.56 -1.27 10.51
C GLU B 51 -6.34 -1.72 11.95
N ASP B 52 -5.78 -0.83 12.75
CA ASP B 52 -5.52 -1.10 14.15
C ASP B 52 -6.81 -1.14 14.96
N GLY B 53 -6.73 -1.67 16.17
CA GLY B 53 -7.91 -1.76 17.01
C GLY B 53 -8.38 -3.19 17.17
N ARG B 54 -8.09 -4.04 16.19
CA ARG B 54 -8.51 -5.44 16.23
C ARG B 54 -7.32 -6.38 16.09
N THR B 55 -7.56 -7.65 16.35
CA THR B 55 -6.51 -8.66 16.36
C THR B 55 -6.22 -9.21 14.96
N LEU B 56 -5.10 -9.91 14.84
CA LEU B 56 -4.73 -10.57 13.59
C LEU B 56 -5.65 -11.76 13.32
N SER B 57 -6.18 -12.32 14.40
CA SER B 57 -7.12 -13.44 14.31
C SER B 57 -8.36 -13.05 13.51
N ASP B 58 -8.84 -11.83 13.75
CA ASP B 58 -10.04 -11.33 13.09
C ASP B 58 -9.81 -11.20 11.59
N TYR B 59 -8.64 -10.68 11.23
CA TYR B 59 -8.30 -10.49 9.82
C TYR B 59 -7.85 -11.79 9.17
N ASN B 60 -7.81 -12.87 9.97
CA ASN B 60 -7.45 -14.20 9.49
C ASN B 60 -6.03 -14.22 8.93
N ILE B 61 -5.14 -13.51 9.61
CA ILE B 61 -3.74 -13.45 9.20
C ILE B 61 -2.98 -14.66 9.73
N GLN B 62 -2.31 -15.38 8.84
CA GLN B 62 -1.50 -16.53 9.21
C GLN B 62 -0.02 -16.18 9.13
N LYS B 63 0.83 -17.11 9.57
CA LYS B 63 2.27 -16.85 9.59
C LYS B 63 2.87 -16.86 8.20
N GLU B 64 4.00 -16.18 8.06
CA GLU B 64 4.75 -16.11 6.81
C GLU B 64 3.95 -15.38 5.73
N SER B 65 3.00 -14.58 6.17
CA SER B 65 2.22 -13.78 5.25
C SER B 65 2.98 -12.51 4.91
N THR B 66 2.85 -12.05 3.67
CA THR B 66 3.54 -10.85 3.24
C THR B 66 2.63 -9.64 3.31
N LEU B 67 2.81 -8.85 4.34
CA LEU B 67 2.05 -7.61 4.52
C LEU B 67 2.82 -6.46 3.90
N HIS B 68 2.11 -5.55 3.27
CA HIS B 68 2.74 -4.37 2.69
C HIS B 68 2.45 -3.17 3.56
N LEU B 69 3.50 -2.54 4.06
CA LEU B 69 3.35 -1.41 4.95
C LEU B 69 3.32 -0.11 4.16
N VAL B 70 2.14 0.45 4.00
CA VAL B 70 1.96 1.69 3.29
C VAL B 70 1.67 2.82 4.28
N LEU B 71 2.43 3.90 4.16
CA LEU B 71 2.32 5.00 5.09
C LEU B 71 1.04 5.80 4.85
N ARG B 72 0.64 6.56 5.86
CA ARG B 72 -0.52 7.43 5.74
C ARG B 72 -0.09 8.85 5.42
N LEU B 73 1.23 9.05 5.36
CA LEU B 73 1.84 10.36 5.07
C LEU B 73 1.40 11.42 6.08
N ARG B 74 0.96 10.96 7.26
CA ARG B 74 0.52 11.86 8.30
C ARG B 74 1.33 11.67 9.56
N GLY B 75 2.32 12.53 9.76
CA GLY B 75 3.15 12.48 10.94
C GLY B 75 3.75 13.83 11.25
N GLY B 76 2.94 14.86 11.07
CA GLY B 76 3.40 16.22 11.25
C GLY B 76 2.42 17.23 10.72
N MET A 1 6.01 11.72 -25.33
CA MET A 1 5.20 11.35 -26.51
C MET A 1 4.02 12.30 -26.66
N ALA A 2 3.91 12.94 -27.83
CA ALA A 2 2.85 13.90 -28.12
C ALA A 2 2.89 15.08 -27.17
N SER A 3 4.08 15.34 -26.61
CA SER A 3 4.30 16.42 -25.65
C SER A 3 3.58 16.14 -24.32
N LYS A 4 4.38 15.83 -23.30
CA LYS A 4 3.90 15.51 -21.96
C LYS A 4 3.21 14.14 -21.94
N SER A 5 3.88 13.18 -21.32
CA SER A 5 3.34 11.84 -21.21
C SER A 5 3.35 11.37 -19.76
N LYS A 6 2.17 11.07 -19.24
CA LYS A 6 2.06 10.51 -17.90
C LYS A 6 2.37 9.02 -17.96
N LYS A 7 2.89 8.49 -16.87
CA LYS A 7 3.39 7.12 -16.87
C LYS A 7 2.27 6.12 -16.69
N ARG A 8 2.39 5.01 -17.39
CA ARG A 8 1.39 3.95 -17.35
C ARG A 8 1.79 2.88 -16.35
N GLY A 9 0.85 2.41 -15.56
CA GLY A 9 1.15 1.41 -14.58
C GLY A 9 0.08 0.34 -14.49
N ILE A 10 0.49 -0.89 -14.26
CA ILE A 10 -0.45 -1.97 -14.02
C ILE A 10 -0.37 -2.36 -12.54
N VAL A 11 -1.42 -2.06 -11.80
CA VAL A 11 -1.42 -2.29 -10.37
C VAL A 11 -1.39 -3.79 -10.05
N GLN A 12 -0.56 -4.16 -9.09
CA GLN A 12 -0.34 -5.57 -8.75
C GLN A 12 -1.13 -5.99 -7.52
N TYR A 13 -1.65 -5.03 -6.78
CA TYR A 13 -2.36 -5.33 -5.55
C TYR A 13 -3.78 -4.82 -5.59
N ASP A 14 -4.69 -5.55 -4.98
CA ASP A 14 -6.07 -5.12 -4.86
C ASP A 14 -6.21 -4.12 -3.74
N PHE A 15 -6.61 -2.90 -4.08
CA PHE A 15 -6.76 -1.85 -3.08
C PHE A 15 -8.23 -1.48 -2.92
N MET A 16 -8.72 -1.62 -1.70
CA MET A 16 -10.13 -1.36 -1.42
C MET A 16 -10.29 -0.01 -0.74
N ALA A 17 -10.70 0.98 -1.52
CA ALA A 17 -10.85 2.34 -1.02
C ALA A 17 -11.96 2.42 0.03
N GLU A 18 -11.62 2.95 1.19
CA GLU A 18 -12.60 3.21 2.22
C GLU A 18 -12.94 4.70 2.23
N SER A 19 -11.96 5.50 1.84
CA SER A 19 -12.15 6.92 1.67
C SER A 19 -12.43 7.20 0.20
N GLN A 20 -13.22 8.23 -0.08
CA GLN A 20 -13.53 8.58 -1.47
C GLN A 20 -12.31 9.23 -2.13
N ASP A 21 -11.34 9.59 -1.30
CA ASP A 21 -10.04 10.07 -1.78
C ASP A 21 -9.29 8.94 -2.46
N GLU A 22 -9.50 7.73 -1.94
CA GLU A 22 -8.78 6.56 -2.38
C GLU A 22 -9.46 5.94 -3.60
N LEU A 23 -8.84 4.93 -4.19
CA LEU A 23 -9.38 4.31 -5.40
C LEU A 23 -9.44 2.80 -5.27
N THR A 24 -10.64 2.25 -5.46
CA THR A 24 -10.83 0.81 -5.42
C THR A 24 -10.38 0.17 -6.73
N ILE A 25 -9.24 -0.49 -6.70
CA ILE A 25 -8.64 -1.06 -7.90
C ILE A 25 -8.41 -2.55 -7.75
N LYS A 26 -8.37 -3.25 -8.87
CA LYS A 26 -8.10 -4.67 -8.88
C LYS A 26 -6.69 -4.95 -9.37
N SER A 27 -6.12 -6.06 -8.93
CA SER A 27 -4.84 -6.50 -9.44
C SER A 27 -4.98 -6.83 -10.93
N GLY A 28 -4.31 -6.07 -11.77
CA GLY A 28 -4.42 -6.26 -13.19
C GLY A 28 -5.16 -5.13 -13.88
N ASP A 29 -5.46 -4.06 -13.13
CA ASP A 29 -6.05 -2.87 -13.71
C ASP A 29 -4.96 -1.94 -14.24
N LYS A 30 -5.12 -1.50 -15.47
CA LYS A 30 -4.17 -0.56 -16.06
C LYS A 30 -4.54 0.86 -15.69
N VAL A 31 -3.59 1.60 -15.14
CA VAL A 31 -3.85 2.93 -14.64
C VAL A 31 -2.87 3.96 -15.22
N TYR A 32 -3.37 5.17 -15.42
CA TYR A 32 -2.52 6.31 -15.77
C TYR A 32 -2.13 7.04 -14.49
N ILE A 33 -0.83 7.15 -14.26
CA ILE A 33 -0.34 7.84 -13.08
C ILE A 33 -0.36 9.34 -13.30
N LEU A 34 -1.22 10.04 -12.55
CA LEU A 34 -1.35 11.49 -12.68
C LEU A 34 -0.43 12.19 -11.68
N ASP A 35 -0.83 12.21 -10.42
CA ASP A 35 -0.01 12.80 -9.38
C ASP A 35 1.05 11.82 -8.93
N ASP A 36 2.25 12.03 -9.42
CA ASP A 36 3.41 11.18 -9.15
C ASP A 36 4.48 11.95 -8.37
N LYS A 37 4.91 13.07 -8.95
CA LYS A 37 5.93 13.92 -8.34
C LYS A 37 5.41 14.60 -7.08
N LYS A 38 4.11 14.84 -7.06
CA LYS A 38 3.49 15.60 -5.99
C LYS A 38 3.43 14.80 -4.68
N SER A 39 3.46 13.49 -4.79
CA SER A 39 3.42 12.64 -3.62
C SER A 39 4.15 11.33 -3.89
N LYS A 40 5.25 11.13 -3.18
CA LYS A 40 6.07 9.92 -3.34
C LYS A 40 5.36 8.71 -2.74
N ASP A 41 4.45 8.98 -1.83
CA ASP A 41 3.75 7.94 -1.09
C ASP A 41 2.48 7.47 -1.81
N TRP A 42 1.61 8.41 -2.10
CA TRP A 42 0.32 8.11 -2.70
C TRP A 42 0.21 8.76 -4.07
N TRP A 43 -0.09 7.97 -5.08
CA TRP A 43 -0.22 8.47 -6.44
C TRP A 43 -1.68 8.55 -6.85
N MET A 44 -2.02 9.54 -7.65
CA MET A 44 -3.37 9.62 -8.21
C MET A 44 -3.39 8.89 -9.54
N CYS A 45 -3.97 7.71 -9.55
CA CYS A 45 -4.05 6.94 -10.76
C CYS A 45 -5.43 7.03 -11.37
N GLN A 46 -5.49 7.10 -12.69
CA GLN A 46 -6.75 7.10 -13.40
C GLN A 46 -6.86 5.85 -14.26
N LEU A 47 -7.87 5.05 -13.99
CA LEU A 47 -8.06 3.77 -14.66
C LEU A 47 -8.22 3.98 -16.15
N VAL A 48 -7.38 3.33 -16.95
CA VAL A 48 -7.38 3.54 -18.40
C VAL A 48 -8.73 3.16 -19.00
N ASP A 49 -9.30 2.08 -18.53
CA ASP A 49 -10.55 1.56 -19.06
C ASP A 49 -11.77 2.20 -18.40
N SER A 50 -11.69 2.44 -17.09
CA SER A 50 -12.84 2.90 -16.34
C SER A 50 -12.91 4.41 -16.22
N GLY A 51 -11.77 5.07 -16.07
CA GLY A 51 -11.76 6.50 -15.86
C GLY A 51 -11.78 6.87 -14.39
N LYS A 52 -11.67 5.87 -13.53
CA LYS A 52 -11.64 6.12 -12.08
C LYS A 52 -10.31 6.76 -11.70
N SER A 53 -10.35 7.88 -11.02
CA SER A 53 -9.14 8.54 -10.60
C SER A 53 -9.15 8.77 -9.08
N GLY A 54 -8.11 8.29 -8.41
CA GLY A 54 -8.03 8.46 -6.97
C GLY A 54 -6.66 8.15 -6.41
N LEU A 55 -6.53 8.25 -5.09
CA LEU A 55 -5.26 8.03 -4.43
C LEU A 55 -5.01 6.55 -4.16
N VAL A 56 -3.88 6.05 -4.61
CA VAL A 56 -3.46 4.69 -4.35
C VAL A 56 -1.98 4.67 -3.97
N PRO A 57 -1.55 3.69 -3.16
CA PRO A 57 -0.15 3.57 -2.74
C PRO A 57 0.78 3.29 -3.91
N ALA A 58 1.88 4.03 -3.97
CA ALA A 58 2.85 3.89 -5.06
C ALA A 58 3.41 2.47 -5.16
N GLN A 59 3.55 1.82 -4.01
CA GLN A 59 4.13 0.48 -3.95
C GLN A 59 3.12 -0.60 -4.36
N PHE A 60 1.98 -0.18 -4.88
CA PHE A 60 0.98 -1.11 -5.37
C PHE A 60 0.97 -1.13 -6.89
N ILE A 61 1.59 -0.12 -7.48
CA ILE A 61 1.58 0.05 -8.92
C ILE A 61 2.85 -0.53 -9.54
N GLU A 62 2.68 -1.29 -10.61
CA GLU A 62 3.80 -1.76 -11.41
C GLU A 62 3.88 -0.96 -12.70
N PRO A 63 4.61 0.16 -12.69
CA PRO A 63 4.73 1.03 -13.87
C PRO A 63 5.47 0.34 -14.99
N VAL A 64 4.98 0.51 -16.21
CA VAL A 64 5.60 -0.10 -17.37
C VAL A 64 6.57 0.87 -18.03
N ARG A 65 7.85 0.61 -17.85
CA ARG A 65 8.91 1.39 -18.47
C ARG A 65 9.80 0.48 -19.30
N ASP A 66 9.39 -0.79 -19.39
CA ASP A 66 10.20 -1.84 -20.02
C ASP A 66 11.46 -2.10 -19.19
N LYS A 67 11.39 -3.18 -18.41
CA LYS A 67 12.48 -3.57 -17.52
C LYS A 67 12.64 -2.57 -16.37
N LYS A 68 11.76 -2.64 -15.40
CA LYS A 68 11.85 -1.79 -14.23
C LYS A 68 12.80 -2.40 -13.20
N HIS A 69 14.00 -1.84 -13.13
CA HIS A 69 15.00 -2.28 -12.16
C HIS A 69 14.99 -1.34 -10.97
N THR A 70 14.97 -1.91 -9.77
CA THR A 70 14.88 -1.13 -8.55
C THR A 70 15.40 -1.94 -7.37
N GLU A 71 15.14 -1.48 -6.16
CA GLU A 71 15.52 -2.22 -4.95
C GLU A 71 14.32 -2.99 -4.44
N MET B 1 3.98 -16.57 13.57
CA MET B 1 4.11 -16.57 12.10
C MET B 1 4.95 -15.40 11.65
N GLN B 2 5.71 -15.61 10.59
CA GLN B 2 6.48 -14.54 10.01
C GLN B 2 5.65 -13.81 8.97
N ILE B 3 5.54 -12.51 9.10
CA ILE B 3 4.85 -11.71 8.12
C ILE B 3 5.83 -10.76 7.48
N PHE B 4 5.75 -10.64 6.17
CA PHE B 4 6.68 -9.82 5.43
C PHE B 4 6.05 -8.50 5.08
N VAL B 5 6.27 -7.51 5.94
CA VAL B 5 5.72 -6.19 5.72
C VAL B 5 6.72 -5.31 4.96
N LYS B 6 6.39 -5.00 3.72
CA LYS B 6 7.21 -4.09 2.94
C LYS B 6 6.77 -2.67 3.21
N THR B 7 7.73 -1.86 3.63
CA THR B 7 7.44 -0.47 3.96
C THR B 7 7.25 0.35 2.69
N LEU B 8 6.90 1.61 2.86
CA LEU B 8 6.65 2.51 1.73
C LEU B 8 7.93 2.72 0.93
N THR B 9 9.06 2.47 1.56
CA THR B 9 10.35 2.62 0.90
C THR B 9 10.74 1.36 0.14
N GLY B 10 9.96 0.29 0.32
CA GLY B 10 10.22 -0.96 -0.36
C GLY B 10 11.07 -1.89 0.46
N LYS B 11 11.25 -1.57 1.73
CA LYS B 11 12.07 -2.36 2.62
C LYS B 11 11.27 -3.51 3.21
N THR B 12 11.83 -4.71 3.13
CA THR B 12 11.17 -5.90 3.65
C THR B 12 11.45 -6.07 5.13
N ILE B 13 10.42 -5.91 5.94
CA ILE B 13 10.51 -6.17 7.37
C ILE B 13 9.94 -7.54 7.68
N THR B 14 10.81 -8.50 7.94
CA THR B 14 10.38 -9.81 8.35
C THR B 14 10.02 -9.78 9.84
N LEU B 15 8.75 -9.92 10.15
CA LEU B 15 8.30 -9.78 11.52
C LEU B 15 7.62 -11.06 12.01
N GLU B 16 8.16 -11.63 13.07
CA GLU B 16 7.60 -12.84 13.66
C GLU B 16 6.52 -12.44 14.67
N VAL B 17 5.27 -12.57 14.27
CA VAL B 17 4.14 -12.11 15.08
C VAL B 17 3.18 -13.26 15.38
N GLU B 18 2.38 -13.08 16.40
CA GLU B 18 1.36 -14.05 16.76
C GLU B 18 0.13 -13.86 15.89
N SER B 19 -0.56 -14.94 15.57
CA SER B 19 -1.76 -14.86 14.74
C SER B 19 -2.88 -14.13 15.48
N SER B 20 -2.82 -14.14 16.80
CA SER B 20 -3.83 -13.50 17.62
C SER B 20 -3.33 -12.16 18.15
N ASP B 21 -2.22 -11.68 17.60
CA ASP B 21 -1.64 -10.42 18.03
C ASP B 21 -2.41 -9.25 17.43
N THR B 22 -2.48 -8.15 18.16
CA THR B 22 -3.25 -7.00 17.71
C THR B 22 -2.48 -6.21 16.66
N ILE B 23 -3.21 -5.56 15.76
CA ILE B 23 -2.61 -4.69 14.76
C ILE B 23 -1.80 -3.59 15.44
N ASP B 24 -2.31 -3.16 16.59
CA ASP B 24 -1.65 -2.13 17.38
C ASP B 24 -0.31 -2.63 17.92
N ASN B 25 -0.29 -3.86 18.39
CA ASN B 25 0.92 -4.43 18.95
C ASN B 25 1.91 -4.76 17.83
N VAL B 26 1.40 -5.12 16.66
CA VAL B 26 2.24 -5.30 15.49
C VAL B 26 2.85 -3.96 15.08
N LYS B 27 2.04 -2.90 15.08
CA LYS B 27 2.53 -1.55 14.84
C LYS B 27 3.64 -1.21 15.83
N SER B 28 3.41 -1.57 17.09
CA SER B 28 4.37 -1.31 18.15
C SER B 28 5.61 -2.17 17.99
N LYS B 29 5.46 -3.36 17.38
CA LYS B 29 6.62 -4.19 17.07
C LYS B 29 7.49 -3.52 16.00
N ILE B 30 6.83 -2.93 15.02
CA ILE B 30 7.53 -2.20 13.97
C ILE B 30 8.14 -0.92 14.55
N GLN B 31 7.43 -0.29 15.46
CA GLN B 31 7.93 0.90 16.14
C GLN B 31 9.09 0.53 17.06
N ASP B 32 9.00 -0.65 17.66
CA ASP B 32 10.04 -1.15 18.54
C ASP B 32 11.31 -1.41 17.76
N LYS B 33 11.15 -1.90 16.53
CA LYS B 33 12.28 -2.25 15.70
C LYS B 33 12.82 -1.02 14.95
N GLU B 34 11.99 -0.41 14.12
CA GLU B 34 12.45 0.67 13.24
C GLU B 34 12.14 2.05 13.81
N GLY B 35 11.05 2.15 14.58
CA GLY B 35 10.69 3.43 15.17
C GLY B 35 9.71 4.20 14.32
N ILE B 36 8.64 3.54 13.91
CA ILE B 36 7.61 4.17 13.10
C ILE B 36 6.35 4.38 13.91
N PRO B 37 5.82 5.62 13.95
CA PRO B 37 4.61 5.96 14.70
C PRO B 37 3.39 5.15 14.24
N PRO B 38 2.65 4.57 15.20
CA PRO B 38 1.46 3.75 14.89
C PRO B 38 0.36 4.55 14.19
N ASP B 39 0.28 5.84 14.49
CA ASP B 39 -0.69 6.73 13.85
C ASP B 39 -0.40 6.84 12.36
N GLN B 40 0.88 6.79 12.04
CA GLN B 40 1.37 6.98 10.68
C GLN B 40 1.34 5.68 9.90
N GLN B 41 0.98 4.59 10.58
CA GLN B 41 1.04 3.27 9.98
C GLN B 41 -0.34 2.77 9.54
N ARG B 42 -0.50 2.56 8.24
CA ARG B 42 -1.65 1.82 7.73
C ARG B 42 -1.15 0.60 6.95
N LEU B 43 -1.48 -0.57 7.45
CA LEU B 43 -1.05 -1.82 6.83
C LEU B 43 -2.11 -2.29 5.85
N ILE B 44 -1.70 -2.71 4.66
CA ILE B 44 -2.62 -3.27 3.70
C ILE B 44 -2.31 -4.73 3.46
N PHE B 45 -3.30 -5.58 3.64
CA PHE B 45 -3.16 -7.00 3.39
C PHE B 45 -4.26 -7.47 2.43
N ALA B 46 -3.89 -7.67 1.16
CA ALA B 46 -4.80 -8.17 0.14
C ALA B 46 -6.09 -7.35 0.05
N GLY B 47 -5.98 -6.04 0.28
CA GLY B 47 -7.13 -5.17 0.19
C GLY B 47 -7.70 -4.83 1.54
N LYS B 48 -7.21 -5.49 2.57
CA LYS B 48 -7.64 -5.22 3.93
C LYS B 48 -6.78 -4.15 4.55
N GLN B 49 -7.37 -2.98 4.78
CA GLN B 49 -6.66 -1.91 5.49
C GLN B 49 -6.71 -2.18 6.98
N LEU B 50 -5.56 -2.46 7.54
CA LEU B 50 -5.45 -2.90 8.92
C LEU B 50 -5.22 -1.71 9.85
N GLU B 51 -6.12 -1.50 10.77
CA GLU B 51 -5.96 -0.45 11.77
C GLU B 51 -5.88 -1.05 13.16
N ASP B 52 -5.38 -0.25 14.09
CA ASP B 52 -5.23 -0.68 15.48
C ASP B 52 -6.59 -0.90 16.13
N GLY B 53 -6.59 -1.64 17.22
CA GLY B 53 -7.83 -2.01 17.87
C GLY B 53 -8.19 -3.46 17.60
N ARG B 54 -7.91 -3.90 16.39
CA ARG B 54 -8.21 -5.26 15.98
C ARG B 54 -6.96 -6.13 16.00
N THR B 55 -7.14 -7.44 15.82
CA THR B 55 -6.04 -8.38 15.78
C THR B 55 -5.79 -8.87 14.36
N LEU B 56 -4.71 -9.61 14.17
CA LEU B 56 -4.41 -10.24 12.89
C LEU B 56 -5.44 -11.33 12.59
N SER B 57 -5.92 -11.97 13.65
CA SER B 57 -6.93 -13.02 13.54
C SER B 57 -8.27 -12.42 13.09
N ASP B 58 -8.49 -11.17 13.46
CA ASP B 58 -9.73 -10.48 13.12
C ASP B 58 -9.90 -10.38 11.62
N TYR B 59 -8.82 -9.97 10.95
CA TYR B 59 -8.84 -9.79 9.50
C TYR B 59 -8.56 -11.11 8.78
N ASN B 60 -8.35 -12.17 9.56
CA ASN B 60 -8.04 -13.50 9.03
C ASN B 60 -6.71 -13.48 8.28
N ILE B 61 -5.65 -13.07 8.96
CA ILE B 61 -4.33 -13.01 8.37
C ILE B 61 -3.54 -14.29 8.68
N GLN B 62 -2.99 -14.89 7.64
CA GLN B 62 -2.28 -16.16 7.76
C GLN B 62 -0.79 -15.94 7.99
N LYS B 63 -0.01 -17.00 7.92
CA LYS B 63 1.43 -16.91 8.04
C LYS B 63 2.08 -16.80 6.67
N GLU B 64 3.26 -16.18 6.63
CA GLU B 64 3.98 -15.90 5.38
C GLU B 64 3.22 -14.87 4.55
N SER B 65 2.24 -14.23 5.18
CA SER B 65 1.45 -13.21 4.50
C SER B 65 2.29 -11.97 4.22
N THR B 66 2.09 -11.40 3.04
CA THR B 66 2.82 -10.21 2.64
C THR B 66 2.00 -8.96 2.89
N LEU B 67 2.46 -8.14 3.81
CA LEU B 67 1.78 -6.90 4.14
C LEU B 67 2.55 -5.74 3.55
N HIS B 68 1.87 -4.62 3.34
CA HIS B 68 2.52 -3.40 2.88
C HIS B 68 2.19 -2.25 3.80
N LEU B 69 3.23 -1.56 4.25
CA LEU B 69 3.05 -0.43 5.14
C LEU B 69 3.00 0.87 4.35
N VAL B 70 1.80 1.41 4.25
CA VAL B 70 1.60 2.69 3.60
C VAL B 70 1.36 3.75 4.66
N LEU B 71 2.07 4.85 4.55
CA LEU B 71 2.10 5.84 5.61
C LEU B 71 0.89 6.76 5.58
N ARG B 72 0.45 7.12 6.77
CA ARG B 72 -0.56 8.14 6.95
C ARG B 72 0.15 9.44 7.30
N LEU B 73 0.21 10.35 6.33
CA LEU B 73 0.93 11.60 6.50
C LEU B 73 0.42 12.36 7.73
N ARG B 74 1.17 12.26 8.82
CA ARG B 74 0.76 12.81 10.09
C ARG B 74 1.99 13.13 10.92
N GLY B 75 1.82 13.96 11.95
CA GLY B 75 2.93 14.32 12.81
C GLY B 75 3.76 15.43 12.24
N GLY B 76 4.73 15.09 11.42
CA GLY B 76 5.59 16.08 10.81
C GLY B 76 6.19 15.60 9.51
N MET A 1 7.02 7.26 -30.46
CA MET A 1 5.56 7.38 -30.61
C MET A 1 4.92 7.73 -29.28
N ALA A 2 4.66 9.02 -29.09
CA ALA A 2 4.06 9.49 -27.85
C ALA A 2 3.46 10.89 -28.04
N SER A 3 2.16 10.99 -27.81
CA SER A 3 1.46 12.26 -27.90
C SER A 3 1.52 12.99 -26.55
N LYS A 4 2.47 12.58 -25.73
CA LYS A 4 2.58 13.05 -24.34
C LYS A 4 1.32 12.70 -23.58
N SER A 5 1.25 11.46 -23.13
CA SER A 5 0.10 10.97 -22.41
C SER A 5 0.29 11.16 -20.91
N LYS A 6 -0.74 10.85 -20.15
CA LYS A 6 -0.72 11.09 -18.70
C LYS A 6 -0.17 9.89 -17.94
N LYS A 7 0.81 9.22 -18.55
CA LYS A 7 1.48 8.06 -17.97
C LYS A 7 0.52 6.87 -17.82
N ARG A 8 0.95 5.70 -18.24
CA ARG A 8 0.10 4.52 -18.14
C ARG A 8 0.65 3.55 -17.10
N GLY A 9 -0.24 3.00 -16.30
CA GLY A 9 0.15 2.03 -15.31
C GLY A 9 -0.80 0.88 -15.24
N ILE A 10 -0.30 -0.28 -14.83
CA ILE A 10 -1.11 -1.46 -14.66
C ILE A 10 -1.23 -1.79 -13.17
N VAL A 11 -2.41 -1.63 -12.62
CA VAL A 11 -2.62 -1.87 -11.21
C VAL A 11 -2.61 -3.37 -10.91
N GLN A 12 -1.74 -3.75 -9.97
CA GLN A 12 -1.50 -5.15 -9.65
C GLN A 12 -2.50 -5.66 -8.61
N TYR A 13 -2.76 -4.87 -7.58
CA TYR A 13 -3.63 -5.28 -6.49
C TYR A 13 -5.00 -4.64 -6.61
N ASP A 14 -5.86 -4.92 -5.64
CA ASP A 14 -7.19 -4.32 -5.58
C ASP A 14 -7.28 -3.44 -4.34
N PHE A 15 -7.70 -2.20 -4.52
CA PHE A 15 -7.73 -1.25 -3.41
C PHE A 15 -9.10 -0.61 -3.29
N MET A 16 -9.59 -0.49 -2.07
CA MET A 16 -10.87 0.15 -1.82
C MET A 16 -10.64 1.53 -1.24
N ALA A 17 -11.47 2.48 -1.65
CA ALA A 17 -11.33 3.86 -1.20
C ALA A 17 -12.29 4.16 -0.06
N GLU A 18 -11.73 4.39 1.13
CA GLU A 18 -12.54 4.79 2.27
C GLU A 18 -12.53 6.31 2.41
N SER A 19 -11.41 6.92 2.04
CA SER A 19 -11.30 8.37 2.09
C SER A 19 -11.82 8.97 0.79
N GLN A 20 -12.04 10.27 0.79
CA GLN A 20 -12.59 10.96 -0.37
C GLN A 20 -11.49 11.16 -1.42
N ASP A 21 -10.25 11.20 -0.95
CA ASP A 21 -9.11 11.46 -1.81
C ASP A 21 -8.55 10.16 -2.41
N GLU A 22 -8.98 9.03 -1.88
CA GLU A 22 -8.48 7.73 -2.34
C GLU A 22 -9.34 7.19 -3.47
N LEU A 23 -8.82 6.21 -4.20
CA LEU A 23 -9.52 5.65 -5.34
C LEU A 23 -9.69 4.15 -5.21
N THR A 24 -10.81 3.65 -5.69
CA THR A 24 -11.06 2.22 -5.72
C THR A 24 -10.58 1.64 -7.05
N ILE A 25 -9.60 0.76 -7.00
CA ILE A 25 -8.98 0.22 -8.20
C ILE A 25 -9.08 -1.30 -8.24
N LYS A 26 -9.24 -1.83 -9.44
CA LYS A 26 -9.35 -3.27 -9.65
C LYS A 26 -8.07 -3.79 -10.29
N SER A 27 -7.59 -4.95 -9.85
CA SER A 27 -6.37 -5.53 -10.40
C SER A 27 -6.51 -5.80 -11.90
N GLY A 28 -5.59 -5.26 -12.68
CA GLY A 28 -5.62 -5.46 -14.11
C GLY A 28 -6.32 -4.33 -14.85
N ASP A 29 -6.77 -3.32 -14.11
CA ASP A 29 -7.43 -2.17 -14.74
C ASP A 29 -6.37 -1.20 -15.26
N LYS A 30 -6.73 -0.46 -16.29
CA LYS A 30 -5.81 0.49 -16.91
C LYS A 30 -5.92 1.84 -16.21
N VAL A 31 -4.81 2.31 -15.66
CA VAL A 31 -4.82 3.58 -14.96
C VAL A 31 -3.77 4.54 -15.50
N TYR A 32 -4.08 5.82 -15.40
CA TYR A 32 -3.11 6.87 -15.69
C TYR A 32 -2.37 7.22 -14.41
N ILE A 33 -1.14 7.67 -14.53
CA ILE A 33 -0.37 8.09 -13.38
C ILE A 33 -0.36 9.62 -13.30
N LEU A 34 -1.28 10.15 -12.51
CA LEU A 34 -1.42 11.60 -12.37
C LEU A 34 -0.17 12.21 -11.76
N ASP A 35 0.25 11.67 -10.63
CA ASP A 35 1.48 12.13 -10.00
C ASP A 35 2.25 10.97 -9.40
N ASP A 36 3.57 11.04 -9.57
CA ASP A 36 4.51 10.06 -9.05
C ASP A 36 5.68 10.77 -8.39
N LYS A 37 5.46 12.01 -7.95
CA LYS A 37 6.54 12.86 -7.48
C LYS A 37 6.29 13.44 -6.08
N LYS A 38 5.05 13.83 -5.80
CA LYS A 38 4.71 14.46 -4.52
C LYS A 38 5.06 13.53 -3.37
N SER A 39 4.76 12.25 -3.56
CA SER A 39 5.06 11.23 -2.58
C SER A 39 5.41 9.93 -3.30
N LYS A 40 6.28 9.13 -2.72
CA LYS A 40 6.68 7.87 -3.33
C LYS A 40 5.80 6.74 -2.80
N ASP A 41 5.27 6.93 -1.60
CA ASP A 41 4.47 5.92 -0.93
C ASP A 41 3.05 5.89 -1.51
N TRP A 42 2.53 7.05 -1.84
CA TRP A 42 1.20 7.16 -2.41
C TRP A 42 1.25 7.88 -3.75
N TRP A 43 0.70 7.25 -4.77
CA TRP A 43 0.66 7.84 -6.10
C TRP A 43 -0.78 8.16 -6.49
N MET A 44 -0.94 9.06 -7.45
CA MET A 44 -2.27 9.43 -7.91
C MET A 44 -2.56 8.74 -9.22
N CYS A 45 -3.66 8.02 -9.29
CA CYS A 45 -4.02 7.29 -10.49
C CYS A 45 -5.39 7.70 -10.99
N GLN A 46 -5.63 7.46 -12.26
CA GLN A 46 -6.91 7.74 -12.88
C GLN A 46 -7.37 6.55 -13.72
N LEU A 47 -8.54 6.03 -13.42
CA LEU A 47 -9.06 4.88 -14.15
C LEU A 47 -9.37 5.26 -15.59
N VAL A 48 -8.81 4.52 -16.54
CA VAL A 48 -9.11 4.74 -17.94
C VAL A 48 -10.49 4.19 -18.27
N ASP A 49 -10.92 3.23 -17.45
CA ASP A 49 -12.22 2.60 -17.62
C ASP A 49 -13.35 3.51 -17.14
N SER A 50 -13.30 3.89 -15.86
CA SER A 50 -14.33 4.72 -15.28
C SER A 50 -14.06 6.21 -15.53
N GLY A 51 -12.82 6.64 -15.32
CA GLY A 51 -12.49 8.04 -15.48
C GLY A 51 -12.19 8.70 -14.14
N LYS A 52 -12.61 8.06 -13.06
CA LYS A 52 -12.41 8.59 -11.72
C LYS A 52 -10.94 8.54 -11.33
N SER A 53 -10.55 9.42 -10.41
CA SER A 53 -9.16 9.55 -10.01
C SER A 53 -9.03 9.47 -8.48
N GLY A 54 -7.82 9.22 -7.99
CA GLY A 54 -7.61 9.22 -6.56
C GLY A 54 -6.22 8.75 -6.18
N LEU A 55 -5.95 8.77 -4.88
CA LEU A 55 -4.65 8.41 -4.33
C LEU A 55 -4.61 6.92 -3.97
N VAL A 56 -3.55 6.24 -4.38
CA VAL A 56 -3.37 4.81 -4.10
C VAL A 56 -1.91 4.51 -3.77
N PRO A 57 -1.63 3.37 -3.09
CA PRO A 57 -0.27 2.94 -2.76
C PRO A 57 0.56 2.63 -4.01
N ALA A 58 1.84 2.93 -3.95
CA ALA A 58 2.73 2.80 -5.10
C ALA A 58 2.86 1.36 -5.60
N GLN A 59 2.85 0.39 -4.68
CA GLN A 59 3.01 -1.03 -5.06
C GLN A 59 1.86 -1.49 -5.94
N PHE A 60 0.77 -0.74 -5.90
CA PHE A 60 -0.43 -1.11 -6.64
C PHE A 60 -0.29 -0.74 -8.10
N ILE A 61 0.49 0.28 -8.39
CA ILE A 61 0.62 0.76 -9.76
C ILE A 61 1.97 0.37 -10.35
N GLU A 62 1.94 -0.58 -11.28
CA GLU A 62 3.12 -0.95 -12.04
C GLU A 62 3.15 -0.14 -13.33
N PRO A 63 4.00 0.89 -13.40
CA PRO A 63 4.06 1.79 -14.56
C PRO A 63 4.46 1.05 -15.84
N VAL A 64 3.56 1.02 -16.80
CA VAL A 64 3.83 0.37 -18.07
C VAL A 64 4.26 1.40 -19.11
N ARG A 65 5.57 1.56 -19.20
CA ARG A 65 6.18 2.49 -20.12
C ARG A 65 7.67 2.17 -20.25
N ASP A 66 8.31 2.04 -19.10
CA ASP A 66 9.72 1.74 -19.00
C ASP A 66 9.94 0.94 -17.73
N LYS A 67 11.18 0.68 -17.37
CA LYS A 67 11.48 0.07 -16.09
C LYS A 67 11.41 1.14 -15.01
N LYS A 68 10.59 0.94 -13.99
CA LYS A 68 10.54 1.89 -12.89
C LYS A 68 11.89 1.89 -12.16
N HIS A 69 12.54 3.04 -12.18
CA HIS A 69 13.90 3.15 -11.68
C HIS A 69 13.90 3.40 -10.17
N THR A 70 12.92 2.83 -9.48
CA THR A 70 12.81 2.96 -8.04
C THR A 70 12.18 1.71 -7.44
N GLU A 71 12.89 1.13 -6.49
CA GLU A 71 12.44 -0.04 -5.76
C GLU A 71 13.45 -0.30 -4.65
N MET B 1 3.31 -16.35 14.78
CA MET B 1 3.81 -16.49 13.40
C MET B 1 4.70 -15.33 13.03
N GLN B 2 5.77 -15.65 12.34
CA GLN B 2 6.62 -14.62 11.76
C GLN B 2 5.92 -14.07 10.52
N ILE B 3 5.86 -12.76 10.43
CA ILE B 3 5.35 -12.11 9.24
C ILE B 3 6.41 -11.20 8.65
N PHE B 4 6.43 -11.10 7.33
CA PHE B 4 7.41 -10.27 6.66
C PHE B 4 6.82 -8.91 6.37
N VAL B 5 7.08 -7.96 7.26
CA VAL B 5 6.60 -6.60 7.07
C VAL B 5 7.52 -5.89 6.10
N LYS B 6 7.13 -5.93 4.83
CA LYS B 6 7.94 -5.38 3.76
C LYS B 6 7.43 -4.00 3.40
N THR B 7 8.17 -2.98 3.82
CA THR B 7 7.77 -1.60 3.56
C THR B 7 7.84 -1.30 2.07
N LEU B 8 7.24 -0.19 1.67
CA LEU B 8 7.21 0.20 0.27
C LEU B 8 8.61 0.34 -0.29
N THR B 9 9.43 1.12 0.40
CA THR B 9 10.78 1.44 -0.08
C THR B 9 11.71 0.23 -0.05
N GLY B 10 11.72 -0.51 1.04
CA GLY B 10 12.54 -1.72 1.08
C GLY B 10 13.07 -2.08 2.45
N LYS B 11 12.16 -2.29 3.40
CA LYS B 11 12.52 -2.85 4.70
C LYS B 11 11.72 -4.12 4.91
N THR B 12 12.39 -5.26 4.98
CA THR B 12 11.72 -6.52 5.26
C THR B 12 11.85 -6.84 6.75
N ILE B 13 10.84 -6.44 7.51
CA ILE B 13 10.87 -6.60 8.95
C ILE B 13 10.17 -7.89 9.36
N THR B 14 10.96 -8.87 9.79
CA THR B 14 10.41 -10.11 10.30
C THR B 14 9.84 -9.88 11.70
N LEU B 15 8.52 -9.97 11.81
CA LEU B 15 7.85 -9.69 13.07
C LEU B 15 7.12 -10.92 13.59
N GLU B 16 7.33 -11.25 14.86
CA GLU B 16 6.66 -12.38 15.49
C GLU B 16 5.33 -11.91 16.10
N VAL B 17 4.23 -12.26 15.46
CA VAL B 17 2.90 -11.86 15.92
C VAL B 17 1.94 -13.05 15.89
N GLU B 18 0.91 -12.99 16.71
CA GLU B 18 -0.09 -14.06 16.75
C GLU B 18 -1.26 -13.71 15.83
N SER B 19 -2.17 -14.66 15.64
CA SER B 19 -3.39 -14.38 14.90
C SER B 19 -4.30 -13.50 15.75
N SER B 20 -4.12 -13.60 17.07
CA SER B 20 -4.88 -12.81 18.01
C SER B 20 -4.21 -11.46 18.24
N ASP B 21 -3.10 -11.21 17.55
CA ASP B 21 -2.45 -9.91 17.60
C ASP B 21 -3.30 -8.89 16.87
N THR B 22 -3.32 -7.67 17.39
CA THR B 22 -4.05 -6.60 16.73
C THR B 22 -3.11 -5.89 15.76
N ILE B 23 -3.68 -5.30 14.72
CA ILE B 23 -2.89 -4.50 13.79
C ILE B 23 -2.24 -3.35 14.55
N ASP B 24 -2.93 -2.89 15.59
CA ASP B 24 -2.42 -1.85 16.48
C ASP B 24 -1.15 -2.30 17.18
N ASN B 25 -1.18 -3.50 17.73
CA ASN B 25 -0.05 -4.04 18.47
C ASN B 25 1.14 -4.26 17.54
N VAL B 26 0.86 -4.76 16.34
CA VAL B 26 1.91 -4.98 15.35
C VAL B 26 2.55 -3.65 14.96
N LYS B 27 1.72 -2.62 14.79
CA LYS B 27 2.20 -1.27 14.52
C LYS B 27 3.14 -0.80 15.63
N SER B 28 2.73 -1.06 16.87
CA SER B 28 3.53 -0.69 18.04
C SER B 28 4.86 -1.44 18.04
N LYS B 29 4.82 -2.71 17.67
CA LYS B 29 6.03 -3.52 17.60
C LYS B 29 7.00 -2.97 16.55
N ILE B 30 6.46 -2.55 15.41
CA ILE B 30 7.28 -1.95 14.36
C ILE B 30 7.76 -0.56 14.78
N GLN B 31 6.94 0.12 15.57
CA GLN B 31 7.30 1.41 16.13
C GLN B 31 8.49 1.27 17.07
N ASP B 32 8.58 0.12 17.72
CA ASP B 32 9.71 -0.19 18.58
C ASP B 32 10.93 -0.55 17.73
N LYS B 33 10.68 -1.27 16.64
CA LYS B 33 11.75 -1.73 15.75
C LYS B 33 12.41 -0.57 15.02
N GLU B 34 11.68 0.05 14.10
CA GLU B 34 12.26 1.07 13.23
C GLU B 34 11.86 2.48 13.68
N GLY B 35 10.89 2.55 14.57
CA GLY B 35 10.44 3.85 15.06
C GLY B 35 9.41 4.49 14.15
N ILE B 36 8.66 3.66 13.42
CA ILE B 36 7.65 4.18 12.50
C ILE B 36 6.33 4.37 13.24
N PRO B 37 5.74 5.58 13.14
CA PRO B 37 4.47 5.91 13.79
C PRO B 37 3.31 5.01 13.33
N PRO B 38 2.54 4.47 14.28
CA PRO B 38 1.41 3.56 13.99
C PRO B 38 0.32 4.22 13.15
N ASP B 39 0.10 5.50 13.37
CA ASP B 39 -0.91 6.24 12.61
C ASP B 39 -0.47 6.43 11.17
N GLN B 40 0.83 6.54 10.97
CA GLN B 40 1.41 6.67 9.64
C GLN B 40 1.48 5.30 8.95
N GLN B 41 1.61 4.26 9.75
CA GLN B 41 1.69 2.89 9.23
C GLN B 41 0.34 2.42 8.69
N ARG B 42 0.35 2.00 7.44
CA ARG B 42 -0.81 1.33 6.85
C ARG B 42 -0.36 0.06 6.14
N LEU B 43 -0.70 -1.08 6.73
CA LEU B 43 -0.28 -2.37 6.21
C LEU B 43 -1.29 -2.89 5.20
N ILE B 44 -0.81 -3.57 4.19
CA ILE B 44 -1.67 -4.13 3.16
C ILE B 44 -1.34 -5.61 2.92
N PHE B 45 -2.35 -6.46 3.09
CA PHE B 45 -2.18 -7.89 2.89
C PHE B 45 -3.00 -8.35 1.69
N ALA B 46 -2.37 -8.44 0.53
CA ALA B 46 -3.02 -8.91 -0.70
C ALA B 46 -4.35 -8.20 -0.95
N GLY B 47 -4.36 -6.87 -0.78
CA GLY B 47 -5.56 -6.10 -1.04
C GLY B 47 -6.32 -5.80 0.24
N LYS B 48 -6.05 -6.55 1.30
CA LYS B 48 -6.69 -6.33 2.58
C LYS B 48 -6.06 -5.12 3.27
N GLN B 49 -6.84 -4.06 3.41
CA GLN B 49 -6.39 -2.87 4.11
C GLN B 49 -6.36 -3.13 5.61
N LEU B 50 -5.16 -3.13 6.19
CA LEU B 50 -5.01 -3.46 7.60
C LEU B 50 -5.02 -2.20 8.45
N GLU B 51 -6.20 -1.80 8.90
CA GLU B 51 -6.32 -0.69 9.83
C GLU B 51 -6.11 -1.20 11.26
N ASP B 52 -5.60 -0.34 12.12
CA ASP B 52 -5.32 -0.72 13.51
C ASP B 52 -6.62 -0.92 14.28
N GLY B 53 -6.49 -1.48 15.47
CA GLY B 53 -7.66 -1.81 16.26
C GLY B 53 -8.02 -3.28 16.16
N ARG B 54 -8.35 -3.73 14.95
CA ARG B 54 -8.74 -5.12 14.73
C ARG B 54 -7.52 -6.03 14.73
N THR B 55 -7.76 -7.34 14.70
CA THR B 55 -6.68 -8.31 14.74
C THR B 55 -6.32 -8.78 13.34
N LEU B 56 -5.22 -9.53 13.23
CA LEU B 56 -4.83 -10.13 11.97
C LEU B 56 -5.83 -11.22 11.58
N SER B 57 -6.47 -11.79 12.59
CA SER B 57 -7.48 -12.81 12.36
C SER B 57 -8.70 -12.22 11.66
N ASP B 58 -9.03 -10.97 12.00
CA ASP B 58 -10.18 -10.29 11.40
C ASP B 58 -9.98 -10.09 9.90
N TYR B 59 -8.74 -10.15 9.46
CA TYR B 59 -8.42 -9.98 8.04
C TYR B 59 -7.91 -11.27 7.42
N ASN B 60 -7.95 -12.35 8.20
CA ASN B 60 -7.62 -13.70 7.72
C ASN B 60 -6.17 -13.79 7.22
N ILE B 61 -5.27 -13.16 7.95
CA ILE B 61 -3.85 -13.16 7.59
C ILE B 61 -3.19 -14.48 7.98
N GLN B 62 -2.43 -15.05 7.05
CA GLN B 62 -1.82 -16.36 7.25
C GLN B 62 -0.42 -16.26 7.84
N LYS B 63 0.16 -17.40 8.20
CA LYS B 63 1.49 -17.45 8.80
C LYS B 63 2.55 -17.13 7.75
N GLU B 64 3.62 -16.44 8.17
CA GLU B 64 4.75 -16.16 7.29
C GLU B 64 4.33 -15.40 6.05
N SER B 65 3.31 -14.58 6.22
CA SER B 65 2.78 -13.77 5.14
C SER B 65 3.62 -12.50 4.97
N THR B 66 3.52 -11.88 3.79
CA THR B 66 4.23 -10.64 3.52
C THR B 66 3.30 -9.45 3.56
N LEU B 67 3.46 -8.62 4.57
CA LEU B 67 2.64 -7.43 4.74
C LEU B 67 3.36 -6.23 4.16
N HIS B 68 2.79 -5.63 3.12
CA HIS B 68 3.39 -4.47 2.50
C HIS B 68 3.02 -3.22 3.29
N LEU B 69 4.00 -2.63 3.93
CA LEU B 69 3.77 -1.46 4.76
C LEU B 69 3.90 -0.17 3.94
N VAL B 70 2.78 0.51 3.78
CA VAL B 70 2.76 1.78 3.08
C VAL B 70 2.61 2.91 4.09
N LEU B 71 3.43 3.94 3.94
CA LEU B 71 3.42 5.06 4.88
C LEU B 71 2.44 6.12 4.44
N ARG B 72 1.64 6.60 5.39
CA ARG B 72 0.60 7.59 5.11
C ARG B 72 1.22 8.97 4.90
N LEU B 73 2.43 9.15 5.46
CA LEU B 73 3.17 10.40 5.33
C LEU B 73 2.40 11.58 5.93
N ARG B 74 1.63 11.28 6.98
CA ARG B 74 0.83 12.28 7.70
C ARG B 74 -0.35 12.76 6.87
N GLY B 75 -0.07 13.51 5.81
CA GLY B 75 -1.13 14.08 5.00
C GLY B 75 -1.64 15.39 5.58
N GLY B 76 -2.07 15.35 6.83
CA GLY B 76 -2.52 16.53 7.51
C GLY B 76 -2.01 16.58 8.93
#